data_9OFQ
#
_entry.id   9OFQ
#
_cell.length_a   1.00
_cell.length_b   1.00
_cell.length_c   1.00
_cell.angle_alpha   90.00
_cell.angle_beta   90.00
_cell.angle_gamma   90.00
#
_symmetry.space_group_name_H-M   'P 1'
#
loop_
_entity.id
_entity.type
_entity.pdbx_description
1 polymer 'Surface glycoprotein'
2 polymer 'DH1533 FAB heavy chain'
3 polymer 'DH1533 FAB light chain'
4 branched alpha-D-mannopyranose-(1-3)-[alpha-D-mannopyranose-(1-6)]beta-D-mannopyranose-(1-4)-2-acetamido-2-deoxy-beta-D-glucopyranose-(1-4)-2-acetamido-2-deoxy-beta-D-glucopyranose
5 branched beta-D-mannopyranose-(1-4)-2-acetamido-2-deoxy-beta-D-glucopyranose-(1-4)-2-acetamido-2-deoxy-beta-D-glucopyranose
6 branched 2-acetamido-2-deoxy-beta-D-glucopyranose-(1-4)-2-acetamido-2-deoxy-beta-D-glucopyranose
7 branched alpha-D-mannopyranose-(1-6)-beta-D-mannopyranose-(1-4)-2-acetamido-2-deoxy-beta-D-glucopyranose-(1-4)-2-acetamido-2-deoxy-beta-D-glucopyranose
8 branched alpha-D-mannopyranose-(1-3)-alpha-D-mannopyranose-(1-6)-[alpha-D-mannopyranose-(1-3)]beta-D-mannopyranose-(1-4)-2-acetamido-2-deoxy-beta-D-glucopyranose-(1-4)-2-acetamido-2-deoxy-beta-D-glucopyranose
9 branched alpha-D-mannopyranose-(1-3)-beta-D-mannopyranose-(1-4)-2-acetamido-2-deoxy-beta-D-glucopyranose-(1-4)-2-acetamido-2-deoxy-beta-D-glucopyranose
10 non-polymer 2-acetamido-2-deoxy-beta-D-glucopyranose
#
loop_
_entity_poly.entity_id
_entity_poly.type
_entity_poly.pdbx_seq_one_letter_code
_entity_poly.pdbx_strand_id
1 'polypeptide(L)'
;MFVLLVAYALLHIAGCQTTNGTNTSHSVCNGCVGHSENVFAVESGGYIPSNFAFNNWFLLTNTSSVVDGVVRSFQPLLLN
CLWSVSGSQFTTGFVYFNGTGRGACKGFYSNASSDVIRYNINFEENLRRGTILFKTSYGAVVFYCTNNTLVSGDAHIPSG
TVLGNFYCFVNTTIGNETTSAFVGALPKTVREFVISRTGHFYINGYRYFSLGDVEAVNFNVTNAATTVCTVALASYADVL
VNVSQTAIANIIYCNSVINRLRCDQLSFDVPDGFYSTSPIQPVELPVSIVSLPVYHKHTFIVLYVNFEHRRGPGKCYNCR
PAVINITLANFNETKGPLCVDTSHFTTQFVDNVKLARWSASINTGNCPFSFGKVNNFVKFGSVCFSLKDIPGGCAMPIMA
NLVNSKSHNIGSLYVSWSDGDVITGVPKPVEGVSSFMNVTLNKCTKYNIYDVSGVGVIRISNDTFLNGITYTSTSGNLLG
FKDVTNGTIYSITPCNPPDQLVVYQQAVVGAMLSENFTSYGFSNVVEMPKFFYASNGTYNCTDAVLTYSSFGVCADGSII
AVQPRNVSYDSVSAIVTANLSIPFNWTTSVQVEYLQITSTPIVVDCSTYVCNGNVRCVELLKQYTSACKTIEDALRNSAM
LESADVSEMLTFDKKAFTLANVSSFGDYNLSSVIPSLPRSGSRVAGRSAIEDILFSKLVTSGLGTVDADYKKCTKGLSIA
DLACAQYYNGIMVLPGVADAERMAMYTGSLIGGIALGGLTSAASIPFSLAIQSRLNYVALQTDVLQENQRILAASFNKAM
TNIVDAFTGVNDAITQTSQALQTVATALNKIQDVVNQQGNSLNHLTSQLRQNFQAISSSIQAIYDRLDPPQADQQVDRLI
TGRLAALNVFVSHTLTKYTEVRASRQLAQQKVNECVKSQSKRYGFCGNGTHIFSLVNAAPEGLVFLHTVLLPTQYKDVEA
WSGLCVDGINGYVLRQPNLALYKEGNYYRITSRIMFEPRIPTIADFVQIENCNVTFVNISRSELQTIVPEYIDVNKTLQE
LSYKLPNYTVPDLVGSGYIPEAPRDGQAYVRKDGEWVLLSTFLGRSLEVLFQGPGHHHHHHHHSAWSHPQFEKGGGSGGG
GSGGSAWSHPQFEK
;
C,A,B
2 'polypeptide(L)'
;EVQLVESGGGLVQPGGSLRLSCAASGFTFSSYAMSWVRQAPGKGLEWVSAIIGSGSNTYYADSVKGRFTISRDNAKNTLY
LQMNSLRAEDTAVYYCAKDTTPRPLYSSGWYGSFDYWGQGTPVSVSSASTKGPSVFPLAPSSKSTSGGTAALGCLVKDYF
PEPVTVSWNSGALTSGVHTFPAVLQSSGLYSLSSVVTVPSSSLGTQTYICNVNHKPSNTKVDKKVEPKSCDKGLEVLFQ
;
H
3 'polypeptide(L)'
;DIQMTQSPSSLSASVGDRVTITCQASQDITTYLNWYQQKPGKAPKLLIYDASNLETGVPSRFSGSGSGTDFTLTISSLQP
EDIATYYCQQYDNLFLTFGGGTKVEIKRTVAAPSVFIFPPSDEQLKSGTASVVCLLNNFYPREAKVQWKVDNALQSGNSQ
ESVTEQDSKDSTYSLSSTLTLSKADYEKHKVYACEVTHQGLSSPVTKSFNRGEC
;
L
#
# COMPACT_ATOMS: atom_id res chain seq x y z
N CYS A 32 38.48 33.62 34.49
CA CYS A 32 37.80 32.35 34.14
C CYS A 32 38.70 31.18 34.54
N VAL A 33 39.97 31.24 34.17
CA VAL A 33 40.92 30.19 34.65
C VAL A 33 40.82 30.22 36.17
N GLY A 34 40.41 31.36 36.74
CA GLY A 34 40.14 31.41 38.19
C GLY A 34 39.02 30.45 38.51
N HIS A 35 39.12 29.67 39.59
CA HIS A 35 38.12 28.61 39.87
C HIS A 35 38.31 27.54 38.78
N SER A 36 39.09 27.86 37.74
CA SER A 36 39.41 26.88 36.66
C SER A 36 38.14 26.29 36.05
N GLU A 37 38.19 25.02 35.65
CA GLU A 37 37.03 24.35 34.99
C GLU A 37 37.04 24.72 33.50
N ASN A 38 38.02 25.53 33.07
CA ASN A 38 38.13 25.85 31.61
C ASN A 38 39.55 25.57 31.13
N VAL A 39 40.45 25.14 32.02
CA VAL A 39 41.87 24.97 31.60
C VAL A 39 42.24 23.49 31.74
N PHE A 40 41.38 22.60 31.27
CA PHE A 40 41.60 21.14 31.43
C PHE A 40 42.85 20.64 30.70
N ALA A 41 43.10 19.34 30.78
CA ALA A 41 44.22 18.67 30.14
C ALA A 41 43.72 17.86 28.96
N VAL A 42 44.27 18.13 27.77
CA VAL A 42 43.84 17.45 26.56
C VAL A 42 44.25 15.98 26.63
N GLU A 43 43.28 15.09 26.38
CA GLU A 43 43.54 13.66 26.40
C GLU A 43 44.34 13.25 25.16
N SER A 44 45.04 12.12 25.30
CA SER A 44 45.88 11.62 24.22
C SER A 44 45.07 11.42 22.94
N GLY A 45 45.50 12.10 21.88
CA GLY A 45 44.83 12.07 20.59
C GLY A 45 44.22 13.39 20.19
N GLY A 46 44.10 14.32 21.12
CA GLY A 46 43.54 15.62 20.83
C GLY A 46 42.08 15.75 21.16
N TYR A 47 41.54 14.88 21.99
CA TYR A 47 40.13 14.91 22.35
C TYR A 47 39.91 15.71 23.63
N ILE A 48 38.66 16.12 23.83
CA ILE A 48 38.23 16.85 25.01
C ILE A 48 37.66 15.85 26.01
N PRO A 49 38.00 15.96 27.30
CA PRO A 49 37.47 15.01 28.28
C PRO A 49 35.95 14.98 28.27
N SER A 50 35.41 13.78 28.51
CA SER A 50 33.98 13.54 28.46
C SER A 50 33.22 14.21 29.60
N ASN A 51 33.91 14.82 30.57
CA ASN A 51 33.27 15.49 31.69
C ASN A 51 33.44 17.01 31.68
N PHE A 52 33.91 17.59 30.58
CA PHE A 52 34.07 19.03 30.50
C PHE A 52 32.70 19.71 30.49
N ALA A 53 32.61 20.85 31.18
CA ALA A 53 31.36 21.62 31.28
C ALA A 53 31.08 22.42 30.01
N PHE A 54 32.06 22.57 29.12
CA PHE A 54 31.90 23.31 27.86
C PHE A 54 31.44 24.76 28.04
N ASN A 55 32.01 25.45 29.03
CA ASN A 55 31.67 26.84 29.24
C ASN A 55 32.31 27.72 28.17
N ASN A 56 31.47 28.52 27.50
CA ASN A 56 31.83 29.42 26.41
C ASN A 56 32.41 28.72 25.18
N TRP A 57 32.31 27.40 25.08
CA TRP A 57 32.76 26.69 23.88
C TRP A 57 31.53 26.57 22.99
N PHE A 58 31.34 27.56 22.11
CA PHE A 58 30.15 27.66 21.29
C PHE A 58 30.19 26.75 20.07
N LEU A 59 28.99 26.33 19.65
CA LEU A 59 28.79 25.56 18.44
C LEU A 59 28.80 26.50 17.24
N LEU A 60 29.76 26.33 16.34
CA LEU A 60 29.91 27.23 15.21
C LEU A 60 28.79 27.01 14.19
N THR A 61 28.35 28.10 13.56
CA THR A 61 27.32 28.04 12.53
C THR A 61 27.53 29.14 11.50
N ASN A 62 27.05 28.89 10.29
CA ASN A 62 27.13 29.86 9.22
C ASN A 62 25.86 30.71 9.13
N THR A 63 24.68 30.12 9.35
CA THR A 63 23.43 30.84 9.21
C THR A 63 22.55 30.84 10.46
N SER A 64 22.23 29.68 11.04
CA SER A 64 21.30 29.62 12.15
C SER A 64 21.74 28.59 13.16
N SER A 65 21.27 28.74 14.40
CA SER A 65 21.62 27.84 15.49
C SER A 65 20.38 27.18 16.06
N VAL A 66 20.53 25.91 16.45
CA VAL A 66 19.46 25.11 17.03
C VAL A 66 19.44 25.30 18.53
N VAL A 67 18.23 25.32 19.11
CA VAL A 67 18.08 25.58 20.54
C VAL A 67 18.25 24.29 21.33
N ASP A 68 17.43 23.29 21.03
CA ASP A 68 17.46 22.01 21.72
C ASP A 68 17.48 20.88 20.70
N GLY A 69 18.32 19.88 20.95
CA GLY A 69 18.37 18.73 20.07
C GLY A 69 19.75 18.12 20.04
N VAL A 70 19.87 17.09 19.19
CA VAL A 70 21.11 16.38 18.96
C VAL A 70 21.42 16.52 17.48
N VAL A 71 22.60 17.05 17.16
CA VAL A 71 22.98 17.25 15.77
C VAL A 71 24.39 16.72 15.54
N ARG A 72 24.68 16.42 14.27
CA ARG A 72 25.98 15.95 13.83
C ARG A 72 26.53 16.97 12.84
N SER A 73 27.76 17.40 13.07
CA SER A 73 28.39 18.36 12.17
C SER A 73 29.90 18.32 12.36
N PHE A 74 30.61 18.85 11.37
CA PHE A 74 32.06 18.98 11.45
C PHE A 74 32.37 20.24 12.24
N GLN A 75 33.00 20.07 13.39
CA GLN A 75 33.33 21.19 14.26
C GLN A 75 34.81 21.17 14.61
N PRO A 76 35.41 22.34 14.83
CA PRO A 76 36.81 22.42 15.25
C PRO A 76 36.93 22.15 16.74
N LEU A 77 36.79 20.86 17.09
CA LEU A 77 36.86 20.42 18.46
C LEU A 77 37.97 19.41 18.71
N LEU A 78 38.81 19.14 17.70
CA LEU A 78 40.01 18.33 17.89
C LEU A 78 41.11 19.33 18.19
N LEU A 79 41.62 19.27 19.41
CA LEU A 79 42.59 20.24 19.91
C LEU A 79 44.01 19.74 19.73
N ASN A 80 44.84 20.56 19.08
CA ASN A 80 46.25 20.21 18.95
C ASN A 80 47.00 20.51 20.24
N CYS A 81 46.69 21.63 20.90
CA CYS A 81 47.05 21.83 22.30
C CYS A 81 46.30 23.05 22.82
N LEU A 82 46.03 23.04 24.11
CA LEU A 82 45.33 24.09 24.82
C LEU A 82 46.25 24.69 25.89
N TRP A 83 46.35 26.01 25.92
CA TRP A 83 47.15 26.67 26.95
C TRP A 83 46.39 27.86 27.50
N SER A 84 46.79 28.27 28.70
CA SER A 84 46.16 29.34 29.44
C SER A 84 46.99 30.62 29.36
N VAL A 85 46.52 31.60 28.60
CA VAL A 85 47.20 32.89 28.54
C VAL A 85 47.12 33.57 29.89
N SER A 86 45.94 33.57 30.50
CA SER A 86 45.78 34.14 31.82
C SER A 86 46.54 33.29 32.83
N GLY A 87 47.35 33.96 33.65
CA GLY A 87 48.21 33.32 34.62
C GLY A 87 49.59 32.97 34.11
N SER A 88 49.85 33.13 32.80
CA SER A 88 51.14 32.84 32.22
C SER A 88 51.99 34.09 32.03
N GLN A 89 51.36 35.23 31.70
CA GLN A 89 52.01 36.52 31.51
C GLN A 89 52.94 36.59 30.30
N PHE A 90 53.18 35.47 29.61
CA PHE A 90 54.03 35.48 28.42
C PHE A 90 53.33 36.15 27.24
N THR A 91 52.01 36.05 27.16
CA THR A 91 51.14 36.68 26.16
C THR A 91 51.30 36.07 24.76
N THR A 92 52.31 35.22 24.58
CA THR A 92 52.58 34.44 23.37
C THR A 92 52.76 35.25 22.08
N GLY A 93 52.65 36.57 22.14
CA GLY A 93 52.84 37.40 20.97
C GLY A 93 51.98 37.04 19.76
N PHE A 94 52.62 36.60 18.67
CA PHE A 94 51.91 36.19 17.47
C PHE A 94 51.77 34.67 17.42
N VAL A 95 50.56 34.21 17.08
CA VAL A 95 50.26 32.79 16.96
C VAL A 95 50.07 32.44 15.50
N TYR A 96 50.69 31.35 15.05
CA TYR A 96 50.60 30.91 13.67
C TYR A 96 49.86 29.58 13.60
N PHE A 97 49.20 29.34 12.46
CA PHE A 97 48.50 28.09 12.25
C PHE A 97 49.45 26.93 12.04
N ASN A 98 50.74 27.22 11.86
CA ASN A 98 51.81 26.25 11.65
C ASN A 98 52.62 25.94 12.90
N GLY A 99 52.02 26.12 14.07
CA GLY A 99 52.66 25.79 15.34
C GLY A 99 53.60 26.80 15.95
N THR A 100 53.60 28.05 15.51
CA THR A 100 54.49 29.04 16.10
C THR A 100 53.76 29.87 17.15
N GLY A 101 54.39 30.04 18.31
CA GLY A 101 53.83 30.84 19.40
C GLY A 101 53.05 30.13 20.47
N ARG A 102 53.05 28.80 20.53
CA ARG A 102 52.27 28.12 21.55
C ARG A 102 52.82 28.37 22.94
N GLY A 103 51.92 28.38 23.93
CA GLY A 103 52.31 28.53 25.32
C GLY A 103 52.48 27.21 26.02
N ALA A 104 52.07 27.11 27.28
CA ALA A 104 52.20 25.87 28.03
C ALA A 104 51.03 24.95 27.69
N CYS A 105 51.12 24.30 26.53
CA CYS A 105 50.11 23.34 26.10
C CYS A 105 50.00 22.24 27.15
N LYS A 106 48.83 22.10 27.75
CA LYS A 106 48.60 21.06 28.75
C LYS A 106 48.04 19.78 28.15
N GLY A 107 48.54 18.65 28.65
CA GLY A 107 48.13 17.35 28.16
C GLY A 107 48.74 17.00 26.80
N PHE A 108 48.00 16.23 26.00
CA PHE A 108 48.50 15.89 24.68
C PHE A 108 48.72 17.15 23.86
N TYR A 109 49.78 17.15 23.07
CA TYR A 109 50.07 18.28 22.20
C TYR A 109 50.71 17.76 20.93
N SER A 110 50.52 18.50 19.85
CA SER A 110 51.11 18.10 18.59
C SER A 110 51.46 19.37 17.81
N ASN A 111 52.17 19.20 16.71
CA ASN A 111 52.57 20.31 15.83
C ASN A 111 52.16 20.11 14.36
N ALA A 112 50.98 19.55 14.15
CA ALA A 112 50.34 19.46 12.84
C ALA A 112 49.69 20.80 12.54
N SER A 113 49.29 21.02 11.29
CA SER A 113 48.64 22.28 11.00
C SER A 113 47.28 22.38 11.70
N SER A 114 46.79 23.60 11.81
CA SER A 114 45.51 23.89 12.44
C SER A 114 44.62 24.73 11.53
N ASP A 115 43.32 24.46 11.55
CA ASP A 115 42.37 25.23 10.76
C ASP A 115 41.70 26.36 11.53
N VAL A 116 41.73 26.34 12.86
CA VAL A 116 41.04 27.34 13.67
C VAL A 116 41.83 27.67 14.93
N ILE A 117 41.82 28.95 15.32
CA ILE A 117 42.37 29.42 16.58
C ILE A 117 41.21 29.95 17.42
N ARG A 118 41.08 29.46 18.64
CA ARG A 118 39.99 29.83 19.55
C ARG A 118 40.48 30.56 20.79
N TYR A 119 39.87 31.72 21.07
CA TYR A 119 40.14 32.51 22.26
C TYR A 119 38.90 32.44 23.14
N ASN A 120 39.09 32.17 24.44
CA ASN A 120 37.96 31.97 25.33
C ASN A 120 37.50 33.24 26.06
N ILE A 121 38.23 34.35 25.96
CA ILE A 121 37.89 35.59 26.64
C ILE A 121 37.60 35.30 28.11
N ASN A 122 36.64 36.00 28.71
CA ASN A 122 36.32 35.82 30.13
C ASN A 122 34.86 36.10 30.44
N PHE A 123 34.58 36.47 31.70
CA PHE A 123 33.22 36.78 32.14
C PHE A 123 32.53 37.78 31.21
N GLU A 124 33.04 38.99 31.11
CA GLU A 124 32.41 39.93 30.19
C GLU A 124 33.34 41.01 29.67
N GLU A 125 34.62 41.01 30.04
CA GLU A 125 35.57 42.03 29.59
C GLU A 125 36.02 41.64 28.19
N ASN A 126 35.25 42.07 27.18
CA ASN A 126 35.56 41.65 25.82
C ASN A 126 36.91 42.22 25.39
N LEU A 127 36.97 43.55 25.25
CA LEU A 127 38.20 44.27 24.88
C LEU A 127 37.91 45.76 24.73
N ARG A 128 37.65 46.19 23.49
CA ARG A 128 37.36 47.57 23.09
C ARG A 128 38.59 48.47 23.24
N ARG A 129 39.56 48.02 24.05
CA ARG A 129 40.82 48.72 24.24
C ARG A 129 41.93 47.99 23.48
N GLY A 130 41.77 47.80 22.17
CA GLY A 130 42.77 47.04 21.45
C GLY A 130 42.41 46.82 20.00
N THR A 131 43.12 45.86 19.39
CA THR A 131 42.95 45.55 17.98
C THR A 131 43.41 44.12 17.75
N ILE A 132 43.11 43.61 16.56
CA ILE A 132 43.54 42.28 16.12
C ILE A 132 44.32 42.42 14.82
N LEU A 133 45.52 41.85 14.80
CA LEU A 133 46.43 41.94 13.66
C LEU A 133 46.48 40.62 12.91
N PHE A 134 46.40 40.69 11.59
CA PHE A 134 46.50 39.54 10.70
C PHE A 134 47.60 39.75 9.68
N LYS A 135 48.30 38.67 9.35
CA LYS A 135 49.33 38.67 8.32
C LYS A 135 48.83 37.86 7.14
N THR A 136 48.89 38.44 5.94
CA THR A 136 48.49 37.75 4.73
C THR A 136 49.59 37.85 3.69
N SER A 137 49.51 36.95 2.71
CA SER A 137 50.46 36.99 1.59
C SER A 137 50.37 38.29 0.81
N TYR A 138 49.23 38.96 0.85
CA TYR A 138 49.05 40.23 0.16
C TYR A 138 49.21 41.45 1.09
N GLY A 139 49.63 41.23 2.33
CA GLY A 139 49.83 42.32 3.27
C GLY A 139 49.05 42.23 4.56
N ALA A 140 49.50 42.95 5.58
CA ALA A 140 48.83 42.94 6.87
C ALA A 140 47.43 43.53 6.80
N VAL A 141 46.54 43.00 7.65
CA VAL A 141 45.16 43.43 7.79
C VAL A 141 44.94 43.70 9.27
N VAL A 142 44.24 44.79 9.59
CA VAL A 142 44.00 45.20 10.97
C VAL A 142 42.51 45.33 11.21
N PHE A 143 42.07 44.92 12.39
CA PHE A 143 40.68 44.96 12.80
C PHE A 143 40.55 45.73 14.11
N TYR A 144 39.62 46.68 14.14
CA TYR A 144 39.40 47.55 15.29
C TYR A 144 37.95 48.00 15.27
N CYS A 145 37.52 48.63 16.36
CA CYS A 145 36.13 49.10 16.46
C CYS A 145 36.05 50.47 17.10
N THR A 146 35.29 51.38 16.47
CA THR A 146 35.11 52.76 16.93
C THR A 146 33.65 53.15 16.70
N ASN A 147 33.27 54.34 17.18
CA ASN A 147 31.88 54.78 17.04
C ASN A 147 31.71 56.15 16.41
N ASN A 148 32.60 56.55 15.50
CA ASN A 148 32.48 57.82 14.78
C ASN A 148 31.81 57.63 13.42
N THR A 149 30.60 57.05 13.42
CA THR A 149 29.89 56.76 12.17
C THR A 149 29.26 57.99 11.53
N LEU A 150 29.42 59.18 12.11
CA LEU A 150 28.88 60.42 11.55
C LEU A 150 29.77 60.94 10.43
N VAL A 151 29.83 60.15 9.34
CA VAL A 151 30.66 60.40 8.16
C VAL A 151 32.03 60.90 8.60
N SER A 152 32.59 60.22 9.60
CA SER A 152 33.84 60.60 10.22
C SER A 152 34.76 59.37 10.27
N GLY A 153 36.06 59.62 10.37
CA GLY A 153 37.02 58.54 10.44
C GLY A 153 37.08 57.68 9.19
N ASP A 154 36.89 58.29 8.02
CA ASP A 154 36.91 57.63 6.71
C ASP A 154 35.90 56.48 6.57
N ALA A 155 34.85 56.48 7.38
CA ALA A 155 33.85 55.42 7.31
C ALA A 155 32.93 55.70 6.13
N HIS A 156 33.02 54.88 5.08
CA HIS A 156 32.13 55.08 3.94
C HIS A 156 30.70 54.92 4.41
N ILE A 157 29.87 55.89 4.06
CA ILE A 157 28.51 55.94 4.58
C ILE A 157 27.57 54.95 3.89
N PRO A 158 26.97 54.06 4.66
CA PRO A 158 25.90 53.22 4.13
C PRO A 158 24.60 53.99 4.25
N SER A 159 23.70 53.52 5.12
CA SER A 159 22.49 54.26 5.43
C SER A 159 21.93 53.72 6.73
N GLY A 160 21.36 54.62 7.54
CA GLY A 160 20.69 54.24 8.77
C GLY A 160 21.58 53.86 9.93
N THR A 161 22.90 54.04 9.82
CA THR A 161 23.79 53.73 10.93
C THR A 161 23.52 54.67 12.11
N VAL A 162 23.23 54.09 13.28
CA VAL A 162 22.91 54.88 14.46
C VAL A 162 24.17 55.58 14.97
N LEU A 163 24.05 56.89 15.21
CA LEU A 163 25.15 57.71 15.71
C LEU A 163 25.28 57.50 17.22
N GLY A 164 26.34 56.81 17.64
CA GLY A 164 26.57 56.61 19.06
C GLY A 164 27.03 55.22 19.43
N ASN A 165 26.60 54.20 18.69
CA ASN A 165 26.98 52.84 19.01
C ASN A 165 28.30 52.48 18.31
N PHE A 166 28.95 51.42 18.81
CA PHE A 166 30.23 50.99 18.28
C PHE A 166 30.11 50.05 17.08
N TYR A 167 30.92 50.34 16.06
CA TYR A 167 31.07 49.58 14.82
C TYR A 167 32.53 49.17 14.66
N CYS A 168 32.77 48.11 13.90
CA CYS A 168 34.12 47.64 13.65
C CYS A 168 34.51 47.85 12.20
N PHE A 169 35.80 48.09 11.99
CA PHE A 169 36.35 48.44 10.69
C PHE A 169 37.63 47.65 10.43
N VAL A 170 37.96 47.50 9.14
CA VAL A 170 39.14 46.75 8.72
C VAL A 170 40.00 47.64 7.83
N ASN A 171 41.29 47.77 8.17
CA ASN A 171 42.27 48.50 7.39
C ASN A 171 43.23 47.48 6.79
N THR A 172 43.51 47.60 5.50
CA THR A 172 44.41 46.67 4.83
C THR A 172 45.55 47.45 4.20
N THR A 173 46.78 47.14 4.62
CA THR A 173 47.98 47.84 4.19
C THR A 173 48.72 47.05 3.10
N ILE A 174 48.57 47.46 1.86
CA ILE A 174 49.29 46.80 0.76
C ILE A 174 50.63 47.52 0.71
N GLY A 175 51.51 47.12 1.61
CA GLY A 175 52.82 47.72 1.74
C GLY A 175 52.75 49.03 2.50
N ASN A 176 52.23 50.05 1.84
CA ASN A 176 52.04 51.38 2.41
C ASN A 176 50.74 52.06 2.01
N GLU A 177 49.90 51.43 1.19
CA GLU A 177 48.56 51.92 0.84
C GLU A 177 47.61 51.37 1.90
N THR A 178 46.72 52.21 2.42
CA THR A 178 45.88 51.79 3.55
C THR A 178 44.37 51.86 3.35
N THR A 179 43.86 51.21 2.30
CA THR A 179 42.42 51.21 2.06
C THR A 179 41.67 50.66 3.28
N SER A 180 40.44 51.15 3.47
CA SER A 180 39.64 50.83 4.65
C SER A 180 38.23 50.43 4.25
N ALA A 181 37.56 49.70 5.14
CA ALA A 181 36.19 49.29 4.92
C ALA A 181 35.52 48.96 6.25
N PHE A 182 34.24 49.32 6.38
CA PHE A 182 33.45 49.01 7.55
C PHE A 182 32.78 47.65 7.37
N VAL A 183 32.72 46.86 8.44
CA VAL A 183 32.18 45.51 8.33
C VAL A 183 30.94 45.25 9.19
N GLY A 184 30.68 45.97 10.27
CA GLY A 184 29.48 45.74 11.03
C GLY A 184 29.64 46.16 12.48
N ALA A 185 28.70 45.70 13.31
CA ALA A 185 28.69 46.00 14.73
C ALA A 185 28.95 44.73 15.55
N LEU A 186 29.87 44.82 16.49
CA LEU A 186 30.20 43.68 17.32
C LEU A 186 29.24 43.59 18.51
N PRO A 187 28.90 42.38 18.94
CA PRO A 187 28.11 42.23 20.16
C PRO A 187 28.86 42.74 21.37
N LYS A 188 28.12 43.27 22.35
CA LYS A 188 28.75 43.74 23.58
C LYS A 188 29.32 42.56 24.38
N THR A 189 28.56 41.48 24.46
CA THR A 189 29.02 40.25 25.11
C THR A 189 29.82 39.45 24.10
N VAL A 190 31.11 39.23 24.38
CA VAL A 190 31.98 38.43 23.51
C VAL A 190 32.59 37.35 24.38
N ARG A 191 31.90 36.21 24.48
CA ARG A 191 32.30 35.09 25.33
C ARG A 191 33.32 34.17 24.67
N GLU A 192 33.47 34.25 23.35
CA GLU A 192 34.47 33.44 22.65
C GLU A 192 34.81 34.13 21.34
N PHE A 193 36.01 33.87 20.83
CA PHE A 193 36.50 34.47 19.60
C PHE A 193 37.16 33.38 18.77
N VAL A 194 36.65 33.16 17.56
CA VAL A 194 37.17 32.10 16.69
C VAL A 194 37.56 32.67 15.33
N ILE A 195 38.78 32.37 14.90
CA ILE A 195 39.31 32.79 13.61
C ILE A 195 39.78 31.54 12.88
N SER A 196 39.42 31.44 11.60
CA SER A 196 39.84 30.33 10.76
C SER A 196 41.02 30.69 9.87
N ARG A 197 41.74 29.65 9.44
CA ARG A 197 42.89 29.82 8.55
C ARG A 197 42.49 30.45 7.23
N THR A 198 41.29 30.12 6.72
CA THR A 198 40.81 30.69 5.47
C THR A 198 40.09 32.03 5.67
N GLY A 199 40.26 32.66 6.82
CA GLY A 199 39.72 33.98 7.07
C GLY A 199 38.31 34.05 7.59
N HIS A 200 37.66 32.92 7.83
CA HIS A 200 36.31 32.97 8.38
C HIS A 200 36.39 33.49 9.81
N PHE A 201 35.51 34.45 10.12
CA PHE A 201 35.57 35.20 11.36
C PHE A 201 34.30 34.98 12.17
N TYR A 202 34.44 34.32 13.33
CA TYR A 202 33.32 33.96 14.19
C TYR A 202 33.36 34.68 15.53
N ILE A 203 32.20 35.18 15.94
CA ILE A 203 32.01 35.81 17.25
C ILE A 203 30.80 35.13 17.88
N ASN A 204 30.98 34.58 19.08
CA ASN A 204 29.91 33.85 19.78
C ASN A 204 29.30 32.75 18.91
N GLY A 205 30.13 32.12 18.08
CA GLY A 205 29.70 31.04 17.23
C GLY A 205 29.13 31.41 15.88
N TYR A 206 28.83 32.69 15.62
CA TYR A 206 28.26 33.08 14.34
C TYR A 206 29.31 33.81 13.50
N ARG A 207 29.39 33.46 12.22
CA ARG A 207 30.36 34.09 11.33
C ARG A 207 29.87 35.46 10.89
N TYR A 208 30.73 36.46 11.04
CA TYR A 208 30.38 37.82 10.64
C TYR A 208 31.11 38.32 9.40
N PHE A 209 32.40 38.02 9.25
CA PHE A 209 33.19 38.53 8.13
C PHE A 209 34.00 37.42 7.49
N SER A 210 34.52 37.73 6.31
CA SER A 210 35.44 36.88 5.57
C SER A 210 36.63 37.76 5.20
N LEU A 211 37.83 37.31 5.54
CA LEU A 211 39.02 38.11 5.34
C LEU A 211 40.07 37.51 4.41
N GLY A 212 39.82 36.34 3.84
CA GLY A 212 40.84 35.69 3.03
C GLY A 212 41.85 34.98 3.89
N ASP A 213 42.81 34.33 3.22
CA ASP A 213 43.79 33.53 3.94
C ASP A 213 44.58 34.36 4.93
N VAL A 214 44.78 33.80 6.12
CA VAL A 214 45.52 34.45 7.20
C VAL A 214 46.60 33.50 7.72
N GLU A 215 47.82 34.01 7.85
CA GLU A 215 48.92 33.17 8.34
C GLU A 215 49.10 33.26 9.86
N ALA A 216 48.83 34.40 10.47
CA ALA A 216 49.03 34.53 11.92
C ALA A 216 48.01 35.50 12.49
N VAL A 217 47.83 35.42 13.80
CA VAL A 217 46.86 36.25 14.53
C VAL A 217 47.51 36.76 15.80
N ASN A 218 47.23 38.01 16.15
CA ASN A 218 47.70 38.64 17.38
C ASN A 218 46.53 39.34 18.03
N PHE A 219 46.40 39.17 19.35
CA PHE A 219 45.33 39.74 20.14
C PHE A 219 45.93 40.89 20.96
N ASN A 220 45.98 42.08 20.34
CA ASN A 220 46.57 43.30 20.88
C ASN A 220 45.55 43.92 21.83
N VAL A 221 45.80 43.90 23.14
CA VAL A 221 44.81 44.44 24.07
C VAL A 221 45.47 44.79 25.40
N THR A 222 44.92 45.76 26.13
CA THR A 222 45.54 46.21 27.41
C THR A 222 45.65 45.07 28.41
N ASN A 223 44.88 45.14 29.51
CA ASN A 223 44.88 44.02 30.47
C ASN A 223 44.47 42.77 29.70
N ALA A 224 45.35 41.77 29.67
CA ALA A 224 45.04 40.51 28.97
C ALA A 224 45.05 39.37 29.97
N ALA A 225 45.88 39.48 30.99
CA ALA A 225 45.99 38.41 31.99
C ALA A 225 44.62 38.18 32.64
N THR A 226 43.76 39.19 32.59
CA THR A 226 42.42 39.07 33.21
C THR A 226 41.38 38.77 32.14
N THR A 227 41.67 39.11 30.88
CA THR A 227 40.66 38.94 29.81
C THR A 227 40.77 37.56 29.17
N VAL A 228 41.83 37.30 28.40
CA VAL A 228 41.90 36.05 27.66
C VAL A 228 42.20 34.90 28.63
N CYS A 229 41.20 34.05 28.88
CA CYS A 229 41.39 32.94 29.81
C CYS A 229 42.22 31.82 29.19
N THR A 230 41.79 31.30 28.04
CA THR A 230 42.50 30.22 27.37
C THR A 230 42.54 30.45 25.86
N VAL A 231 43.52 29.81 25.22
CA VAL A 231 43.68 29.82 23.77
C VAL A 231 43.94 28.39 23.32
N ALA A 232 43.27 27.97 22.25
CA ALA A 232 43.43 26.63 21.71
C ALA A 232 43.54 26.64 20.19
N LEU A 233 44.36 25.73 19.67
CA LEU A 233 44.51 25.50 18.24
C LEU A 233 43.73 24.23 17.92
N ALA A 234 42.84 24.31 16.94
CA ALA A 234 41.97 23.18 16.63
C ALA A 234 41.88 22.92 15.14
N SER A 235 41.43 21.70 14.83
CA SER A 235 41.19 21.24 13.47
C SER A 235 39.81 20.57 13.43
N TYR A 236 39.23 20.53 12.24
CA TYR A 236 37.89 19.98 12.07
C TYR A 236 37.84 18.48 12.33
N ALA A 237 36.77 18.04 12.99
CA ALA A 237 36.52 16.64 13.29
C ALA A 237 35.01 16.40 13.31
N ASP A 238 34.60 15.20 12.93
CA ASP A 238 33.19 14.81 12.90
C ASP A 238 32.73 14.49 14.32
N VAL A 239 31.73 15.21 14.81
CA VAL A 239 31.24 15.07 16.18
C VAL A 239 29.72 15.08 16.26
N LEU A 240 29.17 14.24 17.14
CA LEU A 240 27.75 14.24 17.49
C LEU A 240 27.69 15.02 18.80
N VAL A 241 26.98 16.15 18.79
CA VAL A 241 26.94 17.07 19.92
C VAL A 241 25.55 17.23 20.52
N ASN A 242 25.50 17.21 21.86
CA ASN A 242 24.30 17.54 22.63
C ASN A 242 24.21 19.05 22.76
N VAL A 243 23.10 19.63 22.34
CA VAL A 243 22.89 21.07 22.46
C VAL A 243 21.65 21.32 23.29
N SER A 244 21.76 22.24 24.24
CA SER A 244 20.65 22.61 25.11
C SER A 244 20.73 24.11 25.32
N GLN A 245 19.66 24.83 25.01
CA GLN A 245 19.64 26.28 25.09
C GLN A 245 20.81 26.89 24.32
N THR A 246 21.02 26.38 23.11
CA THR A 246 22.08 26.75 22.19
C THR A 246 23.49 26.48 22.73
N ALA A 247 23.62 25.81 23.86
CA ALA A 247 24.94 25.56 24.45
C ALA A 247 25.29 24.08 24.35
N ILE A 248 26.58 23.79 24.21
CA ILE A 248 27.04 22.42 24.14
C ILE A 248 26.99 21.78 25.52
N ALA A 249 26.34 20.63 25.62
CA ALA A 249 26.26 19.88 26.87
C ALA A 249 27.29 18.77 26.95
N ASN A 250 27.38 17.95 25.90
CA ASN A 250 28.36 16.86 25.83
C ASN A 250 28.59 16.53 24.36
N ILE A 251 29.76 15.95 24.08
CA ILE A 251 30.13 15.61 22.71
C ILE A 251 30.69 14.20 22.64
N ILE A 252 30.42 13.53 21.52
CA ILE A 252 30.96 12.21 21.21
C ILE A 252 31.69 12.32 19.88
N TYR A 253 32.90 11.78 19.82
CA TYR A 253 33.68 11.78 18.58
C TYR A 253 33.35 10.53 17.78
N CYS A 254 33.14 10.71 16.48
CA CYS A 254 32.78 9.60 15.60
C CYS A 254 34.01 8.85 15.10
N ASN A 255 34.81 8.34 16.04
CA ASN A 255 36.04 7.64 15.68
C ASN A 255 35.97 6.13 15.85
N SER A 256 35.57 5.64 17.02
CA SER A 256 35.47 4.21 17.25
C SER A 256 34.29 3.59 16.52
N VAL A 257 34.36 2.26 16.36
CA VAL A 257 33.33 1.51 15.64
C VAL A 257 31.97 1.68 16.31
N ILE A 258 31.92 1.70 17.64
CA ILE A 258 30.66 1.91 18.35
C ILE A 258 30.19 3.35 18.17
N ASN A 259 31.12 4.31 18.18
CA ASN A 259 30.77 5.71 18.01
C ASN A 259 30.26 5.99 16.60
N ARG A 260 30.82 5.32 15.58
CA ARG A 260 30.30 5.50 14.23
C ARG A 260 28.82 5.11 14.16
N LEU A 261 28.46 4.00 14.78
CA LEU A 261 27.06 3.59 14.79
C LEU A 261 26.18 4.60 15.51
N ARG A 262 26.66 5.11 16.65
CA ARG A 262 25.91 6.11 17.39
C ARG A 262 25.76 7.41 16.59
N CYS A 263 26.83 7.83 15.93
CA CYS A 263 26.75 9.02 15.08
C CYS A 263 25.85 8.79 13.88
N ASP A 264 25.93 7.62 13.26
CA ASP A 264 25.11 7.32 12.09
C ASP A 264 23.64 7.16 12.46
N GLN A 265 23.35 6.75 13.68
CA GLN A 265 21.98 6.66 14.17
C GLN A 265 21.49 7.96 14.77
N LEU A 266 22.34 8.98 14.84
CA LEU A 266 21.99 10.29 15.42
C LEU A 266 21.44 10.17 16.83
N SER A 267 22.01 9.24 17.60
CA SER A 267 21.54 8.98 18.95
C SER A 267 22.72 8.63 19.84
N PHE A 268 22.65 9.07 21.11
CA PHE A 268 23.73 8.78 22.05
C PHE A 268 23.59 7.39 22.65
N ASP A 269 22.42 6.77 22.54
CA ASP A 269 22.17 5.44 23.06
C ASP A 269 21.58 4.60 21.94
N VAL A 270 21.96 3.32 21.89
CA VAL A 270 21.51 2.41 20.85
C VAL A 270 20.91 1.16 21.48
N PRO A 271 19.64 0.83 21.21
CA PRO A 271 19.06 -0.39 21.77
C PRO A 271 19.74 -1.64 21.24
N ASP A 272 19.77 -2.67 22.09
CA ASP A 272 20.41 -3.93 21.75
C ASP A 272 19.76 -4.57 20.53
N GLY A 273 20.58 -5.02 19.59
CA GLY A 273 20.05 -5.62 18.38
C GLY A 273 21.15 -5.85 17.36
N PHE A 274 20.73 -5.98 16.10
CA PHE A 274 21.64 -6.19 14.97
C PHE A 274 21.57 -4.97 14.07
N TYR A 275 22.72 -4.32 13.84
CA TYR A 275 22.78 -3.12 13.03
C TYR A 275 23.68 -3.33 11.82
N SER A 276 23.15 -3.09 10.64
CA SER A 276 23.93 -3.20 9.41
C SER A 276 24.91 -2.04 9.29
N THR A 277 26.09 -2.32 8.74
CA THR A 277 27.07 -1.27 8.51
C THR A 277 27.99 -1.69 7.38
N SER A 278 28.68 -0.71 6.80
CA SER A 278 29.60 -0.98 5.71
C SER A 278 30.97 -0.39 6.00
N PRO A 279 32.04 -1.12 5.69
CA PRO A 279 33.39 -0.55 5.83
C PRO A 279 33.56 0.67 4.94
N ILE A 280 34.41 1.60 5.39
CA ILE A 280 34.65 2.81 4.61
C ILE A 280 35.43 2.48 3.35
N GLN A 281 35.05 3.12 2.25
CA GLN A 281 35.70 2.88 0.96
C GLN A 281 37.08 3.53 0.90
N PRO A 282 38.07 2.84 0.35
CA PRO A 282 39.39 3.45 0.16
C PRO A 282 39.32 4.62 -0.80
N VAL A 283 40.23 5.59 -0.62
CA VAL A 283 40.25 6.77 -1.47
C VAL A 283 41.31 6.69 -2.57
N GLU A 284 42.28 5.79 -2.46
CA GLU A 284 43.35 5.60 -3.45
C GLU A 284 42.92 4.51 -4.44
N LEU A 285 42.04 4.89 -5.36
CA LEU A 285 41.47 3.95 -6.31
C LEU A 285 42.20 3.94 -7.64
N PRO A 286 42.77 2.81 -8.06
CA PRO A 286 43.36 2.70 -9.41
C PRO A 286 42.27 2.75 -10.47
N VAL A 287 42.70 2.86 -11.73
CA VAL A 287 41.79 2.92 -12.87
C VAL A 287 42.00 1.69 -13.76
N SER A 288 40.89 1.04 -14.11
CA SER A 288 40.89 -0.12 -15.00
C SER A 288 40.01 0.19 -16.21
N ILE A 289 40.52 -0.07 -17.42
CA ILE A 289 39.79 0.21 -18.65
C ILE A 289 39.81 -1.02 -19.54
N VAL A 290 38.64 -1.40 -20.07
CA VAL A 290 38.51 -2.48 -21.04
C VAL A 290 37.58 -1.99 -22.15
N SER A 291 38.03 -2.12 -23.39
CA SER A 291 37.23 -1.66 -24.52
C SER A 291 37.46 -2.57 -25.72
N LEU A 292 36.49 -2.59 -26.61
CA LEU A 292 36.59 -3.42 -27.80
C LEU A 292 37.68 -2.86 -28.71
N PRO A 293 38.57 -3.69 -29.25
CA PRO A 293 39.62 -3.16 -30.12
C PRO A 293 39.09 -2.68 -31.46
N VAL A 294 39.02 -1.37 -31.64
CA VAL A 294 38.52 -0.79 -32.89
C VAL A 294 39.43 0.37 -33.31
N SER A 434 48.56 -3.80 -23.54
CA SER A 434 47.54 -3.22 -24.42
C SER A 434 46.73 -2.15 -23.70
N SER A 435 46.42 -1.08 -24.42
CA SER A 435 45.57 -0.02 -23.89
C SER A 435 44.09 -0.38 -23.95
N PHE A 436 43.73 -1.44 -24.67
CA PHE A 436 42.35 -1.90 -24.76
C PHE A 436 41.98 -2.88 -23.65
N MET A 437 42.95 -3.44 -22.94
CA MET A 437 42.69 -4.40 -21.87
C MET A 437 43.67 -4.07 -20.75
N ASN A 438 43.18 -3.38 -19.72
CA ASN A 438 44.05 -2.94 -18.63
C ASN A 438 43.27 -2.99 -17.31
N VAL A 439 43.42 -4.08 -16.56
CA VAL A 439 42.71 -4.24 -15.29
C VAL A 439 43.67 -4.70 -14.20
N THR A 440 43.34 -4.31 -12.97
CA THR A 440 44.09 -4.71 -11.78
C THR A 440 43.18 -5.61 -10.95
N LEU A 441 43.65 -6.82 -10.67
CA LEU A 441 42.83 -7.80 -9.96
C LEU A 441 43.02 -7.72 -8.45
N ASN A 442 42.00 -8.20 -7.74
CA ASN A 442 41.96 -8.33 -6.28
C ASN A 442 42.01 -7.01 -5.50
N LYS A 443 41.90 -5.87 -6.17
CA LYS A 443 41.91 -4.60 -5.47
C LYS A 443 40.74 -3.76 -5.93
N CYS A 444 40.21 -2.95 -5.02
CA CYS A 444 39.12 -2.06 -5.36
C CYS A 444 39.61 -1.02 -6.35
N THR A 445 38.99 -0.97 -7.52
CA THR A 445 39.42 -0.06 -8.58
C THR A 445 38.22 0.55 -9.28
N LYS A 446 38.39 1.80 -9.71
CA LYS A 446 37.38 2.44 -10.55
C LYS A 446 37.54 1.86 -11.94
N TYR A 447 36.44 1.40 -12.53
CA TYR A 447 36.52 0.76 -13.83
C TYR A 447 35.57 1.37 -14.84
N ASN A 448 35.91 1.17 -16.11
CA ASN A 448 35.11 1.55 -17.27
C ASN A 448 35.26 0.34 -18.20
N ILE A 449 34.31 -0.59 -18.10
CA ILE A 449 34.36 -1.83 -18.84
C ILE A 449 33.27 -1.78 -19.90
N TYR A 450 33.66 -1.80 -21.17
CA TYR A 450 32.74 -1.76 -22.30
C TYR A 450 31.73 -0.63 -22.13
N ASP A 451 32.24 0.56 -21.86
CA ASP A 451 31.47 1.79 -21.68
C ASP A 451 30.55 1.75 -20.46
N VAL A 452 30.76 0.83 -19.52
CA VAL A 452 29.97 0.75 -18.30
C VAL A 452 30.89 1.11 -17.15
N SER A 453 30.53 2.14 -16.39
CA SER A 453 31.37 2.64 -15.33
C SER A 453 30.87 2.21 -13.95
N GLY A 454 31.82 2.14 -13.01
CA GLY A 454 31.51 1.74 -11.66
C GLY A 454 32.77 1.58 -10.85
N VAL A 455 32.60 1.10 -9.63
CA VAL A 455 33.71 0.84 -8.71
C VAL A 455 33.54 -0.57 -8.15
N GLY A 456 34.62 -1.35 -8.16
CA GLY A 456 34.52 -2.71 -7.66
C GLY A 456 35.85 -3.43 -7.70
N VAL A 457 35.78 -4.72 -7.40
CA VAL A 457 36.93 -5.63 -7.38
C VAL A 457 36.75 -6.63 -8.51
N ILE A 458 37.79 -6.82 -9.32
CA ILE A 458 37.77 -7.73 -10.46
C ILE A 458 38.59 -8.96 -10.12
N ARG A 459 38.06 -10.14 -10.42
CA ARG A 459 38.75 -11.40 -10.18
C ARG A 459 38.48 -12.39 -11.32
N ILE A 460 39.23 -13.49 -11.32
CA ILE A 460 39.06 -14.55 -12.33
C ILE A 460 38.11 -15.63 -11.83
N SER A 461 37.16 -16.01 -12.68
CA SER A 461 36.16 -17.04 -12.45
C SER A 461 36.38 -18.22 -13.39
N ASN A 462 35.70 -19.34 -13.11
CA ASN A 462 35.84 -20.54 -13.94
C ASN A 462 34.56 -20.77 -14.73
N ASP A 463 33.86 -19.71 -15.10
CA ASP A 463 32.67 -19.89 -15.90
C ASP A 463 33.01 -20.07 -17.37
N THR A 464 32.07 -20.68 -18.09
CA THR A 464 32.23 -20.99 -19.51
C THR A 464 31.09 -20.42 -20.34
N PHE A 465 30.55 -19.27 -19.91
CA PHE A 465 29.41 -18.69 -20.61
C PHE A 465 29.81 -18.37 -22.04
N LEU A 466 29.03 -18.87 -23.00
CA LEU A 466 29.36 -18.67 -24.40
C LEU A 466 28.76 -17.39 -24.96
N ASN A 467 27.58 -17.01 -24.50
CA ASN A 467 26.89 -15.84 -25.00
C ASN A 467 27.43 -14.54 -24.44
N GLY A 468 27.53 -13.53 -25.30
CA GLY A 468 27.86 -12.18 -24.93
C GLY A 468 29.26 -11.96 -24.38
N ILE A 469 29.49 -10.71 -23.96
CA ILE A 469 30.77 -10.28 -23.41
C ILE A 469 30.56 -9.52 -22.10
N THR A 470 29.31 -9.23 -21.76
CA THR A 470 29.01 -8.48 -20.55
C THR A 470 27.79 -9.08 -19.89
N TYR A 471 27.83 -9.21 -18.56
CA TYR A 471 26.76 -9.83 -17.80
C TYR A 471 26.28 -8.90 -16.69
N THR A 472 24.98 -8.67 -16.62
CA THR A 472 24.37 -7.79 -15.63
C THR A 472 23.34 -8.57 -14.82
N SER A 473 22.69 -7.87 -13.90
CA SER A 473 21.67 -8.47 -13.05
C SER A 473 20.34 -7.76 -13.25
N THR A 474 19.35 -8.15 -12.43
CA THR A 474 18.02 -7.55 -12.49
C THR A 474 18.03 -6.07 -12.15
N SER A 475 19.03 -5.60 -11.41
CA SER A 475 19.15 -4.19 -11.07
C SER A 475 19.99 -3.41 -12.07
N GLY A 476 20.57 -4.09 -13.06
CA GLY A 476 21.41 -3.45 -14.04
C GLY A 476 22.86 -3.33 -13.63
N ASN A 477 23.20 -3.75 -12.42
CA ASN A 477 24.58 -3.71 -11.97
C ASN A 477 25.43 -4.71 -12.75
N LEU A 478 26.68 -4.35 -12.96
CA LEU A 478 27.60 -5.19 -13.69
C LEU A 478 28.15 -6.29 -12.79
N LEU A 479 27.90 -7.55 -13.16
CA LEU A 479 28.37 -8.70 -12.40
C LEU A 479 29.63 -9.33 -12.97
N GLY A 480 29.92 -9.14 -14.25
CA GLY A 480 31.12 -9.72 -14.83
C GLY A 480 31.21 -9.38 -16.30
N PHE A 481 32.32 -9.81 -16.90
CA PHE A 481 32.58 -9.54 -18.31
C PHE A 481 33.52 -10.61 -18.85
N LYS A 482 33.58 -10.70 -20.18
CA LYS A 482 34.42 -11.65 -20.89
C LYS A 482 35.49 -10.90 -21.69
N ASP A 483 36.70 -11.45 -21.73
CA ASP A 483 37.77 -10.91 -22.56
C ASP A 483 37.67 -11.58 -23.93
N VAL A 484 37.39 -10.78 -24.95
CA VAL A 484 37.15 -11.29 -26.31
C VAL A 484 38.38 -11.93 -26.93
N THR A 485 39.58 -11.50 -26.57
CA THR A 485 40.80 -12.05 -27.13
C THR A 485 41.43 -13.15 -26.30
N ASN A 486 41.23 -13.15 -24.98
CA ASN A 486 42.02 -13.99 -24.10
C ASN A 486 41.24 -15.23 -23.68
N GLY A 487 39.90 -15.16 -23.78
CA GLY A 487 38.98 -16.24 -23.45
C GLY A 487 38.51 -16.32 -22.00
N THR A 488 39.09 -15.56 -21.08
CA THR A 488 38.74 -15.66 -19.67
C THR A 488 37.59 -14.73 -19.29
N ILE A 489 36.72 -15.23 -18.39
CA ILE A 489 35.60 -14.47 -17.85
C ILE A 489 36.00 -13.96 -16.47
N TYR A 490 35.84 -12.66 -16.24
CA TYR A 490 36.18 -12.02 -14.98
C TYR A 490 34.92 -11.59 -14.24
N SER A 491 34.89 -11.80 -12.93
CA SER A 491 33.76 -11.41 -12.10
C SER A 491 34.01 -10.04 -11.45
N ILE A 492 32.94 -9.44 -10.95
CA ILE A 492 32.98 -8.13 -10.31
C ILE A 492 32.19 -8.18 -9.01
N THR A 493 32.74 -7.59 -7.95
CA THR A 493 32.13 -7.53 -6.62
C THR A 493 32.38 -6.18 -5.98
N PRO A 494 31.40 -5.59 -5.29
CA PRO A 494 31.63 -4.29 -4.66
C PRO A 494 32.74 -4.38 -3.60
N CYS A 495 33.47 -3.28 -3.45
CA CYS A 495 34.57 -3.24 -2.50
C CYS A 495 34.16 -3.40 -1.04
N ASN A 496 32.99 -2.89 -0.65
CA ASN A 496 32.56 -2.95 0.76
C ASN A 496 31.12 -3.43 0.93
N PRO A 497 30.89 -4.73 0.91
CA PRO A 497 29.55 -5.25 1.13
C PRO A 497 29.12 -5.03 2.57
N PRO A 498 27.81 -5.05 2.86
CA PRO A 498 27.35 -4.79 4.22
C PRO A 498 27.62 -5.93 5.19
N ASP A 499 28.10 -5.56 6.38
CA ASP A 499 28.26 -6.46 7.52
C ASP A 499 27.12 -6.20 8.50
N GLN A 500 27.04 -7.02 9.54
CA GLN A 500 26.03 -6.82 10.58
C GLN A 500 26.70 -6.85 11.95
N LEU A 501 26.62 -5.75 12.68
CA LEU A 501 27.20 -5.63 14.01
C LEU A 501 26.18 -5.99 15.07
N VAL A 502 26.61 -6.76 16.07
CA VAL A 502 25.76 -7.16 17.19
C VAL A 502 26.13 -6.26 18.36
N VAL A 503 25.15 -5.57 18.91
CA VAL A 503 25.38 -4.67 20.04
C VAL A 503 24.54 -5.12 21.24
N TYR A 504 25.16 -5.10 22.41
CA TYR A 504 24.50 -5.53 23.64
C TYR A 504 25.06 -4.69 24.78
N GLN A 505 24.16 -4.06 25.53
CA GLN A 505 24.53 -3.21 26.66
C GLN A 505 25.54 -2.12 26.25
N GLN A 506 25.24 -1.47 25.13
CA GLN A 506 26.01 -0.37 24.56
C GLN A 506 27.39 -0.76 24.04
N ALA A 507 27.68 -2.04 23.87
CA ALA A 507 28.97 -2.47 23.35
C ALA A 507 28.77 -3.35 22.13
N VAL A 508 29.74 -3.32 21.22
CA VAL A 508 29.73 -4.17 20.03
C VAL A 508 30.39 -5.48 20.40
N VAL A 509 29.58 -6.53 20.55
CA VAL A 509 30.07 -7.83 21.00
C VAL A 509 30.32 -8.82 19.86
N GLY A 510 29.80 -8.58 18.66
CA GLY A 510 30.04 -9.50 17.57
C GLY A 510 29.78 -8.85 16.23
N ALA A 511 30.13 -9.59 15.17
CA ALA A 511 29.94 -9.08 13.82
C ALA A 511 29.81 -10.22 12.83
N MET A 512 28.71 -10.27 12.09
CA MET A 512 28.55 -11.24 11.01
C MET A 512 29.30 -10.72 9.79
N LEU A 513 30.20 -11.54 9.25
CA LEU A 513 31.03 -11.18 8.12
C LEU A 513 30.77 -12.06 6.92
N SER A 514 31.15 -11.55 5.75
CA SER A 514 30.99 -12.28 4.50
C SER A 514 32.26 -13.01 4.08
N GLU A 515 33.34 -12.90 4.86
CA GLU A 515 34.56 -13.63 4.55
C GLU A 515 35.22 -13.99 5.87
N ASN A 516 36.14 -14.95 5.79
CA ASN A 516 36.75 -15.57 6.98
C ASN A 516 38.03 -14.80 7.38
N PHE A 517 37.81 -13.74 8.16
CA PHE A 517 38.89 -12.88 8.62
C PHE A 517 38.48 -12.26 9.96
N THR A 518 39.47 -11.75 10.69
CA THR A 518 39.28 -11.13 12.01
C THR A 518 39.00 -9.63 11.85
N SER A 519 37.81 -9.31 11.38
CA SER A 519 37.45 -7.91 11.20
C SER A 519 37.02 -7.26 12.51
N TYR A 520 36.98 -5.92 12.50
CA TYR A 520 36.57 -5.09 13.63
C TYR A 520 37.39 -5.32 14.90
N GLY A 521 38.59 -5.87 14.78
CA GLY A 521 39.45 -6.07 15.93
C GLY A 521 39.14 -7.26 16.81
N PHE A 522 38.22 -8.12 16.43
CA PHE A 522 37.98 -9.29 17.26
C PHE A 522 39.11 -10.30 17.07
N SER A 523 39.28 -11.18 18.05
CA SER A 523 40.37 -12.15 18.01
C SER A 523 39.96 -13.52 17.51
N ASN A 524 38.70 -13.94 17.71
CA ASN A 524 38.26 -15.27 17.32
C ASN A 524 37.19 -15.19 16.24
N VAL A 525 37.30 -16.08 15.25
CA VAL A 525 36.37 -16.19 14.13
C VAL A 525 35.97 -17.65 13.99
N VAL A 526 34.66 -17.89 13.83
CA VAL A 526 34.12 -19.23 13.69
C VAL A 526 33.26 -19.33 12.44
N GLU A 527 33.00 -20.58 12.04
CA GLU A 527 32.23 -20.90 10.84
C GLU A 527 30.77 -21.16 11.20
N MET A 528 29.88 -20.72 10.33
CA MET A 528 28.45 -20.93 10.49
C MET A 528 27.90 -21.33 9.13
N PRO A 529 26.73 -21.99 9.10
CA PRO A 529 26.19 -22.49 7.82
C PRO A 529 26.07 -21.47 6.70
N LYS A 530 25.85 -20.17 6.98
CA LYS A 530 25.70 -19.21 5.88
C LYS A 530 26.46 -17.91 6.06
N PHE A 531 27.34 -17.81 7.05
CA PHE A 531 28.10 -16.58 7.27
C PHE A 531 29.23 -16.91 8.24
N PHE A 532 30.12 -15.94 8.44
CA PHE A 532 31.18 -16.10 9.43
C PHE A 532 30.93 -15.13 10.58
N TYR A 533 31.34 -15.51 11.78
CA TYR A 533 31.08 -14.70 12.96
C TYR A 533 32.39 -14.47 13.71
N ALA A 534 32.60 -13.23 14.16
CA ALA A 534 33.82 -12.88 14.89
C ALA A 534 33.50 -12.17 16.19
N SER A 535 34.20 -12.56 17.26
CA SER A 535 34.03 -11.93 18.57
C SER A 535 35.11 -12.47 19.52
N ASN A 536 35.29 -11.78 20.65
CA ASN A 536 36.16 -12.32 21.68
C ASN A 536 35.47 -13.33 22.58
N GLY A 537 34.37 -13.91 22.11
CA GLY A 537 33.65 -14.89 22.91
C GLY A 537 34.46 -16.15 23.06
N THR A 538 34.43 -16.74 24.26
CA THR A 538 35.15 -17.97 24.54
C THR A 538 34.32 -19.21 24.28
N TYR A 539 33.04 -19.04 23.94
CA TYR A 539 32.12 -20.14 23.65
C TYR A 539 31.89 -21.08 24.82
N ASN A 540 32.24 -20.64 26.02
CA ASN A 540 31.97 -21.40 27.25
C ASN A 540 30.67 -20.90 27.86
N CYS A 541 29.61 -20.90 27.04
CA CYS A 541 28.31 -20.34 27.39
C CYS A 541 27.20 -21.32 27.06
N THR A 542 26.03 -21.07 27.65
CA THR A 542 24.86 -21.89 27.39
C THR A 542 23.59 -21.07 27.13
N ASP A 543 23.49 -19.88 27.72
CA ASP A 543 22.32 -19.02 27.54
C ASP A 543 22.64 -17.82 26.67
N ALA A 544 21.63 -17.36 25.92
CA ALA A 544 21.77 -16.25 24.98
C ALA A 544 20.88 -15.07 25.36
N VAL A 545 21.42 -13.87 25.22
CA VAL A 545 20.70 -12.65 25.55
C VAL A 545 19.94 -12.07 24.35
N LEU A 546 20.48 -12.22 23.14
CA LEU A 546 19.81 -11.79 21.92
C LEU A 546 19.70 -13.02 21.03
N THR A 547 18.52 -13.23 20.47
CA THR A 547 18.29 -14.41 19.64
C THR A 547 17.55 -14.08 18.36
N TYR A 548 17.83 -14.88 17.33
CA TYR A 548 17.06 -14.85 16.10
C TYR A 548 17.17 -16.24 15.49
N SER A 549 16.05 -16.75 14.99
CA SER A 549 15.90 -18.10 14.41
C SER A 549 16.53 -19.12 15.35
N SER A 550 17.44 -19.97 14.89
CA SER A 550 18.09 -20.98 15.70
C SER A 550 19.39 -20.53 16.36
N PHE A 551 19.80 -19.27 16.25
CA PHE A 551 21.05 -18.85 16.84
C PHE A 551 20.86 -17.65 17.76
N GLY A 552 21.69 -17.59 18.79
CA GLY A 552 21.67 -16.51 19.75
C GLY A 552 23.07 -16.27 20.27
N VAL A 553 23.28 -15.09 20.84
CA VAL A 553 24.58 -14.67 21.32
C VAL A 553 24.61 -14.61 22.85
N CYS A 554 25.64 -15.21 23.44
CA CYS A 554 25.83 -15.21 24.88
C CYS A 554 26.27 -13.80 25.31
N ALA A 555 26.20 -13.54 26.61
CA ALA A 555 26.57 -12.23 27.13
C ALA A 555 28.02 -11.85 26.81
N ASP A 556 28.88 -12.81 26.51
CA ASP A 556 30.26 -12.50 26.15
C ASP A 556 30.47 -12.34 24.65
N GLY A 557 29.44 -12.56 23.85
CA GLY A 557 29.51 -12.45 22.41
C GLY A 557 29.59 -13.75 21.66
N SER A 558 29.76 -14.88 22.35
CA SER A 558 29.82 -16.17 21.68
C SER A 558 28.48 -16.47 21.04
N ILE A 559 28.50 -17.23 19.94
CA ILE A 559 27.27 -17.61 19.25
C ILE A 559 26.97 -19.07 19.56
N ILE A 560 25.72 -19.34 19.92
CA ILE A 560 25.23 -20.67 20.27
C ILE A 560 23.89 -20.89 19.60
N ALA A 561 23.48 -22.16 19.56
CA ALA A 561 22.18 -22.52 19.01
C ALA A 561 21.14 -22.55 20.13
N VAL A 562 19.95 -22.03 19.85
CA VAL A 562 18.90 -21.95 20.85
C VAL A 562 18.06 -23.23 20.83
N GLN A 563 18.13 -23.99 21.91
CA GLN A 563 17.36 -25.21 22.06
C GLN A 563 15.97 -24.89 22.59
N PRO A 564 14.97 -25.69 22.22
CA PRO A 564 13.62 -25.47 22.76
C PRO A 564 13.59 -25.68 24.26
N ARG A 565 12.67 -24.96 24.91
CA ARG A 565 12.53 -25.00 26.35
C ARG A 565 11.91 -26.31 26.79
N ASN A 566 12.60 -27.03 27.67
CA ASN A 566 12.10 -28.34 28.14
C ASN A 566 10.92 -28.14 29.09
N VAL A 567 9.84 -28.89 28.85
CA VAL A 567 8.65 -28.87 29.68
C VAL A 567 8.07 -30.29 29.76
N SER A 568 7.13 -30.48 30.67
CA SER A 568 6.43 -31.76 30.83
C SER A 568 4.95 -31.53 30.52
N TYR A 569 4.46 -32.19 29.48
CA TYR A 569 3.07 -32.02 29.05
C TYR A 569 2.10 -32.76 29.96
N ASP A 570 0.89 -32.19 30.06
CA ASP A 570 -0.19 -32.78 30.82
C ASP A 570 -0.75 -33.99 30.07
N SER A 571 -1.36 -34.90 30.83
CA SER A 571 -1.90 -36.12 30.25
C SER A 571 -3.31 -36.35 30.74
N VAL A 572 -4.11 -36.99 29.89
CA VAL A 572 -5.49 -37.35 30.20
C VAL A 572 -5.47 -38.69 30.91
N SER A 573 -5.84 -38.70 32.18
CA SER A 573 -5.78 -39.94 32.96
C SER A 573 -6.77 -40.95 32.41
N ALA A 574 -6.28 -42.17 32.14
CA ALA A 574 -7.10 -43.21 31.56
C ALA A 574 -7.93 -43.94 32.62
N ILE A 575 -9.07 -44.46 32.19
CA ILE A 575 -9.96 -45.23 33.06
C ILE A 575 -9.58 -46.70 32.85
N VAL A 576 -8.68 -47.20 33.70
CA VAL A 576 -8.22 -48.58 33.58
C VAL A 576 -7.72 -49.06 34.93
N THR A 577 -7.63 -50.39 35.07
CA THR A 577 -7.08 -51.03 36.26
C THR A 577 -5.56 -51.10 36.10
N ALA A 578 -4.86 -50.21 36.77
CA ALA A 578 -3.40 -50.12 36.71
C ALA A 578 -2.94 -49.22 37.86
N ASN A 579 -1.65 -48.91 37.89
CA ASN A 579 -1.10 -48.01 38.87
C ASN A 579 -1.15 -46.60 38.30
N LEU A 580 -1.99 -45.76 38.89
CA LEU A 580 -2.13 -44.38 38.45
C LEU A 580 -1.33 -43.43 39.34
N SER A 581 -0.71 -42.44 38.72
CA SER A 581 0.04 -41.42 39.44
C SER A 581 -0.80 -40.16 39.49
N ILE A 582 -1.07 -39.67 40.70
CA ILE A 582 -1.94 -38.51 40.90
C ILE A 582 -1.19 -37.42 41.66
N PRO A 583 -1.29 -36.17 41.24
CA PRO A 583 -0.62 -35.08 41.95
C PRO A 583 -1.03 -35.05 43.42
N PHE A 584 -0.06 -34.79 44.29
CA PHE A 584 -0.27 -34.85 45.73
C PHE A 584 0.19 -33.60 46.45
N ASN A 585 1.32 -33.01 46.06
CA ASN A 585 1.85 -31.77 46.61
C ASN A 585 1.70 -30.66 45.57
N TRP A 586 1.55 -29.43 46.05
CA TRP A 586 1.36 -28.30 45.15
C TRP A 586 2.19 -27.10 45.60
N THR A 587 2.59 -26.30 44.62
CA THR A 587 3.31 -25.06 44.83
C THR A 587 2.64 -23.98 43.98
N THR A 588 2.76 -22.73 44.42
CA THR A 588 2.12 -21.61 43.74
C THR A 588 3.14 -20.81 42.96
N SER A 589 2.84 -20.57 41.69
CA SER A 589 3.71 -19.82 40.78
C SER A 589 2.94 -18.66 40.19
N VAL A 590 3.62 -17.54 39.98
CA VAL A 590 3.02 -16.34 39.39
C VAL A 590 3.76 -16.03 38.10
N GLN A 591 3.01 -15.84 37.02
CA GLN A 591 3.55 -15.57 35.70
C GLN A 591 3.03 -14.22 35.22
N VAL A 592 3.87 -13.49 34.49
CA VAL A 592 3.55 -12.13 34.07
C VAL A 592 3.32 -12.10 32.56
N GLU A 593 2.36 -11.28 32.14
CA GLU A 593 2.02 -11.05 30.74
C GLU A 593 1.67 -9.59 30.55
N TYR A 594 2.13 -9.00 29.46
CA TYR A 594 1.86 -7.60 29.14
C TYR A 594 1.11 -7.48 27.82
N LEU A 595 0.04 -6.68 27.82
CA LEU A 595 -0.76 -6.46 26.62
C LEU A 595 -1.05 -4.97 26.47
N GLN A 596 -0.85 -4.46 25.26
CA GLN A 596 -1.10 -3.05 24.98
C GLN A 596 -2.58 -2.83 24.72
N ILE A 597 -3.13 -1.76 25.29
CA ILE A 597 -4.55 -1.44 25.09
C ILE A 597 -4.78 -0.09 24.44
N THR A 598 -3.78 0.78 24.36
CA THR A 598 -4.00 2.08 23.76
C THR A 598 -2.71 2.59 23.14
N SER A 599 -2.87 3.56 22.23
CA SER A 599 -1.75 4.25 21.60
C SER A 599 -2.03 5.75 21.64
N THR A 600 -0.99 6.53 21.89
CA THR A 600 -1.14 7.98 21.98
C THR A 600 -1.66 8.54 20.66
N PRO A 601 -2.83 9.17 20.64
CA PRO A 601 -3.40 9.63 19.36
C PRO A 601 -2.81 10.94 18.87
N ILE A 602 -2.54 10.99 17.57
CA ILE A 602 -1.96 12.16 16.92
C ILE A 602 -2.89 12.59 15.79
N VAL A 603 -3.24 13.88 15.78
CA VAL A 603 -4.04 14.46 14.72
C VAL A 603 -3.21 15.56 14.06
N VAL A 604 -3.39 15.71 12.75
CA VAL A 604 -2.63 16.69 11.97
C VAL A 604 -3.60 17.53 11.14
N ASP A 605 -3.40 18.85 11.15
CA ASP A 605 -4.13 19.75 10.28
C ASP A 605 -3.41 19.76 8.93
N CYS A 606 -4.11 19.26 7.90
CA CYS A 606 -3.50 19.10 6.58
C CYS A 606 -3.09 20.43 5.94
N SER A 607 -3.89 21.49 6.12
CA SER A 607 -3.57 22.77 5.50
C SER A 607 -2.32 23.42 6.09
N THR A 608 -2.18 23.43 7.41
CA THR A 608 -1.02 24.07 8.03
C THR A 608 0.28 23.32 7.72
N TYR A 609 0.26 21.99 7.77
CA TYR A 609 1.47 21.22 7.53
C TYR A 609 1.99 21.38 6.10
N VAL A 610 1.10 21.44 5.11
CA VAL A 610 1.57 21.53 3.73
C VAL A 610 1.78 22.96 3.24
N CYS A 611 1.00 23.93 3.72
CA CYS A 611 1.09 25.28 3.19
C CYS A 611 1.71 26.31 4.13
N ASN A 612 2.04 25.92 5.37
CA ASN A 612 2.71 26.81 6.33
C ASN A 612 1.92 28.10 6.58
N GLY A 613 0.62 28.09 6.32
CA GLY A 613 -0.19 29.28 6.47
C GLY A 613 -0.10 30.30 5.36
N ASN A 614 0.55 30.00 4.25
CA ASN A 614 0.63 30.95 3.15
C ASN A 614 -0.71 30.94 2.40
N VAL A 615 -1.30 32.13 2.27
CA VAL A 615 -2.63 32.26 1.69
C VAL A 615 -2.68 31.75 0.26
N ARG A 616 -1.67 32.08 -0.55
CA ARG A 616 -1.65 31.62 -1.94
C ARG A 616 -1.57 30.10 -2.04
N CYS A 617 -0.80 29.45 -1.18
CA CYS A 617 -0.71 28.00 -1.21
C CYS A 617 -2.03 27.33 -0.88
N VAL A 618 -2.83 27.92 0.01
CA VAL A 618 -4.09 27.31 0.41
C VAL A 618 -5.03 27.15 -0.79
N GLU A 619 -5.05 28.13 -1.70
CA GLU A 619 -5.88 28.00 -2.89
C GLU A 619 -5.42 26.87 -3.80
N LEU A 620 -4.11 26.66 -3.90
CA LEU A 620 -3.61 25.56 -4.71
C LEU A 620 -3.95 24.21 -4.08
N LEU A 621 -4.01 24.16 -2.75
CA LEU A 621 -4.34 22.92 -2.05
C LEU A 621 -5.78 22.47 -2.32
N LYS A 622 -6.67 23.39 -2.68
CA LYS A 622 -8.04 23.00 -2.98
C LYS A 622 -8.14 22.13 -4.22
N GLN A 623 -7.18 22.20 -5.13
CA GLN A 623 -7.19 21.33 -6.30
C GLN A 623 -7.04 19.87 -5.91
N TYR A 624 -6.43 19.60 -4.76
CA TYR A 624 -6.29 18.26 -4.21
C TYR A 624 -7.47 17.99 -3.27
N THR A 625 -8.64 17.90 -3.89
CA THR A 625 -9.91 17.83 -3.16
C THR A 625 -9.95 16.69 -2.16
N SER A 626 -9.57 15.48 -2.56
CA SER A 626 -9.64 14.32 -1.68
C SER A 626 -8.34 14.03 -0.94
N ALA A 627 -7.29 14.83 -1.14
CA ALA A 627 -6.03 14.56 -0.47
C ALA A 627 -6.14 14.80 1.04
N CYS A 628 -6.51 16.03 1.43
CA CYS A 628 -6.62 16.34 2.85
C CYS A 628 -7.79 15.62 3.51
N LYS A 629 -8.89 15.41 2.78
CA LYS A 629 -10.05 14.72 3.35
C LYS A 629 -9.68 13.32 3.84
N THR A 630 -8.90 12.59 3.05
CA THR A 630 -8.50 11.24 3.43
C THR A 630 -7.58 11.23 4.65
N ILE A 631 -6.64 12.17 4.72
CA ILE A 631 -5.67 12.19 5.81
C ILE A 631 -6.34 12.58 7.13
N GLU A 632 -7.16 13.64 7.10
CA GLU A 632 -7.79 14.10 8.34
C GLU A 632 -8.83 13.11 8.84
N ASP A 633 -9.64 12.54 7.95
CA ASP A 633 -10.65 11.59 8.38
C ASP A 633 -10.05 10.32 8.98
N ALA A 634 -8.98 9.80 8.37
CA ALA A 634 -8.35 8.59 8.90
C ALA A 634 -7.78 8.80 10.29
N LEU A 635 -7.13 9.93 10.55
CA LEU A 635 -6.56 10.18 11.86
C LEU A 635 -7.63 10.53 12.90
N ARG A 636 -8.64 11.30 12.51
CA ARG A 636 -9.69 11.70 13.46
C ARG A 636 -10.59 10.52 13.83
N ASN A 637 -11.02 9.74 12.84
CA ASN A 637 -11.96 8.66 13.13
C ASN A 637 -11.28 7.52 13.89
N SER A 638 -10.04 7.20 13.57
CA SER A 638 -9.35 6.14 14.30
C SER A 638 -9.16 6.50 15.76
N ALA A 639 -8.87 7.77 16.05
CA ALA A 639 -8.72 8.21 17.43
C ALA A 639 -10.04 8.18 18.20
N MET A 640 -11.16 8.55 17.55
CA MET A 640 -12.44 8.53 18.26
C MET A 640 -12.89 7.11 18.57
N LEU A 641 -12.71 6.18 17.62
CA LEU A 641 -13.06 4.79 17.89
C LEU A 641 -12.17 4.21 18.98
N GLU A 642 -10.90 4.57 18.98
CA GLU A 642 -9.97 4.09 20.00
C GLU A 642 -10.39 4.57 21.38
N SER A 643 -10.77 5.83 21.50
CA SER A 643 -11.22 6.38 22.78
C SER A 643 -12.60 5.87 23.17
N ALA A 644 -13.42 5.48 22.20
CA ALA A 644 -14.76 4.97 22.51
C ALA A 644 -14.71 3.57 23.11
N ASP A 645 -13.95 2.67 22.52
CA ASP A 645 -13.92 1.30 23.05
C ASP A 645 -13.02 1.15 24.26
N VAL A 646 -12.09 2.07 24.48
CA VAL A 646 -11.30 2.06 25.72
C VAL A 646 -12.17 2.48 26.89
N SER A 647 -13.02 3.50 26.69
CA SER A 647 -13.92 3.95 27.74
C SER A 647 -15.02 2.94 28.04
N GLU A 648 -15.33 2.05 27.10
CA GLU A 648 -16.32 1.01 27.35
C GLU A 648 -15.76 -0.03 28.31
N MET A 649 -14.47 -0.35 28.19
CA MET A 649 -13.82 -1.34 29.02
C MET A 649 -13.62 -0.90 30.47
N LEU A 650 -13.57 0.40 30.73
CA LEU A 650 -13.30 0.90 32.09
C LEU A 650 -14.55 0.96 32.94
N THR A 651 -14.83 -0.14 33.64
CA THR A 651 -15.93 -0.22 34.59
C THR A 651 -15.41 0.11 35.98
N PHE A 652 -16.35 0.39 36.90
CA PHE A 652 -15.97 0.69 38.27
C PHE A 652 -17.02 0.13 39.23
N ASP A 653 -16.56 -0.26 40.41
CA ASP A 653 -17.44 -0.76 41.47
C ASP A 653 -16.96 -0.20 42.80
N LYS A 654 -17.72 0.73 43.37
CA LYS A 654 -17.35 1.34 44.65
C LYS A 654 -17.30 0.29 45.77
N LYS A 655 -18.23 -0.66 45.74
CA LYS A 655 -18.28 -1.74 46.72
C LYS A 655 -17.00 -2.56 46.73
N ALA A 656 -16.52 -2.96 45.55
CA ALA A 656 -15.31 -3.77 45.46
C ALA A 656 -14.03 -2.96 45.67
N PHE A 657 -14.04 -1.67 45.31
CA PHE A 657 -12.86 -0.84 45.47
C PHE A 657 -12.48 -0.65 46.93
N THR A 658 -13.47 -0.63 47.83
CA THR A 658 -13.19 -0.47 49.25
C THR A 658 -12.37 -1.65 49.81
N LEU A 659 -12.51 -2.83 49.23
CA LEU A 659 -11.80 -4.01 49.70
C LEU A 659 -10.37 -4.12 49.18
N ALA A 660 -9.91 -3.19 48.33
CA ALA A 660 -8.53 -3.20 47.85
C ALA A 660 -7.64 -2.67 48.99
N ASN A 661 -7.36 -3.56 49.94
CA ASN A 661 -6.63 -3.19 51.13
C ASN A 661 -5.83 -4.41 51.58
N VAL A 662 -4.74 -4.17 52.30
CA VAL A 662 -3.90 -5.27 52.78
C VAL A 662 -4.63 -6.13 53.80
N SER A 663 -5.55 -5.54 54.57
CA SER A 663 -6.29 -6.28 55.57
C SER A 663 -7.29 -7.28 54.98
N SER A 664 -7.55 -7.21 53.68
CA SER A 664 -8.49 -8.11 53.02
C SER A 664 -7.85 -9.36 52.42
N PHE A 665 -6.53 -9.52 52.50
CA PHE A 665 -5.88 -10.65 51.85
C PHE A 665 -5.11 -11.57 52.79
N GLY A 666 -5.07 -11.27 54.09
CA GLY A 666 -4.37 -12.14 55.02
C GLY A 666 -2.90 -12.35 54.71
N ASP A 667 -2.49 -13.62 54.70
CA ASP A 667 -1.10 -13.96 54.42
C ASP A 667 -0.65 -13.63 53.01
N TYR A 668 -1.58 -13.44 52.07
CA TYR A 668 -1.20 -13.10 50.71
C TYR A 668 -0.88 -11.61 50.68
N ASN A 669 0.41 -11.27 50.61
CA ASN A 669 0.88 -9.88 50.66
C ASN A 669 0.68 -9.23 49.30
N LEU A 670 -0.46 -8.57 49.13
CA LEU A 670 -0.80 -7.83 47.92
C LEU A 670 -0.47 -6.35 48.02
N SER A 671 0.46 -5.98 48.90
CA SER A 671 0.81 -4.57 49.10
C SER A 671 1.42 -3.93 47.84
N SER A 672 2.07 -4.72 47.00
CA SER A 672 2.69 -4.20 45.78
C SER A 672 1.70 -3.91 44.66
N VAL A 673 0.44 -4.32 44.77
CA VAL A 673 -0.51 -4.13 43.68
C VAL A 673 -1.68 -3.24 44.04
N ILE A 674 -1.99 -3.02 45.31
CA ILE A 674 -3.10 -2.15 45.67
C ILE A 674 -2.77 -0.69 45.39
N PRO A 675 -3.77 0.16 45.11
CA PRO A 675 -3.50 1.57 44.85
C PRO A 675 -2.98 2.30 46.07
N SER A 676 -2.24 3.38 45.81
CA SER A 676 -1.72 4.22 46.87
C SER A 676 -2.73 5.28 47.28
N LEU A 677 -2.58 5.77 48.51
CA LEU A 677 -3.51 6.73 49.08
C LEU A 677 -3.39 8.07 48.35
N PRO A 678 -4.46 8.86 48.29
CA PRO A 678 -4.40 10.17 47.64
C PRO A 678 -3.61 11.18 48.46
N ARG A 679 -2.29 11.19 48.30
CA ARG A 679 -1.38 12.05 49.03
C ARG A 679 -1.82 13.50 49.16
N SER A 680 -2.42 14.07 48.11
CA SER A 680 -2.82 15.48 48.16
C SER A 680 -4.33 15.66 48.11
N GLY A 681 -5.10 14.64 48.45
CA GLY A 681 -6.54 14.77 48.43
C GLY A 681 -7.10 14.99 47.04
N SER A 682 -8.30 15.57 47.02
CA SER A 682 -9.01 15.96 45.80
C SER A 682 -9.09 14.81 44.77
N ARG A 683 -8.85 13.58 45.18
CA ARG A 683 -8.89 12.43 44.29
C ARG A 683 -9.14 11.19 45.14
N VAL A 684 -9.45 10.09 44.47
CA VAL A 684 -9.80 8.85 45.18
C VAL A 684 -8.79 7.72 45.01
N ALA A 685 -7.76 7.87 44.18
CA ALA A 685 -6.84 6.75 44.02
C ALA A 685 -5.43 7.25 43.74
N GLY A 686 -4.56 6.31 43.38
CA GLY A 686 -3.16 6.59 43.08
C GLY A 686 -2.48 5.34 42.56
N ARG A 687 -1.28 5.53 42.03
CA ARG A 687 -0.51 4.43 41.46
C ARG A 687 -0.04 3.46 42.53
N SER A 688 -0.03 2.17 42.20
CA SER A 688 0.47 1.14 43.09
C SER A 688 2.00 1.16 43.14
N ALA A 689 2.58 0.29 43.98
CA ALA A 689 4.02 0.23 44.15
C ALA A 689 4.72 -0.49 43.00
N ILE A 690 3.96 -0.99 42.03
CA ILE A 690 4.52 -1.63 40.84
C ILE A 690 4.30 -0.77 39.60
N GLU A 691 3.20 -0.03 39.55
CA GLU A 691 2.90 0.83 38.41
C GLU A 691 3.91 1.96 38.30
N ASP A 692 4.27 2.58 39.42
CA ASP A 692 5.25 3.67 39.35
C ASP A 692 6.63 3.16 38.98
N ILE A 693 6.95 1.90 39.30
CA ILE A 693 8.23 1.34 38.86
C ILE A 693 8.24 1.16 37.35
N LEU A 694 7.19 0.55 36.80
CA LEU A 694 7.14 0.37 35.35
C LEU A 694 6.99 1.68 34.61
N PHE A 695 6.45 2.71 35.26
CA PHE A 695 6.29 4.03 34.67
C PHE A 695 7.48 4.95 34.87
N SER A 696 8.44 4.58 35.71
CA SER A 696 9.59 5.45 35.93
C SER A 696 10.92 4.76 35.69
N LYS A 697 11.06 3.49 36.07
CA LYS A 697 12.30 2.78 35.81
C LYS A 697 12.53 2.63 34.32
N LEU A 698 11.46 2.60 33.54
CA LEU A 698 11.59 2.59 32.09
C LEU A 698 12.01 3.99 31.62
N VAL A 699 12.67 4.02 30.46
CA VAL A 699 13.23 5.27 29.95
C VAL A 699 12.16 6.33 29.79
N THR A 700 12.45 7.54 30.26
CA THR A 700 11.60 8.70 30.10
C THR A 700 11.79 9.28 28.69
N SER A 701 11.41 8.48 27.70
CA SER A 701 11.61 8.80 26.29
C SER A 701 10.54 9.78 25.80
N GLY A 702 10.65 11.02 26.28
CA GLY A 702 9.74 12.08 25.88
C GLY A 702 10.21 12.80 24.63
N LEU A 703 10.75 12.04 23.67
CA LEU A 703 11.31 12.59 22.45
C LEU A 703 10.26 12.86 21.39
N GLY A 704 9.22 13.62 21.73
CA GLY A 704 8.21 13.98 20.75
C GLY A 704 6.79 13.57 21.07
N THR A 705 6.57 12.35 21.57
CA THR A 705 5.23 11.90 21.91
C THR A 705 4.90 12.36 23.33
N VAL A 706 4.72 13.67 23.46
CA VAL A 706 4.30 14.30 24.71
C VAL A 706 3.06 15.14 24.43
N ASP A 707 2.03 14.94 25.24
CA ASP A 707 0.79 15.73 25.14
C ASP A 707 1.00 17.09 25.83
N ALA A 708 1.98 17.83 25.32
CA ALA A 708 2.47 19.04 25.97
C ALA A 708 1.40 20.12 26.06
N ASP A 709 1.76 21.19 26.75
CA ASP A 709 0.84 22.28 27.05
C ASP A 709 0.69 23.26 25.90
N TYR A 710 -0.56 23.49 25.47
CA TYR A 710 -0.83 24.31 24.29
C TYR A 710 -1.05 25.78 24.62
N LYS A 711 -1.56 26.08 25.82
CA LYS A 711 -1.88 27.45 26.20
C LYS A 711 -0.68 28.36 26.35
N LYS A 712 0.53 27.83 26.42
CA LYS A 712 1.73 28.66 26.49
C LYS A 712 2.36 28.92 25.13
N CYS A 713 1.91 28.24 24.08
CA CYS A 713 2.54 28.36 22.77
C CYS A 713 2.29 29.72 22.13
N THR A 714 1.05 30.21 22.17
CA THR A 714 0.74 31.45 21.48
C THR A 714 1.02 32.72 22.28
N LYS A 715 1.06 32.65 23.62
CA LYS A 715 1.30 33.83 24.44
C LYS A 715 2.53 33.72 25.33
N GLY A 716 3.35 32.70 25.15
CA GLY A 716 4.51 32.53 26.00
C GLY A 716 5.55 33.62 25.81
N LEU A 717 6.37 33.80 26.85
CA LEU A 717 7.44 34.78 26.84
C LEU A 717 8.74 34.23 26.27
N SER A 718 9.02 32.95 26.48
CA SER A 718 10.24 32.33 26.00
C SER A 718 10.06 31.81 24.58
N ILE A 719 11.19 31.54 23.92
CA ILE A 719 11.15 30.98 22.58
C ILE A 719 10.42 29.64 22.64
N ALA A 720 9.70 29.32 21.56
CA ALA A 720 8.86 28.14 21.52
C ALA A 720 9.60 26.84 21.81
N ASP A 721 8.92 25.99 22.58
CA ASP A 721 9.35 24.65 22.97
C ASP A 721 9.23 23.72 21.76
N LEU A 722 9.96 22.61 21.80
CA LEU A 722 9.92 21.63 20.73
C LEU A 722 8.49 21.16 20.45
N ALA A 723 7.67 21.05 21.49
CA ALA A 723 6.28 20.67 21.29
C ALA A 723 5.47 21.79 20.66
N CYS A 724 5.72 23.03 21.05
CA CYS A 724 5.01 24.15 20.43
C CYS A 724 5.40 24.30 18.96
N ALA A 725 6.65 23.98 18.62
CA ALA A 725 7.08 24.04 17.23
C ALA A 725 6.29 23.05 16.37
N GLN A 726 6.00 21.87 16.91
CA GLN A 726 5.16 20.92 16.20
C GLN A 726 3.74 21.45 16.04
N TYR A 727 3.21 22.07 17.08
CA TYR A 727 1.87 22.64 17.01
C TYR A 727 1.78 23.71 15.94
N TYR A 728 2.86 24.46 15.72
CA TYR A 728 2.88 25.46 14.65
C TYR A 728 2.82 24.81 13.27
N ASN A 729 3.22 23.55 13.16
CA ASN A 729 3.15 22.81 11.91
C ASN A 729 1.85 22.02 11.77
N GLY A 730 0.91 22.20 12.69
CA GLY A 730 -0.37 21.53 12.65
C GLY A 730 -0.38 20.14 13.27
N ILE A 731 0.74 19.67 13.79
CA ILE A 731 0.83 18.36 14.42
C ILE A 731 0.62 18.56 15.92
N MET A 732 -0.51 18.06 16.43
CA MET A 732 -0.84 18.22 17.84
C MET A 732 -1.16 16.87 18.46
N VAL A 733 -0.49 16.55 19.55
CA VAL A 733 -0.64 15.28 20.25
C VAL A 733 -1.70 15.41 21.33
N LEU A 734 -2.80 14.67 21.19
CA LEU A 734 -3.88 14.71 22.16
C LEU A 734 -3.50 13.97 23.45
N PRO A 735 -4.13 14.30 24.57
CA PRO A 735 -3.83 13.62 25.83
C PRO A 735 -4.13 12.12 25.77
N GLY A 736 -3.36 11.36 26.55
CA GLY A 736 -3.52 9.92 26.55
C GLY A 736 -4.93 9.51 26.99
N VAL A 737 -5.44 8.48 26.32
CA VAL A 737 -6.80 8.01 26.59
C VAL A 737 -6.90 7.36 27.96
N ALA A 738 -5.94 6.50 28.29
CA ALA A 738 -5.89 5.78 29.57
C ALA A 738 -5.41 6.74 30.66
N ASP A 739 -6.36 7.47 31.22
CA ASP A 739 -6.06 8.45 32.26
C ASP A 739 -5.51 7.74 33.50
N ALA A 740 -4.59 8.42 34.18
CA ALA A 740 -3.94 7.87 35.37
C ALA A 740 -4.94 7.61 36.50
N GLU A 741 -5.95 8.48 36.65
CA GLU A 741 -6.94 8.27 37.69
C GLU A 741 -7.92 7.15 37.37
N ARG A 742 -8.41 7.07 36.13
CA ARG A 742 -9.34 6.00 35.79
C ARG A 742 -8.66 4.65 35.88
N MET A 743 -7.36 4.59 35.59
CA MET A 743 -6.65 3.32 35.67
C MET A 743 -6.64 2.78 37.09
N ALA A 744 -6.30 3.64 38.07
CA ALA A 744 -6.22 3.17 39.45
C ALA A 744 -7.59 2.76 40.00
N MET A 745 -8.65 3.46 39.59
CA MET A 745 -9.99 3.07 39.99
C MET A 745 -10.39 1.73 39.38
N TYR A 746 -10.03 1.53 38.11
CA TYR A 746 -10.37 0.31 37.40
C TYR A 746 -9.61 -0.90 37.95
N THR A 747 -8.30 -0.77 38.11
CA THR A 747 -7.50 -1.88 38.63
C THR A 747 -7.78 -2.14 40.10
N GLY A 748 -8.00 -1.08 40.89
CA GLY A 748 -8.32 -1.27 42.29
C GLY A 748 -9.63 -2.02 42.50
N SER A 749 -10.63 -1.76 41.67
CA SER A 749 -11.89 -2.49 41.79
C SER A 749 -11.72 -3.96 41.47
N LEU A 750 -10.95 -4.27 40.42
CA LEU A 750 -10.75 -5.67 40.04
C LEU A 750 -9.99 -6.45 41.11
N ILE A 751 -8.96 -5.84 41.70
CA ILE A 751 -8.21 -6.52 42.76
C ILE A 751 -9.10 -6.80 43.96
N GLY A 752 -9.95 -5.84 44.32
CA GLY A 752 -10.87 -6.03 45.43
C GLY A 752 -11.97 -7.04 45.18
N GLY A 753 -12.25 -7.35 43.91
CA GLY A 753 -13.29 -8.32 43.60
C GLY A 753 -12.97 -9.72 44.08
N ILE A 754 -11.67 -10.05 44.21
CA ILE A 754 -11.26 -11.36 44.67
C ILE A 754 -11.62 -11.61 46.13
N ALA A 755 -11.81 -10.55 46.91
CA ALA A 755 -12.22 -10.67 48.31
C ALA A 755 -13.71 -10.82 48.51
N LEU A 756 -14.53 -10.64 47.47
CA LEU A 756 -15.97 -10.79 47.59
C LEU A 756 -16.34 -12.26 47.63
N GLY A 757 -17.28 -12.61 48.51
CA GLY A 757 -17.69 -13.99 48.64
C GLY A 757 -19.19 -14.22 48.59
N GLY A 758 -19.94 -13.19 48.20
CA GLY A 758 -21.38 -13.34 48.14
C GLY A 758 -22.07 -13.36 49.49
N LEU A 759 -21.43 -12.84 50.53
CA LEU A 759 -22.06 -12.79 51.84
C LEU A 759 -23.12 -11.71 51.90
N THR A 760 -24.14 -11.96 52.71
CA THR A 760 -25.18 -10.98 52.97
C THR A 760 -24.58 -9.78 53.68
N SER A 761 -25.13 -8.60 53.39
CA SER A 761 -24.68 -7.31 53.92
C SER A 761 -23.25 -6.98 53.52
N ALA A 762 -22.76 -7.57 52.43
CA ALA A 762 -21.44 -7.27 51.87
C ALA A 762 -20.29 -7.59 52.81
N ALA A 763 -20.49 -8.46 53.80
CA ALA A 763 -19.39 -8.77 54.70
C ALA A 763 -18.26 -9.44 53.93
N SER A 764 -17.02 -9.14 54.32
CA SER A 764 -15.86 -9.72 53.69
C SER A 764 -15.47 -11.03 54.36
N ILE A 765 -15.14 -12.03 53.55
CA ILE A 765 -14.68 -13.33 54.04
C ILE A 765 -13.18 -13.31 54.27
N PRO A 766 -12.65 -14.15 55.16
CA PRO A 766 -11.20 -14.31 55.25
C PRO A 766 -10.66 -14.78 53.91
N PHE A 767 -9.50 -14.26 53.52
CA PHE A 767 -8.96 -14.61 52.21
C PHE A 767 -8.57 -16.07 52.11
N SER A 768 -8.33 -16.75 53.22
CA SER A 768 -8.07 -18.19 53.18
C SER A 768 -9.28 -18.97 52.67
N LEU A 769 -10.48 -18.41 52.82
CA LEU A 769 -11.70 -19.03 52.34
C LEU A 769 -11.98 -18.69 50.88
N ALA A 770 -11.41 -17.60 50.37
CA ALA A 770 -11.53 -17.28 48.96
C ALA A 770 -10.68 -18.23 48.12
N ILE A 771 -9.47 -18.55 48.59
CA ILE A 771 -8.63 -19.51 47.90
C ILE A 771 -9.25 -20.90 47.95
N GLN A 772 -9.82 -21.28 49.09
CA GLN A 772 -10.47 -22.58 49.21
C GLN A 772 -11.64 -22.71 48.25
N SER A 773 -12.40 -21.63 48.07
CA SER A 773 -13.52 -21.65 47.14
C SER A 773 -13.05 -21.85 45.70
N ARG A 774 -11.95 -21.19 45.33
CA ARG A 774 -11.41 -21.33 43.98
C ARG A 774 -10.75 -22.69 43.78
N LEU A 775 -10.26 -23.31 44.86
CA LEU A 775 -9.72 -24.67 44.75
C LEU A 775 -10.84 -25.67 44.53
N ASN A 776 -12.00 -25.46 45.16
CA ASN A 776 -13.14 -26.36 44.98
C ASN A 776 -13.63 -26.35 43.54
N TYR A 777 -13.40 -25.25 42.82
CA TYR A 777 -13.76 -25.19 41.41
C TYR A 777 -12.90 -26.14 40.59
N VAL A 778 -11.68 -26.41 41.04
CA VAL A 778 -10.81 -27.34 40.33
C VAL A 778 -11.20 -28.78 40.64
N ALA A 779 -11.31 -29.10 41.93
CA ALA A 779 -11.74 -30.42 42.38
C ALA A 779 -12.36 -30.28 43.77
N LEU A 780 -13.40 -31.06 44.03
CA LEU A 780 -14.09 -31.01 45.31
C LEU A 780 -13.11 -31.31 46.44
N GLN A 781 -12.92 -30.35 47.33
CA GLN A 781 -11.97 -30.48 48.42
C GLN A 781 -12.54 -31.28 49.59
N THR A 782 -11.80 -32.29 50.02
CA THR A 782 -12.21 -33.13 51.15
C THR A 782 -11.38 -32.87 52.41
N ASP A 783 -10.30 -32.11 52.32
CA ASP A 783 -9.50 -31.76 53.48
C ASP A 783 -10.24 -30.80 54.41
N VAL A 784 -10.15 -31.08 55.70
CA VAL A 784 -10.84 -30.30 56.72
C VAL A 784 -9.91 -29.30 57.40
N LEU A 785 -8.67 -29.70 57.69
CA LEU A 785 -7.75 -28.79 58.39
C LEU A 785 -7.23 -27.66 57.50
N GLN A 786 -7.21 -27.85 56.19
CA GLN A 786 -6.73 -26.80 55.27
C GLN A 786 -5.30 -26.37 55.57
N GLU A 787 -4.44 -27.32 55.94
CA GLU A 787 -3.06 -26.96 56.20
C GLU A 787 -2.33 -26.52 54.94
N ASN A 788 -2.79 -26.96 53.77
CA ASN A 788 -2.14 -26.59 52.51
C ASN A 788 -2.18 -25.09 52.24
N GLN A 789 -3.04 -24.34 52.93
CA GLN A 789 -3.07 -22.89 52.73
C GLN A 789 -1.75 -22.24 53.12
N ARG A 790 -1.07 -22.76 54.13
CA ARG A 790 0.19 -22.19 54.59
C ARG A 790 1.29 -22.27 53.53
N ILE A 791 1.44 -23.44 52.89
CA ILE A 791 2.49 -23.58 51.88
C ILE A 791 2.14 -22.77 50.63
N LEU A 792 0.86 -22.69 50.28
CA LEU A 792 0.46 -21.90 49.12
C LEU A 792 0.73 -20.42 49.34
N ALA A 793 0.41 -19.90 50.52
CA ALA A 793 0.64 -18.49 50.81
C ALA A 793 2.14 -18.17 50.86
N ALA A 794 2.93 -19.05 51.48
CA ALA A 794 4.37 -18.83 51.56
C ALA A 794 5.02 -18.81 50.17
N SER A 795 4.54 -19.68 49.27
CA SER A 795 5.08 -19.70 47.91
C SER A 795 4.67 -18.46 47.13
N PHE A 796 3.44 -17.99 47.32
CA PHE A 796 2.98 -16.80 46.61
C PHE A 796 3.78 -15.57 47.02
N ASN A 797 4.04 -15.41 48.33
CA ASN A 797 4.81 -14.27 48.80
C ASN A 797 6.22 -14.27 48.25
N LYS A 798 6.81 -15.44 48.10
CA LYS A 798 8.16 -15.53 47.52
C LYS A 798 8.15 -15.11 46.06
N ALA A 799 7.14 -15.52 45.30
CA ALA A 799 7.06 -15.16 43.89
C ALA A 799 6.85 -13.67 43.70
N MET A 800 6.05 -13.05 44.57
CA MET A 800 5.83 -11.61 44.48
C MET A 800 7.12 -10.84 44.68
N THR A 801 7.94 -11.23 45.65
CA THR A 801 9.20 -10.54 45.89
C THR A 801 10.15 -10.68 44.70
N ASN A 802 10.29 -11.89 44.18
CA ASN A 802 11.18 -12.11 43.05
C ASN A 802 10.73 -11.34 41.82
N ILE A 803 9.41 -11.16 41.64
CA ILE A 803 8.89 -10.40 40.51
C ILE A 803 9.19 -8.91 40.67
N VAL A 804 9.00 -8.38 41.89
CA VAL A 804 9.26 -6.96 42.15
C VAL A 804 10.74 -6.64 41.95
N ASP A 805 11.62 -7.50 42.45
CA ASP A 805 13.06 -7.32 42.24
C ASP A 805 13.41 -7.39 40.76
N ALA A 806 12.76 -8.30 40.02
CA ALA A 806 13.01 -8.42 38.60
C ALA A 806 12.53 -7.18 37.85
N PHE A 807 11.42 -6.57 38.29
CA PHE A 807 10.95 -5.35 37.64
C PHE A 807 11.91 -4.20 37.83
N THR A 808 12.48 -4.06 39.03
CA THR A 808 13.43 -2.99 39.30
C THR A 808 14.78 -3.25 38.65
N GLY A 809 15.02 -4.46 38.17
CA GLY A 809 16.25 -4.82 37.48
C GLY A 809 17.44 -5.10 38.37
N VAL A 810 17.24 -5.30 39.67
CA VAL A 810 18.36 -5.55 40.57
C VAL A 810 18.87 -6.98 40.45
N ASN A 811 18.16 -7.84 39.71
CA ASN A 811 18.56 -9.21 39.47
C ASN A 811 18.33 -9.55 38.00
N ASP A 812 18.68 -8.62 37.12
CA ASP A 812 18.43 -8.77 35.69
C ASP A 812 19.23 -9.92 35.07
N ALA A 813 20.49 -10.08 35.45
CA ALA A 813 21.35 -11.13 34.89
C ALA A 813 20.98 -12.53 35.35
N ILE A 814 20.16 -12.68 36.38
CA ILE A 814 19.82 -14.00 36.90
C ILE A 814 18.30 -14.22 36.79
N THR A 815 17.70 -13.65 35.75
CA THR A 815 16.28 -13.85 35.51
C THR A 815 15.97 -15.19 34.85
N GLN A 816 16.95 -15.79 34.19
CA GLN A 816 16.78 -17.08 33.53
C GLN A 816 16.74 -18.26 34.50
N THR A 817 17.09 -18.04 35.77
CA THR A 817 17.11 -19.12 36.74
C THR A 817 15.75 -19.79 36.91
N SER A 818 14.67 -19.11 36.54
CA SER A 818 13.35 -19.71 36.59
C SER A 818 12.49 -19.12 35.48
N GLN A 819 11.60 -19.96 34.93
CA GLN A 819 10.73 -19.53 33.86
C GLN A 819 9.73 -18.47 34.32
N ALA A 820 9.42 -18.42 35.61
CA ALA A 820 8.55 -17.37 36.11
C ALA A 820 9.21 -16.01 35.94
N LEU A 821 10.51 -15.93 36.23
CA LEU A 821 11.27 -14.71 36.03
C LEU A 821 11.62 -14.49 34.57
N GLN A 822 11.55 -15.55 33.75
CA GLN A 822 11.74 -15.40 32.31
C GLN A 822 10.59 -14.63 31.68
N THR A 823 9.36 -14.86 32.15
CA THR A 823 8.23 -14.10 31.64
C THR A 823 8.34 -12.62 32.00
N VAL A 824 9.04 -12.32 33.09
CA VAL A 824 9.25 -10.92 33.46
C VAL A 824 10.18 -10.24 32.45
N ALA A 825 11.20 -10.96 32.00
CA ALA A 825 12.09 -10.41 30.97
C ALA A 825 11.33 -10.19 29.68
N THR A 826 10.45 -11.11 29.31
CA THR A 826 9.64 -10.93 28.10
C THR A 826 8.74 -9.71 28.24
N ALA A 827 8.15 -9.51 29.42
CA ALA A 827 7.29 -8.35 29.65
C ALA A 827 8.07 -7.05 29.58
N LEU A 828 9.26 -7.01 30.20
CA LEU A 828 10.09 -5.81 30.13
C LEU A 828 10.53 -5.51 28.71
N ASN A 829 10.85 -6.55 27.94
CA ASN A 829 11.24 -6.36 26.54
C ASN A 829 10.13 -5.71 25.72
N LYS A 830 8.89 -6.13 25.95
CA LYS A 830 7.78 -5.53 25.21
C LYS A 830 7.47 -4.12 25.68
N ILE A 831 7.59 -3.85 26.98
CA ILE A 831 7.32 -2.51 27.48
C ILE A 831 8.39 -1.54 27.00
N GLN A 832 9.65 -1.99 26.98
CA GLN A 832 10.75 -1.14 26.53
C GLN A 832 10.60 -0.77 25.06
N ASP A 833 10.12 -1.71 24.24
CA ASP A 833 9.90 -1.41 22.83
C ASP A 833 8.81 -0.37 22.62
N VAL A 834 7.71 -0.46 23.38
CA VAL A 834 6.61 0.49 23.24
C VAL A 834 7.06 1.91 23.55
N VAL A 835 7.85 2.09 24.61
CA VAL A 835 8.35 3.41 24.98
C VAL A 835 9.33 3.96 23.95
N ASN A 836 10.28 3.14 23.47
CA ASN A 836 11.27 3.62 22.52
C ASN A 836 10.69 3.95 21.14
N GLN A 837 9.76 3.14 20.65
CA GLN A 837 9.20 3.37 19.32
C GLN A 837 8.08 4.40 19.28
N GLN A 838 7.71 4.99 20.42
CA GLN A 838 6.56 5.89 20.46
C GLN A 838 6.69 7.08 19.51
N GLY A 839 7.80 7.81 19.58
CA GLY A 839 7.99 9.02 18.80
C GLY A 839 8.72 8.94 17.47
N ASN A 840 9.03 7.75 16.96
CA ASN A 840 9.78 7.66 15.72
C ASN A 840 9.06 8.31 14.55
N SER A 841 7.74 8.11 14.45
CA SER A 841 6.98 8.68 13.33
C SER A 841 6.88 10.20 13.39
N LEU A 842 6.86 10.79 14.58
CA LEU A 842 6.77 12.25 14.68
C LEU A 842 8.06 12.94 14.20
N ASN A 843 9.22 12.42 14.60
CA ASN A 843 10.48 13.01 14.14
C ASN A 843 10.62 12.91 12.63
N HIS A 844 10.22 11.79 12.06
CA HIS A 844 10.25 11.64 10.61
C HIS A 844 9.30 12.63 9.94
N LEU A 845 8.09 12.76 10.46
CA LEU A 845 7.09 13.65 9.88
C LEU A 845 7.52 15.12 9.93
N THR A 846 8.14 15.55 11.03
CA THR A 846 8.58 16.94 11.13
C THR A 846 9.87 17.22 10.38
N SER A 847 10.75 16.23 10.21
CA SER A 847 11.99 16.47 9.49
C SER A 847 11.79 16.59 7.99
N GLN A 848 10.70 16.06 7.45
CA GLN A 848 10.45 16.15 6.01
C GLN A 848 10.12 17.56 5.54
N LEU A 849 9.93 18.51 6.46
CA LEU A 849 9.63 19.88 6.04
C LEU A 849 10.85 20.60 5.49
N ARG A 850 12.05 20.07 5.75
CA ARG A 850 13.29 20.63 5.22
C ARG A 850 13.49 20.31 3.75
N GLN A 851 12.82 19.28 3.25
CA GLN A 851 13.02 18.82 1.88
C GLN A 851 12.62 19.87 0.85
N ASN A 852 13.39 19.93 -0.24
CA ASN A 852 13.13 20.85 -1.34
C ASN A 852 12.26 20.22 -2.43
N PHE A 853 12.35 18.90 -2.60
CA PHE A 853 11.61 18.18 -3.63
C PHE A 853 11.88 18.75 -5.02
N GLN A 854 13.15 19.06 -5.29
CA GLN A 854 13.60 19.66 -6.53
C GLN A 854 13.03 21.05 -6.79
N ALA A 855 12.52 21.70 -5.74
CA ALA A 855 12.08 23.08 -5.90
C ALA A 855 13.24 24.01 -5.59
N ILE A 856 13.02 25.31 -5.81
CA ILE A 856 14.09 26.28 -5.56
C ILE A 856 14.40 26.34 -4.07
N SER A 857 13.40 26.25 -3.22
CA SER A 857 13.61 26.30 -1.78
C SER A 857 12.47 25.60 -1.08
N SER A 858 12.72 25.22 0.17
CA SER A 858 11.70 24.58 1.00
C SER A 858 10.73 25.57 1.62
N SER A 859 11.03 26.87 1.54
CA SER A 859 10.15 27.90 2.10
C SER A 859 9.19 28.37 1.01
N ILE A 860 7.89 28.23 1.26
CA ILE A 860 6.90 28.64 0.27
C ILE A 860 6.98 30.14 0.02
N GLN A 861 7.16 30.93 1.08
CA GLN A 861 7.28 32.38 0.92
C GLN A 861 8.54 32.77 0.17
N ALA A 862 9.63 32.03 0.35
CA ALA A 862 10.87 32.31 -0.35
C ALA A 862 10.77 32.08 -1.86
N ILE A 863 9.73 31.39 -2.32
CA ILE A 863 9.52 31.18 -3.75
C ILE A 863 8.76 32.33 -4.38
N TYR A 864 7.68 32.77 -3.73
CA TYR A 864 6.91 33.89 -4.26
C TYR A 864 7.67 35.20 -4.17
N ASP A 865 8.70 35.28 -3.35
CA ASP A 865 9.55 36.46 -3.24
C ASP A 865 10.74 36.40 -4.19
N ARG A 866 10.81 35.37 -5.04
CA ARG A 866 11.93 35.22 -5.95
C ARG A 866 11.53 34.79 -7.36
N LEU A 867 10.24 34.61 -7.63
CA LEU A 867 9.74 34.20 -8.94
C LEU A 867 8.39 34.83 -9.19
N ASP A 868 8.04 34.96 -10.46
CA ASP A 868 6.76 35.50 -10.85
C ASP A 868 5.63 34.51 -10.56
N PRO A 869 4.39 35.00 -10.44
CA PRO A 869 3.26 34.12 -10.10
C PRO A 869 3.10 32.90 -11.00
N PRO A 870 3.10 33.05 -12.33
CA PRO A 870 2.90 31.84 -13.16
C PRO A 870 4.03 30.81 -13.06
N GLN A 871 5.27 31.22 -12.87
CA GLN A 871 6.36 30.25 -12.77
C GLN A 871 6.59 29.76 -11.35
N ALA A 872 6.27 30.57 -10.35
CA ALA A 872 6.43 30.15 -8.96
C ALA A 872 5.45 29.06 -8.58
N ASP A 873 4.28 29.06 -9.21
CA ASP A 873 3.24 28.07 -8.91
C ASP A 873 3.72 26.65 -9.21
N GLN A 874 4.39 26.45 -10.34
CA GLN A 874 4.89 25.13 -10.69
C GLN A 874 5.94 24.64 -9.71
N GLN A 875 6.65 25.56 -9.05
CA GLN A 875 7.63 25.15 -8.06
C GLN A 875 6.97 24.82 -6.73
N VAL A 876 5.97 25.60 -6.32
CA VAL A 876 5.25 25.33 -5.08
C VAL A 876 4.52 24.00 -5.18
N ASP A 877 4.01 23.67 -6.37
CA ASP A 877 3.31 22.40 -6.58
C ASP A 877 4.19 21.21 -6.21
N ARG A 878 5.52 21.33 -6.33
CA ARG A 878 6.39 20.23 -5.93
C ARG A 878 6.40 20.05 -4.42
N LEU A 879 6.32 21.15 -3.69
CA LEU A 879 6.24 21.07 -2.22
C LEU A 879 4.92 20.46 -1.77
N ILE A 880 3.83 20.78 -2.47
CA ILE A 880 2.53 20.24 -2.10
C ILE A 880 2.49 18.73 -2.28
N THR A 881 2.90 18.24 -3.45
CA THR A 881 2.87 16.80 -3.71
C THR A 881 3.83 16.04 -2.80
N GLY A 882 5.02 16.59 -2.57
CA GLY A 882 5.98 15.93 -1.70
C GLY A 882 5.52 15.83 -0.25
N ARG A 883 4.92 16.90 0.26
CA ARG A 883 4.45 16.90 1.65
C ARG A 883 3.21 16.04 1.82
N LEU A 884 2.32 15.99 0.82
CA LEU A 884 1.17 15.10 0.91
C LEU A 884 1.62 13.64 0.91
N ALA A 885 2.67 13.32 0.15
CA ALA A 885 3.20 11.96 0.17
C ALA A 885 3.76 11.62 1.56
N ALA A 886 4.39 12.58 2.20
CA ALA A 886 4.89 12.37 3.56
C ALA A 886 3.75 12.08 4.52
N LEU A 887 2.63 12.79 4.39
CA LEU A 887 1.47 12.53 5.23
C LEU A 887 0.86 11.16 4.96
N ASN A 888 0.84 10.74 3.70
CA ASN A 888 0.30 9.41 3.38
C ASN A 888 1.13 8.31 4.01
N VAL A 889 2.45 8.48 4.04
CA VAL A 889 3.32 7.50 4.69
C VAL A 889 3.04 7.45 6.19
N PHE A 890 2.84 8.63 6.80
CA PHE A 890 2.53 8.69 8.22
C PHE A 890 1.21 8.02 8.55
N VAL A 891 0.18 8.23 7.72
CA VAL A 891 -1.12 7.61 7.96
C VAL A 891 -1.02 6.09 7.87
N SER A 892 -0.20 5.58 6.96
CA SER A 892 -0.03 4.14 6.84
C SER A 892 0.59 3.54 8.11
N HIS A 893 1.58 4.21 8.69
CA HIS A 893 2.18 3.73 9.93
C HIS A 893 1.20 3.75 11.09
N THR A 894 0.44 4.84 11.21
CA THR A 894 -0.51 4.97 12.33
C THR A 894 -1.67 3.98 12.23
N LEU A 895 -2.25 3.82 11.04
CA LEU A 895 -3.36 2.88 10.89
C LEU A 895 -2.93 1.46 11.19
N THR A 896 -1.71 1.09 10.79
CA THR A 896 -1.20 -0.24 11.11
C THR A 896 -1.04 -0.43 12.61
N LYS A 897 -0.56 0.60 13.30
CA LYS A 897 -0.46 0.54 14.76
C LYS A 897 -1.82 0.41 15.43
N TYR A 898 -2.83 1.12 14.92
CA TYR A 898 -4.16 0.99 15.51
C TYR A 898 -4.73 -0.41 15.31
N THR A 899 -4.43 -1.05 14.19
CA THR A 899 -4.90 -2.41 13.96
C THR A 899 -4.24 -3.39 14.93
N GLU A 900 -2.93 -3.25 15.14
CA GLU A 900 -2.22 -4.09 16.09
C GLU A 900 -2.72 -3.87 17.52
N VAL A 901 -2.86 -2.60 17.93
CA VAL A 901 -3.33 -2.31 19.29
C VAL A 901 -4.77 -2.77 19.51
N ARG A 902 -5.63 -2.68 18.49
CA ARG A 902 -7.00 -3.15 18.67
C ARG A 902 -7.05 -4.66 18.95
N ALA A 903 -6.26 -5.44 18.24
CA ALA A 903 -6.24 -6.88 18.48
C ALA A 903 -5.74 -7.21 19.88
N SER A 904 -4.69 -6.51 20.32
CA SER A 904 -4.17 -6.72 21.67
C SER A 904 -5.15 -6.26 22.74
N ARG A 905 -5.90 -5.18 22.47
CA ARG A 905 -6.90 -4.70 23.42
C ARG A 905 -8.05 -5.69 23.58
N GLN A 906 -8.51 -6.28 22.49
CA GLN A 906 -9.58 -7.27 22.57
C GLN A 906 -9.13 -8.53 23.30
N LEU A 907 -7.86 -8.89 23.20
CA LEU A 907 -7.35 -10.02 23.96
C LEU A 907 -7.29 -9.67 25.44
N ALA A 908 -6.93 -8.43 25.75
CA ALA A 908 -6.90 -7.98 27.14
C ALA A 908 -8.29 -8.00 27.76
N GLN A 909 -9.30 -7.62 26.99
CA GLN A 909 -10.67 -7.68 27.49
C GLN A 909 -11.09 -9.11 27.80
N GLN A 910 -10.71 -10.06 26.96
CA GLN A 910 -11.01 -11.47 27.23
C GLN A 910 -10.31 -11.96 28.49
N LYS A 911 -9.07 -11.54 28.72
CA LYS A 911 -8.35 -11.96 29.92
C LYS A 911 -8.88 -11.28 31.18
N VAL A 912 -9.43 -10.08 31.08
CA VAL A 912 -10.04 -9.45 32.24
C VAL A 912 -11.33 -10.18 32.62
N ASN A 913 -12.13 -10.55 31.63
CA ASN A 913 -13.40 -11.24 31.90
C ASN A 913 -13.22 -12.70 32.28
N GLU A 914 -12.24 -13.39 31.70
CA GLU A 914 -12.08 -14.82 31.94
C GLU A 914 -10.97 -15.20 32.92
N CYS A 915 -9.97 -14.36 33.14
CA CYS A 915 -8.91 -14.69 34.10
C CYS A 915 -8.97 -13.85 35.37
N VAL A 916 -9.48 -12.63 35.31
CA VAL A 916 -9.52 -11.76 36.49
C VAL A 916 -10.89 -11.83 37.18
N LYS A 917 -11.95 -11.57 36.44
CA LYS A 917 -13.29 -11.64 37.03
C LYS A 917 -13.72 -13.07 37.30
N SER A 918 -13.39 -14.00 36.41
CA SER A 918 -13.77 -15.40 36.57
C SER A 918 -12.52 -16.25 36.78
N GLN A 919 -12.74 -17.55 36.90
CA GLN A 919 -11.68 -18.55 36.95
C GLN A 919 -11.79 -19.37 35.68
N SER A 920 -10.67 -19.56 35.00
CA SER A 920 -10.66 -20.25 33.72
C SER A 920 -10.15 -21.68 33.80
N LYS A 921 -10.71 -22.52 32.95
CA LYS A 921 -10.25 -23.90 32.77
C LYS A 921 -9.70 -24.11 31.37
N ARG A 922 -9.73 -23.08 30.52
CA ARG A 922 -9.12 -23.15 29.20
C ARG A 922 -7.61 -23.22 29.40
N TYR A 923 -7.03 -24.37 29.09
CA TYR A 923 -5.60 -24.57 29.32
C TYR A 923 -4.76 -23.57 28.54
N GLY A 924 -3.80 -22.95 29.23
CA GLY A 924 -2.87 -22.01 28.65
C GLY A 924 -3.37 -20.61 28.44
N PHE A 925 -4.65 -20.33 28.70
CA PHE A 925 -5.15 -18.99 28.47
C PHE A 925 -4.71 -18.02 29.56
N CYS A 926 -4.63 -18.47 30.80
CA CYS A 926 -4.22 -17.64 31.92
C CYS A 926 -2.94 -18.18 32.54
N GLY A 927 -1.94 -18.45 31.70
CA GLY A 927 -0.71 -19.09 32.13
C GLY A 927 -0.83 -20.60 32.04
N ASN A 928 0.30 -21.29 32.13
CA ASN A 928 0.13 -22.73 32.12
C ASN A 928 -0.30 -23.23 33.49
N GLY A 929 -0.72 -24.48 33.56
CA GLY A 929 -1.13 -25.07 34.81
C GLY A 929 -2.56 -24.73 35.20
N THR A 930 -2.87 -25.00 36.46
CA THR A 930 -4.22 -24.77 36.98
C THR A 930 -4.34 -23.34 37.50
N HIS A 931 -5.20 -22.57 36.85
CA HIS A 931 -5.46 -21.18 37.19
C HIS A 931 -6.22 -21.06 38.50
N ILE A 932 -5.85 -20.07 39.32
CA ILE A 932 -6.53 -19.81 40.58
C ILE A 932 -7.15 -18.42 40.53
N PHE A 933 -6.31 -17.40 40.37
CA PHE A 933 -6.79 -16.03 40.25
C PHE A 933 -5.71 -15.20 39.55
N SER A 934 -6.12 -14.06 39.01
CA SER A 934 -5.20 -13.15 38.34
C SER A 934 -5.34 -11.75 38.91
N LEU A 935 -4.26 -10.97 38.77
CA LEU A 935 -4.21 -9.59 39.19
C LEU A 935 -3.84 -8.74 37.98
N VAL A 936 -4.27 -7.47 37.98
CA VAL A 936 -3.99 -6.56 36.88
C VAL A 936 -3.53 -5.21 37.43
N ASN A 937 -2.57 -4.61 36.75
CA ASN A 937 -2.05 -3.30 37.11
C ASN A 937 -1.81 -2.49 35.85
N ALA A 938 -1.76 -1.17 36.01
CA ALA A 938 -1.51 -0.30 34.89
C ALA A 938 -0.05 -0.41 34.44
N ALA A 939 0.17 -0.07 33.18
CA ALA A 939 1.50 -0.08 32.57
C ALA A 939 1.51 0.92 31.43
N PRO A 940 2.70 1.35 30.98
CA PRO A 940 2.75 2.29 29.86
C PRO A 940 1.99 1.80 28.63
N GLU A 941 0.95 2.54 28.25
CA GLU A 941 0.09 2.26 27.11
C GLU A 941 -0.66 0.93 27.21
N GLY A 942 -0.67 0.29 28.36
CA GLY A 942 -1.28 -1.02 28.46
C GLY A 942 -1.57 -1.47 29.86
N LEU A 943 -1.77 -2.78 29.99
CA LEU A 943 -2.02 -3.46 31.26
C LEU A 943 -1.00 -4.57 31.45
N VAL A 944 -0.75 -4.91 32.71
CA VAL A 944 0.11 -6.02 33.09
C VAL A 944 -0.69 -6.99 33.94
N PHE A 945 -0.62 -8.27 33.60
CA PHE A 945 -1.35 -9.33 34.28
C PHE A 945 -0.41 -10.24 35.05
N LEU A 946 -0.81 -10.59 36.28
CA LEU A 946 -0.06 -11.52 37.13
C LEU A 946 -0.97 -12.73 37.34
N HIS A 947 -0.66 -13.81 36.62
CA HIS A 947 -1.45 -15.04 36.67
C HIS A 947 -0.92 -15.98 37.74
N THR A 948 -1.75 -16.24 38.75
CA THR A 948 -1.38 -17.16 39.83
C THR A 948 -1.87 -18.55 39.46
N VAL A 949 -0.93 -19.49 39.32
CA VAL A 949 -1.23 -20.86 38.91
C VAL A 949 -0.59 -21.83 39.88
N LEU A 950 -1.11 -23.06 39.88
CA LEU A 950 -0.59 -24.13 40.72
C LEU A 950 0.24 -25.08 39.86
N LEU A 951 1.42 -25.45 40.36
CA LEU A 951 2.28 -26.41 39.70
C LEU A 951 2.43 -27.66 40.56
N PRO A 952 2.21 -28.85 40.02
CA PRO A 952 2.37 -30.07 40.81
C PRO A 952 3.85 -30.36 41.07
N THR A 953 4.16 -30.69 42.32
CA THR A 953 5.53 -30.98 42.72
C THR A 953 5.79 -32.43 43.10
N GLN A 954 4.80 -33.13 43.63
CA GLN A 954 4.96 -34.53 43.99
C GLN A 954 3.72 -35.30 43.54
N TYR A 955 3.91 -36.61 43.34
CA TYR A 955 2.86 -37.50 42.89
C TYR A 955 2.69 -38.65 43.85
N LYS A 956 1.47 -39.16 43.95
CA LYS A 956 1.15 -40.31 44.79
C LYS A 956 0.62 -41.43 43.91
N ASP A 957 1.31 -42.56 43.89
CA ASP A 957 0.90 -43.71 43.11
C ASP A 957 -0.15 -44.52 43.87
N VAL A 958 -1.21 -44.92 43.17
CA VAL A 958 -2.27 -45.72 43.78
C VAL A 958 -2.67 -46.85 42.84
N GLU A 959 -3.14 -47.94 43.44
CA GLU A 959 -3.61 -49.13 42.72
C GLU A 959 -5.09 -48.92 42.39
N ALA A 960 -5.35 -48.41 41.19
CA ALA A 960 -6.70 -48.10 40.76
C ALA A 960 -7.41 -49.28 40.12
N TRP A 961 -8.74 -49.19 40.09
CA TRP A 961 -9.63 -50.20 39.53
C TRP A 961 -10.64 -49.54 38.61
N SER A 962 -11.00 -50.25 37.55
CA SER A 962 -11.91 -49.71 36.54
C SER A 962 -13.37 -49.70 36.98
N GLY A 963 -13.79 -50.62 37.84
CA GLY A 963 -15.18 -50.64 38.26
C GLY A 963 -15.45 -51.81 39.18
N LEU A 964 -16.74 -51.98 39.48
CA LEU A 964 -17.22 -53.05 40.35
C LEU A 964 -18.08 -54.03 39.56
N CYS A 965 -18.06 -55.29 39.98
CA CYS A 965 -18.90 -56.32 39.37
C CYS A 965 -19.48 -57.14 40.53
N VAL A 966 -20.72 -56.86 40.90
CA VAL A 966 -21.35 -57.49 42.05
C VAL A 966 -22.14 -58.71 41.59
N ASP A 967 -21.85 -59.85 42.21
CA ASP A 967 -22.51 -61.14 41.96
C ASP A 967 -22.33 -61.62 40.54
N GLY A 968 -21.41 -61.04 39.79
CA GLY A 968 -21.18 -61.43 38.41
C GLY A 968 -22.19 -60.91 37.40
N ILE A 969 -23.24 -60.22 37.84
CA ILE A 969 -24.27 -59.71 36.93
C ILE A 969 -24.59 -58.25 37.14
N ASN A 970 -24.02 -57.59 38.15
CA ASN A 970 -24.31 -56.19 38.43
C ASN A 970 -23.05 -55.34 38.30
N GLY A 971 -22.86 -54.73 37.13
CA GLY A 971 -21.69 -53.89 36.89
C GLY A 971 -21.92 -52.46 37.34
N TYR A 972 -20.87 -51.86 37.90
CA TYR A 972 -20.92 -50.48 38.37
C TYR A 972 -19.67 -49.74 37.93
N VAL A 973 -19.86 -48.50 37.49
CA VAL A 973 -18.79 -47.58 37.13
C VAL A 973 -18.93 -46.34 38.01
N LEU A 974 -17.94 -45.45 37.95
CA LEU A 974 -18.02 -44.24 38.74
C LEU A 974 -18.93 -43.20 38.08
N ARG A 975 -19.57 -42.40 38.93
CA ARG A 975 -20.53 -41.40 38.45
C ARG A 975 -19.87 -40.31 37.62
N GLN A 976 -18.61 -40.00 37.88
CA GLN A 976 -17.90 -38.99 37.12
C GLN A 976 -16.64 -39.61 36.52
N PRO A 977 -16.36 -39.38 35.23
CA PRO A 977 -15.15 -39.94 34.65
C PRO A 977 -13.88 -39.35 35.23
N ASN A 978 -13.95 -38.17 35.86
CA ASN A 978 -12.77 -37.56 36.47
C ASN A 978 -12.47 -38.10 37.86
N LEU A 979 -13.16 -39.14 38.30
CA LEU A 979 -12.89 -39.78 39.57
C LEU A 979 -12.29 -41.16 39.33
N ALA A 980 -11.52 -41.64 40.31
CA ALA A 980 -10.90 -42.95 40.23
C ALA A 980 -11.02 -43.69 41.54
N LEU A 981 -11.29 -44.99 41.45
CA LEU A 981 -11.41 -45.86 42.61
C LEU A 981 -10.07 -46.58 42.81
N TYR A 982 -9.54 -46.55 44.03
CA TYR A 982 -8.27 -47.18 44.30
C TYR A 982 -8.28 -47.90 45.65
N LYS A 983 -7.38 -48.86 45.77
CA LYS A 983 -7.22 -49.69 46.96
C LYS A 983 -6.02 -49.23 47.77
N GLU A 984 -6.20 -49.15 49.09
CA GLU A 984 -5.13 -48.75 49.99
C GLU A 984 -5.23 -49.63 51.23
N GLY A 985 -4.28 -50.54 51.41
CA GLY A 985 -4.34 -51.49 52.50
C GLY A 985 -5.48 -52.44 52.24
N ASN A 986 -6.40 -52.57 53.20
CA ASN A 986 -7.55 -53.44 53.00
C ASN A 986 -8.77 -52.68 52.51
N TYR A 987 -8.86 -51.39 52.79
CA TYR A 987 -10.02 -50.58 52.44
C TYR A 987 -9.88 -49.96 51.05
N TYR A 988 -10.97 -49.38 50.57
CA TYR A 988 -11.03 -48.72 49.27
C TYR A 988 -11.34 -47.24 49.46
N ARG A 989 -10.86 -46.42 48.52
CA ARG A 989 -11.10 -44.99 48.52
C ARG A 989 -11.32 -44.50 47.10
N ILE A 990 -11.91 -43.32 46.98
CA ILE A 990 -12.15 -42.66 45.70
C ILE A 990 -11.40 -41.33 45.74
N THR A 991 -10.79 -40.96 44.63
CA THR A 991 -10.06 -39.70 44.55
C THR A 991 -10.27 -39.04 43.20
N SER A 992 -10.10 -37.72 43.19
CA SER A 992 -10.11 -36.98 41.93
C SER A 992 -8.81 -37.27 41.18
N ARG A 993 -8.88 -37.26 39.86
CA ARG A 993 -7.70 -37.48 39.04
C ARG A 993 -6.82 -36.24 38.90
N ILE A 994 -7.34 -35.05 39.22
CA ILE A 994 -6.58 -33.82 39.06
C ILE A 994 -5.80 -33.49 40.32
N MET A 995 -6.43 -33.67 41.48
CA MET A 995 -5.82 -33.45 42.78
C MET A 995 -6.13 -34.66 43.64
N PHE A 996 -5.18 -35.06 44.48
CA PHE A 996 -5.42 -36.17 45.40
C PHE A 996 -6.37 -35.70 46.49
N GLU A 997 -7.62 -36.12 46.38
CA GLU A 997 -8.70 -35.76 47.31
C GLU A 997 -9.34 -37.05 47.78
N PRO A 998 -8.84 -37.65 48.87
CA PRO A 998 -9.41 -38.92 49.33
C PRO A 998 -10.87 -38.76 49.72
N ARG A 999 -11.66 -39.77 49.39
CA ARG A 999 -13.09 -39.75 49.64
C ARG A 999 -13.59 -41.14 49.99
N ILE A 1000 -14.43 -41.22 51.01
CA ILE A 1000 -15.02 -42.51 51.40
C ILE A 1000 -16.08 -42.89 50.36
N PRO A 1001 -16.00 -44.08 49.76
CA PRO A 1001 -16.97 -44.45 48.73
C PRO A 1001 -18.39 -44.58 49.29
N THR A 1002 -19.32 -43.86 48.66
CA THR A 1002 -20.73 -43.91 48.97
C THR A 1002 -21.45 -44.58 47.80
N ILE A 1003 -22.62 -45.14 48.07
CA ILE A 1003 -23.37 -45.81 47.00
C ILE A 1003 -23.75 -44.83 45.89
N ALA A 1004 -23.92 -43.55 46.22
CA ALA A 1004 -24.24 -42.56 45.21
C ALA A 1004 -23.08 -42.24 44.27
N ASP A 1005 -21.86 -42.68 44.61
CA ASP A 1005 -20.72 -42.48 43.71
C ASP A 1005 -20.70 -43.43 42.54
N PHE A 1006 -21.58 -44.41 42.48
CA PHE A 1006 -21.57 -45.41 41.43
C PHE A 1006 -22.80 -45.31 40.52
N VAL A 1007 -22.61 -45.76 39.27
CA VAL A 1007 -23.65 -45.82 38.26
C VAL A 1007 -23.70 -47.25 37.76
N GLN A 1008 -24.89 -47.86 37.81
CA GLN A 1008 -25.07 -49.23 37.35
C GLN A 1008 -25.15 -49.35 35.84
N ILE A 1009 -24.44 -50.34 35.30
CA ILE A 1009 -24.42 -50.61 33.87
C ILE A 1009 -24.84 -52.08 33.63
N GLU A 1010 -25.16 -52.38 32.38
CA GLU A 1010 -25.72 -53.67 32.01
C GLU A 1010 -24.73 -54.84 32.14
N ASN A 1011 -23.45 -54.63 31.83
CA ASN A 1011 -22.52 -55.75 31.83
C ASN A 1011 -21.21 -55.39 32.53
N CYS A 1012 -20.52 -56.45 32.94
CA CYS A 1012 -19.23 -56.39 33.63
C CYS A 1012 -18.05 -56.46 32.68
N ASN A 1013 -16.86 -56.27 33.25
CA ASN A 1013 -15.55 -56.40 32.62
C ASN A 1013 -14.65 -57.28 33.47
N VAL A 1014 -13.75 -57.97 32.78
CA VAL A 1014 -12.79 -58.87 33.42
C VAL A 1014 -11.84 -58.13 34.36
N THR A 1015 -11.74 -56.80 34.23
CA THR A 1015 -10.88 -55.96 35.05
C THR A 1015 -11.57 -55.28 36.23
N PHE A 1016 -12.86 -55.51 36.43
CA PHE A 1016 -13.60 -54.90 37.53
C PHE A 1016 -13.27 -55.62 38.85
N VAL A 1017 -13.62 -54.99 39.97
CA VAL A 1017 -13.43 -55.65 41.24
C VAL A 1017 -14.48 -56.73 41.32
N ASN A 1018 -14.05 -57.95 41.60
CA ASN A 1018 -14.90 -59.12 41.54
C ASN A 1018 -15.38 -59.31 42.98
N ILE A 1019 -16.65 -59.02 43.27
CA ILE A 1019 -17.11 -59.11 44.65
C ILE A 1019 -18.58 -59.50 44.73
N SER A 1020 -18.92 -60.17 45.83
CA SER A 1020 -20.27 -60.60 46.16
C SER A 1020 -20.98 -59.54 47.00
N ARG A 1021 -22.32 -59.58 46.98
CA ARG A 1021 -23.11 -58.56 47.68
C ARG A 1021 -22.90 -58.56 49.19
N SER A 1022 -22.67 -59.72 49.80
CA SER A 1022 -22.44 -59.75 51.24
C SER A 1022 -21.15 -59.04 51.62
N GLU A 1023 -20.15 -59.07 50.75
CA GLU A 1023 -18.89 -58.40 51.00
C GLU A 1023 -18.82 -56.99 50.46
N LEU A 1024 -19.90 -56.49 49.84
CA LEU A 1024 -19.86 -55.14 49.28
C LEU A 1024 -19.66 -54.09 50.35
N GLN A 1025 -19.97 -54.39 51.60
CA GLN A 1025 -19.75 -53.48 52.70
C GLN A 1025 -18.27 -53.17 52.92
N THR A 1026 -17.37 -54.03 52.45
CA THR A 1026 -15.94 -53.73 52.59
C THR A 1026 -15.50 -52.61 51.66
N ILE A 1027 -16.22 -52.40 50.56
CA ILE A 1027 -15.91 -51.31 49.64
C ILE A 1027 -16.70 -50.06 50.00
N VAL A 1028 -17.98 -50.23 50.31
CA VAL A 1028 -18.87 -49.12 50.68
C VAL A 1028 -19.28 -49.32 52.13
N PRO A 1029 -18.65 -48.62 53.07
CA PRO A 1029 -18.94 -48.86 54.50
C PRO A 1029 -20.39 -48.64 54.88
N GLU A 1030 -21.11 -47.75 54.20
CA GLU A 1030 -22.49 -47.44 54.53
C GLU A 1030 -23.49 -48.40 53.88
N TYR A 1031 -23.03 -49.40 53.15
CA TYR A 1031 -23.95 -50.31 52.47
C TYR A 1031 -24.45 -51.42 53.39
N ILE A 1032 -25.76 -51.66 53.30
CA ILE A 1032 -26.44 -52.71 54.06
C ILE A 1032 -27.36 -53.48 53.13
N ASP A 1033 -27.20 -54.79 53.08
CA ASP A 1033 -28.04 -55.64 52.23
C ASP A 1033 -29.39 -55.84 52.92
N VAL A 1034 -30.27 -54.85 52.78
CA VAL A 1034 -31.59 -54.89 53.38
C VAL A 1034 -32.47 -55.99 52.80
N ASN A 1035 -32.11 -56.52 51.62
CA ASN A 1035 -32.85 -57.62 51.02
C ASN A 1035 -32.61 -58.92 51.80
N LYS A 1036 -31.35 -59.33 51.92
CA LYS A 1036 -31.00 -60.56 52.63
C LYS A 1036 -31.13 -60.42 54.14
N THR A 1037 -30.80 -59.25 54.70
CA THR A 1037 -30.89 -59.06 56.14
C THR A 1037 -32.32 -59.21 56.65
N LEU A 1038 -33.30 -58.73 55.87
CA LEU A 1038 -34.68 -58.89 56.31
C LEU A 1038 -35.14 -60.33 56.23
N GLN A 1039 -34.57 -61.12 55.32
CA GLN A 1039 -34.95 -62.53 55.23
C GLN A 1039 -34.60 -63.26 56.51
N GLU A 1040 -33.40 -63.02 57.05
CA GLU A 1040 -33.01 -63.66 58.29
C GLU A 1040 -33.80 -63.13 59.48
N LEU A 1041 -34.06 -61.83 59.51
CA LEU A 1041 -34.79 -61.22 60.61
C LEU A 1041 -36.29 -61.53 60.58
N SER A 1042 -36.78 -62.20 59.54
CA SER A 1042 -38.18 -62.63 59.53
C SER A 1042 -38.40 -63.85 60.41
N TYR A 1043 -37.33 -64.46 60.91
CA TYR A 1043 -37.41 -65.63 61.78
C TYR A 1043 -37.35 -65.22 63.25
N CYS B 32 27.14 -30.26 -34.34
CA CYS B 32 25.66 -30.36 -34.20
C CYS B 32 25.08 -30.98 -35.48
N VAL B 33 25.87 -30.99 -36.55
CA VAL B 33 25.34 -31.47 -37.86
C VAL B 33 24.73 -32.87 -37.69
N GLY B 34 23.52 -33.05 -38.20
CA GLY B 34 22.88 -34.38 -38.16
C GLY B 34 23.01 -35.00 -36.79
N HIS B 35 23.22 -34.17 -35.76
CA HIS B 35 23.25 -34.73 -34.39
C HIS B 35 21.79 -35.01 -34.03
N SER B 36 20.92 -35.07 -35.04
CA SER B 36 19.47 -35.30 -34.80
C SER B 36 18.90 -34.09 -34.07
N GLU B 37 19.44 -33.78 -32.90
CA GLU B 37 18.94 -32.65 -32.08
C GLU B 37 18.97 -31.36 -32.90
N ASN B 38 20.08 -31.03 -33.54
CA ASN B 38 20.17 -29.72 -34.23
C ASN B 38 19.34 -29.76 -35.52
N VAL B 39 18.69 -30.88 -35.78
CA VAL B 39 17.79 -30.97 -36.97
C VAL B 39 16.36 -30.94 -36.47
N PHE B 40 15.44 -30.28 -37.17
CA PHE B 40 14.03 -30.35 -36.74
C PHE B 40 13.10 -29.94 -37.88
N ALA B 41 11.82 -30.26 -37.75
CA ALA B 41 10.84 -29.97 -38.82
C ALA B 41 10.05 -28.71 -38.47
N VAL B 42 10.40 -27.58 -39.08
CA VAL B 42 9.64 -26.36 -38.86
C VAL B 42 8.15 -26.67 -38.98
N GLU B 43 7.39 -26.24 -37.97
CA GLU B 43 5.95 -26.41 -37.92
C GLU B 43 5.26 -25.35 -38.78
N SER B 44 3.99 -25.61 -39.09
CA SER B 44 3.23 -24.69 -39.93
C SER B 44 3.14 -23.31 -39.28
N GLY B 45 3.45 -22.28 -40.06
CA GLY B 45 3.49 -20.91 -39.59
C GLY B 45 4.87 -20.40 -39.26
N GLY B 46 5.86 -21.28 -39.16
CA GLY B 46 7.21 -20.88 -38.86
C GLY B 46 7.63 -21.04 -37.42
N TYR B 47 6.99 -21.93 -36.66
CA TYR B 47 7.31 -22.13 -35.26
C TYR B 47 8.30 -23.27 -35.05
N ILE B 48 9.04 -23.18 -33.94
CA ILE B 48 10.03 -24.16 -33.53
C ILE B 48 9.40 -25.16 -32.57
N PRO B 49 9.63 -26.46 -32.74
CA PRO B 49 9.03 -27.45 -31.85
C PRO B 49 9.33 -27.16 -30.40
N SER B 50 8.32 -27.36 -29.54
CA SER B 50 8.39 -27.01 -28.13
C SER B 50 9.42 -27.82 -27.33
N ASN B 51 9.90 -28.95 -27.83
CA ASN B 51 10.89 -29.72 -27.10
C ASN B 51 12.31 -29.55 -27.64
N PHE B 52 12.52 -28.65 -28.60
CA PHE B 52 13.84 -28.45 -29.19
C PHE B 52 14.83 -28.00 -28.13
N ALA B 53 16.05 -28.54 -28.19
CA ALA B 53 17.07 -28.25 -27.19
C ALA B 53 17.74 -26.89 -27.36
N PHE B 54 17.52 -26.20 -28.47
CA PHE B 54 18.10 -24.88 -28.72
C PHE B 54 19.63 -24.86 -28.57
N ASN B 55 20.28 -25.97 -28.92
CA ASN B 55 21.74 -26.03 -28.81
C ASN B 55 22.38 -25.15 -29.86
N ASN B 56 23.28 -24.27 -29.41
CA ASN B 56 23.95 -23.26 -30.22
C ASN B 56 23.02 -22.21 -30.83
N TRP B 57 21.77 -22.12 -30.39
CA TRP B 57 20.87 -21.06 -30.82
C TRP B 57 20.96 -20.02 -29.71
N PHE B 58 21.55 -18.87 -30.02
CA PHE B 58 21.85 -17.86 -29.03
C PHE B 58 20.80 -16.76 -28.93
N LEU B 59 20.67 -16.23 -27.72
CA LEU B 59 19.81 -15.09 -27.42
C LEU B 59 20.52 -13.84 -27.91
N LEU B 60 20.03 -13.28 -29.02
CA LEU B 60 20.65 -12.09 -29.59
C LEU B 60 20.51 -10.91 -28.64
N THR B 61 21.62 -10.21 -28.42
CA THR B 61 21.66 -9.05 -27.53
C THR B 61 22.37 -7.88 -28.20
N ASN B 62 21.92 -6.67 -27.85
CA ASN B 62 22.55 -5.46 -28.36
C ASN B 62 23.70 -5.04 -27.45
N THR B 63 23.68 -5.50 -26.20
CA THR B 63 24.55 -5.11 -25.10
C THR B 63 24.72 -6.30 -24.15
N SER B 64 24.83 -6.02 -22.85
CA SER B 64 24.94 -7.07 -21.85
C SER B 64 23.91 -8.17 -22.07
N SER B 65 24.29 -9.39 -21.72
CA SER B 65 23.44 -10.57 -21.82
C SER B 65 22.85 -10.97 -20.47
N VAL B 66 21.71 -11.65 -20.54
CA VAL B 66 21.03 -12.16 -19.35
C VAL B 66 21.64 -13.49 -18.93
N VAL B 67 21.81 -13.68 -17.62
CA VAL B 67 22.37 -14.92 -17.09
C VAL B 67 21.26 -15.91 -16.77
N ASP B 68 20.42 -15.57 -15.79
CA ASP B 68 19.31 -16.40 -15.37
C ASP B 68 18.05 -15.56 -15.22
N GLY B 69 16.93 -16.09 -15.68
CA GLY B 69 15.67 -15.38 -15.54
C GLY B 69 14.73 -15.70 -16.68
N VAL B 70 13.65 -14.95 -16.73
CA VAL B 70 12.65 -15.02 -17.78
C VAL B 70 12.54 -13.61 -18.35
N VAL B 71 12.74 -13.49 -19.67
CA VAL B 71 12.72 -12.19 -20.33
C VAL B 71 11.86 -12.27 -21.57
N ARG B 72 11.34 -11.11 -21.97
CA ARG B 72 10.50 -10.95 -23.15
C ARG B 72 11.18 -9.96 -24.09
N SER B 73 11.36 -10.37 -25.36
CA SER B 73 12.01 -9.51 -26.33
C SER B 73 11.70 -9.98 -27.73
N PHE B 74 11.92 -9.08 -28.69
CA PHE B 74 11.72 -9.40 -30.10
C PHE B 74 12.97 -10.10 -30.59
N GLN B 75 12.85 -11.38 -30.93
CA GLN B 75 13.97 -12.18 -31.37
C GLN B 75 13.67 -12.83 -32.72
N PRO B 76 14.68 -13.03 -33.55
CA PRO B 76 14.50 -13.69 -34.86
C PRO B 76 14.39 -15.21 -34.70
N LEU B 77 13.19 -15.66 -34.35
CA LEU B 77 12.94 -17.08 -34.13
C LEU B 77 11.77 -17.63 -34.94
N LEU B 78 11.22 -16.85 -35.87
CA LEU B 78 10.18 -17.34 -36.76
C LEU B 78 10.90 -17.76 -38.04
N LEU B 79 10.92 -19.06 -38.30
CA LEU B 79 11.71 -19.63 -39.39
C LEU B 79 10.92 -19.69 -40.70
N ASN B 80 11.41 -18.95 -41.69
CA ASN B 80 10.82 -18.97 -43.02
C ASN B 80 11.26 -20.22 -43.79
N CYS B 81 12.50 -20.66 -43.60
CA CYS B 81 12.99 -21.90 -44.19
C CYS B 81 14.28 -22.32 -43.50
N LEU B 82 14.33 -23.58 -43.06
CA LEU B 82 15.50 -24.16 -42.42
C LEU B 82 15.96 -25.38 -43.20
N TRP B 83 17.27 -25.46 -43.46
CA TRP B 83 17.84 -26.63 -44.11
C TRP B 83 19.22 -26.93 -43.51
N SER B 84 19.61 -28.21 -43.65
CA SER B 84 20.88 -28.70 -43.13
C SER B 84 21.89 -28.88 -44.27
N VAL B 85 22.86 -27.97 -44.34
CA VAL B 85 23.91 -28.06 -45.34
C VAL B 85 24.83 -29.25 -45.07
N SER B 86 24.96 -29.67 -43.82
CA SER B 86 25.74 -30.86 -43.51
C SER B 86 25.18 -32.06 -44.26
N GLY B 87 26.06 -32.74 -44.98
CA GLY B 87 25.63 -33.81 -45.86
C GLY B 87 25.06 -33.16 -47.09
N SER B 88 23.78 -33.44 -47.36
CA SER B 88 23.05 -32.86 -48.49
C SER B 88 23.78 -33.15 -49.80
N GLN B 89 23.56 -32.30 -50.80
CA GLN B 89 24.19 -32.43 -52.11
C GLN B 89 24.55 -31.09 -52.71
N PHE B 90 24.56 -30.01 -51.93
CA PHE B 90 24.79 -28.68 -52.46
C PHE B 90 25.81 -27.93 -51.62
N THR B 91 26.39 -26.91 -52.23
CA THR B 91 27.35 -26.05 -51.58
C THR B 91 26.62 -24.95 -50.81
N THR B 92 27.37 -23.98 -50.29
CA THR B 92 26.74 -22.86 -49.60
C THR B 92 26.09 -21.87 -50.55
N GLY B 93 26.74 -21.58 -51.67
CA GLY B 93 26.19 -20.63 -52.63
C GLY B 93 26.02 -19.25 -52.01
N PHE B 94 25.13 -18.47 -52.62
CA PHE B 94 24.76 -17.14 -52.12
C PHE B 94 23.30 -17.19 -51.68
N VAL B 95 23.08 -17.23 -50.36
CA VAL B 95 21.74 -17.24 -49.79
C VAL B 95 21.18 -15.82 -49.80
N TYR B 96 20.22 -15.56 -50.68
CA TYR B 96 19.60 -14.25 -50.72
C TYR B 96 18.56 -14.10 -49.60
N PHE B 97 18.26 -12.84 -49.26
CA PHE B 97 17.29 -12.57 -48.21
C PHE B 97 15.85 -12.79 -48.64
N ASN B 98 15.59 -12.91 -49.93
CA ASN B 98 14.26 -13.25 -50.43
C ASN B 98 14.07 -14.75 -50.63
N GLY B 99 15.08 -15.55 -50.31
CA GLY B 99 15.07 -16.99 -50.45
C GLY B 99 15.77 -17.62 -51.64
N THR B 100 16.28 -16.85 -52.59
CA THR B 100 17.00 -17.49 -53.69
C THR B 100 18.26 -18.19 -53.20
N GLY B 101 18.44 -19.44 -53.62
CA GLY B 101 19.56 -20.25 -53.17
C GLY B 101 19.32 -21.09 -51.93
N ARG B 102 18.12 -21.06 -51.37
CA ARG B 102 17.81 -21.88 -50.20
C ARG B 102 17.92 -23.36 -50.52
N GLY B 103 18.26 -24.15 -49.50
CA GLY B 103 18.30 -25.59 -49.63
C GLY B 103 16.91 -26.18 -49.51
N ALA B 104 16.87 -27.50 -49.50
CA ALA B 104 15.60 -28.19 -49.35
C ALA B 104 15.13 -28.02 -47.92
N CYS B 105 14.21 -27.08 -47.70
CA CYS B 105 13.75 -26.80 -46.34
C CYS B 105 13.04 -28.00 -45.74
N LYS B 106 13.20 -28.15 -44.44
CA LYS B 106 12.60 -29.23 -43.66
C LYS B 106 11.31 -28.74 -43.02
N GLY B 107 10.19 -29.19 -43.55
CA GLY B 107 8.89 -28.80 -43.04
C GLY B 107 8.28 -27.59 -43.71
N PHE B 108 7.51 -26.81 -42.96
CA PHE B 108 6.88 -25.62 -43.52
C PHE B 108 7.92 -24.62 -43.99
N TYR B 109 7.64 -23.97 -45.12
CA TYR B 109 8.51 -22.94 -45.67
C TYR B 109 7.67 -21.82 -46.25
N SER B 110 8.29 -20.65 -46.40
CA SER B 110 7.58 -19.50 -46.97
C SER B 110 8.50 -18.74 -47.91
N ASN B 111 7.90 -18.10 -48.90
CA ASN B 111 8.64 -17.27 -49.84
C ASN B 111 8.67 -15.80 -49.45
N ALA B 112 8.07 -15.42 -48.32
CA ALA B 112 8.15 -14.02 -47.95
C ALA B 112 9.59 -13.69 -47.59
N SER B 113 9.94 -12.41 -47.70
CA SER B 113 11.31 -11.98 -47.41
C SER B 113 11.62 -11.96 -45.92
N SER B 114 12.70 -12.65 -45.56
CA SER B 114 13.21 -12.68 -44.20
C SER B 114 14.05 -11.43 -43.94
N ASP B 115 14.60 -11.35 -42.74
CA ASP B 115 15.50 -10.27 -42.37
C ASP B 115 16.74 -10.71 -41.63
N VAL B 116 16.88 -12.00 -41.31
CA VAL B 116 18.06 -12.52 -40.63
C VAL B 116 18.35 -13.92 -41.12
N ILE B 117 19.64 -14.21 -41.35
CA ILE B 117 20.11 -15.55 -41.68
C ILE B 117 20.96 -16.04 -40.52
N ARG B 118 20.64 -17.23 -40.02
CA ARG B 118 21.37 -17.88 -38.93
C ARG B 118 22.19 -19.04 -39.48
N TYR B 119 23.52 -18.92 -39.43
CA TYR B 119 24.43 -19.99 -39.82
C TYR B 119 24.86 -20.72 -38.56
N ASN B 120 24.22 -21.85 -38.26
CA ASN B 120 24.63 -22.66 -37.13
C ASN B 120 25.95 -23.35 -37.50
N ILE B 121 26.90 -23.33 -36.58
CA ILE B 121 28.23 -23.84 -36.80
C ILE B 121 28.45 -25.12 -36.01
N ASN B 122 29.29 -25.99 -36.54
CA ASN B 122 29.57 -27.30 -35.96
C ASN B 122 30.45 -27.15 -34.72
N PHE B 123 30.88 -28.29 -34.19
CA PHE B 123 31.66 -28.34 -32.95
C PHE B 123 33.01 -27.63 -32.97
N GLU B 124 33.05 -26.49 -32.30
CA GLU B 124 34.26 -25.69 -32.08
C GLU B 124 35.00 -25.31 -33.36
N GLU B 125 34.29 -24.63 -34.26
CA GLU B 125 34.95 -24.08 -35.43
C GLU B 125 35.63 -22.78 -34.99
N ASN B 126 36.86 -22.56 -35.45
CA ASN B 126 37.61 -21.38 -35.05
C ASN B 126 37.78 -20.38 -36.18
N LEU B 127 37.07 -20.58 -37.30
CA LEU B 127 37.16 -19.75 -38.50
C LEU B 127 38.49 -19.86 -39.22
N ARG B 128 39.00 -18.73 -39.73
CA ARG B 128 40.19 -18.71 -40.56
C ARG B 128 39.93 -19.59 -41.78
N ARG B 129 40.95 -19.85 -42.59
CA ARG B 129 40.85 -20.70 -43.77
C ARG B 129 39.56 -20.50 -44.57
N GLY B 130 39.11 -19.26 -44.65
CA GLY B 130 37.87 -18.95 -45.37
C GLY B 130 37.50 -17.50 -45.17
N THR B 131 36.40 -17.12 -45.82
CA THR B 131 35.87 -15.76 -45.75
C THR B 131 34.35 -15.80 -45.72
N ILE B 132 33.76 -14.62 -45.58
CA ILE B 132 32.32 -14.41 -45.64
C ILE B 132 32.08 -13.32 -46.67
N LEU B 133 31.29 -13.62 -47.71
CA LEU B 133 31.09 -12.71 -48.83
C LEU B 133 29.69 -12.11 -48.83
N PHE B 134 29.60 -10.83 -49.16
CA PHE B 134 28.35 -10.09 -49.19
C PHE B 134 28.15 -9.39 -50.52
N LYS B 135 26.89 -9.26 -50.92
CA LYS B 135 26.49 -8.51 -52.10
C LYS B 135 25.71 -7.30 -51.66
N THR B 136 26.08 -6.12 -52.16
CA THR B 136 25.33 -4.91 -51.91
C THR B 136 24.91 -4.30 -53.25
N SER B 137 23.94 -3.39 -53.17
CA SER B 137 23.46 -2.71 -54.35
C SER B 137 24.51 -1.81 -54.98
N TYR B 138 25.66 -1.63 -54.33
CA TYR B 138 26.72 -0.78 -54.87
C TYR B 138 28.09 -1.47 -54.96
N GLY B 139 28.19 -2.75 -54.68
CA GLY B 139 29.49 -3.40 -54.78
C GLY B 139 29.65 -4.59 -53.86
N ALA B 140 30.51 -5.52 -54.27
CA ALA B 140 30.80 -6.69 -53.46
C ALA B 140 31.65 -6.30 -52.25
N VAL B 141 31.31 -6.87 -51.11
CA VAL B 141 32.01 -6.61 -49.85
C VAL B 141 32.34 -7.96 -49.25
N VAL B 142 33.60 -8.17 -48.88
CA VAL B 142 34.05 -9.43 -48.30
C VAL B 142 34.58 -9.20 -46.90
N PHE B 143 34.21 -10.09 -46.00
CA PHE B 143 34.67 -10.10 -44.62
C PHE B 143 35.67 -11.23 -44.44
N TYR B 144 36.84 -10.90 -43.93
CA TYR B 144 37.91 -11.85 -43.70
C TYR B 144 38.63 -11.41 -42.44
N CYS B 145 39.37 -12.32 -41.81
CA CYS B 145 40.03 -12.02 -40.55
C CYS B 145 41.41 -12.63 -40.63
N THR B 146 42.43 -11.84 -40.31
CA THR B 146 43.81 -12.25 -40.58
C THR B 146 44.76 -11.90 -39.44
N ASN B 147 45.98 -12.42 -39.62
CA ASN B 147 47.16 -12.31 -38.78
C ASN B 147 48.35 -11.73 -39.52
N ASN B 148 48.50 -12.05 -40.80
CA ASN B 148 49.56 -11.51 -41.62
C ASN B 148 49.26 -10.07 -42.01
N THR B 149 50.11 -9.13 -41.59
CA THR B 149 49.82 -7.74 -41.94
C THR B 149 49.94 -7.50 -43.45
N LEU B 150 50.57 -8.43 -44.17
CA LEU B 150 50.65 -8.34 -45.62
C LEU B 150 49.27 -8.53 -46.26
N VAL B 151 48.45 -9.43 -45.69
CA VAL B 151 47.12 -9.69 -46.22
C VAL B 151 46.18 -8.53 -45.96
N SER B 152 46.28 -7.90 -44.78
CA SER B 152 45.44 -6.73 -44.51
C SER B 152 45.72 -5.60 -45.48
N GLY B 153 46.99 -5.35 -45.79
CA GLY B 153 47.31 -4.35 -46.80
C GLY B 153 47.27 -2.90 -46.40
N ASP B 154 46.21 -2.47 -45.75
CA ASP B 154 46.09 -1.09 -45.31
C ASP B 154 47.04 -0.84 -44.14
N ALA B 155 47.49 0.40 -44.03
CA ALA B 155 48.37 0.84 -42.96
C ALA B 155 47.64 1.39 -41.74
N HIS B 156 46.34 1.66 -41.85
CA HIS B 156 45.59 2.24 -40.73
C HIS B 156 45.12 1.16 -39.76
N ILE B 157 46.06 0.70 -38.93
CA ILE B 157 45.79 -0.20 -37.82
C ILE B 157 45.91 0.65 -36.57
N PRO B 158 44.89 0.72 -35.72
CA PRO B 158 44.98 1.61 -34.56
C PRO B 158 46.05 1.19 -33.57
N SER B 159 46.57 2.19 -32.85
CA SER B 159 47.58 1.99 -31.83
C SER B 159 46.98 1.25 -30.63
N GLY B 160 47.87 0.75 -29.78
CA GLY B 160 47.46 -0.01 -28.62
C GLY B 160 47.26 -1.48 -28.88
N THR B 161 47.27 -1.89 -30.15
CA THR B 161 47.14 -3.28 -30.52
C THR B 161 48.44 -4.03 -30.27
N VAL B 162 48.33 -5.36 -30.18
CA VAL B 162 49.46 -6.24 -29.92
C VAL B 162 49.58 -7.18 -31.10
N LEU B 163 50.78 -7.19 -31.71
CA LEU B 163 51.04 -8.08 -32.84
C LEU B 163 51.21 -9.51 -32.36
N GLY B 164 50.41 -10.43 -32.90
CA GLY B 164 50.50 -11.82 -32.49
C GLY B 164 49.19 -12.57 -32.42
N ASN B 165 48.08 -11.86 -32.60
CA ASN B 165 46.74 -12.43 -32.56
C ASN B 165 45.94 -11.93 -33.76
N PHE B 166 44.90 -12.68 -34.11
CA PHE B 166 44.09 -12.42 -35.28
C PHE B 166 43.12 -11.25 -35.14
N TYR B 167 43.17 -10.35 -36.10
CA TYR B 167 42.31 -9.17 -36.20
C TYR B 167 41.46 -9.34 -37.46
N CYS B 168 40.23 -8.89 -37.40
CA CYS B 168 39.29 -9.08 -38.50
C CYS B 168 39.15 -7.78 -39.28
N PHE B 169 39.11 -7.92 -40.61
CA PHE B 169 39.05 -6.81 -41.56
C PHE B 169 37.86 -6.98 -42.51
N VAL B 170 37.71 -6.00 -43.39
CA VAL B 170 36.68 -6.00 -44.43
C VAL B 170 37.23 -5.26 -45.64
N ASN B 171 37.06 -5.85 -46.82
CA ASN B 171 37.50 -5.27 -48.09
C ASN B 171 36.23 -4.84 -48.84
N THR B 172 36.11 -3.55 -49.12
CA THR B 172 34.93 -2.99 -49.78
C THR B 172 35.28 -2.46 -51.18
N THR B 173 34.59 -2.98 -52.19
CA THR B 173 34.85 -2.59 -53.57
C THR B 173 33.78 -1.64 -54.10
N ILE B 174 34.22 -0.62 -54.85
CA ILE B 174 33.33 0.33 -55.51
C ILE B 174 33.74 0.35 -56.97
N GLY B 175 33.15 -0.54 -57.76
CA GLY B 175 33.59 -0.67 -59.14
C GLY B 175 35.03 -1.14 -59.15
N ASN B 176 35.87 -0.50 -59.96
CA ASN B 176 37.30 -0.83 -59.98
C ASN B 176 38.03 -0.02 -58.91
N GLU B 177 37.70 -0.33 -57.67
CA GLU B 177 38.32 0.32 -56.53
C GLU B 177 38.18 -0.64 -55.35
N THR B 178 39.21 -0.72 -54.52
CA THR B 178 39.19 -1.61 -53.38
C THR B 178 39.81 -0.92 -52.18
N THR B 179 39.14 -0.98 -51.04
CA THR B 179 39.63 -0.34 -49.83
C THR B 179 39.52 -1.32 -48.67
N SER B 180 40.51 -1.28 -47.77
CA SER B 180 40.56 -2.14 -46.61
C SER B 180 40.24 -1.30 -45.38
N ALA B 181 39.28 -1.75 -44.59
CA ALA B 181 38.89 -1.05 -43.37
C ALA B 181 38.93 -2.02 -42.20
N PHE B 182 39.39 -1.52 -41.05
CA PHE B 182 39.46 -2.31 -39.83
C PHE B 182 38.13 -2.26 -39.10
N VAL B 183 37.62 -3.44 -38.71
CA VAL B 183 36.36 -3.52 -38.00
C VAL B 183 36.51 -3.92 -36.54
N GLY B 184 37.48 -4.76 -36.21
CA GLY B 184 37.68 -5.14 -34.83
C GLY B 184 38.25 -6.55 -34.73
N ALA B 185 37.95 -7.21 -33.61
CA ALA B 185 38.40 -8.58 -33.36
C ALA B 185 37.20 -9.46 -33.02
N LEU B 186 37.39 -10.77 -33.22
CA LEU B 186 36.36 -11.76 -32.95
C LEU B 186 36.91 -12.86 -32.07
N PRO B 187 36.06 -13.53 -31.30
CA PRO B 187 36.55 -14.61 -30.43
C PRO B 187 37.21 -15.71 -31.23
N LYS B 188 38.02 -16.52 -30.54
CA LYS B 188 38.71 -17.61 -31.22
C LYS B 188 37.72 -18.65 -31.74
N THR B 189 36.75 -19.05 -30.91
CA THR B 189 35.80 -20.06 -31.30
C THR B 189 34.40 -19.47 -31.37
N VAL B 190 33.69 -19.81 -32.44
CA VAL B 190 32.33 -19.37 -32.68
C VAL B 190 31.41 -20.58 -32.71
N ARG B 191 30.17 -20.37 -32.30
CA ARG B 191 29.16 -21.41 -32.28
C ARG B 191 27.98 -21.10 -33.17
N GLU B 192 27.65 -19.83 -33.37
CA GLU B 192 26.59 -19.43 -34.28
C GLU B 192 26.98 -18.12 -34.95
N PHE B 193 26.57 -18.00 -36.21
CA PHE B 193 26.78 -16.82 -37.03
C PHE B 193 25.42 -16.25 -37.42
N VAL B 194 25.21 -14.96 -37.21
CA VAL B 194 23.94 -14.31 -37.56
C VAL B 194 24.23 -13.00 -38.27
N ILE B 195 23.53 -12.76 -39.37
CA ILE B 195 23.67 -11.55 -40.18
C ILE B 195 22.29 -11.05 -40.56
N SER B 196 22.07 -9.74 -40.42
CA SER B 196 20.78 -9.13 -40.72
C SER B 196 20.82 -8.36 -42.04
N ARG B 197 19.63 -8.09 -42.58
CA ARG B 197 19.52 -7.34 -43.83
C ARG B 197 20.00 -5.91 -43.67
N THR B 198 19.80 -5.32 -42.50
CA THR B 198 20.31 -3.97 -42.24
C THR B 198 21.83 -3.99 -42.01
N GLY B 199 22.44 -5.17 -42.03
CA GLY B 199 23.86 -5.33 -41.89
C GLY B 199 24.35 -5.62 -40.49
N HIS B 200 23.45 -5.79 -39.53
CA HIS B 200 23.86 -6.09 -38.17
C HIS B 200 24.56 -7.44 -38.14
N PHE B 201 25.72 -7.48 -37.51
CA PHE B 201 26.61 -8.64 -37.52
C PHE B 201 26.75 -9.19 -36.11
N TYR B 202 26.41 -10.46 -35.92
CA TYR B 202 26.45 -11.10 -34.61
C TYR B 202 27.35 -12.33 -34.61
N ILE B 203 28.12 -12.48 -33.54
CA ILE B 203 28.96 -13.65 -33.30
C ILE B 203 28.60 -14.12 -31.90
N ASN B 204 28.15 -15.38 -31.79
CA ASN B 204 27.77 -15.96 -30.50
C ASN B 204 26.73 -15.13 -29.76
N GLY B 205 25.86 -14.45 -30.51
CA GLY B 205 24.80 -13.65 -29.94
C GLY B 205 25.08 -12.18 -29.75
N TYR B 206 26.34 -11.74 -29.76
CA TYR B 206 26.64 -10.34 -29.55
C TYR B 206 26.93 -9.65 -30.89
N ARG B 207 26.41 -8.43 -31.04
CA ARG B 207 26.62 -7.66 -32.26
C ARG B 207 27.97 -6.96 -32.23
N TYR B 208 28.86 -7.34 -33.14
CA TYR B 208 30.18 -6.72 -33.19
C TYR B 208 30.32 -5.65 -34.26
N PHE B 209 29.72 -5.82 -35.43
CA PHE B 209 29.85 -4.88 -36.53
C PHE B 209 28.49 -4.47 -37.09
N SER B 210 28.51 -3.39 -37.86
CA SER B 210 27.32 -2.83 -38.53
C SER B 210 27.80 -2.46 -39.92
N LEU B 211 27.54 -3.34 -40.89
CA LEU B 211 28.08 -3.20 -42.24
C LEU B 211 27.21 -2.40 -43.20
N GLY B 212 25.92 -2.22 -42.90
CA GLY B 212 25.02 -1.60 -43.84
C GLY B 212 24.21 -2.63 -44.60
N ASP B 213 23.28 -2.12 -45.40
CA ASP B 213 22.36 -3.01 -46.12
C ASP B 213 23.11 -4.04 -46.94
N VAL B 214 22.65 -5.28 -46.85
CA VAL B 214 23.24 -6.42 -47.55
C VAL B 214 22.12 -7.19 -48.24
N GLU B 215 22.35 -7.60 -49.49
CA GLU B 215 21.33 -8.33 -50.23
C GLU B 215 21.51 -9.83 -50.22
N ALA B 216 22.75 -10.33 -50.07
CA ALA B 216 22.98 -11.77 -50.07
C ALA B 216 24.22 -12.08 -49.24
N VAL B 217 24.29 -13.31 -48.76
CA VAL B 217 25.38 -13.72 -47.87
C VAL B 217 25.89 -15.07 -48.34
N ASN B 218 27.21 -15.20 -48.45
CA ASN B 218 27.88 -16.45 -48.81
C ASN B 218 28.87 -16.80 -47.71
N PHE B 219 28.68 -17.96 -47.09
CA PHE B 219 29.61 -18.45 -46.09
C PHE B 219 30.69 -19.27 -46.79
N ASN B 220 31.55 -18.56 -47.53
CA ASN B 220 32.59 -19.15 -48.36
C ASN B 220 33.71 -19.70 -47.49
N VAL B 221 33.51 -20.92 -47.00
CA VAL B 221 34.44 -21.56 -46.09
C VAL B 221 34.84 -22.92 -46.63
N THR B 222 36.07 -23.31 -46.34
CA THR B 222 36.58 -24.62 -46.69
C THR B 222 35.98 -25.68 -45.77
N ASN B 223 36.00 -26.93 -46.23
CA ASN B 223 35.41 -28.05 -45.50
C ASN B 223 33.94 -27.83 -45.20
N ALA B 224 33.22 -27.30 -46.17
CA ALA B 224 31.78 -27.07 -46.02
C ALA B 224 31.07 -28.39 -45.74
N ALA B 225 29.85 -28.27 -45.19
CA ALA B 225 29.04 -29.40 -44.76
C ALA B 225 29.63 -30.16 -43.58
N THR B 226 30.85 -29.83 -43.18
CA THR B 226 31.48 -30.43 -42.00
C THR B 226 31.70 -29.41 -40.91
N THR B 227 31.61 -28.12 -41.23
CA THR B 227 31.76 -27.04 -40.27
C THR B 227 30.49 -26.22 -40.08
N VAL B 228 29.52 -26.32 -40.99
CA VAL B 228 28.25 -25.61 -40.88
C VAL B 228 27.16 -26.64 -40.68
N CYS B 229 26.37 -26.49 -39.62
CA CYS B 229 25.30 -27.44 -39.34
C CYS B 229 24.04 -27.15 -40.14
N THR B 230 23.42 -26.01 -39.89
CA THR B 230 22.16 -25.65 -40.53
C THR B 230 22.13 -24.16 -40.83
N VAL B 231 21.36 -23.80 -41.86
CA VAL B 231 21.16 -22.41 -42.24
C VAL B 231 19.67 -22.15 -42.15
N ALA B 232 19.29 -21.09 -41.44
CA ALA B 232 17.88 -20.76 -41.27
C ALA B 232 17.60 -19.31 -41.62
N LEU B 233 16.63 -19.08 -42.48
CA LEU B 233 16.12 -17.75 -42.78
C LEU B 233 15.03 -17.47 -41.77
N ALA B 234 15.14 -16.37 -41.04
CA ALA B 234 14.19 -16.09 -39.97
C ALA B 234 13.72 -14.65 -39.99
N SER B 235 12.66 -14.40 -39.23
CA SER B 235 12.05 -13.10 -39.06
C SER B 235 11.81 -12.87 -37.58
N TYR B 236 11.67 -11.58 -37.22
CA TYR B 236 11.45 -11.21 -35.83
C TYR B 236 10.09 -11.64 -35.33
N ALA B 237 10.05 -12.04 -34.06
CA ALA B 237 8.81 -12.46 -33.40
C ALA B 237 8.88 -12.08 -31.93
N ASP B 238 7.71 -11.87 -31.33
CA ASP B 238 7.62 -11.56 -29.91
C ASP B 238 7.54 -12.88 -29.14
N VAL B 239 8.53 -13.12 -28.29
CA VAL B 239 8.66 -14.37 -27.55
C VAL B 239 9.03 -14.13 -26.08
N LEU B 240 8.75 -15.14 -25.26
CA LEU B 240 9.13 -15.15 -23.85
C LEU B 240 10.18 -16.25 -23.74
N VAL B 241 11.37 -15.89 -23.27
CA VAL B 241 12.51 -16.78 -23.26
C VAL B 241 12.91 -17.22 -21.85
N ASN B 242 12.90 -18.54 -21.63
CA ASN B 242 13.43 -19.17 -20.42
C ASN B 242 14.93 -19.31 -20.62
N VAL B 243 15.71 -18.40 -20.05
CA VAL B 243 17.15 -18.38 -20.25
C VAL B 243 17.85 -18.77 -18.95
N SER B 244 18.77 -19.71 -19.08
CA SER B 244 19.57 -20.21 -17.97
C SER B 244 21.01 -20.31 -18.43
N GLN B 245 21.93 -19.81 -17.60
CA GLN B 245 23.36 -19.80 -17.90
C GLN B 245 23.63 -19.18 -19.27
N THR B 246 22.92 -18.08 -19.55
CA THR B 246 22.95 -17.33 -20.80
C THR B 246 22.52 -18.15 -22.01
N ALA B 247 21.94 -19.33 -21.81
CA ALA B 247 21.54 -20.19 -22.92
C ALA B 247 20.03 -20.33 -22.93
N ILE B 248 19.45 -20.32 -24.13
CA ILE B 248 18.02 -20.52 -24.27
C ILE B 248 17.66 -21.95 -23.90
N ALA B 249 16.67 -22.11 -23.01
CA ALA B 249 16.17 -23.43 -22.64
C ALA B 249 14.90 -23.77 -23.40
N ASN B 250 13.88 -22.92 -23.31
CA ASN B 250 12.62 -23.11 -24.02
C ASN B 250 11.98 -21.76 -24.23
N ILE B 251 11.08 -21.69 -25.22
CA ILE B 251 10.43 -20.44 -25.59
C ILE B 251 8.97 -20.69 -25.90
N ILE B 252 8.18 -19.61 -25.85
CA ILE B 252 6.78 -19.60 -26.26
C ILE B 252 6.53 -18.36 -27.07
N TYR B 253 5.79 -18.49 -28.17
CA TYR B 253 5.44 -17.35 -29.01
C TYR B 253 4.20 -16.67 -28.47
N CYS B 254 4.24 -15.34 -28.40
CA CYS B 254 3.11 -14.55 -27.90
C CYS B 254 2.07 -14.33 -29.00
N ASN B 255 1.53 -15.44 -29.52
CA ASN B 255 0.59 -15.41 -30.62
C ASN B 255 -0.85 -15.67 -30.21
N SER B 256 -1.11 -16.73 -29.46
CA SER B 256 -2.46 -17.05 -29.02
C SER B 256 -2.90 -16.14 -27.88
N VAL B 257 -4.18 -16.25 -27.53
CA VAL B 257 -4.73 -15.44 -26.45
C VAL B 257 -4.15 -15.84 -25.11
N ILE B 258 -3.98 -17.13 -24.86
CA ILE B 258 -3.39 -17.58 -23.61
C ILE B 258 -1.91 -17.21 -23.56
N ASN B 259 -1.22 -17.33 -24.69
CA ASN B 259 0.20 -16.97 -24.74
C ASN B 259 0.40 -15.48 -24.52
N ARG B 260 -0.46 -14.65 -25.09
CA ARG B 260 -0.35 -13.22 -24.85
C ARG B 260 -0.51 -12.88 -23.38
N LEU B 261 -1.45 -13.56 -22.70
CA LEU B 261 -1.62 -13.34 -21.27
C LEU B 261 -0.39 -13.78 -20.49
N ARG B 262 0.20 -14.92 -20.88
CA ARG B 262 1.41 -15.39 -20.23
C ARG B 262 2.57 -14.43 -20.46
N CYS B 263 2.72 -13.92 -21.68
CA CYS B 263 3.77 -12.96 -21.99
C CYS B 263 3.56 -11.65 -21.25
N ASP B 264 2.33 -11.15 -21.21
CA ASP B 264 2.04 -9.92 -20.49
C ASP B 264 2.25 -10.08 -18.99
N GLN B 265 1.94 -11.25 -18.44
CA GLN B 265 2.17 -11.51 -17.04
C GLN B 265 3.62 -11.85 -16.74
N LEU B 266 4.47 -11.91 -17.76
CA LEU B 266 5.91 -12.18 -17.62
C LEU B 266 6.20 -13.50 -16.91
N SER B 267 5.35 -14.49 -17.11
CA SER B 267 5.51 -15.78 -16.44
C SER B 267 5.08 -16.92 -17.36
N PHE B 268 5.75 -18.07 -17.21
CA PHE B 268 5.42 -19.22 -18.05
C PHE B 268 4.17 -19.97 -17.61
N ASP B 269 3.74 -19.80 -16.37
CA ASP B 269 2.50 -20.39 -15.89
C ASP B 269 1.63 -19.31 -15.25
N VAL B 270 0.32 -19.50 -15.32
CA VAL B 270 -0.58 -18.53 -14.71
C VAL B 270 -1.53 -19.21 -13.75
N PRO B 271 -1.62 -18.72 -12.51
CA PRO B 271 -2.55 -19.31 -11.55
C PRO B 271 -3.99 -19.12 -11.98
N ASP B 272 -4.85 -20.00 -11.47
CA ASP B 272 -6.28 -19.92 -11.74
C ASP B 272 -6.85 -18.62 -11.19
N GLY B 273 -7.80 -18.05 -11.91
CA GLY B 273 -8.41 -16.81 -11.46
C GLY B 273 -9.02 -16.02 -12.61
N PHE B 274 -9.08 -14.71 -12.39
CA PHE B 274 -9.66 -13.77 -13.35
C PHE B 274 -8.60 -12.74 -13.70
N TYR B 275 -8.47 -12.43 -14.99
CA TYR B 275 -7.43 -11.51 -15.46
C TYR B 275 -8.04 -10.50 -16.42
N SER B 276 -7.87 -9.22 -16.12
CA SER B 276 -8.34 -8.17 -17.01
C SER B 276 -7.45 -8.05 -18.24
N THR B 277 -8.05 -7.64 -19.36
CA THR B 277 -7.31 -7.45 -20.59
C THR B 277 -8.05 -6.44 -21.45
N SER B 278 -7.34 -5.86 -22.41
CA SER B 278 -7.93 -4.86 -23.28
C SER B 278 -7.77 -5.26 -24.75
N PRO B 279 -8.84 -5.19 -25.54
CA PRO B 279 -8.72 -5.48 -26.98
C PRO B 279 -7.82 -4.48 -27.67
N ILE B 280 -7.27 -4.88 -28.81
CA ILE B 280 -6.38 -4.01 -29.56
C ILE B 280 -7.16 -2.89 -30.22
N GLN B 281 -6.61 -1.69 -30.20
CA GLN B 281 -7.20 -0.50 -30.77
C GLN B 281 -7.08 -0.50 -32.30
N PRO B 282 -8.09 0.04 -33.00
CA PRO B 282 -7.98 0.15 -34.46
C PRO B 282 -6.77 0.99 -34.84
N VAL B 283 -6.12 0.61 -35.94
CA VAL B 283 -4.86 1.26 -36.32
C VAL B 283 -5.06 2.52 -37.16
N GLU B 284 -6.21 2.68 -37.82
CA GLU B 284 -6.49 3.86 -38.63
C GLU B 284 -7.72 4.55 -38.06
N LEU B 285 -7.56 5.78 -37.59
CA LEU B 285 -8.64 6.50 -36.97
C LEU B 285 -9.01 7.78 -37.73
N PRO B 286 -10.27 7.97 -38.09
CA PRO B 286 -10.69 9.24 -38.69
C PRO B 286 -10.58 10.37 -37.67
N VAL B 287 -10.64 11.60 -38.17
CA VAL B 287 -10.53 12.78 -37.32
C VAL B 287 -11.86 13.52 -37.29
N SER B 288 -12.24 13.98 -36.08
CA SER B 288 -13.46 14.74 -35.86
C SER B 288 -13.12 16.01 -35.11
N ILE B 289 -13.68 17.14 -35.55
CA ILE B 289 -13.41 18.44 -34.95
C ILE B 289 -14.72 19.17 -34.68
N VAL B 290 -14.85 19.72 -33.48
CA VAL B 290 -16.01 20.53 -33.09
C VAL B 290 -15.49 21.81 -32.48
N SER B 291 -15.96 22.95 -32.97
CA SER B 291 -15.48 24.23 -32.46
C SER B 291 -16.53 25.32 -32.59
N LEU B 292 -16.57 26.22 -31.62
CA LEU B 292 -17.47 27.36 -31.64
C LEU B 292 -16.94 28.43 -32.58
N PRO B 293 -17.76 28.93 -33.52
CA PRO B 293 -17.28 30.00 -34.40
C PRO B 293 -17.10 31.30 -33.63
N VAL B 294 -15.99 31.97 -33.87
CA VAL B 294 -15.64 33.22 -33.20
C VAL B 294 -15.10 34.18 -34.25
N TYR B 295 -14.92 35.45 -33.83
CA TYR B 295 -14.36 36.47 -34.71
C TYR B 295 -13.00 36.03 -35.25
N HIS B 296 -12.91 35.80 -36.56
CA HIS B 296 -11.80 35.08 -37.14
C HIS B 296 -10.95 35.99 -38.02
N LYS B 297 -9.66 36.06 -37.68
CA LYS B 297 -8.64 36.64 -38.54
C LYS B 297 -7.42 35.75 -38.43
N HIS B 298 -6.66 35.64 -39.53
CA HIS B 298 -5.69 34.56 -39.68
C HIS B 298 -4.31 35.13 -40.02
N THR B 299 -3.33 34.84 -39.17
CA THR B 299 -1.95 35.23 -39.41
C THR B 299 -1.12 34.00 -39.73
N PHE B 300 -0.27 34.10 -40.75
CA PHE B 300 0.62 33.01 -41.15
C PHE B 300 2.04 33.33 -40.70
N ILE B 301 2.55 32.56 -39.73
CA ILE B 301 3.93 32.66 -39.31
C ILE B 301 4.76 31.75 -40.19
N VAL B 302 5.69 32.32 -40.96
CA VAL B 302 6.47 31.59 -41.94
C VAL B 302 7.95 31.80 -41.65
N LEU B 303 8.71 30.71 -41.63
CA LEU B 303 10.14 30.75 -41.37
C LEU B 303 10.86 30.21 -42.59
N TYR B 304 11.71 31.03 -43.19
CA TYR B 304 12.48 30.68 -44.38
C TYR B 304 13.92 30.39 -43.98
N VAL B 305 14.44 29.26 -44.43
CA VAL B 305 15.82 28.86 -44.17
C VAL B 305 16.49 28.55 -45.49
N ASN B 306 17.61 29.23 -45.76
CA ASN B 306 18.41 28.96 -46.94
C ASN B 306 19.88 29.17 -46.62
N PHE B 307 20.74 28.33 -47.18
CA PHE B 307 22.18 28.50 -47.03
C PHE B 307 22.87 27.94 -48.27
N GLU B 308 24.03 28.49 -48.58
CA GLU B 308 24.84 28.03 -49.69
C GLU B 308 26.31 28.10 -49.29
N HIS B 309 27.12 27.27 -49.96
CA HIS B 309 28.49 27.05 -49.55
C HIS B 309 29.38 28.21 -50.00
N ARG B 310 30.64 28.17 -49.56
CA ARG B 310 31.60 29.22 -49.89
C ARG B 310 32.02 29.06 -51.34
N ARG B 311 31.39 29.84 -52.22
CA ARG B 311 31.80 29.84 -53.62
C ARG B 311 33.24 30.34 -53.73
N GLY B 312 34.02 29.66 -54.55
CA GLY B 312 35.42 29.97 -54.71
C GLY B 312 36.25 28.76 -55.06
N PRO B 313 37.57 28.85 -54.90
CA PRO B 313 38.45 27.75 -55.33
C PRO B 313 38.20 26.45 -54.59
N GLY B 314 37.83 26.51 -53.32
CA GLY B 314 37.63 25.30 -52.54
C GLY B 314 36.18 24.88 -52.46
N LYS B 315 35.81 23.85 -53.21
CA LYS B 315 34.43 23.33 -53.17
C LYS B 315 34.45 22.10 -52.26
N CYS B 316 34.13 22.33 -50.99
CA CYS B 316 34.00 21.25 -50.02
C CYS B 316 32.51 21.06 -49.71
N TYR B 317 31.98 19.89 -50.07
CA TYR B 317 30.55 19.65 -49.86
C TYR B 317 30.25 19.31 -48.41
N ASN B 318 31.04 18.42 -47.82
CA ASN B 318 30.80 17.95 -46.46
C ASN B 318 31.05 19.04 -45.42
N CYS B 319 31.67 20.14 -45.79
CA CYS B 319 32.00 21.18 -44.82
C CYS B 319 30.75 21.87 -44.31
N ARG B 320 30.89 22.52 -43.16
CA ARG B 320 29.78 23.29 -42.63
C ARG B 320 29.48 24.47 -43.55
N PRO B 321 28.20 24.75 -43.83
CA PRO B 321 27.87 25.96 -44.58
C PRO B 321 28.30 27.20 -43.82
N ALA B 322 28.71 28.22 -44.58
CA ALA B 322 29.27 29.43 -43.99
C ALA B 322 28.24 30.56 -43.88
N VAL B 323 27.56 30.87 -44.98
CA VAL B 323 26.62 31.99 -45.03
C VAL B 323 25.20 31.46 -44.95
N ILE B 324 24.40 32.02 -44.05
CA ILE B 324 23.05 31.54 -43.77
C ILE B 324 22.08 32.71 -43.89
N ASN B 325 21.03 32.52 -44.68
CA ASN B 325 19.91 33.46 -44.79
C ASN B 325 18.74 32.84 -44.03
N ILE B 326 18.32 33.49 -42.94
CA ILE B 326 17.17 33.06 -42.16
C ILE B 326 16.25 34.26 -41.99
N THR B 327 15.01 34.14 -42.44
CA THR B 327 14.03 35.21 -42.35
C THR B 327 12.79 34.71 -41.63
N LEU B 328 12.04 35.66 -41.06
CA LEU B 328 10.81 35.39 -40.32
C LEU B 328 9.69 36.28 -40.82
N ALA B 329 9.52 36.32 -42.15
CA ALA B 329 8.46 37.09 -42.79
C ALA B 329 8.42 38.54 -42.32
N ASN B 330 7.38 38.89 -41.56
CA ASN B 330 7.10 40.26 -41.18
C ASN B 330 7.89 40.74 -39.97
N PHE B 331 8.98 40.07 -39.63
CA PHE B 331 9.75 40.40 -38.43
C PHE B 331 10.64 41.60 -38.74
N ASN B 332 10.26 42.77 -38.24
CA ASN B 332 10.90 44.03 -38.60
C ASN B 332 11.83 44.48 -37.46
N GLU B 333 12.84 43.64 -37.21
CA GLU B 333 13.97 43.88 -36.33
C GLU B 333 13.69 44.77 -35.12
N THR B 334 13.82 46.08 -35.29
CA THR B 334 13.84 47.02 -34.17
C THR B 334 12.50 47.10 -33.43
N LYS B 335 11.42 46.63 -34.05
CA LYS B 335 10.09 46.75 -33.45
C LYS B 335 9.84 45.69 -32.38
N GLY B 336 10.78 44.78 -32.16
CA GLY B 336 10.64 43.75 -31.16
C GLY B 336 10.08 42.46 -31.73
N PRO B 337 9.73 41.53 -30.83
CA PRO B 337 9.21 40.24 -31.28
C PRO B 337 7.93 40.40 -32.09
N LEU B 338 7.77 39.53 -33.08
CA LEU B 338 6.58 39.47 -33.92
C LEU B 338 5.48 38.78 -33.12
N CYS B 339 4.57 39.57 -32.56
CA CYS B 339 3.49 39.02 -31.77
C CYS B 339 2.28 38.75 -32.65
N VAL B 340 1.45 37.80 -32.21
CA VAL B 340 0.26 37.39 -32.93
C VAL B 340 -0.93 38.10 -32.31
N ASP B 341 -1.68 38.84 -33.13
CA ASP B 341 -2.88 39.53 -32.68
C ASP B 341 -4.15 38.84 -33.10
N THR B 342 -4.07 37.90 -34.03
CA THR B 342 -5.25 37.26 -34.59
C THR B 342 -5.71 36.11 -33.71
N SER B 343 -6.99 35.78 -33.82
CA SER B 343 -7.54 34.66 -33.05
C SER B 343 -6.94 33.34 -33.51
N HIS B 344 -6.72 33.18 -34.80
CA HIS B 344 -6.14 31.97 -35.37
C HIS B 344 -4.79 32.29 -35.96
N PHE B 345 -3.88 31.32 -35.93
CA PHE B 345 -2.59 31.47 -36.59
C PHE B 345 -2.06 30.10 -36.98
N THR B 346 -1.16 30.10 -37.95
CA THR B 346 -0.60 28.88 -38.50
C THR B 346 0.91 29.06 -38.66
N THR B 347 1.68 28.04 -38.31
CA THR B 347 3.11 28.05 -38.48
C THR B 347 3.50 27.23 -39.70
N GLN B 348 4.32 27.79 -40.56
CA GLN B 348 4.76 27.13 -41.79
C GLN B 348 6.27 27.18 -41.88
N PHE B 349 6.84 26.15 -42.51
CA PHE B 349 8.27 25.98 -42.64
C PHE B 349 8.63 25.84 -44.11
N VAL B 350 9.57 26.66 -44.57
CA VAL B 350 9.99 26.68 -45.98
C VAL B 350 11.48 26.37 -46.01
N ASP B 351 11.82 25.12 -46.28
CA ASP B 351 13.22 24.72 -46.38
C ASP B 351 13.70 25.07 -47.78
N ASN B 352 14.29 26.26 -47.91
CA ASN B 352 14.54 26.88 -49.19
C ASN B 352 15.95 26.62 -49.72
N VAL B 353 16.64 25.60 -49.22
CA VAL B 353 17.97 25.29 -49.73
C VAL B 353 17.84 24.55 -51.05
N LYS B 354 18.80 24.77 -51.95
CA LYS B 354 18.80 24.14 -53.25
C LYS B 354 19.83 23.03 -53.37
N LEU B 355 20.87 23.04 -52.54
CA LEU B 355 21.89 22.00 -52.60
C LEU B 355 21.27 20.63 -52.34
N ALA B 356 21.62 19.65 -53.17
CA ALA B 356 21.10 18.32 -53.02
C ALA B 356 21.63 17.67 -51.74
N ARG B 357 20.83 16.77 -51.17
CA ARG B 357 21.17 16.03 -49.96
C ARG B 357 21.29 16.92 -48.72
N TRP B 358 21.09 18.22 -48.87
CA TRP B 358 21.07 19.13 -47.73
C TRP B 358 19.63 19.50 -47.42
N SER B 359 19.27 19.44 -46.14
CA SER B 359 17.92 19.73 -45.71
C SER B 359 17.96 20.38 -44.34
N ALA B 360 17.07 21.35 -44.13
CA ALA B 360 16.98 22.06 -42.86
C ALA B 360 16.01 21.37 -41.92
N SER B 361 16.07 21.75 -40.65
CA SER B 361 15.22 21.18 -39.62
C SER B 361 15.18 22.13 -38.44
N ILE B 362 14.15 21.97 -37.61
CA ILE B 362 14.00 22.75 -36.39
C ILE B 362 13.61 21.81 -35.26
N ASN B 363 14.20 22.02 -34.08
CA ASN B 363 14.03 21.14 -32.93
C ASN B 363 13.35 21.85 -31.79
N THR B 364 12.82 21.04 -30.86
CA THR B 364 12.02 21.59 -29.76
C THR B 364 12.83 22.46 -28.83
N GLY B 365 14.04 22.03 -28.49
CA GLY B 365 14.83 22.78 -27.53
C GLY B 365 14.23 22.68 -26.14
N ASN B 366 14.03 23.83 -25.50
CA ASN B 366 13.47 23.90 -24.15
C ASN B 366 12.07 24.49 -24.14
N CYS B 367 11.39 24.52 -25.28
CA CYS B 367 10.03 25.02 -25.35
C CYS B 367 9.05 23.91 -25.04
N PRO B 368 7.87 24.25 -24.51
CA PRO B 368 6.85 23.23 -24.23
C PRO B 368 6.05 22.80 -25.45
N PHE B 369 6.46 23.18 -26.65
CA PHE B 369 5.76 22.80 -27.88
C PHE B 369 6.76 22.84 -29.03
N SER B 370 6.36 22.25 -30.14
CA SER B 370 7.19 22.19 -31.33
C SER B 370 6.62 23.07 -32.43
N PHE B 371 7.48 23.43 -33.39
CA PHE B 371 7.07 24.36 -34.44
C PHE B 371 5.91 23.80 -35.26
N GLY B 372 6.05 22.57 -35.76
CA GLY B 372 4.99 22.00 -36.57
C GLY B 372 3.79 21.52 -35.79
N LYS B 373 3.92 21.32 -34.48
CA LYS B 373 2.86 20.73 -33.69
C LYS B 373 1.92 21.75 -33.07
N VAL B 374 2.24 23.04 -33.17
CA VAL B 374 1.35 24.06 -32.62
C VAL B 374 0.02 24.07 -33.35
N ASN B 375 0.02 23.71 -34.64
CA ASN B 375 -1.18 23.80 -35.46
C ASN B 375 -2.28 22.85 -35.01
N ASN B 376 -2.00 21.91 -34.12
CA ASN B 376 -3.01 20.97 -33.64
C ASN B 376 -3.82 21.55 -32.48
N PHE B 377 -4.38 22.74 -32.70
CA PHE B 377 -5.32 23.36 -31.76
C PHE B 377 -4.70 23.55 -30.38
N VAL B 378 -3.56 24.25 -30.34
CA VAL B 378 -2.93 24.63 -29.08
C VAL B 378 -3.36 26.05 -28.74
N LYS B 379 -3.80 26.25 -27.50
CA LYS B 379 -4.27 27.55 -27.07
C LYS B 379 -3.14 28.38 -26.47
N PHE B 380 -3.29 29.71 -26.57
CA PHE B 380 -2.35 30.65 -25.99
C PHE B 380 -3.10 31.90 -25.57
N GLY B 381 -2.55 32.61 -24.59
CA GLY B 381 -3.04 33.92 -24.23
C GLY B 381 -2.25 35.01 -24.95
N SER B 382 -1.05 34.66 -25.37
CA SER B 382 -0.16 35.54 -26.12
C SER B 382 1.01 34.71 -26.63
N VAL B 383 1.56 35.12 -27.77
CA VAL B 383 2.70 34.44 -28.36
C VAL B 383 3.44 35.38 -29.30
N CYS B 384 4.77 35.40 -29.21
CA CYS B 384 5.59 36.25 -30.07
C CYS B 384 6.85 35.50 -30.45
N PHE B 385 7.23 35.60 -31.72
CA PHE B 385 8.43 34.96 -32.25
C PHE B 385 9.46 36.02 -32.60
N SER B 386 10.73 35.66 -32.49
CA SER B 386 11.80 36.58 -32.87
C SER B 386 13.06 35.79 -33.20
N LEU B 387 13.88 36.37 -34.07
CA LEU B 387 15.18 35.80 -34.42
C LEU B 387 16.27 36.16 -33.42
N LYS B 388 15.96 36.96 -32.41
CA LYS B 388 16.92 37.33 -31.38
C LYS B 388 16.35 37.00 -30.02
N ASP B 389 17.22 36.73 -29.07
CA ASP B 389 16.77 36.23 -27.77
C ASP B 389 15.77 37.19 -27.14
N ILE B 390 14.70 36.62 -26.63
CA ILE B 390 13.69 37.36 -25.88
C ILE B 390 13.94 37.11 -24.39
N PRO B 391 14.04 38.14 -23.57
CA PRO B 391 14.23 37.92 -22.14
C PRO B 391 13.04 37.23 -21.51
N GLY B 392 13.23 36.00 -21.05
CA GLY B 392 12.18 35.22 -20.46
C GLY B 392 11.52 34.19 -21.37
N GLY B 393 12.07 33.95 -22.55
CA GLY B 393 11.48 33.04 -23.51
C GLY B 393 12.18 31.69 -23.56
N CYS B 394 12.04 31.02 -24.70
CA CYS B 394 12.65 29.72 -24.95
C CYS B 394 13.30 29.74 -26.33
N ALA B 395 14.22 28.79 -26.55
CA ALA B 395 15.04 28.76 -27.76
C ALA B 395 14.82 27.45 -28.50
N MET B 396 14.78 27.53 -29.82
CA MET B 396 14.53 26.38 -30.69
C MET B 396 15.64 26.25 -31.71
N PRO B 397 16.55 25.28 -31.57
CA PRO B 397 17.66 25.17 -32.52
C PRO B 397 17.20 24.94 -33.93
N ILE B 398 17.90 25.56 -34.89
CA ILE B 398 17.71 25.34 -36.31
C ILE B 398 18.96 24.64 -36.83
N MET B 399 18.77 23.53 -37.54
CA MET B 399 19.87 22.65 -37.89
C MET B 399 19.94 22.43 -39.40
N ALA B 400 21.16 22.24 -39.89
CA ALA B 400 21.43 21.94 -41.29
C ALA B 400 21.98 20.52 -41.38
N ASN B 401 21.33 19.67 -42.17
CA ASN B 401 21.63 18.25 -42.20
C ASN B 401 22.12 17.82 -43.57
N LEU B 402 23.03 16.84 -43.57
CA LEU B 402 23.54 16.23 -44.78
C LEU B 402 23.39 14.72 -44.65
N VAL B 403 23.00 14.07 -45.76
CA VAL B 403 22.71 12.65 -45.72
C VAL B 403 23.96 11.87 -45.34
N ASN B 404 23.80 10.89 -44.44
CA ASN B 404 24.89 10.06 -43.91
C ASN B 404 26.10 10.90 -43.51
N SER B 405 25.83 12.04 -42.89
CA SER B 405 26.88 12.93 -42.40
C SER B 405 26.38 13.67 -41.17
N LYS B 406 27.31 14.24 -40.42
CA LYS B 406 26.98 14.92 -39.18
C LYS B 406 26.42 16.31 -39.46
N SER B 407 25.45 16.73 -38.64
CA SER B 407 24.71 17.96 -38.84
C SER B 407 25.33 19.13 -38.07
N HIS B 408 24.89 20.34 -38.40
CA HIS B 408 25.44 21.57 -37.84
C HIS B 408 24.32 22.51 -37.45
N ASN B 409 24.47 23.20 -36.32
CA ASN B 409 23.52 24.23 -35.94
C ASN B 409 23.79 25.50 -36.74
N ILE B 410 22.72 26.13 -37.24
CA ILE B 410 22.86 27.31 -38.07
C ILE B 410 21.95 28.44 -37.61
N GLY B 411 21.61 28.45 -36.33
CA GLY B 411 20.81 29.52 -35.78
C GLY B 411 19.77 28.96 -34.84
N SER B 412 18.83 29.82 -34.44
CA SER B 412 17.78 29.41 -33.51
C SER B 412 16.62 30.40 -33.61
N LEU B 413 15.45 29.94 -33.15
CA LEU B 413 14.25 30.74 -33.11
C LEU B 413 13.78 30.88 -31.66
N TYR B 414 13.54 32.12 -31.22
CA TYR B 414 13.20 32.40 -29.84
C TYR B 414 11.71 32.72 -29.73
N VAL B 415 11.02 32.08 -28.80
CA VAL B 415 9.58 32.21 -28.66
C VAL B 415 9.25 32.65 -27.24
N SER B 416 8.17 33.42 -27.10
CA SER B 416 7.61 33.78 -25.82
C SER B 416 6.10 33.56 -25.86
N TRP B 417 5.52 33.22 -24.72
CA TRP B 417 4.10 32.88 -24.69
C TRP B 417 3.57 33.03 -23.28
N SER B 418 2.24 32.97 -23.16
CA SER B 418 1.57 32.91 -21.87
C SER B 418 0.30 32.08 -22.06
N ASP B 419 -0.18 31.51 -20.97
CA ASP B 419 -1.38 30.67 -21.05
C ASP B 419 -2.63 31.54 -21.22
N GLY B 420 -3.62 30.97 -21.91
CA GLY B 420 -4.85 31.68 -22.17
C GLY B 420 -5.70 30.92 -23.16
N ASP B 421 -6.88 31.47 -23.42
CA ASP B 421 -7.85 30.87 -24.33
C ASP B 421 -8.20 31.76 -25.51
N VAL B 422 -7.47 32.87 -25.70
CA VAL B 422 -7.87 33.81 -26.73
C VAL B 422 -7.34 33.42 -28.10
N ILE B 423 -6.11 32.92 -28.17
CA ILE B 423 -5.43 32.63 -29.43
C ILE B 423 -5.29 31.11 -29.56
N THR B 424 -5.39 30.61 -30.79
CA THR B 424 -5.28 29.19 -31.06
C THR B 424 -4.61 28.97 -32.40
N GLY B 425 -3.98 27.80 -32.55
CA GLY B 425 -3.32 27.40 -33.79
C GLY B 425 -4.16 26.39 -34.56
N VAL B 426 -4.19 26.55 -35.87
CA VAL B 426 -4.97 25.68 -36.74
C VAL B 426 -4.07 25.21 -37.88
N PRO B 427 -4.38 24.06 -38.49
CA PRO B 427 -3.50 23.54 -39.53
C PRO B 427 -3.35 24.45 -40.74
N LYS B 428 -4.44 24.71 -41.46
CA LYS B 428 -4.47 25.69 -42.56
C LYS B 428 -5.90 25.84 -43.06
N PRO B 429 -6.34 27.05 -43.38
CA PRO B 429 -7.66 27.22 -43.99
C PRO B 429 -7.71 26.54 -45.35
N VAL B 430 -8.76 25.75 -45.56
CA VAL B 430 -9.04 25.12 -46.85
C VAL B 430 -10.51 25.34 -47.18
N GLU B 431 -10.76 25.94 -48.34
CA GLU B 431 -12.13 26.35 -48.70
C GLU B 431 -12.95 25.10 -49.01
N GLY B 432 -13.98 24.86 -48.20
CA GLY B 432 -14.84 23.72 -48.39
C GLY B 432 -15.13 22.95 -47.11
N VAL B 433 -14.20 22.96 -46.17
CA VAL B 433 -14.32 22.17 -44.95
C VAL B 433 -14.84 23.03 -43.81
N SER B 434 -15.81 22.50 -43.08
CA SER B 434 -16.36 23.16 -41.89
C SER B 434 -15.59 22.69 -40.67
N SER B 435 -14.89 23.60 -40.03
CA SER B 435 -14.19 23.28 -38.79
C SER B 435 -15.07 23.37 -37.57
N PHE B 436 -16.39 23.51 -37.71
CA PHE B 436 -17.20 23.72 -36.52
C PHE B 436 -17.99 22.48 -36.10
N MET B 437 -18.53 21.70 -37.03
CA MET B 437 -19.23 20.47 -36.64
C MET B 437 -19.09 19.46 -37.78
N ASN B 438 -18.05 18.62 -37.69
CA ASN B 438 -17.77 17.59 -38.70
C ASN B 438 -17.28 16.36 -37.94
N VAL B 439 -18.21 15.44 -37.61
CA VAL B 439 -17.91 14.26 -36.81
C VAL B 439 -18.44 12.99 -37.45
N THR B 440 -17.79 11.87 -37.09
CA THR B 440 -18.20 10.54 -37.53
C THR B 440 -18.71 9.76 -36.32
N LEU B 441 -19.73 8.94 -36.55
CA LEU B 441 -20.45 8.23 -35.50
C LEU B 441 -20.29 6.73 -35.57
N ASN B 442 -20.30 6.10 -34.40
CA ASN B 442 -20.20 4.65 -34.20
C ASN B 442 -18.86 4.06 -34.62
N LYS B 443 -17.89 4.89 -34.99
CA LYS B 443 -16.58 4.39 -35.37
C LYS B 443 -15.55 4.98 -34.41
N CYS B 444 -14.52 4.22 -34.11
CA CYS B 444 -13.46 4.75 -33.26
C CYS B 444 -12.75 5.88 -34.01
N THR B 445 -12.67 7.05 -33.37
CA THR B 445 -12.12 8.22 -34.01
C THR B 445 -11.36 9.09 -33.03
N LYS B 446 -10.36 9.79 -33.54
CA LYS B 446 -9.59 10.76 -32.77
C LYS B 446 -10.34 12.09 -32.89
N TYR B 447 -10.61 12.72 -31.76
CA TYR B 447 -11.40 13.95 -31.76
C TYR B 447 -10.73 15.09 -31.03
N ASN B 448 -11.12 16.31 -31.44
CA ASN B 448 -10.78 17.56 -30.76
C ASN B 448 -12.13 18.27 -30.64
N ILE B 449 -12.72 18.24 -29.45
CA ILE B 449 -14.06 18.77 -29.21
C ILE B 449 -13.96 19.87 -28.16
N TYR B 450 -14.17 21.11 -28.59
CA TYR B 450 -14.15 22.28 -27.71
C TYR B 450 -12.90 22.31 -26.83
N ASP B 451 -11.74 22.26 -27.49
CA ASP B 451 -10.42 22.29 -26.87
C ASP B 451 -10.03 21.03 -26.14
N VAL B 452 -10.82 19.96 -26.19
CA VAL B 452 -10.49 18.72 -25.50
C VAL B 452 -10.16 17.67 -26.54
N SER B 453 -8.97 17.08 -26.42
CA SER B 453 -8.46 16.10 -27.37
C SER B 453 -8.49 14.70 -26.76
N GLY B 454 -8.81 13.71 -27.58
CA GLY B 454 -8.87 12.35 -27.10
C GLY B 454 -9.22 11.41 -28.23
N VAL B 455 -9.44 10.14 -27.86
CA VAL B 455 -9.80 9.09 -28.79
C VAL B 455 -11.00 8.34 -28.22
N GLY B 456 -12.03 8.13 -29.02
CA GLY B 456 -13.21 7.46 -28.54
C GLY B 456 -14.25 7.22 -29.62
N VAL B 457 -15.45 6.89 -29.18
CA VAL B 457 -16.59 6.64 -30.05
C VAL B 457 -17.71 7.58 -29.69
N ILE B 458 -18.35 8.16 -30.71
CA ILE B 458 -19.41 9.15 -30.53
C ILE B 458 -20.74 8.59 -31.00
N ARG B 459 -21.78 8.80 -30.21
CA ARG B 459 -23.14 8.37 -30.52
C ARG B 459 -24.10 9.45 -30.07
N ILE B 460 -25.34 9.36 -30.53
CA ILE B 460 -26.39 10.29 -30.15
C ILE B 460 -27.07 9.76 -28.91
N SER B 461 -27.60 10.64 -28.05
CA SER B 461 -28.22 10.14 -26.84
C SER B 461 -29.47 10.94 -26.45
N ASN B 462 -30.20 10.38 -25.48
CA ASN B 462 -31.29 10.99 -24.74
C ASN B 462 -31.05 12.40 -24.23
N ASP B 463 -30.00 12.57 -23.41
CA ASP B 463 -29.88 13.67 -22.47
C ASP B 463 -30.29 15.02 -23.03
N THR B 464 -31.15 15.68 -22.27
CA THR B 464 -31.70 17.00 -22.56
C THR B 464 -31.14 18.05 -21.62
N PHE B 465 -29.90 17.86 -21.18
CA PHE B 465 -29.28 18.79 -20.25
C PHE B 465 -29.30 20.20 -20.81
N LEU B 466 -29.70 21.15 -19.98
CA LEU B 466 -29.86 22.52 -20.44
C LEU B 466 -28.61 23.36 -20.29
N ASN B 467 -27.81 23.09 -19.27
CA ASN B 467 -26.62 23.89 -18.98
C ASN B 467 -25.36 23.41 -19.71
N GLY B 468 -24.59 24.38 -20.20
CA GLY B 468 -23.29 24.13 -20.80
C GLY B 468 -23.29 23.47 -22.17
N ILE B 469 -22.05 23.22 -22.62
CA ILE B 469 -21.80 22.56 -23.90
C ILE B 469 -20.89 21.35 -23.79
N THR B 470 -20.15 21.18 -22.70
CA THR B 470 -19.28 20.02 -22.51
C THR B 470 -19.49 19.45 -21.11
N TYR B 471 -19.40 18.13 -21.01
CA TYR B 471 -19.62 17.43 -19.75
C TYR B 471 -18.44 16.49 -19.51
N THR B 472 -17.80 16.65 -18.35
CA THR B 472 -16.61 15.88 -18.01
C THR B 472 -16.83 15.07 -16.74
N SER B 473 -16.06 14.00 -16.63
CA SER B 473 -16.08 13.14 -15.45
C SER B 473 -15.16 13.69 -14.37
N THR B 474 -15.13 13.01 -13.23
CA THR B 474 -14.28 13.44 -12.12
C THR B 474 -12.80 13.42 -12.51
N SER B 475 -12.39 12.44 -13.32
CA SER B 475 -11.00 12.35 -13.75
C SER B 475 -10.62 13.41 -14.77
N GLY B 476 -11.59 14.12 -15.35
CA GLY B 476 -11.31 15.12 -16.36
C GLY B 476 -11.59 14.67 -17.78
N ASN B 477 -11.84 13.38 -17.99
CA ASN B 477 -12.15 12.88 -19.31
C ASN B 477 -13.51 13.41 -19.77
N LEU B 478 -13.65 13.59 -21.07
CA LEU B 478 -14.87 14.14 -21.66
C LEU B 478 -15.88 13.03 -21.88
N LEU B 479 -17.06 13.18 -21.27
CA LEU B 479 -18.13 12.21 -21.37
C LEU B 479 -19.15 12.54 -22.45
N GLY B 480 -19.26 13.80 -22.84
CA GLY B 480 -20.21 14.17 -23.88
C GLY B 480 -20.15 15.66 -24.17
N PHE B 481 -20.89 16.05 -25.21
CA PHE B 481 -20.92 17.43 -25.64
C PHE B 481 -22.23 17.71 -26.35
N LYS B 482 -22.55 18.99 -26.49
CA LYS B 482 -23.77 19.46 -27.13
C LYS B 482 -23.47 20.22 -28.42
N ASP B 483 -24.15 19.85 -29.49
CA ASP B 483 -24.08 20.64 -30.72
C ASP B 483 -24.88 21.92 -30.46
N VAL B 484 -24.20 23.07 -30.53
CA VAL B 484 -24.84 24.33 -30.19
C VAL B 484 -25.98 24.76 -31.10
N THR B 485 -26.03 24.25 -32.33
CA THR B 485 -27.08 24.65 -33.25
C THR B 485 -28.40 23.92 -32.99
N ASN B 486 -28.37 22.60 -33.17
CA ASN B 486 -29.53 21.74 -32.95
C ASN B 486 -29.88 21.61 -31.48
N GLY B 487 -28.86 21.56 -30.61
CA GLY B 487 -29.03 21.29 -29.21
C GLY B 487 -28.93 19.83 -28.85
N THR B 488 -28.60 18.98 -29.82
CA THR B 488 -28.46 17.54 -29.61
C THR B 488 -27.20 17.22 -28.81
N ILE B 489 -27.33 16.32 -27.84
CA ILE B 489 -26.21 15.95 -26.98
C ILE B 489 -25.68 14.59 -27.43
N TYR B 490 -24.36 14.50 -27.58
CA TYR B 490 -23.66 13.30 -28.00
C TYR B 490 -22.82 12.75 -26.85
N SER B 491 -22.73 11.43 -26.76
CA SER B 491 -21.94 10.77 -25.73
C SER B 491 -20.62 10.29 -26.29
N ILE B 492 -19.65 10.08 -25.40
CA ILE B 492 -18.32 9.61 -25.76
C ILE B 492 -17.98 8.40 -24.91
N THR B 493 -17.51 7.32 -25.56
CA THR B 493 -17.14 6.06 -24.94
C THR B 493 -15.77 5.64 -25.42
N PRO B 494 -14.92 5.07 -24.55
CA PRO B 494 -13.62 4.59 -25.02
C PRO B 494 -13.78 3.49 -26.07
N CYS B 495 -12.81 3.44 -26.99
CA CYS B 495 -12.87 2.47 -28.08
C CYS B 495 -12.67 1.03 -27.62
N ASN B 496 -12.00 0.79 -26.50
CA ASN B 496 -11.70 -0.58 -26.06
C ASN B 496 -11.69 -0.69 -24.55
N PRO B 497 -12.86 -0.79 -23.93
CA PRO B 497 -12.92 -0.96 -22.48
C PRO B 497 -12.40 -2.33 -22.08
N PRO B 498 -11.90 -2.49 -20.85
CA PRO B 498 -11.33 -3.77 -20.44
C PRO B 498 -12.35 -4.89 -20.23
N ASP B 499 -11.93 -6.11 -20.58
CA ASP B 499 -12.66 -7.34 -20.37
C ASP B 499 -12.04 -8.11 -19.21
N GLN B 500 -12.62 -9.25 -18.86
CA GLN B 500 -12.08 -10.11 -17.81
C GLN B 500 -12.08 -11.57 -18.28
N LEU B 501 -10.89 -12.14 -18.43
CA LEU B 501 -10.72 -13.53 -18.83
C LEU B 501 -10.70 -14.44 -17.62
N VAL B 502 -11.24 -15.64 -17.80
CA VAL B 502 -11.26 -16.68 -16.77
C VAL B 502 -10.30 -17.77 -17.23
N VAL B 503 -9.31 -18.08 -16.40
CA VAL B 503 -8.34 -19.13 -16.74
C VAL B 503 -8.43 -20.26 -15.71
N TYR B 504 -8.44 -21.49 -16.21
CA TYR B 504 -8.50 -22.68 -15.39
C TYR B 504 -7.66 -23.76 -16.04
N GLN B 505 -6.85 -24.44 -15.24
CA GLN B 505 -5.98 -25.53 -15.71
C GLN B 505 -5.13 -25.10 -16.90
N GLN B 506 -4.52 -23.93 -16.78
CA GLN B 506 -3.63 -23.37 -17.80
C GLN B 506 -4.31 -23.07 -19.12
N ALA B 507 -5.62 -22.82 -19.11
CA ALA B 507 -6.32 -22.50 -20.34
C ALA B 507 -7.39 -21.45 -20.05
N VAL B 508 -7.83 -20.77 -21.10
CA VAL B 508 -8.88 -19.77 -20.98
C VAL B 508 -10.21 -20.44 -21.29
N VAL B 509 -11.09 -20.47 -20.28
CA VAL B 509 -12.38 -21.14 -20.43
C VAL B 509 -13.54 -20.18 -20.64
N GLY B 510 -13.42 -18.91 -20.26
CA GLY B 510 -14.51 -17.97 -20.45
C GLY B 510 -14.00 -16.55 -20.41
N ALA B 511 -14.91 -15.62 -20.74
CA ALA B 511 -14.56 -14.21 -20.78
C ALA B 511 -15.79 -13.36 -20.51
N MET B 512 -15.70 -12.49 -19.51
CA MET B 512 -16.77 -11.53 -19.24
C MET B 512 -16.65 -10.37 -20.21
N LEU B 513 -17.75 -10.08 -20.91
CA LEU B 513 -17.78 -9.03 -21.92
C LEU B 513 -18.89 -8.05 -21.58
N SER B 514 -18.78 -6.87 -22.18
CA SER B 514 -19.78 -5.82 -22.01
C SER B 514 -20.80 -5.77 -23.14
N GLU B 515 -20.74 -6.68 -24.11
CA GLU B 515 -21.63 -6.58 -25.27
C GLU B 515 -21.83 -7.96 -25.91
N ASN B 516 -22.80 -8.02 -26.83
CA ASN B 516 -23.06 -9.21 -27.64
C ASN B 516 -22.05 -9.56 -28.70
N PHE B 517 -21.01 -10.29 -28.34
CA PHE B 517 -20.09 -10.81 -29.34
C PHE B 517 -19.47 -12.09 -28.82
N THR B 518 -19.09 -12.94 -29.76
CA THR B 518 -18.38 -14.18 -29.45
C THR B 518 -16.87 -13.92 -29.51
N SER B 519 -16.44 -13.00 -28.64
CA SER B 519 -15.06 -12.57 -28.61
C SER B 519 -14.15 -13.68 -28.09
N TYR B 520 -12.86 -13.53 -28.40
CA TYR B 520 -11.80 -14.44 -28.01
C TYR B 520 -11.98 -15.86 -28.56
N GLY B 521 -12.81 -16.03 -29.59
CA GLY B 521 -13.02 -17.32 -30.20
C GLY B 521 -14.04 -18.24 -29.56
N PHE B 522 -14.70 -17.82 -28.47
CA PHE B 522 -15.71 -18.68 -27.88
C PHE B 522 -16.95 -18.71 -28.76
N SER B 523 -17.56 -19.88 -28.89
CA SER B 523 -18.69 -20.06 -29.79
C SER B 523 -20.05 -19.90 -29.14
N ASN B 524 -20.13 -19.57 -27.86
CA ASN B 524 -21.41 -19.41 -27.20
C ASN B 524 -21.35 -18.20 -26.28
N VAL B 525 -22.42 -17.42 -26.27
CA VAL B 525 -22.52 -16.21 -25.45
C VAL B 525 -23.90 -16.16 -24.81
N VAL B 526 -23.92 -15.80 -23.52
CA VAL B 526 -25.14 -15.68 -22.73
C VAL B 526 -25.13 -14.31 -22.05
N GLU B 527 -26.24 -13.97 -21.41
CA GLU B 527 -26.40 -12.68 -20.75
C GLU B 527 -26.70 -12.85 -19.27
N MET B 528 -25.91 -12.18 -18.44
CA MET B 528 -26.08 -12.11 -17.00
C MET B 528 -26.63 -10.74 -16.63
N PRO B 529 -27.13 -10.58 -15.40
CA PRO B 529 -27.72 -9.29 -15.02
C PRO B 529 -26.83 -8.07 -15.21
N LYS B 530 -25.52 -8.20 -15.01
CA LYS B 530 -24.61 -7.07 -15.12
C LYS B 530 -23.64 -7.13 -16.28
N PHE B 531 -23.53 -8.25 -16.99
CA PHE B 531 -22.55 -8.35 -18.06
C PHE B 531 -22.89 -9.54 -18.95
N PHE B 532 -22.20 -9.64 -20.07
CA PHE B 532 -22.32 -10.76 -20.97
C PHE B 532 -21.20 -11.75 -20.68
N TYR B 533 -21.48 -13.02 -20.92
CA TYR B 533 -20.50 -14.07 -20.66
C TYR B 533 -20.38 -14.94 -21.90
N ALA B 534 -19.16 -15.22 -22.31
CA ALA B 534 -18.89 -16.04 -23.47
C ALA B 534 -17.98 -17.19 -23.07
N SER B 535 -18.32 -18.40 -23.51
CA SER B 535 -17.53 -19.58 -23.19
C SER B 535 -17.90 -20.67 -24.19
N ASN B 536 -17.08 -21.72 -24.21
CA ASN B 536 -17.31 -22.87 -25.08
C ASN B 536 -18.05 -23.99 -24.34
N GLY B 537 -18.70 -23.65 -23.21
CA GLY B 537 -19.41 -24.61 -22.36
C GLY B 537 -20.79 -25.06 -22.82
N THR B 538 -21.21 -26.20 -22.26
CA THR B 538 -22.48 -26.84 -22.59
C THR B 538 -23.58 -26.55 -21.57
N TYR B 539 -23.25 -25.97 -20.42
CA TYR B 539 -24.21 -25.56 -19.37
C TYR B 539 -25.10 -26.69 -18.85
N ASN B 540 -24.48 -27.76 -18.34
CA ASN B 540 -25.31 -28.84 -17.80
C ASN B 540 -24.63 -29.37 -16.52
N CYS B 541 -23.54 -28.75 -16.08
CA CYS B 541 -22.81 -29.23 -14.92
C CYS B 541 -23.50 -28.79 -13.63
N THR B 542 -22.91 -29.18 -12.52
CA THR B 542 -23.40 -28.85 -11.19
C THR B 542 -22.38 -28.15 -10.30
N ASP B 543 -21.12 -28.62 -10.29
CA ASP B 543 -20.11 -28.07 -9.40
C ASP B 543 -19.19 -27.10 -10.12
N ALA B 544 -18.79 -26.05 -9.41
CA ALA B 544 -17.92 -25.01 -9.94
C ALA B 544 -16.52 -25.14 -9.36
N VAL B 545 -15.51 -25.08 -10.23
CA VAL B 545 -14.12 -25.22 -9.84
C VAL B 545 -13.47 -23.89 -9.47
N LEU B 546 -14.10 -22.77 -9.83
CA LEU B 546 -13.56 -21.44 -9.52
C LEU B 546 -14.78 -20.55 -9.30
N THR B 547 -14.86 -19.92 -8.14
CA THR B 547 -16.04 -19.12 -7.81
C THR B 547 -15.67 -17.78 -7.20
N TYR B 548 -16.54 -16.81 -7.43
CA TYR B 548 -16.49 -15.52 -6.76
C TYR B 548 -17.93 -15.15 -6.45
N SER B 549 -18.19 -14.74 -5.21
CA SER B 549 -19.51 -14.35 -4.72
C SER B 549 -20.58 -15.41 -5.02
N SER B 550 -21.58 -15.04 -5.81
CA SER B 550 -22.65 -15.93 -6.22
C SER B 550 -22.44 -16.56 -7.59
N PHE B 551 -21.31 -16.31 -8.23
CA PHE B 551 -21.01 -16.85 -9.54
C PHE B 551 -19.89 -17.88 -9.47
N GLY B 552 -20.07 -18.96 -10.22
CA GLY B 552 -19.06 -19.99 -10.34
C GLY B 552 -18.90 -20.35 -11.80
N VAL B 553 -17.79 -21.04 -12.10
CA VAL B 553 -17.53 -21.48 -13.47
C VAL B 553 -17.31 -22.99 -13.50
N CYS B 554 -17.82 -23.63 -14.54
CA CYS B 554 -17.74 -25.07 -14.74
C CYS B 554 -16.34 -25.44 -15.21
N ALA B 555 -16.10 -26.76 -15.27
CA ALA B 555 -14.82 -27.24 -15.78
C ALA B 555 -14.67 -26.91 -17.26
N ASP B 556 -15.78 -26.78 -17.97
CA ASP B 556 -15.79 -26.43 -19.38
C ASP B 556 -16.07 -24.95 -19.61
N GLY B 557 -16.21 -24.18 -18.54
CA GLY B 557 -16.42 -22.75 -18.63
C GLY B 557 -17.86 -22.27 -18.56
N SER B 558 -18.82 -23.16 -18.33
CA SER B 558 -20.20 -22.71 -18.21
C SER B 558 -20.38 -21.98 -16.89
N ILE B 559 -20.97 -20.79 -16.95
CA ILE B 559 -21.18 -20.01 -15.73
C ILE B 559 -22.47 -20.46 -15.06
N ILE B 560 -22.42 -20.71 -13.75
CA ILE B 560 -23.56 -21.13 -12.97
C ILE B 560 -23.58 -20.37 -11.66
N ALA B 561 -24.76 -20.35 -11.03
CA ALA B 561 -24.93 -19.70 -9.74
C ALA B 561 -24.56 -20.67 -8.63
N VAL B 562 -23.81 -20.20 -7.65
CA VAL B 562 -23.41 -21.03 -6.51
C VAL B 562 -24.41 -20.85 -5.39
N GLN B 563 -24.60 -21.91 -4.61
CA GLN B 563 -25.54 -21.94 -3.50
C GLN B 563 -24.81 -22.27 -2.19
N PRO B 564 -25.36 -21.84 -1.05
CA PRO B 564 -24.73 -22.15 0.23
C PRO B 564 -24.73 -23.65 0.50
N ARG B 565 -23.70 -24.10 1.22
CA ARG B 565 -23.57 -25.51 1.54
C ARG B 565 -24.65 -25.94 2.53
N ASN B 566 -25.38 -27.00 2.20
CA ASN B 566 -26.41 -27.50 3.09
C ASN B 566 -25.78 -28.20 4.29
N VAL B 567 -26.26 -27.89 5.49
CA VAL B 567 -25.74 -28.49 6.71
C VAL B 567 -26.89 -28.65 7.69
N SER B 568 -26.79 -29.68 8.54
CA SER B 568 -27.79 -29.93 9.57
C SER B 568 -27.27 -29.37 10.90
N TYR B 569 -28.02 -28.46 11.49
CA TYR B 569 -27.63 -27.82 12.74
C TYR B 569 -27.91 -28.68 13.96
N ASP B 570 -27.12 -28.46 14.99
CA ASP B 570 -27.30 -29.12 16.28
C ASP B 570 -28.46 -28.48 17.03
N SER B 571 -28.95 -29.18 18.04
CA SER B 571 -30.08 -28.66 18.80
C SER B 571 -29.95 -29.04 20.25
N VAL B 572 -30.50 -28.18 21.12
CA VAL B 572 -30.47 -28.40 22.56
C VAL B 572 -31.63 -29.33 22.90
N SER B 573 -31.31 -30.56 23.29
CA SER B 573 -32.35 -31.53 23.62
C SER B 573 -33.16 -31.04 24.81
N ALA B 574 -34.47 -30.98 24.61
CA ALA B 574 -35.37 -30.40 25.62
C ALA B 574 -35.80 -31.46 26.63
N ILE B 575 -36.12 -30.98 27.84
CA ILE B 575 -36.61 -31.84 28.91
C ILE B 575 -38.13 -31.89 28.75
N VAL B 576 -38.60 -32.87 27.97
CA VAL B 576 -40.00 -32.99 27.63
C VAL B 576 -40.46 -34.42 27.81
N THR B 577 -41.78 -34.59 27.83
CA THR B 577 -42.41 -35.91 27.80
C THR B 577 -42.88 -36.09 26.36
N ALA B 578 -41.98 -36.62 25.54
CA ALA B 578 -42.25 -36.83 24.12
C ALA B 578 -41.18 -37.76 23.56
N ASN B 579 -41.34 -38.10 22.28
CA ASN B 579 -40.35 -38.93 21.59
C ASN B 579 -39.11 -38.10 21.31
N LEU B 580 -37.94 -38.63 21.66
CA LEU B 580 -36.66 -37.95 21.43
C LEU B 580 -35.76 -38.78 20.52
N SER B 581 -35.00 -38.10 19.66
CA SER B 581 -34.02 -38.74 18.80
C SER B 581 -32.63 -38.49 19.36
N ILE B 582 -31.91 -39.57 19.64
CA ILE B 582 -30.58 -39.51 20.26
C ILE B 582 -29.57 -40.15 19.32
N PRO B 583 -28.41 -39.53 19.08
CA PRO B 583 -27.37 -40.15 18.25
C PRO B 583 -27.03 -41.55 18.73
N PHE B 584 -27.03 -42.51 17.82
CA PHE B 584 -26.90 -43.92 18.16
C PHE B 584 -25.73 -44.63 17.47
N ASN B 585 -25.31 -44.17 16.29
CA ASN B 585 -24.19 -44.73 15.52
C ASN B 585 -23.23 -43.62 15.14
N TRP B 586 -21.94 -43.94 15.17
CA TRP B 586 -20.89 -42.95 15.03
C TRP B 586 -19.87 -43.37 13.99
N THR B 587 -19.27 -42.36 13.38
CA THR B 587 -18.19 -42.50 12.41
C THR B 587 -17.21 -41.38 12.70
N THR B 588 -15.97 -41.54 12.27
CA THR B 588 -15.00 -40.50 12.51
C THR B 588 -14.77 -39.70 11.22
N SER B 589 -14.33 -38.47 11.40
CA SER B 589 -14.05 -37.57 10.29
C SER B 589 -12.83 -36.73 10.63
N VAL B 590 -11.98 -36.51 9.64
CA VAL B 590 -10.75 -35.73 9.79
C VAL B 590 -10.87 -34.47 8.95
N GLN B 591 -10.66 -33.32 9.57
CA GLN B 591 -10.76 -32.03 8.91
C GLN B 591 -9.43 -31.30 9.04
N VAL B 592 -9.02 -30.62 7.98
CA VAL B 592 -7.71 -29.99 7.90
C VAL B 592 -7.84 -28.47 7.97
N GLU B 593 -6.94 -27.85 8.73
CA GLU B 593 -6.86 -26.41 8.87
C GLU B 593 -5.39 -25.99 8.80
N TYR B 594 -5.10 -24.91 8.08
CA TYR B 594 -3.75 -24.41 7.95
C TYR B 594 -3.67 -22.98 8.48
N LEU B 595 -2.66 -22.70 9.30
CA LEU B 595 -2.44 -21.38 9.87
C LEU B 595 -0.98 -20.98 9.71
N GLN B 596 -0.76 -19.73 9.33
CA GLN B 596 0.59 -19.21 9.15
C GLN B 596 1.12 -18.71 10.49
N ILE B 597 2.39 -19.00 10.77
CA ILE B 597 2.98 -18.55 12.03
C ILE B 597 4.26 -17.76 11.82
N THR B 598 4.83 -17.82 10.61
CA THR B 598 6.06 -17.08 10.35
C THR B 598 6.04 -16.49 8.95
N SER B 599 6.84 -15.44 8.77
CA SER B 599 7.10 -14.82 7.48
C SER B 599 8.61 -14.61 7.35
N THR B 600 9.18 -15.05 6.23
CA THR B 600 10.62 -14.95 6.01
C THR B 600 11.10 -13.52 6.21
N PRO B 601 11.92 -13.26 7.23
CA PRO B 601 12.32 -11.88 7.52
C PRO B 601 13.34 -11.37 6.52
N ILE B 602 13.19 -10.10 6.14
CA ILE B 602 14.08 -9.45 5.20
C ILE B 602 14.52 -8.12 5.79
N VAL B 603 15.82 -7.86 5.75
CA VAL B 603 16.38 -6.60 6.22
C VAL B 603 17.17 -6.00 5.07
N VAL B 604 17.20 -4.68 5.00
CA VAL B 604 17.91 -3.97 3.93
C VAL B 604 18.84 -2.93 4.52
N ASP B 605 20.00 -2.77 3.90
CA ASP B 605 20.93 -1.70 4.20
C ASP B 605 20.51 -0.50 3.36
N CYS B 606 19.89 0.50 4.01
CA CYS B 606 19.33 1.62 3.27
C CYS B 606 20.37 2.39 2.46
N SER B 607 21.56 2.59 3.02
CA SER B 607 22.61 3.31 2.30
C SER B 607 23.05 2.58 1.04
N THR B 608 23.23 1.26 1.12
CA THR B 608 23.67 0.49 -0.04
C THR B 608 22.61 0.42 -1.13
N TYR B 609 21.35 0.27 -0.76
CA TYR B 609 20.29 0.16 -1.77
C TYR B 609 20.12 1.44 -2.58
N VAL B 610 20.21 2.60 -1.96
CA VAL B 610 19.98 3.83 -2.70
C VAL B 610 21.23 4.44 -3.33
N CYS B 611 22.42 4.22 -2.75
CA CYS B 611 23.62 4.83 -3.29
C CYS B 611 24.54 3.89 -4.04
N ASN B 612 24.34 2.58 -3.93
CA ASN B 612 25.21 1.59 -4.59
C ASN B 612 26.67 1.80 -4.19
N GLY B 613 26.91 2.26 -2.96
CA GLY B 613 28.25 2.49 -2.49
C GLY B 613 28.96 3.73 -2.99
N ASN B 614 28.29 4.60 -3.75
CA ASN B 614 28.95 5.81 -4.22
C ASN B 614 29.18 6.76 -3.06
N VAL B 615 30.42 7.23 -2.91
CA VAL B 615 30.80 8.05 -1.76
C VAL B 615 30.09 9.40 -1.76
N ARG B 616 29.94 10.03 -2.92
CA ARG B 616 29.24 11.32 -2.96
C ARG B 616 27.75 11.17 -2.67
N CYS B 617 27.14 10.08 -3.10
CA CYS B 617 25.72 9.85 -2.82
C CYS B 617 25.46 9.70 -1.33
N VAL B 618 26.34 8.99 -0.63
CA VAL B 618 26.20 8.82 0.81
C VAL B 618 26.23 10.15 1.55
N GLU B 619 27.02 11.10 1.06
CA GLU B 619 27.02 12.44 1.67
C GLU B 619 25.68 13.14 1.45
N LEU B 620 25.09 13.00 0.26
CA LEU B 620 23.79 13.61 0.00
C LEU B 620 22.69 12.95 0.82
N LEU B 621 22.84 11.66 1.13
CA LEU B 621 21.82 10.93 1.88
C LEU B 621 21.70 11.40 3.33
N LYS B 622 22.79 11.87 3.94
CA LYS B 622 22.71 12.27 5.36
C LYS B 622 21.74 13.42 5.58
N GLN B 623 21.52 14.27 4.58
CA GLN B 623 20.58 15.37 4.75
C GLN B 623 19.16 14.86 4.99
N TYR B 624 18.85 13.66 4.48
CA TYR B 624 17.58 12.98 4.76
C TYR B 624 17.75 12.30 6.11
N THR B 625 17.76 13.14 7.16
CA THR B 625 18.20 12.73 8.48
C THR B 625 17.45 11.51 9.02
N SER B 626 16.13 11.50 8.95
CA SER B 626 15.35 10.40 9.50
C SER B 626 14.82 9.44 8.44
N ALA B 627 15.31 9.53 7.21
CA ALA B 627 14.78 8.71 6.13
C ALA B 627 15.18 7.24 6.27
N CYS B 628 16.48 6.98 6.33
CA CYS B 628 16.95 5.59 6.43
C CYS B 628 16.73 4.99 7.81
N LYS B 629 16.81 5.78 8.88
CA LYS B 629 16.64 5.21 10.22
C LYS B 629 15.24 4.64 10.42
N THR B 630 14.23 5.34 9.94
CA THR B 630 12.85 4.86 10.07
C THR B 630 12.63 3.55 9.33
N ILE B 631 13.20 3.41 8.14
CA ILE B 631 13.05 2.19 7.37
C ILE B 631 13.75 1.02 8.04
N GLU B 632 14.96 1.22 8.54
CA GLU B 632 15.71 0.12 9.17
C GLU B 632 15.11 -0.31 10.50
N ASP B 633 14.65 0.64 11.33
CA ASP B 633 14.01 0.25 12.59
C ASP B 633 12.70 -0.48 12.36
N ALA B 634 11.94 -0.11 11.32
CA ALA B 634 10.68 -0.80 11.05
C ALA B 634 10.92 -2.27 10.72
N LEU B 635 11.93 -2.56 9.91
CA LEU B 635 12.23 -3.94 9.54
C LEU B 635 12.95 -4.71 10.64
N ARG B 636 13.84 -4.05 11.37
CA ARG B 636 14.60 -4.73 12.42
C ARG B 636 13.73 -5.11 13.60
N ASN B 637 12.90 -4.18 14.09
CA ASN B 637 12.06 -4.49 15.25
C ASN B 637 11.04 -5.57 14.93
N SER B 638 10.42 -5.52 13.75
CA SER B 638 9.44 -6.53 13.39
C SER B 638 10.04 -7.93 13.31
N ALA B 639 11.25 -8.04 12.75
CA ALA B 639 11.90 -9.35 12.68
C ALA B 639 12.30 -9.86 14.05
N MET B 640 12.83 -8.99 14.92
CA MET B 640 13.23 -9.42 16.25
C MET B 640 12.02 -9.80 17.11
N LEU B 641 10.93 -9.04 17.02
CA LEU B 641 9.74 -9.34 17.80
C LEU B 641 9.09 -10.64 17.36
N GLU B 642 9.03 -10.87 16.05
CA GLU B 642 8.43 -12.10 15.55
C GLU B 642 9.29 -13.32 15.87
N SER B 643 10.60 -13.20 15.76
CA SER B 643 11.48 -14.31 16.07
C SER B 643 11.55 -14.61 17.56
N ALA B 644 11.09 -13.69 18.42
CA ALA B 644 11.11 -13.94 19.86
C ALA B 644 9.90 -14.74 20.31
N ASP B 645 8.70 -14.32 19.95
CA ASP B 645 7.51 -15.04 20.40
C ASP B 645 7.33 -16.38 19.69
N VAL B 646 7.96 -16.56 18.53
CA VAL B 646 7.95 -17.88 17.89
C VAL B 646 8.80 -18.85 18.70
N SER B 647 9.94 -18.39 19.20
CA SER B 647 10.79 -19.23 20.04
C SER B 647 10.11 -19.54 21.37
N GLU B 648 9.33 -18.60 21.89
CA GLU B 648 8.58 -18.82 23.13
C GLU B 648 7.53 -19.91 22.94
N MET B 649 6.91 -19.95 21.77
CA MET B 649 5.89 -20.95 21.46
C MET B 649 6.48 -22.35 21.32
N LEU B 650 7.60 -22.49 20.62
CA LEU B 650 8.19 -23.81 20.37
C LEU B 650 8.82 -24.40 21.63
N THR B 651 8.23 -25.48 22.13
CA THR B 651 8.65 -26.17 23.34
C THR B 651 8.96 -27.63 23.01
N PHE B 652 9.46 -28.36 24.00
CA PHE B 652 9.84 -29.76 23.80
C PHE B 652 9.60 -30.55 25.07
N ASP B 653 9.26 -31.84 24.89
CA ASP B 653 9.10 -32.79 25.99
C ASP B 653 9.69 -34.10 25.50
N LYS B 654 10.90 -34.43 25.99
CA LYS B 654 11.59 -35.64 25.51
C LYS B 654 10.84 -36.93 25.80
N LYS B 655 10.19 -37.04 26.95
CA LYS B 655 9.48 -38.28 27.24
C LYS B 655 8.30 -38.48 26.29
N ALA B 656 7.57 -37.42 25.95
CA ALA B 656 6.46 -37.57 25.02
C ALA B 656 6.96 -37.78 23.60
N PHE B 657 8.15 -37.27 23.27
CA PHE B 657 8.70 -37.41 21.93
C PHE B 657 8.97 -38.87 21.57
N THR B 658 9.47 -39.66 22.53
CA THR B 658 9.79 -41.06 22.27
C THR B 658 8.55 -41.93 22.05
N LEU B 659 7.35 -41.40 22.26
CA LEU B 659 6.13 -42.16 22.03
C LEU B 659 5.57 -41.95 20.63
N ALA B 660 6.30 -41.27 19.76
CA ALA B 660 5.85 -41.02 18.41
C ALA B 660 6.03 -42.22 17.48
N ASN B 661 6.16 -43.43 18.04
CA ASN B 661 6.28 -44.63 17.24
C ASN B 661 4.93 -45.08 16.69
N VAL B 662 5.00 -45.91 15.65
CA VAL B 662 3.79 -46.52 15.09
C VAL B 662 3.20 -47.52 16.08
N SER B 663 4.04 -48.12 16.92
CA SER B 663 3.58 -49.10 17.90
C SER B 663 2.70 -48.51 18.98
N SER B 664 2.86 -47.23 19.30
CA SER B 664 2.08 -46.62 20.36
C SER B 664 0.61 -46.38 19.99
N PHE B 665 0.24 -46.46 18.72
CA PHE B 665 -1.12 -46.10 18.32
C PHE B 665 -2.00 -47.26 17.89
N GLY B 666 -1.52 -48.50 17.98
CA GLY B 666 -2.35 -49.64 17.65
C GLY B 666 -2.93 -49.63 16.24
N ASP B 667 -4.25 -49.79 16.15
CA ASP B 667 -4.97 -49.82 14.89
C ASP B 667 -5.03 -48.48 14.17
N TYR B 668 -4.56 -47.40 14.78
CA TYR B 668 -4.57 -46.09 14.14
C TYR B 668 -3.31 -45.92 13.30
N ASN B 669 -3.51 -45.80 11.99
CA ASN B 669 -2.45 -45.69 10.97
C ASN B 669 -1.91 -44.25 10.96
N LEU B 670 -1.18 -43.90 12.03
CA LEU B 670 -0.57 -42.58 12.17
C LEU B 670 0.82 -42.50 11.56
N SER B 671 1.16 -43.38 10.62
CA SER B 671 2.50 -43.38 10.05
C SER B 671 2.77 -42.17 9.17
N SER B 672 1.72 -41.51 8.68
CA SER B 672 1.86 -40.33 7.82
C SER B 672 2.21 -39.04 8.55
N VAL B 673 2.13 -38.99 9.88
CA VAL B 673 2.39 -37.75 10.60
C VAL B 673 3.54 -37.82 11.59
N ILE B 674 4.06 -39.00 11.89
CA ILE B 674 5.16 -39.09 12.87
C ILE B 674 6.48 -38.68 12.25
N PRO B 675 7.44 -38.20 13.04
CA PRO B 675 8.74 -37.81 12.50
C PRO B 675 9.48 -38.99 11.89
N SER B 676 10.28 -38.71 10.86
CA SER B 676 11.10 -39.73 10.24
C SER B 676 12.42 -39.90 10.98
N LEU B 677 12.90 -41.14 10.99
CA LEU B 677 14.15 -41.45 11.64
C LEU B 677 15.29 -40.74 10.91
N PRO B 678 16.23 -40.12 11.63
CA PRO B 678 17.31 -39.38 10.98
C PRO B 678 18.04 -40.23 9.94
N ARG B 679 18.25 -39.65 8.76
CA ARG B 679 18.81 -40.38 7.62
C ARG B 679 20.18 -40.96 7.91
N SER B 680 21.03 -40.23 8.65
CA SER B 680 22.38 -40.72 8.91
C SER B 680 22.83 -40.46 10.34
N GLY B 681 21.90 -40.51 11.29
CA GLY B 681 22.28 -40.23 12.67
C GLY B 681 22.76 -38.80 12.81
N SER B 682 23.59 -38.59 13.84
CA SER B 682 24.25 -37.31 14.13
C SER B 682 23.26 -36.14 14.18
N ARG B 683 21.97 -36.44 14.30
CA ARG B 683 20.92 -35.43 14.36
C ARG B 683 19.73 -36.06 15.06
N VAL B 684 18.76 -35.22 15.44
CA VAL B 684 17.69 -35.68 16.31
C VAL B 684 16.38 -36.09 15.64
N ALA B 685 16.05 -35.55 14.48
CA ALA B 685 14.74 -35.89 13.92
C ALA B 685 14.71 -35.62 12.42
N GLY B 686 13.50 -35.60 11.86
CA GLY B 686 13.30 -35.32 10.44
C GLY B 686 11.85 -35.08 10.13
N ARG B 687 11.61 -34.70 8.87
CA ARG B 687 10.27 -34.41 8.38
C ARG B 687 9.41 -35.66 8.28
N SER B 688 8.11 -35.50 8.53
CA SER B 688 7.17 -36.60 8.40
C SER B 688 6.78 -36.79 6.94
N ALA B 689 6.09 -37.91 6.67
CA ALA B 689 5.65 -38.24 5.31
C ALA B 689 4.60 -37.30 4.74
N ILE B 690 4.00 -36.43 5.56
CA ILE B 690 3.04 -35.45 5.06
C ILE B 690 3.72 -34.09 4.89
N GLU B 691 4.68 -33.82 5.76
CA GLU B 691 5.39 -32.54 5.73
C GLU B 691 6.17 -32.37 4.43
N ASP B 692 6.84 -33.42 3.96
CA ASP B 692 7.63 -33.27 2.73
C ASP B 692 6.75 -33.15 1.49
N ILE B 693 5.51 -33.63 1.54
CA ILE B 693 4.60 -33.42 0.42
C ILE B 693 4.25 -31.94 0.31
N LEU B 694 3.96 -31.30 1.43
CA LEU B 694 3.61 -29.89 1.44
C LEU B 694 4.82 -28.98 1.26
N PHE B 695 6.03 -29.48 1.52
CA PHE B 695 7.25 -28.70 1.38
C PHE B 695 7.99 -28.89 0.07
N SER B 696 7.93 -30.07 -0.53
CA SER B 696 8.64 -30.34 -1.77
C SER B 696 7.73 -30.67 -2.94
N LYS B 697 6.69 -31.49 -2.72
CA LYS B 697 5.77 -31.79 -3.82
C LYS B 697 5.09 -30.52 -4.26
N LEU B 698 4.69 -29.68 -3.32
CA LEU B 698 4.22 -28.35 -3.65
C LEU B 698 5.42 -27.51 -4.10
N VAL B 699 5.13 -26.48 -4.89
CA VAL B 699 6.18 -25.69 -5.52
C VAL B 699 7.23 -25.21 -4.53
N THR B 700 8.46 -25.70 -4.71
CA THR B 700 9.61 -25.29 -3.91
C THR B 700 9.97 -23.86 -4.25
N SER B 701 10.20 -23.04 -3.22
CA SER B 701 10.45 -21.62 -3.44
C SER B 701 11.88 -21.35 -3.87
N GLY B 702 12.37 -22.12 -4.86
CA GLY B 702 13.71 -21.89 -5.39
C GLY B 702 13.80 -20.60 -6.17
N LEU B 703 12.66 -20.12 -6.67
CA LEU B 703 12.52 -18.85 -7.36
C LEU B 703 12.10 -17.74 -6.40
N GLY B 704 12.22 -17.97 -5.09
CA GLY B 704 11.79 -17.01 -4.11
C GLY B 704 12.80 -16.64 -3.05
N THR B 705 12.37 -16.65 -1.79
CA THR B 705 13.20 -16.17 -0.69
C THR B 705 14.08 -17.29 -0.10
N VAL B 706 15.12 -17.63 -0.85
CA VAL B 706 16.12 -18.55 -0.34
C VAL B 706 17.11 -17.76 0.49
N ASP B 707 17.39 -18.22 1.71
CA ASP B 707 18.35 -17.53 2.56
C ASP B 707 19.74 -17.64 1.94
N ALA B 708 20.25 -16.48 1.48
CA ALA B 708 21.51 -16.42 0.76
C ALA B 708 22.71 -16.87 1.60
N ASP B 709 23.60 -17.63 0.97
CA ASP B 709 24.85 -18.07 1.59
C ASP B 709 25.88 -16.96 1.36
N TYR B 710 26.07 -16.11 2.36
CA TYR B 710 26.99 -14.98 2.24
C TYR B 710 28.44 -15.43 2.10
N LYS B 711 28.75 -16.66 2.48
CA LYS B 711 30.13 -17.15 2.47
C LYS B 711 30.70 -17.25 1.06
N LYS B 712 29.88 -17.56 0.07
CA LYS B 712 30.31 -17.66 -1.31
C LYS B 712 30.24 -16.35 -2.11
N CYS B 713 29.51 -15.35 -1.63
CA CYS B 713 29.33 -14.13 -2.41
C CYS B 713 30.60 -13.30 -2.54
N THR B 714 31.33 -13.10 -1.44
CA THR B 714 32.52 -12.26 -1.50
C THR B 714 33.68 -12.96 -2.20
N LYS B 715 33.92 -14.24 -1.92
CA LYS B 715 35.03 -14.89 -2.58
C LYS B 715 34.70 -15.26 -4.02
N GLY B 716 33.44 -15.62 -4.27
CA GLY B 716 32.90 -15.79 -5.61
C GLY B 716 33.73 -16.37 -6.74
N LEU B 717 34.02 -17.66 -6.71
CA LEU B 717 34.77 -18.23 -7.82
C LEU B 717 33.96 -18.26 -9.11
N SER B 718 32.66 -17.96 -9.04
CA SER B 718 31.78 -17.91 -10.19
C SER B 718 30.97 -16.61 -10.14
N ILE B 719 30.40 -16.26 -11.29
CA ILE B 719 29.55 -15.07 -11.38
C ILE B 719 28.42 -15.17 -10.37
N ALA B 720 28.17 -14.06 -9.67
CA ALA B 720 27.18 -14.03 -8.60
C ALA B 720 25.81 -14.47 -9.08
N ASP B 721 25.17 -15.31 -8.27
CA ASP B 721 23.83 -15.83 -8.56
C ASP B 721 22.78 -14.82 -8.10
N LEU B 722 21.52 -15.24 -8.14
CA LEU B 722 20.40 -14.37 -7.76
C LEU B 722 20.49 -13.95 -6.29
N ALA B 723 20.88 -14.86 -5.40
CA ALA B 723 20.99 -14.53 -3.99
C ALA B 723 22.11 -13.54 -3.72
N CYS B 724 23.28 -13.75 -4.33
CA CYS B 724 24.39 -12.82 -4.13
C CYS B 724 24.11 -11.47 -4.78
N ALA B 725 23.41 -11.46 -5.91
CA ALA B 725 23.08 -10.19 -6.56
C ALA B 725 22.18 -9.34 -5.68
N GLN B 726 21.20 -9.95 -5.02
CA GLN B 726 20.36 -9.20 -4.09
C GLN B 726 21.19 -8.64 -2.94
N TYR B 727 22.14 -9.44 -2.45
CA TYR B 727 23.00 -9.02 -1.36
C TYR B 727 23.83 -7.80 -1.73
N TYR B 728 24.30 -7.74 -2.98
CA TYR B 728 25.08 -6.57 -3.41
C TYR B 728 24.25 -5.29 -3.40
N ASN B 729 22.92 -5.39 -3.50
CA ASN B 729 22.05 -4.23 -3.41
C ASN B 729 21.58 -3.96 -2.00
N GLY B 730 22.17 -4.61 -1.00
CA GLY B 730 21.82 -4.41 0.39
C GLY B 730 20.63 -5.20 0.88
N ILE B 731 20.02 -6.01 0.04
CA ILE B 731 18.86 -6.81 0.43
C ILE B 731 19.37 -8.12 1.03
N MET B 732 19.08 -8.35 2.30
CA MET B 732 19.50 -9.56 3.00
C MET B 732 18.28 -10.38 3.39
N VAL B 733 18.30 -11.66 3.03
CA VAL B 733 17.28 -12.61 3.45
C VAL B 733 17.88 -13.41 4.61
N LEU B 734 17.32 -13.26 5.79
CA LEU B 734 17.80 -13.98 6.96
C LEU B 734 17.33 -15.43 6.96
N PRO B 735 18.01 -16.30 7.71
CA PRO B 735 17.59 -17.71 7.79
C PRO B 735 16.19 -17.86 8.37
N GLY B 736 15.53 -18.95 7.96
CA GLY B 736 14.18 -19.20 8.43
C GLY B 736 14.13 -19.35 9.95
N VAL B 737 13.10 -18.75 10.55
CA VAL B 737 12.95 -18.76 12.00
C VAL B 737 12.60 -20.16 12.49
N ALA B 738 11.65 -20.82 11.83
CA ALA B 738 11.22 -22.17 12.18
C ALA B 738 12.17 -23.19 11.57
N ASP B 739 13.24 -23.49 12.30
CA ASP B 739 14.19 -24.51 11.90
C ASP B 739 13.49 -25.86 11.75
N ALA B 740 13.88 -26.61 10.71
CA ALA B 740 13.27 -27.91 10.47
C ALA B 740 13.54 -28.89 11.60
N GLU B 741 14.71 -28.79 12.23
CA GLU B 741 15.01 -29.66 13.36
C GLU B 741 14.13 -29.35 14.57
N ARG B 742 13.92 -28.07 14.85
CA ARG B 742 13.07 -27.69 15.97
C ARG B 742 11.62 -28.06 15.73
N MET B 743 11.16 -27.95 14.48
CA MET B 743 9.77 -28.26 14.18
C MET B 743 9.45 -29.72 14.36
N ALA B 744 10.36 -30.61 13.95
CA ALA B 744 10.10 -32.04 14.10
C ALA B 744 10.04 -32.46 15.57
N MET B 745 10.81 -31.80 16.44
CA MET B 745 10.72 -32.07 17.87
C MET B 745 9.46 -31.48 18.47
N TYR B 746 8.96 -30.36 17.92
CA TYR B 746 7.75 -29.75 18.45
C TYR B 746 6.53 -30.57 18.08
N THR B 747 6.33 -30.84 16.79
CA THR B 747 5.18 -31.61 16.36
C THR B 747 5.28 -33.06 16.82
N GLY B 748 6.49 -33.61 16.91
CA GLY B 748 6.65 -34.98 17.39
C GLY B 748 6.26 -35.14 18.84
N SER B 749 6.65 -34.18 19.69
CA SER B 749 6.26 -34.25 21.10
C SER B 749 4.76 -34.09 21.27
N LEU B 750 4.14 -33.19 20.50
CA LEU B 750 2.71 -32.99 20.59
C LEU B 750 1.93 -34.24 20.17
N ILE B 751 2.38 -34.91 19.10
CA ILE B 751 1.71 -36.14 18.68
C ILE B 751 1.91 -37.24 19.71
N GLY B 752 3.13 -37.38 20.24
CA GLY B 752 3.39 -38.40 21.23
C GLY B 752 2.62 -38.22 22.53
N GLY B 753 2.37 -36.96 22.90
CA GLY B 753 1.64 -36.69 24.14
C GLY B 753 0.23 -37.24 24.17
N ILE B 754 -0.37 -37.48 23.00
CA ILE B 754 -1.70 -38.06 22.92
C ILE B 754 -1.72 -39.48 23.47
N ALA B 755 -0.59 -40.18 23.39
CA ALA B 755 -0.47 -41.54 23.92
C ALA B 755 -0.20 -41.61 25.41
N LEU B 756 0.07 -40.48 26.07
CA LEU B 756 0.29 -40.52 27.52
C LEU B 756 -1.01 -40.77 28.26
N GLY B 757 -0.92 -41.52 29.35
CA GLY B 757 -2.11 -41.86 30.11
C GLY B 757 -2.05 -41.61 31.61
N GLY B 758 -0.93 -41.11 32.10
CA GLY B 758 -0.84 -40.83 33.52
C GLY B 758 -0.60 -42.05 34.40
N LEU B 759 0.03 -43.09 33.87
CA LEU B 759 0.37 -44.25 34.68
C LEU B 759 1.65 -44.01 35.46
N THR B 760 1.90 -44.89 36.44
CA THR B 760 3.16 -44.83 37.16
C THR B 760 4.26 -45.18 36.17
N SER B 761 5.34 -44.38 36.17
CA SER B 761 6.41 -44.43 35.17
C SER B 761 5.89 -43.98 33.80
N ALA B 762 4.59 -43.69 33.69
CA ALA B 762 3.94 -43.24 32.47
C ALA B 762 4.25 -44.14 31.28
N ALA B 763 4.07 -45.44 31.47
CA ALA B 763 4.18 -46.37 30.36
C ALA B 763 3.05 -46.10 29.38
N SER B 764 3.28 -46.43 28.11
CA SER B 764 2.25 -46.22 27.10
C SER B 764 1.08 -47.16 27.31
N ILE B 765 -0.11 -46.59 27.44
CA ILE B 765 -1.35 -47.37 27.52
C ILE B 765 -1.74 -47.83 26.12
N PRO B 766 -2.50 -48.92 25.98
CA PRO B 766 -3.03 -49.25 24.66
C PRO B 766 -3.86 -48.09 24.15
N PHE B 767 -3.73 -47.79 22.86
CA PHE B 767 -4.39 -46.60 22.32
C PHE B 767 -5.91 -46.69 22.38
N SER B 768 -6.47 -47.88 22.49
CA SER B 768 -7.92 -48.02 22.65
C SER B 768 -8.38 -47.40 23.96
N LEU B 769 -7.54 -47.41 24.99
CA LEU B 769 -7.87 -46.78 26.26
C LEU B 769 -7.83 -45.27 26.16
N ALA B 770 -6.93 -44.72 25.34
CA ALA B 770 -6.86 -43.28 25.16
C ALA B 770 -8.12 -42.76 24.46
N ILE B 771 -8.62 -43.50 23.48
CA ILE B 771 -9.86 -43.11 22.81
C ILE B 771 -11.04 -43.22 23.76
N GLN B 772 -11.10 -44.32 24.54
CA GLN B 772 -12.16 -44.49 25.51
C GLN B 772 -12.13 -43.38 26.56
N SER B 773 -10.93 -42.94 26.95
CA SER B 773 -10.82 -41.86 27.93
C SER B 773 -11.34 -40.55 27.37
N ARG B 774 -11.04 -40.25 26.10
CA ARG B 774 -11.53 -39.04 25.48
C ARG B 774 -13.02 -39.12 25.13
N LEU B 775 -13.55 -40.33 24.97
CA LEU B 775 -14.98 -40.48 24.74
C LEU B 775 -15.77 -40.25 26.03
N ASN B 776 -15.21 -40.66 27.17
CA ASN B 776 -15.87 -40.47 28.45
C ASN B 776 -16.03 -38.99 28.78
N TYR B 777 -15.09 -38.16 28.32
CA TYR B 777 -15.21 -36.72 28.53
C TYR B 777 -16.43 -36.15 27.83
N VAL B 778 -16.86 -36.78 26.73
CA VAL B 778 -18.04 -36.32 26.02
C VAL B 778 -19.29 -36.73 26.79
N ALA B 779 -19.42 -38.03 27.07
CA ALA B 779 -20.53 -38.59 27.82
C ALA B 779 -20.00 -39.80 28.57
N LEU B 780 -20.52 -40.03 29.78
CA LEU B 780 -20.09 -41.17 30.57
C LEU B 780 -20.42 -42.47 29.84
N GLN B 781 -19.39 -43.19 29.43
CA GLN B 781 -19.56 -44.43 28.69
C GLN B 781 -20.10 -45.54 29.58
N THR B 782 -21.11 -46.24 29.08
CA THR B 782 -21.72 -47.37 29.77
C THR B 782 -21.50 -48.69 29.07
N ASP B 783 -21.33 -48.66 27.74
CA ASP B 783 -20.96 -49.86 26.98
C ASP B 783 -19.56 -50.27 27.40
N VAL B 784 -19.41 -51.53 27.80
CA VAL B 784 -18.14 -52.02 28.32
C VAL B 784 -17.49 -53.06 27.42
N LEU B 785 -18.21 -53.63 26.46
CA LEU B 785 -17.57 -54.58 25.56
C LEU B 785 -16.75 -53.89 24.49
N GLN B 786 -16.99 -52.59 24.26
CA GLN B 786 -16.20 -51.75 23.35
C GLN B 786 -16.13 -52.34 21.93
N GLU B 787 -17.28 -52.35 21.27
CA GLU B 787 -17.31 -52.80 19.89
C GLU B 787 -17.20 -51.65 18.90
N ASN B 788 -17.71 -50.47 19.26
CA ASN B 788 -17.64 -49.31 18.36
C ASN B 788 -16.22 -48.85 18.09
N GLN B 789 -15.23 -49.33 18.85
CA GLN B 789 -13.86 -48.90 18.62
C GLN B 789 -13.30 -49.43 17.31
N ARG B 790 -13.82 -50.58 16.83
CA ARG B 790 -13.35 -51.13 15.57
C ARG B 790 -13.78 -50.27 14.38
N ILE B 791 -15.03 -49.83 14.35
CA ILE B 791 -15.48 -48.98 13.25
C ILE B 791 -14.81 -47.61 13.33
N LEU B 792 -14.60 -47.09 14.55
CA LEU B 792 -13.93 -45.80 14.69
C LEU B 792 -12.52 -45.83 14.12
N ALA B 793 -11.77 -46.89 14.41
CA ALA B 793 -10.42 -47.00 13.88
C ALA B 793 -10.42 -47.23 12.37
N ALA B 794 -11.32 -48.10 11.88
CA ALA B 794 -11.39 -48.39 10.45
C ALA B 794 -11.74 -47.14 9.65
N SER B 795 -12.66 -46.32 10.16
CA SER B 795 -13.02 -45.10 9.47
C SER B 795 -11.90 -44.06 9.51
N PHE B 796 -11.12 -44.04 10.58
CA PHE B 796 -10.02 -43.08 10.67
C PHE B 796 -8.94 -43.36 9.64
N ASN B 797 -8.59 -44.63 9.44
CA ASN B 797 -7.56 -44.98 8.46
C ASN B 797 -8.00 -44.61 7.05
N LYS B 798 -9.28 -44.75 6.75
CA LYS B 798 -9.80 -44.36 5.45
C LYS B 798 -9.72 -42.85 5.24
N ALA B 799 -9.97 -42.07 6.30
CA ALA B 799 -9.85 -40.62 6.19
C ALA B 799 -8.41 -40.20 5.98
N MET B 800 -7.47 -40.80 6.74
CA MET B 800 -6.06 -40.47 6.57
C MET B 800 -5.56 -40.83 5.17
N THR B 801 -6.08 -41.91 4.60
CA THR B 801 -5.70 -42.31 3.24
C THR B 801 -6.14 -41.25 2.23
N ASN B 802 -7.37 -40.78 2.34
CA ASN B 802 -7.84 -39.75 1.41
C ASN B 802 -7.15 -38.42 1.66
N ILE B 803 -6.75 -38.13 2.90
CA ILE B 803 -6.03 -36.89 3.18
C ILE B 803 -4.67 -36.88 2.49
N VAL B 804 -3.95 -38.00 2.54
CA VAL B 804 -2.67 -38.10 1.84
C VAL B 804 -2.86 -38.02 0.33
N ASP B 805 -3.88 -38.69 -0.19
CA ASP B 805 -4.16 -38.65 -1.62
C ASP B 805 -4.57 -37.24 -2.06
N ALA B 806 -5.33 -36.53 -1.22
CA ALA B 806 -5.72 -35.17 -1.55
C ALA B 806 -4.51 -34.23 -1.55
N PHE B 807 -3.56 -34.44 -0.64
CA PHE B 807 -2.36 -33.61 -0.67
C PHE B 807 -1.52 -33.89 -1.90
N THR B 808 -1.54 -35.12 -2.40
CA THR B 808 -0.78 -35.47 -3.60
C THR B 808 -1.51 -35.06 -4.88
N GLY B 809 -2.83 -35.16 -4.90
CA GLY B 809 -3.59 -34.77 -6.08
C GLY B 809 -3.81 -35.89 -7.08
N VAL B 810 -3.93 -37.13 -6.63
CA VAL B 810 -4.10 -38.28 -7.51
C VAL B 810 -5.57 -38.54 -7.80
N ASN B 811 -6.45 -37.63 -7.39
CA ASN B 811 -7.88 -37.76 -7.64
C ASN B 811 -8.48 -36.40 -7.97
N ASP B 812 -7.75 -35.63 -8.79
CA ASP B 812 -8.07 -34.25 -9.09
C ASP B 812 -9.54 -34.01 -9.45
N ALA B 813 -10.08 -34.79 -10.40
CA ALA B 813 -11.47 -34.61 -10.81
C ALA B 813 -12.48 -35.01 -9.73
N ILE B 814 -12.10 -35.82 -8.76
CA ILE B 814 -13.03 -36.30 -7.74
C ILE B 814 -12.64 -35.79 -6.35
N THR B 815 -11.79 -34.76 -6.27
CA THR B 815 -11.40 -34.21 -4.98
C THR B 815 -12.55 -33.55 -4.22
N GLN B 816 -13.63 -33.21 -4.90
CA GLN B 816 -14.79 -32.56 -4.29
C GLN B 816 -15.83 -33.57 -3.80
N THR B 817 -15.53 -34.86 -3.89
CA THR B 817 -16.51 -35.90 -3.53
C THR B 817 -17.00 -35.78 -2.09
N SER B 818 -16.23 -35.18 -1.19
CA SER B 818 -16.71 -35.01 0.18
C SER B 818 -16.26 -33.68 0.74
N GLN B 819 -17.05 -33.18 1.69
CA GLN B 819 -16.77 -31.91 2.34
C GLN B 819 -15.46 -31.95 3.13
N ALA B 820 -15.13 -33.12 3.67
CA ALA B 820 -13.87 -33.27 4.38
C ALA B 820 -12.68 -33.01 3.45
N LEU B 821 -12.77 -33.51 2.22
CA LEU B 821 -11.73 -33.23 1.24
C LEU B 821 -11.81 -31.80 0.72
N GLN B 822 -12.99 -31.17 0.79
CA GLN B 822 -13.09 -29.77 0.41
C GLN B 822 -12.28 -28.88 1.35
N THR B 823 -12.09 -29.30 2.59
CA THR B 823 -11.24 -28.54 3.49
C THR B 823 -9.78 -28.63 3.06
N VAL B 824 -9.39 -29.77 2.48
CA VAL B 824 -8.03 -29.93 2.00
C VAL B 824 -7.78 -29.01 0.81
N ALA B 825 -8.77 -28.88 -0.08
CA ALA B 825 -8.63 -27.95 -1.20
C ALA B 825 -8.51 -26.52 -0.72
N THR B 826 -9.28 -26.16 0.31
CA THR B 826 -9.18 -24.82 0.88
C THR B 826 -7.82 -24.61 1.52
N ALA B 827 -7.29 -25.64 2.19
CA ALA B 827 -5.97 -25.52 2.79
C ALA B 827 -4.87 -25.40 1.74
N LEU B 828 -4.94 -26.20 0.66
CA LEU B 828 -3.92 -26.11 -0.39
C LEU B 828 -3.93 -24.77 -1.08
N ASN B 829 -5.12 -24.22 -1.34
CA ASN B 829 -5.19 -22.88 -1.94
C ASN B 829 -4.54 -21.85 -1.03
N LYS B 830 -4.72 -21.99 0.28
CA LYS B 830 -4.16 -21.05 1.22
C LYS B 830 -2.65 -21.20 1.35
N ILE B 831 -2.15 -22.43 1.25
CA ILE B 831 -0.70 -22.65 1.31
C ILE B 831 -0.03 -22.20 0.02
N GLN B 832 -0.64 -22.49 -1.13
CA GLN B 832 -0.05 -22.12 -2.41
C GLN B 832 0.07 -20.60 -2.55
N ASP B 833 -0.96 -19.87 -2.14
CA ASP B 833 -0.92 -18.41 -2.21
C ASP B 833 0.17 -17.83 -1.32
N VAL B 834 0.40 -18.44 -0.16
CA VAL B 834 1.47 -17.97 0.74
C VAL B 834 2.84 -18.15 0.09
N VAL B 835 3.04 -19.25 -0.63
CA VAL B 835 4.31 -19.52 -1.30
C VAL B 835 4.60 -18.47 -2.37
N ASN B 836 3.60 -18.15 -3.19
CA ASN B 836 3.82 -17.22 -4.30
C ASN B 836 4.17 -15.82 -3.81
N GLN B 837 3.49 -15.34 -2.76
CA GLN B 837 3.70 -13.96 -2.29
C GLN B 837 5.07 -13.73 -1.65
N GLN B 838 5.85 -14.78 -1.41
CA GLN B 838 7.19 -14.59 -0.83
C GLN B 838 8.11 -13.82 -1.77
N GLY B 839 8.22 -14.26 -3.02
CA GLY B 839 9.14 -13.64 -3.96
C GLY B 839 8.65 -12.37 -4.64
N ASN B 840 7.35 -12.10 -4.60
CA ASN B 840 6.83 -10.91 -5.27
C ASN B 840 7.42 -9.63 -4.68
N SER B 841 7.56 -9.58 -3.36
CA SER B 841 8.08 -8.37 -2.72
C SER B 841 9.54 -8.12 -3.06
N LEU B 842 10.37 -9.17 -3.06
CA LEU B 842 11.78 -8.99 -3.41
C LEU B 842 11.98 -8.63 -4.88
N ASN B 843 11.23 -9.28 -5.77
CA ASN B 843 11.39 -9.00 -7.19
C ASN B 843 11.01 -7.56 -7.51
N HIS B 844 9.95 -7.06 -6.87
CA HIS B 844 9.54 -5.66 -7.04
C HIS B 844 10.61 -4.70 -6.55
N LEU B 845 11.17 -4.97 -5.37
CA LEU B 845 12.19 -4.10 -4.80
C LEU B 845 13.47 -4.04 -5.63
N THR B 846 13.91 -5.17 -6.20
CA THR B 846 15.10 -5.17 -7.03
C THR B 846 14.88 -4.57 -8.41
N SER B 847 13.67 -4.65 -8.95
CA SER B 847 13.41 -4.13 -10.29
C SER B 847 13.28 -2.62 -10.32
N GLN B 848 13.05 -1.98 -9.17
CA GLN B 848 12.92 -0.52 -9.10
C GLN B 848 14.25 0.20 -9.28
N LEU B 849 15.37 -0.52 -9.28
CA LEU B 849 16.67 0.13 -9.47
C LEU B 849 16.94 0.47 -10.93
N ARG B 850 16.23 -0.16 -11.86
CA ARG B 850 16.39 0.13 -13.28
C ARG B 850 15.76 1.46 -13.67
N GLN B 851 14.92 2.02 -12.81
CA GLN B 851 14.22 3.27 -13.12
C GLN B 851 15.17 4.46 -13.10
N ASN B 852 15.00 5.34 -14.10
CA ASN B 852 15.75 6.58 -14.15
C ASN B 852 15.17 7.65 -13.23
N PHE B 853 13.86 7.60 -12.98
CA PHE B 853 13.18 8.64 -12.22
C PHE B 853 13.43 10.02 -12.82
N GLN B 854 13.37 10.09 -14.14
CA GLN B 854 13.64 11.27 -14.96
C GLN B 854 15.10 11.71 -14.91
N ALA B 855 16.00 10.91 -14.38
CA ALA B 855 17.40 11.31 -14.37
C ALA B 855 18.07 10.90 -15.69
N ILE B 856 19.28 11.41 -15.89
CA ILE B 856 20.01 11.12 -17.13
C ILE B 856 20.34 9.64 -17.24
N SER B 857 20.57 8.97 -16.13
CA SER B 857 20.86 7.54 -16.15
C SER B 857 20.48 6.94 -14.80
N SER B 858 20.29 5.62 -14.80
CA SER B 858 19.99 4.88 -13.59
C SER B 858 21.26 4.49 -12.82
N SER B 859 22.44 4.72 -13.39
CA SER B 859 23.69 4.44 -12.72
C SER B 859 24.25 5.74 -12.16
N ILE B 860 24.47 5.76 -10.83
CA ILE B 860 24.97 6.97 -10.18
C ILE B 860 26.35 7.35 -10.73
N GLN B 861 27.21 6.36 -10.93
CA GLN B 861 28.55 6.64 -11.45
C GLN B 861 28.50 7.23 -12.86
N ALA B 862 27.54 6.81 -13.68
CA ALA B 862 27.37 7.35 -15.02
C ALA B 862 26.91 8.80 -15.02
N ILE B 863 26.51 9.34 -13.88
CA ILE B 863 26.12 10.75 -13.80
C ILE B 863 27.33 11.64 -13.50
N TYR B 864 28.10 11.30 -12.48
CA TYR B 864 29.27 12.12 -12.14
C TYR B 864 30.35 12.04 -13.20
N ASP B 865 30.38 10.99 -14.01
CA ASP B 865 31.33 10.87 -15.10
C ASP B 865 30.90 11.63 -16.34
N ARG B 866 29.72 12.26 -16.33
CA ARG B 866 29.19 12.93 -17.50
C ARG B 866 28.65 14.33 -17.21
N LEU B 867 28.44 14.68 -15.95
CA LEU B 867 27.95 16.01 -15.55
C LEU B 867 28.84 16.57 -14.45
N ASP B 868 28.94 17.89 -14.41
CA ASP B 868 29.70 18.56 -13.36
C ASP B 868 28.96 18.47 -12.03
N PRO B 869 29.66 18.66 -10.92
CA PRO B 869 29.06 18.43 -9.58
C PRO B 869 27.73 19.12 -9.35
N PRO B 870 27.57 20.42 -9.64
CA PRO B 870 26.26 21.04 -9.35
C PRO B 870 25.10 20.47 -10.17
N GLN B 871 25.31 20.12 -11.44
CA GLN B 871 24.23 19.52 -12.22
C GLN B 871 24.06 18.04 -11.91
N ALA B 872 25.16 17.36 -11.57
CA ALA B 872 25.08 15.94 -11.22
C ALA B 872 24.33 15.74 -9.91
N ASP B 873 24.62 16.58 -8.90
CA ASP B 873 23.92 16.45 -7.62
C ASP B 873 22.42 16.67 -7.79
N GLN B 874 22.05 17.63 -8.64
CA GLN B 874 20.65 17.89 -8.93
C GLN B 874 19.97 16.72 -9.61
N GLN B 875 20.74 15.79 -10.17
CA GLN B 875 20.21 14.57 -10.78
C GLN B 875 20.19 13.40 -9.82
N VAL B 876 21.17 13.30 -8.92
CA VAL B 876 21.20 12.22 -7.95
C VAL B 876 20.05 12.33 -6.97
N ASP B 877 19.67 13.55 -6.60
CA ASP B 877 18.53 13.74 -5.71
C ASP B 877 17.26 13.09 -6.24
N ARG B 878 17.09 13.05 -7.57
CA ARG B 878 15.93 12.38 -8.14
C ARG B 878 15.97 10.87 -7.90
N LEU B 879 17.16 10.28 -8.02
CA LEU B 879 17.32 8.86 -7.74
C LEU B 879 17.16 8.57 -6.26
N ILE B 880 17.65 9.46 -5.40
CA ILE B 880 17.55 9.25 -3.95
C ILE B 880 16.09 9.24 -3.51
N THR B 881 15.34 10.27 -3.91
CA THR B 881 13.93 10.34 -3.55
C THR B 881 13.14 9.20 -4.18
N GLY B 882 13.45 8.84 -5.42
CA GLY B 882 12.73 7.75 -6.06
C GLY B 882 12.98 6.40 -5.40
N ARG B 883 14.22 6.14 -5.02
CA ARG B 883 14.55 4.87 -4.38
C ARG B 883 14.09 4.81 -2.92
N LEU B 884 14.10 5.94 -2.23
CA LEU B 884 13.59 5.96 -0.86
C LEU B 884 12.09 5.67 -0.85
N ALA B 885 11.37 6.16 -1.85
CA ALA B 885 9.94 5.86 -1.96
C ALA B 885 9.71 4.37 -2.21
N ALA B 886 10.58 3.74 -3.02
CA ALA B 886 10.45 2.31 -3.26
C ALA B 886 10.61 1.51 -1.98
N LEU B 887 11.52 1.93 -1.10
CA LEU B 887 11.67 1.27 0.19
C LEU B 887 10.46 1.51 1.09
N ASN B 888 9.87 2.70 1.03
CA ASN B 888 8.69 2.99 1.85
C ASN B 888 7.51 2.10 1.46
N VAL B 889 7.37 1.79 0.19
CA VAL B 889 6.32 0.88 -0.24
C VAL B 889 6.60 -0.53 0.27
N PHE B 890 7.86 -0.95 0.20
CA PHE B 890 8.23 -2.27 0.68
C PHE B 890 8.00 -2.42 2.19
N VAL B 891 8.31 -1.37 2.96
CA VAL B 891 8.07 -1.39 4.41
C VAL B 891 6.58 -1.49 4.69
N SER B 892 5.75 -0.86 3.86
CA SER B 892 4.30 -0.96 4.02
C SER B 892 3.81 -2.39 3.82
N HIS B 893 4.33 -3.07 2.79
CA HIS B 893 3.94 -4.45 2.54
C HIS B 893 4.34 -5.37 3.70
N THR B 894 5.55 -5.20 4.21
CA THR B 894 6.05 -6.08 5.27
C THR B 894 5.32 -5.87 6.60
N LEU B 895 5.07 -4.61 6.99
CA LEU B 895 4.36 -4.39 8.24
C LEU B 895 2.94 -4.92 8.18
N THR B 896 2.25 -4.71 7.05
CA THR B 896 0.89 -5.23 6.92
C THR B 896 0.87 -6.76 7.02
N LYS B 897 1.81 -7.42 6.34
CA LYS B 897 1.89 -8.87 6.40
C LYS B 897 2.25 -9.36 7.80
N TYR B 898 3.14 -8.65 8.52
CA TYR B 898 3.47 -9.08 9.86
C TYR B 898 2.27 -9.00 10.79
N THR B 899 1.44 -7.98 10.63
CA THR B 899 0.24 -7.88 11.44
C THR B 899 -0.69 -9.04 11.13
N GLU B 900 -0.82 -9.38 9.84
CA GLU B 900 -1.63 -10.49 9.39
C GLU B 900 -1.15 -11.83 9.96
N VAL B 901 0.17 -12.07 9.91
CA VAL B 901 0.73 -13.33 10.40
C VAL B 901 0.65 -13.41 11.93
N ARG B 902 0.82 -12.29 12.63
CA ARG B 902 0.78 -12.30 14.08
C ARG B 902 -0.58 -12.72 14.62
N ALA B 903 -1.67 -12.26 14.00
CA ALA B 903 -2.99 -12.69 14.45
C ALA B 903 -3.16 -14.19 14.27
N SER B 904 -2.70 -14.72 13.14
CA SER B 904 -2.79 -16.15 12.88
C SER B 904 -1.95 -16.96 13.86
N ARG B 905 -0.77 -16.47 14.21
CA ARG B 905 0.05 -17.18 15.19
C ARG B 905 -0.63 -17.22 16.56
N GLN B 906 -1.28 -16.13 16.94
CA GLN B 906 -2.01 -16.09 18.20
C GLN B 906 -3.11 -17.14 18.22
N LEU B 907 -3.80 -17.31 17.10
CA LEU B 907 -4.84 -18.34 17.01
C LEU B 907 -4.23 -19.74 17.00
N ALA B 908 -3.10 -19.92 16.34
CA ALA B 908 -2.45 -21.23 16.29
C ALA B 908 -2.02 -21.68 17.68
N GLN B 909 -1.52 -20.77 18.50
CA GLN B 909 -1.13 -21.11 19.86
C GLN B 909 -2.32 -21.58 20.69
N GLN B 910 -3.48 -20.94 20.51
CA GLN B 910 -4.67 -21.37 21.22
C GLN B 910 -5.14 -22.75 20.76
N LYS B 911 -5.09 -23.02 19.46
CA LYS B 911 -5.49 -24.34 18.97
C LYS B 911 -4.55 -25.44 19.44
N VAL B 912 -3.27 -25.12 19.64
CA VAL B 912 -2.35 -26.11 20.19
C VAL B 912 -2.67 -26.37 21.65
N ASN B 913 -3.03 -25.33 22.40
CA ASN B 913 -3.35 -25.49 23.80
C ASN B 913 -4.74 -26.09 24.03
N GLU B 914 -5.71 -25.84 23.15
CA GLU B 914 -7.07 -26.28 23.36
C GLU B 914 -7.54 -27.44 22.48
N CYS B 915 -6.96 -27.65 21.30
CA CYS B 915 -7.37 -28.76 20.45
C CYS B 915 -6.36 -29.88 20.40
N VAL B 916 -5.08 -29.60 20.63
CA VAL B 916 -4.06 -30.63 20.53
C VAL B 916 -3.77 -31.25 21.89
N LYS B 917 -3.34 -30.44 22.86
CA LYS B 917 -3.07 -30.97 24.18
C LYS B 917 -4.35 -31.34 24.90
N SER B 918 -5.29 -30.40 25.01
CA SER B 918 -6.55 -30.65 25.69
C SER B 918 -7.62 -31.08 24.70
N GLN B 919 -8.79 -31.42 25.22
CA GLN B 919 -9.96 -31.73 24.42
C GLN B 919 -10.97 -30.62 24.66
N SER B 920 -11.46 -30.03 23.59
CA SER B 920 -12.35 -28.88 23.69
C SER B 920 -13.82 -29.23 23.49
N LYS B 921 -14.67 -28.42 24.11
CA LYS B 921 -16.12 -28.50 23.96
C LYS B 921 -16.66 -27.23 23.32
N ARG B 922 -15.81 -26.27 22.98
CA ARG B 922 -16.21 -25.06 22.28
C ARG B 922 -16.60 -25.47 20.87
N TYR B 923 -17.89 -25.42 20.56
CA TYR B 923 -18.36 -25.85 19.25
C TYR B 923 -17.74 -25.04 18.13
N GLY B 924 -17.25 -25.76 17.12
CA GLY B 924 -16.67 -25.18 15.93
C GLY B 924 -15.24 -24.72 16.06
N PHE B 925 -14.61 -24.85 17.23
CA PHE B 925 -13.24 -24.39 17.36
C PHE B 925 -12.25 -25.39 16.77
N CYS B 926 -12.58 -26.68 16.77
CA CYS B 926 -11.72 -27.73 16.24
C CYS B 926 -12.49 -28.56 15.20
N GLY B 927 -13.09 -27.89 14.20
CA GLY B 927 -13.97 -28.54 13.25
C GLY B 927 -15.37 -28.64 13.80
N ASN B 928 -16.34 -29.07 12.98
CA ASN B 928 -17.61 -29.14 13.67
C ASN B 928 -17.69 -30.45 14.46
N GLY B 929 -18.76 -30.57 15.24
CA GLY B 929 -19.01 -31.79 15.97
C GLY B 929 -18.15 -32.03 17.19
N THR B 930 -18.30 -33.24 17.72
CA THR B 930 -17.61 -33.65 18.93
C THR B 930 -16.14 -33.93 18.66
N HIS B 931 -15.29 -33.07 19.22
CA HIS B 931 -13.85 -33.17 19.08
C HIS B 931 -13.30 -34.31 19.93
N ILE B 932 -12.37 -35.08 19.36
CA ILE B 932 -11.71 -36.17 20.06
C ILE B 932 -10.25 -35.84 20.34
N PHE B 933 -9.47 -35.59 19.30
CA PHE B 933 -8.08 -35.18 19.45
C PHE B 933 -7.66 -34.52 18.14
N SER B 934 -6.57 -33.75 18.20
CA SER B 934 -6.03 -33.10 17.02
C SER B 934 -4.55 -33.37 16.87
N LEU B 935 -4.12 -33.56 15.63
CA LEU B 935 -2.71 -33.74 15.28
C LEU B 935 -2.22 -32.45 14.62
N VAL B 936 -0.91 -32.25 14.66
CA VAL B 936 -0.30 -31.08 14.06
C VAL B 936 0.98 -31.47 13.33
N ASN B 937 1.23 -30.82 12.20
CA ASN B 937 2.42 -31.07 11.41
C ASN B 937 2.93 -29.75 10.84
N ALA B 938 4.21 -29.76 10.46
CA ALA B 938 4.83 -28.58 9.88
C ALA B 938 4.32 -28.35 8.46
N ALA B 939 4.43 -27.10 8.02
CA ALA B 939 4.03 -26.71 6.68
C ALA B 939 4.79 -25.45 6.32
N PRO B 940 4.82 -25.08 5.02
CA PRO B 940 5.51 -23.84 4.64
C PRO B 940 5.03 -22.62 5.42
N GLU B 941 5.94 -22.01 6.17
CA GLU B 941 5.70 -20.81 6.96
C GLU B 941 4.61 -20.98 8.01
N GLY B 942 4.27 -22.20 8.41
CA GLY B 942 3.16 -22.36 9.33
C GLY B 942 2.97 -23.78 9.80
N LEU B 943 1.77 -24.03 10.32
CA LEU B 943 1.35 -25.34 10.82
C LEU B 943 0.10 -25.81 10.09
N VAL B 944 -0.11 -27.13 10.12
CA VAL B 944 -1.31 -27.77 9.59
C VAL B 944 -1.91 -28.61 10.71
N PHE B 945 -3.22 -28.52 10.88
CA PHE B 945 -3.95 -29.23 11.92
C PHE B 945 -4.88 -30.27 11.32
N LEU B 946 -4.89 -31.46 11.91
CA LEU B 946 -5.76 -32.56 11.49
C LEU B 946 -6.72 -32.85 12.65
N HIS B 947 -7.85 -32.15 12.67
CA HIS B 947 -8.85 -32.32 13.71
C HIS B 947 -9.62 -33.61 13.51
N THR B 948 -9.62 -34.48 14.52
CA THR B 948 -10.35 -35.73 14.48
C THR B 948 -11.63 -35.56 15.29
N VAL B 949 -12.78 -35.70 14.62
CA VAL B 949 -14.07 -35.47 15.23
C VAL B 949 -14.98 -36.67 14.95
N LEU B 950 -16.14 -36.67 15.61
CA LEU B 950 -17.17 -37.68 15.42
C LEU B 950 -18.39 -37.05 14.80
N LEU B 951 -19.04 -37.79 13.90
CA LEU B 951 -20.26 -37.34 13.27
C LEU B 951 -21.33 -38.41 13.44
N PRO B 952 -22.57 -38.00 13.75
CA PRO B 952 -23.64 -38.99 13.94
C PRO B 952 -24.16 -39.49 12.59
N THR B 953 -24.24 -40.81 12.47
CA THR B 953 -24.75 -41.47 11.27
C THR B 953 -26.15 -42.03 11.42
N GLN B 954 -26.54 -42.46 12.62
CA GLN B 954 -27.87 -42.98 12.87
C GLN B 954 -28.39 -42.42 14.18
N TYR B 955 -29.71 -42.44 14.32
CA TYR B 955 -30.38 -41.98 15.52
C TYR B 955 -31.31 -43.06 16.03
N LYS B 956 -31.52 -43.09 17.33
CA LYS B 956 -32.49 -43.98 17.95
C LYS B 956 -33.56 -43.14 18.62
N ASP B 957 -34.82 -43.52 18.41
CA ASP B 957 -35.94 -42.83 19.02
C ASP B 957 -36.34 -43.51 20.32
N VAL B 958 -36.60 -42.70 21.34
CA VAL B 958 -36.98 -43.20 22.66
C VAL B 958 -38.18 -42.42 23.18
N GLU B 959 -39.08 -43.12 23.86
CA GLU B 959 -40.25 -42.53 24.51
C GLU B 959 -39.79 -41.96 25.85
N ALA B 960 -39.40 -40.70 25.84
CA ALA B 960 -38.85 -40.06 27.03
C ALA B 960 -39.94 -39.48 27.93
N TRP B 961 -39.56 -39.30 29.21
CA TRP B 961 -40.45 -38.76 30.22
C TRP B 961 -39.71 -37.64 30.97
N SER B 962 -40.46 -36.62 31.36
CA SER B 962 -39.87 -35.45 32.01
C SER B 962 -39.45 -35.72 33.46
N GLY B 963 -40.14 -36.60 34.16
CA GLY B 963 -39.77 -36.86 35.54
C GLY B 963 -40.64 -37.92 36.17
N LEU B 964 -40.51 -38.03 37.50
CA LEU B 964 -41.21 -39.03 38.29
C LEU B 964 -42.09 -38.37 39.34
N CYS B 965 -43.29 -38.89 39.51
CA CYS B 965 -44.20 -38.46 40.56
C CYS B 965 -44.61 -39.68 41.36
N VAL B 966 -44.25 -39.72 42.64
CA VAL B 966 -44.53 -40.85 43.51
C VAL B 966 -45.59 -40.43 44.53
N ASP B 967 -46.69 -41.19 44.57
CA ASP B 967 -47.81 -40.95 45.48
C ASP B 967 -48.47 -39.61 45.26
N GLY B 968 -48.25 -38.98 44.11
CA GLY B 968 -48.86 -37.69 43.81
C GLY B 968 -48.31 -36.50 44.57
N ILE B 969 -47.49 -36.71 45.60
CA ILE B 969 -46.98 -35.58 46.39
C ILE B 969 -45.47 -35.47 46.37
N ASN B 970 -44.75 -36.44 45.81
CA ASN B 970 -43.29 -36.40 45.73
C ASN B 970 -42.85 -36.35 44.27
N GLY B 971 -42.09 -35.33 43.91
CA GLY B 971 -41.59 -35.15 42.56
C GLY B 971 -40.09 -35.42 42.47
N TYR B 972 -39.67 -35.98 41.34
CA TYR B 972 -38.27 -36.28 41.10
C TYR B 972 -37.87 -35.89 39.68
N VAL B 973 -36.68 -35.32 39.54
CA VAL B 973 -36.10 -34.92 38.27
C VAL B 973 -34.70 -35.50 38.21
N LEU B 974 -34.16 -35.65 37.01
CA LEU B 974 -32.83 -36.22 36.88
C LEU B 974 -31.75 -35.30 37.43
N ARG B 975 -30.71 -35.92 37.99
CA ARG B 975 -29.62 -35.20 38.64
C ARG B 975 -28.86 -34.30 37.66
N GLN B 976 -28.81 -34.68 36.39
CA GLN B 976 -28.13 -33.89 35.38
C GLN B 976 -29.09 -33.52 34.28
N PRO B 977 -29.10 -32.27 33.80
CA PRO B 977 -30.01 -31.91 32.72
C PRO B 977 -29.67 -32.60 31.41
N ASN B 978 -28.42 -33.06 31.23
CA ASN B 978 -28.03 -33.71 29.99
C ASN B 978 -28.43 -35.17 29.94
N LEU B 979 -29.08 -35.69 30.98
CA LEU B 979 -29.60 -37.05 30.99
C LEU B 979 -31.08 -37.04 30.64
N ALA B 980 -31.57 -38.18 30.18
CA ALA B 980 -32.98 -38.33 29.82
C ALA B 980 -33.48 -39.70 30.22
N LEU B 981 -34.65 -39.74 30.83
CA LEU B 981 -35.30 -40.97 31.25
C LEU B 981 -36.28 -41.41 30.16
N TYR B 982 -36.21 -42.67 29.77
CA TYR B 982 -37.10 -43.17 28.73
C TYR B 982 -37.55 -44.58 29.03
N LYS B 983 -38.60 -44.98 28.34
CA LYS B 983 -39.20 -46.31 28.46
C LYS B 983 -38.93 -47.12 27.20
N GLU B 984 -38.54 -48.37 27.40
CA GLU B 984 -38.28 -49.28 26.28
C GLU B 984 -38.74 -50.65 26.72
N GLY B 985 -39.74 -51.19 26.04
CA GLY B 985 -40.35 -52.44 26.46
C GLY B 985 -41.15 -52.23 27.73
N ASN B 986 -40.98 -53.11 28.70
CA ASN B 986 -41.69 -53.01 29.96
C ASN B 986 -40.85 -52.40 31.08
N TYR B 987 -39.62 -51.97 30.81
CA TYR B 987 -38.74 -51.40 31.81
C TYR B 987 -38.37 -49.97 31.43
N TYR B 988 -37.56 -49.34 32.28
CA TYR B 988 -37.11 -47.97 32.09
C TYR B 988 -35.59 -47.90 32.07
N ARG B 989 -35.06 -46.91 31.36
CA ARG B 989 -33.63 -46.71 31.25
C ARG B 989 -33.34 -45.21 31.20
N ILE B 990 -32.08 -44.86 31.51
CA ILE B 990 -31.61 -43.49 31.49
C ILE B 990 -30.46 -43.44 30.50
N THR B 991 -30.42 -42.41 29.67
CA THR B 991 -29.35 -42.26 28.70
C THR B 991 -28.93 -40.80 28.60
N SER B 992 -27.71 -40.59 28.13
CA SER B 992 -27.24 -39.24 27.83
C SER B 992 -27.88 -38.76 26.54
N ARG B 993 -28.14 -37.44 26.49
CA ARG B 993 -28.71 -36.85 25.29
C ARG B 993 -27.68 -36.65 24.19
N ILE B 994 -26.39 -36.65 24.54
CA ILE B 994 -25.35 -36.42 23.54
C ILE B 994 -24.99 -37.73 22.83
N MET B 995 -24.87 -38.81 23.59
CA MET B 995 -24.56 -40.13 23.06
C MET B 995 -25.49 -41.14 23.71
N PHE B 996 -25.92 -42.14 22.93
CA PHE B 996 -26.80 -43.18 23.46
C PHE B 996 -25.99 -44.16 24.31
N GLU B 997 -25.98 -43.92 25.61
CA GLU B 997 -25.29 -44.75 26.59
C GLU B 997 -26.33 -45.21 27.60
N PRO B 998 -26.95 -46.37 27.39
CA PRO B 998 -28.01 -46.81 28.31
C PRO B 998 -27.48 -47.12 29.69
N ARG B 999 -28.29 -46.80 30.69
CA ARG B 999 -27.95 -46.93 32.10
C ARG B 999 -29.15 -47.42 32.89
N ILE B 1000 -28.89 -48.32 33.83
CA ILE B 1000 -29.94 -48.82 34.72
C ILE B 1000 -30.25 -47.74 35.76
N PRO B 1001 -31.51 -47.35 35.91
CA PRO B 1001 -31.85 -46.29 36.87
C PRO B 1001 -31.51 -46.66 38.32
N THR B 1002 -30.79 -45.76 38.97
CA THR B 1002 -30.36 -45.88 40.36
C THR B 1002 -30.96 -44.71 41.13
N ILE B 1003 -31.23 -44.92 42.42
CA ILE B 1003 -31.87 -43.88 43.23
C ILE B 1003 -31.03 -42.61 43.27
N ALA B 1004 -29.71 -42.73 43.16
CA ALA B 1004 -28.84 -41.56 43.14
C ALA B 1004 -28.93 -40.77 41.85
N ASP B 1005 -29.58 -41.29 40.82
CA ASP B 1005 -29.76 -40.58 39.56
C ASP B 1005 -30.85 -39.52 39.62
N PHE B 1006 -31.63 -39.47 40.69
CA PHE B 1006 -32.73 -38.52 40.80
C PHE B 1006 -32.47 -37.45 41.86
N VAL B 1007 -33.25 -36.38 41.73
CA VAL B 1007 -33.26 -35.24 42.64
C VAL B 1007 -34.71 -35.01 43.03
N GLN B 1008 -34.97 -34.90 44.32
CA GLN B 1008 -36.31 -34.70 44.83
C GLN B 1008 -36.70 -33.23 44.88
N ILE B 1009 -37.87 -32.89 44.36
CA ILE B 1009 -38.38 -31.53 44.38
C ILE B 1009 -39.69 -31.52 45.13
N GLU B 1010 -40.20 -30.32 45.39
CA GLU B 1010 -41.43 -30.13 46.15
C GLU B 1010 -42.73 -30.48 45.42
N ASN B 1011 -42.81 -30.37 44.10
CA ASN B 1011 -44.08 -30.66 43.45
C ASN B 1011 -43.92 -31.50 42.19
N CYS B 1012 -45.05 -32.07 41.76
CA CYS B 1012 -45.14 -32.87 40.55
C CYS B 1012 -45.75 -32.06 39.42
N ASN B 1013 -45.30 -32.35 38.20
CA ASN B 1013 -45.83 -31.71 37.01
C ASN B 1013 -46.83 -32.69 36.42
N VAL B 1014 -47.82 -32.16 35.69
CA VAL B 1014 -48.85 -33.03 35.12
C VAL B 1014 -48.32 -34.05 34.11
N THR B 1015 -47.14 -33.83 33.56
CA THR B 1015 -46.54 -34.73 32.57
C THR B 1015 -45.61 -35.78 33.18
N PHE B 1016 -45.45 -35.81 34.50
CA PHE B 1016 -44.59 -36.80 35.13
C PHE B 1016 -45.21 -38.19 35.08
N VAL B 1017 -44.36 -39.19 35.28
CA VAL B 1017 -44.82 -40.57 35.37
C VAL B 1017 -45.50 -40.78 36.72
N ASN B 1018 -46.74 -41.26 36.69
CA ASN B 1018 -47.47 -41.54 37.90
C ASN B 1018 -47.13 -42.95 38.38
N ILE B 1019 -46.70 -43.08 39.63
CA ILE B 1019 -46.40 -44.38 40.21
C ILE B 1019 -46.51 -44.26 41.72
N SER B 1020 -46.69 -45.39 42.39
CA SER B 1020 -46.76 -45.46 43.84
C SER B 1020 -45.44 -45.96 44.40
N ARG B 1021 -45.25 -45.76 45.70
CA ARG B 1021 -44.03 -46.22 46.35
C ARG B 1021 -43.85 -47.73 46.23
N SER B 1022 -44.96 -48.47 46.12
CA SER B 1022 -44.90 -49.91 45.99
C SER B 1022 -44.37 -50.36 44.63
N GLU B 1023 -44.74 -49.65 43.58
CA GLU B 1023 -44.35 -50.02 42.23
C GLU B 1023 -43.06 -49.35 41.75
N LEU B 1024 -42.43 -48.52 42.58
CA LEU B 1024 -41.21 -47.84 42.16
C LEU B 1024 -40.10 -48.83 41.82
N GLN B 1025 -40.22 -50.08 42.30
CA GLN B 1025 -39.24 -51.11 41.99
C GLN B 1025 -39.16 -51.44 40.51
N THR B 1026 -40.21 -51.16 39.73
CA THR B 1026 -40.15 -51.45 38.30
C THR B 1026 -39.39 -50.38 37.53
N ILE B 1027 -39.13 -49.24 38.16
CA ILE B 1027 -38.34 -48.17 37.55
C ILE B 1027 -36.92 -48.20 38.07
N VAL B 1028 -36.75 -48.33 39.38
CA VAL B 1028 -35.43 -48.43 40.00
C VAL B 1028 -35.35 -49.83 40.60
N PRO B 1029 -34.71 -50.77 39.90
CA PRO B 1029 -34.68 -52.17 40.38
C PRO B 1029 -34.10 -52.37 41.77
N GLU B 1030 -33.20 -51.51 42.22
CA GLU B 1030 -32.60 -51.64 43.54
C GLU B 1030 -33.44 -51.06 44.68
N TYR B 1031 -34.49 -50.29 44.39
CA TYR B 1031 -35.25 -49.65 45.46
C TYR B 1031 -36.14 -50.62 46.21
N ILE B 1032 -36.06 -50.57 47.55
CA ILE B 1032 -36.89 -51.36 48.45
C ILE B 1032 -37.49 -50.41 49.47
N ASP B 1033 -38.81 -50.47 49.63
CA ASP B 1033 -39.51 -49.64 50.62
C ASP B 1033 -39.29 -50.27 52.00
N VAL B 1034 -38.22 -49.82 52.66
CA VAL B 1034 -37.85 -50.33 53.98
C VAL B 1034 -38.89 -49.99 55.04
N ASN B 1035 -39.44 -48.77 54.98
CA ASN B 1035 -40.36 -48.33 56.03
C ASN B 1035 -41.67 -49.11 55.97
N LYS B 1036 -42.18 -49.37 54.77
CA LYS B 1036 -43.38 -50.19 54.64
C LYS B 1036 -43.11 -51.61 55.12
N THR B 1037 -41.94 -52.16 54.77
CA THR B 1037 -41.63 -53.53 55.15
C THR B 1037 -41.47 -53.67 56.65
N LEU B 1038 -40.85 -52.68 57.30
CA LEU B 1038 -40.70 -52.74 58.75
C LEU B 1038 -41.97 -52.37 59.50
N GLN B 1039 -42.96 -51.76 58.83
CA GLN B 1039 -44.26 -51.49 59.42
C GLN B 1039 -45.18 -52.70 59.27
N GLU B 1040 -44.70 -53.75 58.64
CA GLU B 1040 -45.42 -55.00 58.44
C GLU B 1040 -44.70 -56.19 59.08
N LEU B 1041 -43.41 -56.37 58.79
CA LEU B 1041 -42.64 -57.48 59.33
C LEU B 1041 -42.56 -57.48 60.85
N SER B 1042 -42.82 -56.33 61.49
CA SER B 1042 -42.80 -56.27 62.95
C SER B 1042 -43.81 -57.20 63.62
N TYR B 1043 -44.82 -57.66 62.89
CA TYR B 1043 -45.83 -58.54 63.46
C TYR B 1043 -45.24 -59.89 63.86
N VAL C 2 15.48 -0.43 -52.34
CA VAL C 2 14.54 0.57 -52.82
C VAL C 2 13.94 0.05 -54.13
N GLN C 3 12.63 0.16 -54.29
CA GLN C 3 12.00 -0.29 -55.52
C GLN C 3 10.78 0.57 -55.84
N LEU C 4 10.58 0.82 -57.13
CA LEU C 4 9.43 1.57 -57.64
C LEU C 4 8.81 0.75 -58.75
N VAL C 5 7.48 0.63 -58.73
CA VAL C 5 6.77 -0.10 -59.77
C VAL C 5 5.53 0.70 -60.18
N GLU C 6 5.42 1.01 -61.48
CA GLU C 6 4.28 1.72 -62.03
C GLU C 6 3.26 0.75 -62.62
N SER C 7 2.04 1.25 -62.79
CA SER C 7 0.95 0.48 -63.36
C SER C 7 -0.13 1.45 -63.83
N GLY C 8 -1.12 0.90 -64.53
CA GLY C 8 -2.23 1.69 -65.02
C GLY C 8 -2.13 2.21 -66.44
N GLY C 9 -1.13 1.80 -67.19
CA GLY C 9 -1.03 2.21 -68.58
C GLY C 9 -2.03 1.48 -69.45
N GLY C 10 -2.22 2.01 -70.66
CA GLY C 10 -3.18 1.41 -71.57
C GLY C 10 -3.43 2.30 -72.77
N LEU C 11 -4.54 2.02 -73.46
CA LEU C 11 -4.98 2.77 -74.62
C LEU C 11 -6.34 3.39 -74.36
N VAL C 12 -6.45 4.70 -74.56
CA VAL C 12 -7.72 5.41 -74.39
C VAL C 12 -7.89 6.41 -75.53
N GLN C 13 -9.15 6.69 -75.84
CA GLN C 13 -9.47 7.63 -76.91
C GLN C 13 -9.10 9.05 -76.49
N PRO C 14 -8.87 9.94 -77.46
CA PRO C 14 -8.63 11.34 -77.11
C PRO C 14 -9.78 11.86 -76.27
N GLY C 15 -9.45 12.72 -75.31
CA GLY C 15 -10.46 13.21 -74.40
C GLY C 15 -10.76 12.29 -73.24
N GLY C 16 -10.15 11.12 -73.20
CA GLY C 16 -10.37 10.15 -72.14
C GLY C 16 -9.60 10.49 -70.88
N SER C 17 -9.59 9.53 -69.96
CA SER C 17 -8.94 9.69 -68.67
C SER C 17 -8.29 8.39 -68.24
N LEU C 18 -7.26 8.49 -67.41
CA LEU C 18 -6.55 7.33 -66.89
C LEU C 18 -6.21 7.55 -65.43
N ARG C 19 -5.75 6.47 -64.78
CA ARG C 19 -5.49 6.45 -63.35
C ARG C 19 -4.10 5.85 -63.07
N LEU C 20 -3.08 6.49 -63.63
CA LEU C 20 -1.71 6.03 -63.41
C LEU C 20 -1.39 5.90 -61.94
N SER C 21 -0.70 4.82 -61.57
CA SER C 21 -0.35 4.53 -60.18
C SER C 21 1.09 4.02 -60.11
N CYS C 22 1.72 4.22 -58.95
CA CYS C 22 3.11 3.82 -58.76
C CYS C 22 3.30 3.50 -57.28
N ALA C 23 3.63 2.24 -57.00
CA ALA C 23 3.86 1.76 -55.64
C ALA C 23 5.32 1.90 -55.27
N ALA C 24 5.57 2.21 -54.00
CA ALA C 24 6.93 2.40 -53.50
C ALA C 24 7.19 1.52 -52.30
N SER C 25 8.42 1.01 -52.22
CA SER C 25 8.84 0.18 -51.11
C SER C 25 10.34 0.27 -50.92
N GLY C 26 10.79 -0.02 -49.72
CA GLY C 26 12.20 -0.01 -49.39
C GLY C 26 12.76 1.30 -48.89
N PHE C 27 11.92 2.29 -48.62
CA PHE C 27 12.38 3.55 -48.05
C PHE C 27 11.18 4.23 -47.39
N THR C 28 11.47 5.15 -46.48
CA THR C 28 10.41 5.92 -45.85
C THR C 28 9.77 6.79 -46.92
N PHE C 29 8.53 6.46 -47.27
CA PHE C 29 7.84 7.12 -48.38
C PHE C 29 7.48 8.57 -48.09
N SER C 30 7.03 8.86 -46.87
CA SER C 30 6.56 10.21 -46.58
C SER C 30 7.68 11.23 -46.45
N SER C 31 8.94 10.82 -46.44
CA SER C 31 10.04 11.77 -46.32
C SER C 31 10.56 12.32 -47.63
N TYR C 32 10.18 11.76 -48.78
CA TYR C 32 10.73 12.22 -50.04
C TYR C 32 9.67 12.71 -51.01
N ALA C 33 10.00 13.75 -51.75
CA ALA C 33 9.15 14.26 -52.81
C ALA C 33 9.23 13.32 -54.00
N MET C 34 8.17 13.31 -54.80
CA MET C 34 8.10 12.44 -55.97
C MET C 34 7.68 13.26 -57.18
N SER C 35 8.08 12.79 -58.36
CA SER C 35 7.70 13.47 -59.59
C SER C 35 7.50 12.46 -60.70
N TRP C 36 6.59 12.78 -61.61
CA TRP C 36 6.35 12.00 -62.81
C TRP C 36 7.05 12.67 -63.98
N VAL C 37 7.75 11.86 -64.78
CA VAL C 37 8.48 12.34 -65.94
C VAL C 37 8.22 11.38 -67.09
N ARG C 38 7.91 11.92 -68.26
CA ARG C 38 7.56 11.13 -69.42
C ARG C 38 8.60 11.24 -70.53
N GLN C 39 8.67 10.20 -71.35
CA GLN C 39 9.56 10.14 -72.50
C GLN C 39 8.75 9.81 -73.74
N ALA C 40 8.54 10.82 -74.58
CA ALA C 40 7.84 10.59 -75.83
C ALA C 40 8.65 9.63 -76.69
N PRO C 41 8.01 8.87 -77.59
CA PRO C 41 8.75 7.86 -78.36
C PRO C 41 9.91 8.44 -79.14
N GLY C 42 11.12 8.05 -78.76
CA GLY C 42 12.33 8.53 -79.40
C GLY C 42 12.69 9.96 -79.09
N LYS C 43 12.24 10.50 -77.96
CA LYS C 43 12.50 11.88 -77.60
C LYS C 43 13.12 11.98 -76.22
N GLY C 44 13.51 13.19 -75.86
CA GLY C 44 14.10 13.44 -74.56
C GLY C 44 13.08 13.43 -73.45
N LEU C 45 13.60 13.38 -72.23
CA LEU C 45 12.75 13.35 -71.05
C LEU C 45 12.12 14.70 -70.80
N GLU C 46 10.84 14.70 -70.43
CA GLU C 46 10.11 15.90 -70.08
C GLU C 46 9.47 15.72 -68.71
N TRP C 47 9.73 16.66 -67.80
CA TRP C 47 9.13 16.62 -66.48
C TRP C 47 7.65 17.00 -66.58
N VAL C 48 6.80 16.25 -65.86
CA VAL C 48 5.36 16.43 -65.92
C VAL C 48 4.80 17.08 -64.66
N SER C 49 5.01 16.47 -63.50
CA SER C 49 4.50 17.03 -62.26
C SER C 49 5.33 16.54 -61.09
N ALA C 50 5.26 17.27 -59.98
CA ALA C 50 5.97 16.89 -58.76
C ALA C 50 5.14 17.25 -57.54
N ILE C 51 5.32 16.48 -56.47
CA ILE C 51 4.59 16.65 -55.22
C ILE C 51 5.58 16.44 -54.07
N ILE C 52 5.51 17.30 -53.06
CA ILE C 52 6.38 17.16 -51.89
C ILE C 52 5.85 16.05 -50.98
N GLY C 53 6.60 15.76 -49.92
CA GLY C 53 6.21 14.70 -49.01
C GLY C 53 4.85 14.90 -48.37
N SER C 54 4.60 16.10 -47.84
CA SER C 54 3.32 16.34 -47.17
C SER C 54 2.17 16.27 -48.17
N GLY C 55 2.27 16.99 -49.27
CA GLY C 55 1.23 17.05 -50.27
C GLY C 55 0.59 18.40 -50.40
N SER C 56 0.98 19.36 -49.57
CA SER C 56 0.39 20.69 -49.63
C SER C 56 0.77 21.41 -50.92
N ASN C 57 1.98 21.19 -51.41
CA ASN C 57 2.47 21.84 -52.61
C ASN C 57 2.57 20.86 -53.77
N THR C 58 2.03 21.25 -54.92
CA THR C 58 2.06 20.47 -56.14
C THR C 58 2.39 21.38 -57.30
N TYR C 59 3.26 20.93 -58.19
CA TYR C 59 3.72 21.72 -59.33
C TYR C 59 3.48 20.95 -60.61
N TYR C 60 3.14 21.67 -61.68
CA TYR C 60 2.86 21.07 -62.97
C TYR C 60 3.52 21.86 -64.09
N ALA C 61 3.97 21.15 -65.13
CA ALA C 61 4.52 21.82 -66.29
C ALA C 61 3.38 22.44 -67.10
N ASP C 62 3.71 23.47 -67.87
CA ASP C 62 2.67 24.18 -68.62
C ASP C 62 1.98 23.33 -69.68
N SER C 63 2.70 22.37 -70.27
CA SER C 63 2.08 21.48 -71.25
C SER C 63 1.02 20.58 -70.65
N VAL C 64 0.98 20.48 -69.32
CA VAL C 64 0.05 19.61 -68.62
C VAL C 64 -0.80 20.37 -67.61
N LYS C 65 -0.48 21.63 -67.35
CA LYS C 65 -1.14 22.45 -66.35
C LYS C 65 -2.65 22.49 -66.55
N GLY C 66 -3.39 22.32 -65.45
CA GLY C 66 -4.83 22.37 -65.48
C GLY C 66 -5.51 21.12 -65.97
N ARG C 67 -4.82 20.26 -66.70
CA ARG C 67 -5.39 19.02 -67.21
C ARG C 67 -5.14 17.82 -66.29
N PHE C 68 -3.95 17.72 -65.70
CA PHE C 68 -3.61 16.60 -64.85
C PHE C 68 -3.77 16.97 -63.38
N THR C 69 -3.64 15.96 -62.53
CA THR C 69 -3.73 16.16 -61.09
C THR C 69 -2.89 15.09 -60.39
N ILE C 70 -1.93 15.53 -59.63
CA ILE C 70 -1.02 14.67 -58.89
C ILE C 70 -1.56 14.48 -57.48
N SER C 71 -1.29 13.31 -56.90
CA SER C 71 -1.69 13.05 -55.53
C SER C 71 -0.83 11.91 -54.98
N ARG C 72 -0.86 11.78 -53.65
CA ARG C 72 -0.10 10.76 -52.96
C ARG C 72 -0.85 10.34 -51.72
N ASP C 73 -0.74 9.06 -51.37
CA ASP C 73 -1.40 8.52 -50.17
C ASP C 73 -0.26 7.92 -49.36
N ASN C 74 0.15 8.64 -48.31
CA ASN C 74 1.26 8.20 -47.48
C ASN C 74 0.93 7.02 -46.58
N ALA C 75 -0.36 6.71 -46.40
CA ALA C 75 -0.74 5.58 -45.56
C ALA C 75 -0.30 4.25 -46.16
N LYS C 76 -0.39 4.11 -47.49
CA LYS C 76 -0.07 2.84 -48.11
C LYS C 76 0.97 2.98 -49.23
N ASN C 77 1.86 3.96 -49.12
CA ASN C 77 3.01 4.11 -50.01
C ASN C 77 2.64 4.06 -51.48
N THR C 78 1.65 4.85 -51.87
CA THR C 78 1.19 4.84 -53.25
C THR C 78 1.16 6.26 -53.80
N LEU C 79 1.73 6.43 -54.99
CA LEU C 79 1.74 7.70 -55.70
C LEU C 79 0.79 7.58 -56.88
N TYR C 80 -0.08 8.58 -57.05
CA TYR C 80 -1.07 8.58 -58.11
C TYR C 80 -0.86 9.73 -59.07
N LEU C 81 -1.35 9.54 -60.29
CA LEU C 81 -1.39 10.60 -61.30
C LEU C 81 -2.72 10.47 -62.03
N GLN C 82 -3.48 11.55 -62.03
CA GLN C 82 -4.79 11.61 -62.67
C GLN C 82 -4.66 12.35 -63.99
N MET C 83 -5.05 11.70 -65.08
CA MET C 83 -4.97 12.29 -66.40
C MET C 83 -6.39 12.58 -66.89
N ASN C 84 -6.63 13.80 -67.33
CA ASN C 84 -7.96 14.18 -67.83
C ASN C 84 -7.80 14.99 -69.10
N SER C 85 -8.75 14.81 -70.02
CA SER C 85 -8.76 15.52 -71.30
C SER C 85 -7.44 15.32 -72.05
N LEU C 86 -7.09 14.06 -72.26
CA LEU C 86 -5.85 13.71 -72.94
C LEU C 86 -5.89 14.12 -74.41
N ARG C 87 -4.72 14.43 -74.95
CA ARG C 87 -4.56 14.79 -76.34
C ARG C 87 -3.62 13.78 -77.01
N ALA C 88 -3.36 14.03 -78.30
CA ALA C 88 -2.54 13.09 -79.08
C ALA C 88 -1.08 13.11 -78.65
N GLU C 89 -0.51 14.29 -78.42
CA GLU C 89 0.89 14.44 -78.04
C GLU C 89 1.18 13.98 -76.61
N ASP C 90 0.15 13.67 -75.82
CA ASP C 90 0.36 13.14 -74.48
C ASP C 90 0.87 11.71 -74.45
N THR C 91 0.89 11.00 -75.59
CA THR C 91 1.34 9.61 -75.59
C THR C 91 2.84 9.53 -75.35
N ALA C 92 3.23 8.68 -74.40
CA ALA C 92 4.62 8.51 -73.99
C ALA C 92 4.77 7.40 -72.97
N VAL C 93 5.99 7.19 -72.48
CA VAL C 93 6.27 6.28 -71.38
C VAL C 93 6.44 7.12 -70.13
N TYR C 94 5.65 6.85 -69.10
CA TYR C 94 5.67 7.64 -67.87
C TYR C 94 6.40 6.91 -66.76
N TYR C 95 7.38 7.60 -66.16
CA TYR C 95 8.17 7.08 -65.06
C TYR C 95 7.85 7.85 -63.79
N CYS C 96 7.82 7.15 -62.66
CA CYS C 96 7.66 7.81 -61.37
C CYS C 96 9.05 7.84 -60.77
N ALA C 97 9.47 9.00 -60.28
CA ALA C 97 10.81 9.16 -59.73
C ALA C 97 10.80 9.60 -58.28
N LYS C 98 11.87 9.25 -57.60
CA LYS C 98 12.10 9.53 -56.18
C LYS C 98 13.23 10.53 -56.03
N ASP C 99 13.02 11.57 -55.24
CA ASP C 99 14.09 12.52 -54.98
C ASP C 99 15.14 11.89 -54.06
N THR C 100 16.31 12.53 -53.99
CA THR C 100 17.43 12.08 -53.17
C THR C 100 17.55 12.79 -51.82
N THR C 101 16.81 13.88 -51.59
CA THR C 101 16.96 14.63 -50.35
C THR C 101 15.82 14.36 -49.38
N PRO C 102 16.04 13.66 -48.27
CA PRO C 102 14.94 13.46 -47.32
C PRO C 102 14.62 14.75 -46.60
N ARG C 103 13.33 15.01 -46.40
CA ARG C 103 12.94 16.24 -45.73
C ARG C 103 11.90 15.96 -44.65
N PRO C 104 11.89 16.75 -43.58
CA PRO C 104 10.89 16.55 -42.53
C PRO C 104 9.47 16.76 -43.05
N LEU C 105 8.53 16.02 -42.47
CA LEU C 105 7.15 16.06 -42.93
C LEU C 105 6.46 17.39 -42.68
N TYR C 106 6.96 18.21 -41.76
CA TYR C 106 6.37 19.51 -41.51
C TYR C 106 6.97 20.59 -42.39
N SER C 107 7.85 20.23 -43.32
CA SER C 107 8.52 21.18 -44.17
C SER C 107 8.05 21.10 -45.61
N SER C 108 8.18 22.22 -46.31
CA SER C 108 7.94 22.34 -47.74
C SER C 108 9.26 22.80 -48.34
N GLY C 109 9.77 22.02 -49.29
CA GLY C 109 11.07 22.36 -49.82
C GLY C 109 11.35 22.05 -51.27
N TRP C 110 12.62 22.22 -51.64
CA TRP C 110 13.09 22.06 -53.00
C TRP C 110 13.15 20.58 -53.39
N TYR C 111 13.38 20.35 -54.68
CA TYR C 111 13.51 19.00 -55.20
C TYR C 111 14.24 19.05 -56.53
N GLY C 112 14.59 17.88 -57.05
CA GLY C 112 15.21 17.82 -58.36
C GLY C 112 16.46 16.99 -58.58
N SER C 113 16.74 15.99 -57.75
CA SER C 113 17.94 15.17 -57.89
C SER C 113 17.60 13.69 -57.84
N PHE C 114 16.64 13.27 -58.65
CA PHE C 114 16.11 11.92 -58.65
C PHE C 114 17.19 10.85 -58.72
N ASP C 115 17.29 10.04 -57.67
CA ASP C 115 18.28 8.98 -57.58
C ASP C 115 17.75 7.60 -57.95
N TYR C 116 16.44 7.40 -57.89
CA TYR C 116 15.81 6.13 -58.24
C TYR C 116 14.64 6.38 -59.17
N TRP C 117 14.46 5.48 -60.12
CA TRP C 117 13.44 5.60 -61.14
C TRP C 117 12.70 4.28 -61.30
N GLY C 118 11.45 4.37 -61.71
CA GLY C 118 10.65 3.18 -61.94
C GLY C 118 10.91 2.59 -63.31
N GLN C 119 10.28 1.45 -63.58
CA GLN C 119 10.47 0.81 -64.86
C GLN C 119 9.79 1.58 -65.99
N GLY C 120 8.73 2.30 -65.67
CA GLY C 120 7.97 3.04 -66.66
C GLY C 120 6.84 2.22 -67.24
N THR C 121 5.76 2.92 -67.61
CA THR C 121 4.61 2.27 -68.20
C THR C 121 4.15 3.04 -69.42
N PRO C 122 3.73 2.35 -70.49
CA PRO C 122 3.29 3.03 -71.69
C PRO C 122 1.88 3.58 -71.57
N VAL C 123 1.67 4.72 -72.21
CA VAL C 123 0.34 5.33 -72.32
C VAL C 123 0.15 5.72 -73.78
N SER C 124 -0.91 5.19 -74.39
CA SER C 124 -1.21 5.48 -75.79
C SER C 124 -2.59 6.10 -75.89
N VAL C 125 -2.75 6.98 -76.88
CA VAL C 125 -3.99 7.73 -77.02
C VAL C 125 -4.51 7.66 -78.45
N ILE D 2 13.56 28.11 -68.56
CA ILE D 2 14.95 27.72 -68.71
C ILE D 2 15.11 26.79 -69.89
N GLN D 3 16.19 26.97 -70.65
CA GLN D 3 16.50 26.10 -71.78
C GLN D 3 17.90 25.52 -71.58
N MET D 4 18.08 24.28 -72.04
CA MET D 4 19.38 23.64 -72.05
C MET D 4 19.71 23.14 -73.44
N THR D 5 20.98 23.29 -73.81
CA THR D 5 21.48 22.82 -75.09
C THR D 5 22.77 22.06 -74.84
N GLN D 6 22.87 20.84 -75.36
CA GLN D 6 24.09 20.05 -75.23
C GLN D 6 24.73 19.83 -76.60
N SER D 7 26.04 19.89 -76.62
CA SER D 7 26.80 19.66 -77.83
C SER D 7 27.93 18.69 -77.49
N PRO D 8 28.19 17.72 -78.35
CA PRO D 8 27.51 17.43 -79.61
C PRO D 8 26.23 16.64 -79.43
N SER D 9 25.35 16.65 -80.43
CA SER D 9 24.14 15.85 -80.38
C SER D 9 24.47 14.36 -80.39
N SER D 10 25.60 13.99 -80.98
CA SER D 10 26.05 12.61 -81.00
C SER D 10 27.56 12.60 -81.13
N LEU D 11 28.17 11.47 -80.77
CA LEU D 11 29.61 11.33 -80.90
C LEU D 11 29.96 9.86 -80.91
N SER D 12 31.15 9.56 -81.41
CA SER D 12 31.65 8.20 -81.46
C SER D 12 33.15 8.21 -81.19
N ALA D 13 33.61 7.29 -80.33
CA ALA D 13 35.02 7.22 -80.01
C ALA D 13 35.40 5.79 -79.71
N SER D 14 36.70 5.52 -79.78
CA SER D 14 37.22 4.19 -79.57
C SER D 14 37.27 3.88 -78.07
N VAL D 15 37.38 2.58 -77.76
CA VAL D 15 37.47 2.16 -76.37
C VAL D 15 38.74 2.72 -75.75
N GLY D 16 38.60 3.26 -74.53
CA GLY D 16 39.71 3.83 -73.82
C GLY D 16 39.98 5.30 -74.10
N ASP D 17 39.22 5.93 -74.98
CA ASP D 17 39.44 7.34 -75.31
C ASP D 17 38.91 8.24 -74.20
N ARG D 18 38.94 9.56 -74.44
CA ARG D 18 38.65 10.58 -73.44
C ARG D 18 37.49 11.48 -73.86
N VAL D 19 36.33 10.86 -74.13
CA VAL D 19 35.13 11.57 -74.55
C VAL D 19 34.72 12.67 -73.59
N THR D 20 34.31 13.83 -74.14
CA THR D 20 33.85 14.98 -73.38
C THR D 20 32.57 15.55 -73.99
N ILE D 21 31.53 15.69 -73.16
CA ILE D 21 30.21 16.20 -73.57
C ILE D 21 29.87 17.41 -72.73
N THR D 22 29.45 18.50 -73.38
CA THR D 22 29.13 19.76 -72.69
C THR D 22 27.63 20.03 -72.66
N CYS D 23 27.25 20.95 -71.77
CA CYS D 23 25.87 21.42 -71.60
C CYS D 23 25.93 22.87 -71.15
N GLN D 24 25.02 23.70 -71.66
CA GLN D 24 24.94 25.11 -71.26
C GLN D 24 23.50 25.45 -70.91
N ALA D 25 23.33 26.43 -70.01
CA ALA D 25 22.03 26.71 -69.42
C ALA D 25 21.32 27.97 -69.90
N SER D 26 21.95 28.84 -70.68
CA SER D 26 21.32 30.07 -71.16
C SER D 26 20.84 30.98 -70.04
N GLN D 27 21.26 30.73 -68.81
CA GLN D 27 20.86 31.48 -67.61
C GLN D 27 21.80 31.03 -66.51
N ASP D 28 22.08 31.92 -65.56
CA ASP D 28 22.94 31.55 -64.45
C ASP D 28 22.28 30.47 -63.59
N ILE D 29 22.87 29.28 -63.60
CA ILE D 29 22.41 28.14 -62.79
C ILE D 29 23.30 27.94 -61.57
N THR D 30 24.43 28.64 -61.50
CA THR D 30 25.44 28.56 -60.45
C THR D 30 26.09 27.17 -60.35
N THR D 31 25.42 26.21 -59.72
CA THR D 31 25.99 24.87 -59.59
C THR D 31 24.95 23.77 -59.68
N TYR D 32 23.68 24.11 -59.81
CA TYR D 32 22.57 23.16 -59.75
C TYR D 32 22.39 22.44 -61.08
N LEU D 33 23.12 21.34 -61.25
CA LEU D 33 23.02 20.54 -62.46
C LEU D 33 23.16 19.07 -62.13
N ASN D 34 22.33 18.25 -62.75
CA ASN D 34 22.39 16.81 -62.66
C ASN D 34 22.79 16.20 -64.00
N TRP D 35 23.46 15.06 -63.94
CA TRP D 35 23.84 14.30 -65.13
C TRP D 35 23.26 12.90 -65.03
N TYR D 36 22.44 12.52 -65.99
CA TYR D 36 21.83 11.20 -66.03
C TYR D 36 22.38 10.38 -67.19
N GLN D 37 22.13 9.07 -67.12
CA GLN D 37 22.53 8.13 -68.17
C GLN D 37 21.40 7.15 -68.40
N GLN D 38 20.93 7.04 -69.64
CA GLN D 38 19.86 6.11 -69.97
C GLN D 38 20.33 5.12 -71.01
N LYS D 39 20.56 3.88 -70.59
CA LYS D 39 20.88 2.84 -71.55
C LYS D 39 19.61 2.53 -72.34
N PRO D 40 19.75 2.05 -73.58
CA PRO D 40 18.55 1.79 -74.40
C PRO D 40 17.59 0.81 -73.75
N GLY D 41 16.32 1.20 -73.70
CA GLY D 41 15.25 0.38 -73.18
C GLY D 41 15.12 0.29 -71.68
N LYS D 42 15.95 0.99 -70.90
CA LYS D 42 15.88 0.93 -69.45
C LYS D 42 15.71 2.32 -68.87
N ALA D 43 15.39 2.37 -67.58
CA ALA D 43 15.24 3.63 -66.87
C ALA D 43 16.59 4.31 -66.68
N PRO D 44 16.60 5.65 -66.60
CA PRO D 44 17.85 6.38 -66.40
C PRO D 44 18.45 6.10 -65.04
N LYS D 45 19.72 6.48 -64.90
CA LYS D 45 20.43 6.43 -63.64
C LYS D 45 21.13 7.75 -63.39
N LEU D 46 21.24 8.12 -62.13
CA LEU D 46 21.94 9.33 -61.73
C LEU D 46 23.44 9.04 -61.65
N LEU D 47 24.24 9.87 -62.32
CA LEU D 47 25.69 9.78 -62.27
C LEU D 47 26.32 10.87 -61.43
N ILE D 48 25.99 12.13 -61.69
CA ILE D 48 26.59 13.26 -61.00
C ILE D 48 25.50 14.21 -60.56
N TYR D 49 25.56 14.65 -59.31
CA TYR D 49 24.65 15.64 -58.76
C TYR D 49 25.48 16.85 -58.33
N ASP D 50 24.84 18.02 -58.32
CA ASP D 50 25.50 19.28 -57.98
C ASP D 50 26.64 19.61 -58.94
N ALA D 51 26.56 19.05 -60.14
CA ALA D 51 27.49 19.21 -61.26
C ALA D 51 28.88 18.62 -61.04
N SER D 52 29.23 18.25 -59.82
CA SER D 52 30.56 17.70 -59.60
C SER D 52 30.63 16.58 -58.57
N ASN D 53 29.57 16.34 -57.80
CA ASN D 53 29.59 15.31 -56.77
C ASN D 53 29.29 13.96 -57.38
N LEU D 54 30.30 13.10 -57.43
CA LEU D 54 30.16 11.77 -58.00
C LEU D 54 29.24 10.93 -57.13
N GLU D 55 28.32 10.20 -57.74
CA GLU D 55 27.40 9.36 -56.99
C GLU D 55 28.13 8.13 -56.45
N THR D 56 27.57 7.58 -55.37
CA THR D 56 28.16 6.48 -54.60
C THR D 56 28.13 5.13 -55.29
N GLY D 57 27.54 4.98 -56.47
CA GLY D 57 27.50 3.66 -57.06
C GLY D 57 27.96 3.59 -58.50
N VAL D 58 28.69 4.60 -58.94
CA VAL D 58 29.20 4.67 -60.31
C VAL D 58 30.71 4.84 -60.24
N PRO D 59 31.47 4.13 -61.09
CA PRO D 59 32.94 4.20 -61.01
C PRO D 59 33.48 5.58 -61.33
N SER D 60 34.64 5.87 -60.76
CA SER D 60 35.34 7.15 -60.85
C SER D 60 35.79 7.50 -62.26
N ARG D 61 35.49 6.64 -63.23
CA ARG D 61 35.80 6.94 -64.61
C ARG D 61 35.12 8.24 -65.05
N PHE D 62 33.92 8.49 -64.53
CA PHE D 62 33.14 9.68 -64.83
C PHE D 62 33.61 10.87 -64.01
N SER D 63 33.43 12.06 -64.57
CA SER D 63 33.75 13.29 -63.86
C SER D 63 32.94 14.42 -64.46
N GLY D 64 32.65 15.43 -63.63
CA GLY D 64 31.85 16.55 -64.07
C GLY D 64 32.39 17.85 -63.49
N SER D 65 32.22 18.92 -64.25
CA SER D 65 32.75 20.21 -63.84
C SER D 65 32.01 21.32 -64.56
N GLY D 66 32.11 22.52 -64.00
CA GLY D 66 31.47 23.68 -64.58
C GLY D 66 30.79 24.58 -63.55
N SER D 67 30.36 25.76 -63.99
CA SER D 67 29.64 26.69 -63.14
C SER D 67 28.96 27.71 -64.03
N GLY D 68 27.98 28.41 -63.44
CA GLY D 68 27.30 29.47 -64.17
C GLY D 68 26.50 28.99 -65.37
N THR D 69 27.00 29.28 -66.56
CA THR D 69 26.32 28.95 -67.80
C THR D 69 26.95 27.79 -68.57
N ASP D 70 28.14 27.34 -68.21
CA ASP D 70 28.84 26.29 -68.94
C ASP D 70 29.14 25.11 -68.02
N PHE D 71 28.90 23.90 -68.52
CA PHE D 71 29.11 22.68 -67.76
C PHE D 71 29.66 21.61 -68.69
N THR D 72 30.29 20.60 -68.11
CA THR D 72 30.95 19.56 -68.89
C THR D 72 30.99 18.23 -68.13
N LEU D 73 30.74 17.14 -68.85
CA LEU D 73 30.82 15.79 -68.34
C LEU D 73 31.89 15.05 -69.14
N THR D 74 32.79 14.36 -68.45
CA THR D 74 33.89 13.65 -69.10
C THR D 74 33.96 12.18 -68.69
N ILE D 75 34.37 11.34 -69.63
CA ILE D 75 34.59 9.92 -69.37
C ILE D 75 36.08 9.68 -69.62
N SER D 76 36.81 9.34 -68.55
CA SER D 76 38.26 9.19 -68.65
C SER D 76 38.68 8.08 -69.60
N SER D 77 37.98 6.95 -69.59
CA SER D 77 38.34 5.85 -70.49
C SER D 77 37.07 5.11 -70.92
N LEU D 78 36.52 5.51 -72.06
CA LEU D 78 35.25 4.98 -72.54
C LEU D 78 35.28 3.47 -72.68
N GLN D 79 34.58 2.78 -71.81
CA GLN D 79 34.46 1.33 -71.83
C GLN D 79 33.25 0.92 -72.67
N PRO D 80 33.19 -0.34 -73.10
CA PRO D 80 32.03 -0.77 -73.90
C PRO D 80 30.70 -0.71 -73.16
N GLU D 81 30.70 -0.72 -71.82
CA GLU D 81 29.43 -0.65 -71.09
C GLU D 81 28.78 0.72 -71.14
N ASP D 82 29.50 1.75 -71.57
CA ASP D 82 29.00 3.12 -71.48
C ASP D 82 28.20 3.56 -72.71
N ILE D 83 27.80 2.67 -73.60
CA ILE D 83 26.97 3.11 -74.71
C ILE D 83 25.58 3.40 -74.18
N ALA D 84 25.17 4.66 -74.29
CA ALA D 84 23.88 5.13 -73.75
C ALA D 84 23.66 6.55 -74.22
N THR D 85 22.58 7.16 -73.71
CA THR D 85 22.27 8.56 -73.94
C THR D 85 22.42 9.31 -72.63
N TYR D 86 23.05 10.49 -72.68
CA TYR D 86 23.33 11.28 -71.50
C TYR D 86 22.53 12.57 -71.53
N TYR D 87 22.03 12.98 -70.36
CA TYR D 87 21.20 14.16 -70.23
C TYR D 87 21.69 15.05 -69.10
N CYS D 88 21.49 16.35 -69.27
CA CYS D 88 21.79 17.33 -68.23
C CYS D 88 20.45 17.91 -67.81
N GLN D 89 20.26 18.08 -66.50
CA GLN D 89 19.00 18.62 -65.97
C GLN D 89 19.26 19.59 -64.84
N GLN D 90 18.74 20.80 -64.98
CA GLN D 90 18.88 21.83 -63.96
C GLN D 90 17.74 21.77 -62.96
N TYR D 91 18.00 22.30 -61.77
CA TYR D 91 16.96 22.41 -60.76
C TYR D 91 17.03 23.74 -60.04
N ASP D 92 17.47 24.79 -60.72
CA ASP D 92 17.45 26.14 -60.14
C ASP D 92 16.03 26.66 -60.03
N ASN D 93 15.14 26.21 -60.90
CA ASN D 93 13.73 26.58 -60.87
C ASN D 93 12.95 25.29 -60.73
N LEU D 94 11.92 25.29 -59.86
CA LEU D 94 11.19 24.05 -59.62
C LEU D 94 10.45 23.54 -60.84
N PHE D 95 10.22 24.36 -61.85
CA PHE D 95 9.68 23.90 -63.12
C PHE D 95 10.87 23.41 -63.95
N LEU D 96 11.54 22.39 -63.40
CA LEU D 96 12.80 21.93 -63.95
C LEU D 96 12.64 21.35 -65.35
N THR D 97 13.70 21.48 -66.13
CA THR D 97 13.74 21.05 -67.52
C THR D 97 14.96 20.19 -67.76
N PHE D 98 14.83 19.26 -68.69
CA PHE D 98 15.93 18.42 -69.12
C PHE D 98 16.47 18.94 -70.44
N GLY D 99 17.63 18.42 -70.84
CA GLY D 99 18.20 18.73 -72.12
C GLY D 99 17.74 17.76 -73.20
N GLY D 100 18.19 18.00 -74.42
CA GLY D 100 17.80 17.15 -75.53
C GLY D 100 18.49 15.81 -75.61
N GLY D 101 19.55 15.61 -74.83
CA GLY D 101 20.29 14.38 -74.85
C GLY D 101 21.50 14.40 -75.79
N THR D 102 22.29 13.34 -75.69
CA THR D 102 23.47 13.13 -76.52
C THR D 102 23.77 11.65 -76.50
N LYS D 103 24.09 11.08 -77.66
CA LYS D 103 24.31 9.65 -77.79
C LYS D 103 25.78 9.36 -78.07
N VAL D 104 26.31 8.32 -77.43
CA VAL D 104 27.69 7.89 -77.64
C VAL D 104 27.71 6.62 -78.47
N GLU D 105 28.86 6.37 -79.11
CA GLU D 105 29.06 5.18 -79.93
C GLU D 105 30.51 4.72 -79.88
N ILE D 106 30.70 3.41 -79.91
CA ILE D 106 32.02 2.81 -79.98
C ILE D 106 32.38 2.56 -81.44
N LYS D 107 33.67 2.39 -81.72
CA LYS D 107 34.11 1.93 -83.03
C LYS D 107 35.32 1.02 -82.93
N CYS E 32 -40.75 33.26 -13.14
CA CYS E 32 -42.05 33.79 -12.63
C CYS E 32 -43.18 33.26 -13.52
N VAL E 33 -43.21 33.64 -14.79
CA VAL E 33 -44.23 33.14 -15.74
C VAL E 33 -45.57 33.10 -15.00
N GLY E 34 -45.79 34.06 -14.11
CA GLY E 34 -47.05 34.12 -13.34
C GLY E 34 -47.10 33.01 -12.32
N HIS E 35 -46.33 31.94 -12.55
CA HIS E 35 -46.25 30.83 -11.56
C HIS E 35 -45.80 31.45 -10.24
N SER E 36 -45.15 32.60 -10.31
CA SER E 36 -44.77 33.34 -9.07
C SER E 36 -44.03 32.41 -8.10
N GLU E 37 -43.54 31.26 -8.58
CA GLU E 37 -42.69 30.43 -7.72
C GLU E 37 -41.26 30.92 -7.99
N ASN E 38 -41.06 31.62 -9.11
CA ASN E 38 -39.72 32.09 -9.51
C ASN E 38 -39.53 33.52 -9.02
N VAL E 39 -40.61 34.17 -8.60
CA VAL E 39 -40.46 35.54 -8.03
C VAL E 39 -40.50 35.37 -6.52
N PHE E 40 -39.50 35.90 -5.83
CA PHE E 40 -39.43 35.71 -4.37
C PHE E 40 -39.01 37.01 -3.70
N ALA E 41 -38.85 36.98 -2.39
CA ALA E 41 -38.44 38.13 -1.60
C ALA E 41 -37.04 37.88 -1.06
N VAL E 42 -36.12 38.80 -1.37
CA VAL E 42 -34.74 38.62 -0.93
C VAL E 42 -34.65 38.76 0.59
N GLU E 43 -33.95 37.82 1.22
CA GLU E 43 -33.77 37.88 2.66
C GLU E 43 -32.76 38.96 3.01
N SER E 44 -32.80 39.41 4.27
CA SER E 44 -31.90 40.45 4.72
C SER E 44 -30.45 40.02 4.58
N GLY E 45 -29.69 40.78 3.80
CA GLY E 45 -28.30 40.49 3.49
C GLY E 45 -28.06 40.04 2.07
N GLY E 46 -29.11 39.75 1.31
CA GLY E 46 -28.99 39.34 -0.07
C GLY E 46 -29.02 37.85 -0.32
N TYR E 47 -29.40 37.05 0.67
CA TYR E 47 -29.42 35.60 0.53
C TYR E 47 -30.73 35.12 -0.08
N ILE E 48 -30.62 34.13 -0.95
CA ILE E 48 -31.77 33.48 -1.58
C ILE E 48 -32.41 32.54 -0.57
N PRO E 49 -33.74 32.51 -0.47
CA PRO E 49 -34.40 31.62 0.48
C PRO E 49 -34.05 30.16 0.25
N SER E 50 -33.99 29.41 1.36
CA SER E 50 -33.60 28.01 1.33
C SER E 50 -34.60 27.11 0.61
N ASN E 51 -35.84 27.55 0.42
CA ASN E 51 -36.86 26.74 -0.23
C ASN E 51 -37.09 27.11 -1.68
N PHE E 52 -36.23 27.93 -2.27
CA PHE E 52 -36.39 28.34 -3.66
C PHE E 52 -36.13 27.16 -4.60
N ALA E 53 -36.93 27.08 -5.68
CA ALA E 53 -36.81 25.98 -6.63
C ALA E 53 -35.69 26.16 -7.65
N PHE E 54 -35.09 27.34 -7.74
CA PHE E 54 -34.00 27.61 -8.69
C PHE E 54 -34.35 27.26 -10.13
N ASN E 55 -35.59 27.50 -10.52
CA ASN E 55 -35.99 27.25 -11.91
C ASN E 55 -35.35 28.29 -12.82
N ASN E 56 -34.63 27.80 -13.83
CA ASN E 56 -33.88 28.65 -14.76
C ASN E 56 -32.90 29.59 -14.05
N TRP E 57 -32.17 29.06 -13.07
CA TRP E 57 -31.07 29.76 -12.41
C TRP E 57 -29.88 28.85 -12.66
N PHE E 58 -29.10 29.18 -13.67
CA PHE E 58 -28.02 28.32 -14.13
C PHE E 58 -26.70 28.56 -13.40
N LEU E 59 -25.94 27.48 -13.29
CA LEU E 59 -24.60 27.52 -12.74
C LEU E 59 -23.67 28.08 -13.80
N LEU E 60 -22.91 29.11 -13.46
CA LEU E 60 -22.04 29.77 -14.41
C LEU E 60 -20.70 29.04 -14.48
N THR E 61 -20.10 29.05 -15.67
CA THR E 61 -18.83 28.37 -15.89
C THR E 61 -18.21 28.84 -17.18
N ASN E 62 -16.88 28.81 -17.22
CA ASN E 62 -16.13 29.11 -18.43
C ASN E 62 -15.67 27.84 -19.12
N THR E 63 -16.10 26.68 -18.64
CA THR E 63 -15.68 25.37 -19.13
C THR E 63 -16.85 24.40 -19.00
N SER E 64 -16.53 23.11 -18.99
CA SER E 64 -17.51 22.04 -18.83
C SER E 64 -18.41 22.25 -17.62
N SER E 65 -19.63 21.71 -17.72
CA SER E 65 -20.63 21.76 -16.66
C SER E 65 -20.76 20.45 -15.92
N VAL E 66 -20.89 20.55 -14.59
CA VAL E 66 -21.08 19.37 -13.76
C VAL E 66 -22.45 18.79 -14.02
N VAL E 67 -22.55 17.46 -14.03
CA VAL E 67 -23.84 16.80 -14.19
C VAL E 67 -24.48 16.55 -12.83
N ASP E 68 -23.83 15.74 -12.01
CA ASP E 68 -24.28 15.47 -10.65
C ASP E 68 -23.10 15.61 -9.71
N GLY E 69 -23.37 16.09 -8.49
CA GLY E 69 -22.31 16.20 -7.51
C GLY E 69 -22.43 17.40 -6.60
N VAL E 70 -21.47 17.56 -5.70
CA VAL E 70 -21.41 18.70 -4.80
C VAL E 70 -20.17 19.49 -5.18
N VAL E 71 -20.34 20.76 -5.52
CA VAL E 71 -19.22 21.58 -5.97
C VAL E 71 -19.26 22.94 -5.29
N ARG E 72 -18.08 23.49 -5.04
CA ARG E 72 -17.90 24.80 -4.43
C ARG E 72 -17.33 25.75 -5.46
N SER E 73 -17.90 26.95 -5.57
CA SER E 73 -17.42 27.90 -6.55
C SER E 73 -17.90 29.30 -6.16
N PHE E 74 -17.25 30.30 -6.75
CA PHE E 74 -17.67 31.69 -6.61
C PHE E 74 -18.75 31.95 -7.66
N GLN E 75 -19.97 32.19 -7.19
CA GLN E 75 -21.07 32.41 -8.11
C GLN E 75 -21.81 33.70 -7.77
N PRO E 76 -22.32 34.39 -8.78
CA PRO E 76 -23.09 35.63 -8.55
C PRO E 76 -24.49 35.29 -8.07
N LEU E 77 -24.62 35.04 -6.77
CA LEU E 77 -25.89 34.66 -6.17
C LEU E 77 -26.26 35.51 -4.97
N LEU E 78 -25.50 36.56 -4.67
CA LEU E 78 -25.87 37.50 -3.61
C LEU E 78 -26.59 38.64 -4.32
N LEU E 79 -27.90 38.70 -4.14
CA LEU E 79 -28.75 39.63 -4.88
C LEU E 79 -28.88 40.96 -4.16
N ASN E 80 -28.51 42.05 -4.85
CA ASN E 80 -28.72 43.37 -4.26
C ASN E 80 -30.21 43.63 -4.12
N CYS E 81 -30.97 43.41 -5.20
CA CYS E 81 -32.42 43.29 -5.12
C CYS E 81 -32.93 42.78 -6.46
N LEU E 82 -34.06 42.10 -6.42
CA LEU E 82 -34.68 41.44 -7.56
C LEU E 82 -36.14 41.85 -7.68
N TRP E 83 -36.62 41.99 -8.92
CA TRP E 83 -38.00 42.36 -9.17
C TRP E 83 -38.56 41.57 -10.35
N SER E 84 -39.89 41.53 -10.41
CA SER E 84 -40.62 40.85 -11.47
C SER E 84 -40.96 41.78 -12.63
N VAL E 85 -41.13 41.17 -13.81
CA VAL E 85 -41.55 41.91 -15.00
C VAL E 85 -42.73 41.26 -15.70
N SER E 86 -42.98 39.97 -15.52
CA SER E 86 -44.09 39.29 -16.17
C SER E 86 -45.37 39.53 -15.37
N GLY E 87 -46.24 40.40 -15.88
CA GLY E 87 -47.50 40.71 -15.27
C GLY E 87 -47.48 41.76 -14.19
N SER E 88 -46.30 42.28 -13.82
CA SER E 88 -46.22 43.32 -12.80
C SER E 88 -46.07 44.71 -13.39
N GLN E 89 -46.15 44.83 -14.72
CA GLN E 89 -46.05 46.11 -15.44
C GLN E 89 -44.70 46.77 -15.22
N PHE E 90 -44.62 48.08 -15.53
CA PHE E 90 -43.41 48.88 -15.38
C PHE E 90 -42.23 48.31 -16.19
N THR E 91 -42.34 48.46 -17.51
CA THR E 91 -41.27 48.07 -18.42
C THR E 91 -39.92 48.57 -17.89
N THR E 92 -38.95 47.66 -17.84
CA THR E 92 -37.65 47.97 -17.24
C THR E 92 -36.79 48.87 -18.12
N GLY E 93 -36.78 48.64 -19.43
CA GLY E 93 -35.95 49.45 -20.30
C GLY E 93 -34.48 49.30 -19.95
N PHE E 94 -33.76 50.43 -19.85
CA PHE E 94 -32.35 50.38 -19.48
C PHE E 94 -32.18 50.09 -18.00
N VAL E 95 -31.27 49.16 -17.70
CA VAL E 95 -30.89 48.81 -16.33
C VAL E 95 -29.40 49.03 -16.19
N TYR E 96 -29.00 49.80 -15.20
CA TYR E 96 -27.59 50.10 -14.95
C TYR E 96 -27.03 49.16 -13.89
N PHE E 97 -25.70 49.05 -13.89
CA PHE E 97 -25.02 48.24 -12.90
C PHE E 97 -24.94 48.91 -11.53
N ASN E 98 -25.03 50.24 -11.48
CA ASN E 98 -24.91 50.97 -10.22
C ASN E 98 -26.23 51.20 -9.50
N GLY E 99 -27.33 50.60 -9.96
CA GLY E 99 -28.61 50.68 -9.27
C GLY E 99 -29.73 51.37 -10.02
N THR E 100 -29.42 52.36 -10.85
CA THR E 100 -30.48 53.05 -11.56
C THR E 100 -31.15 52.17 -12.59
N GLY E 101 -32.44 52.41 -12.79
CA GLY E 101 -33.27 51.62 -13.69
C GLY E 101 -33.93 50.42 -13.06
N ARG E 102 -33.66 50.13 -11.79
CA ARG E 102 -34.29 49.00 -11.12
C ARG E 102 -35.79 49.21 -10.98
N GLY E 103 -36.53 48.10 -10.98
CA GLY E 103 -37.95 48.12 -10.75
C GLY E 103 -38.26 48.10 -9.27
N ALA E 104 -39.53 47.79 -8.94
CA ALA E 104 -39.93 47.67 -7.54
C ALA E 104 -39.48 46.30 -7.05
N CYS E 105 -38.23 46.23 -6.62
CA CYS E 105 -37.68 44.97 -6.16
C CYS E 105 -38.32 44.52 -4.85
N LYS E 106 -38.44 43.20 -4.71
CA LYS E 106 -39.13 42.55 -3.61
C LYS E 106 -38.18 42.14 -2.49
N GLY E 107 -38.62 42.36 -1.26
CA GLY E 107 -37.83 42.02 -0.09
C GLY E 107 -36.69 42.97 0.16
N PHE E 108 -35.61 42.44 0.72
CA PHE E 108 -34.43 43.24 1.00
C PHE E 108 -33.86 43.82 -0.28
N TYR E 109 -33.41 45.07 -0.21
CA TYR E 109 -32.80 45.74 -1.34
C TYR E 109 -31.60 46.53 -0.85
N SER E 110 -30.64 46.75 -1.75
CA SER E 110 -29.42 47.43 -1.37
C SER E 110 -28.91 48.28 -2.52
N ASN E 111 -28.04 49.20 -2.16
CA ASN E 111 -27.27 50.04 -3.06
C ASN E 111 -25.89 49.41 -3.24
N ALA E 112 -24.93 50.18 -3.76
CA ALA E 112 -23.59 49.73 -4.13
C ALA E 112 -23.66 48.96 -5.44
N SER E 113 -22.66 49.17 -6.30
CA SER E 113 -22.67 48.60 -7.64
C SER E 113 -22.52 47.09 -7.64
N SER E 114 -23.37 46.43 -8.43
CA SER E 114 -23.36 45.00 -8.66
C SER E 114 -22.44 44.67 -9.83
N ASP E 115 -21.93 43.44 -9.85
CA ASP E 115 -21.06 43.01 -10.93
C ASP E 115 -21.77 42.12 -11.94
N VAL E 116 -23.04 41.79 -11.73
CA VAL E 116 -23.77 40.90 -12.64
C VAL E 116 -25.24 41.31 -12.68
N ILE E 117 -25.83 41.24 -13.87
CA ILE E 117 -27.26 41.44 -14.09
C ILE E 117 -27.80 40.14 -14.68
N ARG E 118 -28.79 39.54 -14.01
CA ARG E 118 -29.41 38.30 -14.45
C ARG E 118 -30.79 38.55 -15.02
N TYR E 119 -31.07 37.95 -16.18
CA TYR E 119 -32.38 38.02 -16.83
C TYR E 119 -32.97 36.62 -16.90
N ASN E 120 -33.98 36.35 -16.09
CA ASN E 120 -34.69 35.08 -16.17
C ASN E 120 -35.66 35.14 -17.35
N ILE E 121 -35.49 34.25 -18.31
CA ILE E 121 -36.30 34.24 -19.52
C ILE E 121 -37.36 33.16 -19.40
N ASN E 122 -38.52 33.41 -20.01
CA ASN E 122 -39.62 32.47 -19.94
C ASN E 122 -39.32 31.20 -20.75
N PHE E 123 -40.30 30.30 -20.76
CA PHE E 123 -40.18 28.99 -21.37
C PHE E 123 -39.99 29.05 -22.89
N GLU E 124 -38.86 28.51 -23.34
CA GLU E 124 -38.49 28.36 -24.76
C GLU E 124 -38.50 29.66 -25.55
N GLU E 125 -38.16 30.78 -24.93
CA GLU E 125 -38.07 32.00 -25.71
C GLU E 125 -36.72 32.00 -26.45
N ASN E 126 -36.68 32.66 -27.61
CA ASN E 126 -35.48 32.64 -28.42
C ASN E 126 -35.09 34.05 -28.87
N LEU E 127 -33.78 34.32 -28.88
CA LEU E 127 -33.30 35.61 -29.34
C LEU E 127 -33.16 35.67 -30.85
N ARG E 128 -34.19 35.26 -31.58
CA ARG E 128 -34.16 35.26 -33.03
C ARG E 128 -34.63 36.57 -33.63
N ARG E 129 -35.14 37.48 -32.81
CA ARG E 129 -35.58 38.79 -33.25
C ARG E 129 -35.48 39.74 -32.06
N GLY E 130 -35.41 41.03 -32.38
CA GLY E 130 -35.17 42.05 -31.37
C GLY E 130 -33.68 42.21 -31.13
N THR E 131 -33.33 43.09 -30.19
CA THR E 131 -31.92 43.36 -29.92
C THR E 131 -31.68 43.60 -28.43
N ILE E 132 -30.40 43.57 -28.06
CA ILE E 132 -29.91 43.92 -26.74
C ILE E 132 -28.93 45.08 -26.91
N LEU E 133 -29.24 46.22 -26.30
CA LEU E 133 -28.38 47.40 -26.38
C LEU E 133 -27.48 47.52 -25.16
N PHE E 134 -26.26 48.00 -25.38
CA PHE E 134 -25.27 48.20 -24.33
C PHE E 134 -24.74 49.63 -24.42
N LYS E 135 -24.33 50.16 -23.27
CA LYS E 135 -23.75 51.50 -23.21
C LYS E 135 -22.39 51.41 -22.54
N THR E 136 -21.37 52.00 -23.18
CA THR E 136 -20.02 51.98 -22.66
C THR E 136 -19.48 53.39 -22.55
N SER E 137 -18.29 53.49 -21.96
CA SER E 137 -17.61 54.77 -21.82
C SER E 137 -17.16 55.34 -23.16
N TYR E 138 -17.08 54.51 -24.19
CA TYR E 138 -16.64 54.93 -25.52
C TYR E 138 -17.76 54.99 -26.55
N GLY E 139 -19.01 54.82 -26.15
CA GLY E 139 -20.08 54.90 -27.11
C GLY E 139 -21.18 53.89 -26.84
N ALA E 140 -21.95 53.63 -27.89
CA ALA E 140 -23.10 52.73 -27.85
C ALA E 140 -22.84 51.45 -28.63
N VAL E 141 -23.35 50.34 -28.12
CA VAL E 141 -23.17 49.01 -28.69
C VAL E 141 -24.53 48.33 -28.70
N VAL E 142 -24.76 47.50 -29.73
CA VAL E 142 -26.01 46.75 -29.82
C VAL E 142 -25.70 45.34 -30.29
N PHE E 143 -26.42 44.37 -29.75
CA PHE E 143 -26.26 42.96 -30.06
C PHE E 143 -27.51 42.47 -30.78
N TYR E 144 -27.31 41.92 -31.97
CA TYR E 144 -28.41 41.45 -32.81
C TYR E 144 -27.95 40.15 -33.46
N CYS E 145 -28.89 39.44 -34.08
CA CYS E 145 -28.48 38.16 -34.65
C CYS E 145 -29.48 37.75 -35.72
N THR E 146 -28.99 37.36 -36.90
CA THR E 146 -29.85 37.04 -38.04
C THR E 146 -29.06 36.25 -39.08
N ASN E 147 -29.75 35.79 -40.13
CA ASN E 147 -29.10 35.16 -41.27
C ASN E 147 -29.08 36.06 -42.51
N ASN E 148 -29.82 37.15 -42.53
CA ASN E 148 -29.92 38.00 -43.72
C ASN E 148 -28.76 39.00 -43.70
N THR E 149 -27.93 38.97 -44.76
CA THR E 149 -26.76 39.84 -44.86
C THR E 149 -27.12 41.31 -44.92
N LEU E 150 -28.39 41.67 -45.17
CA LEU E 150 -28.77 43.08 -45.19
C LEU E 150 -28.84 43.67 -43.79
N VAL E 151 -29.23 42.86 -42.79
CA VAL E 151 -29.34 43.35 -41.43
C VAL E 151 -27.98 43.50 -40.76
N SER E 152 -27.01 42.74 -41.22
CA SER E 152 -25.68 42.87 -40.68
C SER E 152 -24.79 43.63 -41.60
N GLY E 153 -25.30 43.97 -42.78
CA GLY E 153 -24.54 44.75 -43.73
C GLY E 153 -23.24 44.11 -44.07
N ASP E 154 -22.17 44.87 -43.92
CA ASP E 154 -20.91 44.30 -44.22
C ASP E 154 -20.37 43.72 -42.95
N ALA E 155 -20.17 42.43 -42.95
CA ALA E 155 -19.62 41.74 -41.81
C ALA E 155 -18.98 40.52 -42.35
N HIS E 156 -17.86 40.16 -41.78
CA HIS E 156 -17.20 38.97 -42.22
C HIS E 156 -17.90 37.75 -41.65
N ILE E 157 -18.18 36.73 -42.43
CA ILE E 157 -18.71 35.49 -41.88
C ILE E 157 -17.77 34.45 -42.41
N PRO E 158 -17.30 33.54 -41.57
CA PRO E 158 -16.37 32.49 -41.98
C PRO E 158 -16.84 31.48 -43.03
N SER E 159 -15.86 31.04 -43.81
CA SER E 159 -15.91 30.24 -45.05
C SER E 159 -16.37 28.79 -44.96
N GLY E 160 -16.76 28.48 -43.77
CA GLY E 160 -17.10 27.19 -43.23
C GLY E 160 -18.42 27.14 -42.48
N THR E 161 -19.14 28.25 -42.41
CA THR E 161 -20.45 28.25 -41.80
C THR E 161 -21.48 27.68 -42.75
N VAL E 162 -22.73 27.65 -42.31
CA VAL E 162 -23.85 27.16 -43.11
C VAL E 162 -24.71 28.36 -43.50
N LEU E 163 -24.91 28.54 -44.79
CA LEU E 163 -25.72 29.64 -45.27
C LEU E 163 -27.16 29.44 -44.86
N GLY E 164 -27.83 30.52 -44.45
CA GLY E 164 -29.20 30.44 -44.01
C GLY E 164 -29.39 30.19 -42.53
N ASN E 165 -28.34 29.81 -41.81
CA ASN E 165 -28.41 29.61 -40.37
C ASN E 165 -28.24 30.93 -39.65
N PHE E 166 -28.90 31.07 -38.50
CA PHE E 166 -28.79 32.31 -37.74
C PHE E 166 -27.43 32.45 -37.09
N TYR E 167 -26.80 33.61 -37.31
CA TYR E 167 -25.53 33.96 -36.72
C TYR E 167 -25.72 35.32 -36.05
N CYS E 168 -24.96 35.56 -34.99
CA CYS E 168 -25.14 36.76 -34.19
C CYS E 168 -23.97 37.72 -34.33
N PHE E 169 -24.29 39.03 -34.39
CA PHE E 169 -23.33 40.08 -34.68
C PHE E 169 -23.36 41.22 -33.68
N VAL E 170 -22.62 42.30 -33.95
CA VAL E 170 -22.56 43.45 -33.05
C VAL E 170 -22.19 44.74 -33.79
N ASN E 171 -22.95 45.82 -33.54
CA ASN E 171 -22.62 47.16 -34.03
C ASN E 171 -21.76 47.85 -32.97
N THR E 172 -20.88 48.75 -33.41
CA THR E 172 -20.08 49.56 -32.49
C THR E 172 -20.07 50.99 -33.03
N THR E 173 -20.72 51.92 -32.33
CA THR E 173 -20.89 53.29 -32.80
C THR E 173 -20.06 54.27 -31.97
N ILE E 174 -19.34 55.16 -32.67
CA ILE E 174 -18.48 56.16 -32.04
C ILE E 174 -19.02 57.55 -32.41
N GLY E 175 -20.34 57.65 -32.59
CA GLY E 175 -20.98 58.91 -32.93
C GLY E 175 -21.29 59.07 -34.41
N ASN E 176 -20.35 58.70 -35.27
CA ASN E 176 -20.58 58.80 -36.71
C ASN E 176 -20.28 57.50 -37.43
N GLU E 177 -19.25 56.78 -37.01
CA GLU E 177 -18.84 55.51 -37.60
C GLU E 177 -19.49 54.36 -36.86
N THR E 178 -19.80 53.28 -37.60
CA THR E 178 -20.44 52.10 -37.03
C THR E 178 -19.76 50.86 -37.59
N THR E 179 -18.89 50.26 -36.79
CA THR E 179 -18.18 49.04 -37.17
C THR E 179 -18.98 47.81 -36.76
N SER E 180 -19.47 47.07 -37.75
CA SER E 180 -20.16 45.80 -37.51
C SER E 180 -19.16 44.66 -37.45
N ALA E 181 -19.37 43.72 -36.54
CA ALA E 181 -18.47 42.58 -36.42
C ALA E 181 -19.23 41.32 -36.04
N PHE E 182 -18.72 40.19 -36.50
CA PHE E 182 -19.24 38.86 -36.17
C PHE E 182 -18.66 38.40 -34.84
N VAL E 183 -19.51 37.84 -33.97
CA VAL E 183 -19.07 37.32 -32.68
C VAL E 183 -19.26 35.81 -32.54
N GLY E 184 -20.35 35.26 -33.06
CA GLY E 184 -20.52 33.82 -32.95
C GLY E 184 -21.95 33.38 -33.20
N ALA E 185 -22.27 32.19 -32.69
CA ALA E 185 -23.58 31.57 -32.79
C ALA E 185 -24.14 31.25 -31.42
N LEU E 186 -25.46 31.36 -31.28
CA LEU E 186 -26.17 31.09 -30.04
C LEU E 186 -27.16 29.94 -30.17
N PRO E 187 -27.49 29.28 -29.05
CA PRO E 187 -28.42 28.15 -29.08
C PRO E 187 -29.79 28.52 -29.64
N LYS E 188 -30.57 27.47 -29.92
CA LYS E 188 -31.92 27.64 -30.46
C LYS E 188 -32.82 28.40 -29.51
N THR E 189 -32.82 28.00 -28.23
CA THR E 189 -33.65 28.61 -27.20
C THR E 189 -32.79 29.03 -26.03
N VAL E 190 -33.17 30.14 -25.39
CA VAL E 190 -32.44 30.69 -24.26
C VAL E 190 -33.36 30.73 -23.06
N ARG E 191 -32.86 30.26 -21.90
CA ARG E 191 -33.62 30.24 -20.66
C ARG E 191 -33.19 31.34 -19.71
N GLU E 192 -31.92 31.76 -19.79
CA GLU E 192 -31.39 32.81 -18.94
C GLU E 192 -30.27 33.53 -19.66
N PHE E 193 -30.24 34.85 -19.52
CA PHE E 193 -29.17 35.69 -20.07
C PHE E 193 -28.52 36.44 -18.92
N VAL E 194 -27.21 36.29 -18.78
CA VAL E 194 -26.45 36.95 -17.72
C VAL E 194 -25.33 37.78 -18.36
N ILE E 195 -25.22 39.04 -17.92
CA ILE E 195 -24.20 39.95 -18.42
C ILE E 195 -23.41 40.47 -17.22
N SER E 196 -22.10 40.41 -17.32
CA SER E 196 -21.21 40.94 -16.30
C SER E 196 -20.77 42.36 -16.63
N ARG E 197 -20.35 43.09 -15.59
CA ARG E 197 -19.87 44.45 -15.79
C ARG E 197 -18.67 44.48 -16.71
N THR E 198 -17.89 43.40 -16.74
CA THR E 198 -16.71 43.29 -17.58
C THR E 198 -17.02 42.65 -18.94
N GLY E 199 -18.28 42.55 -19.31
CA GLY E 199 -18.66 42.07 -20.63
C GLY E 199 -18.81 40.57 -20.79
N HIS E 200 -18.63 39.78 -19.75
CA HIS E 200 -18.81 38.34 -19.90
C HIS E 200 -20.29 38.06 -20.19
N PHE E 201 -20.54 37.34 -21.27
CA PHE E 201 -21.88 37.09 -21.79
C PHE E 201 -22.21 35.61 -21.62
N TYR E 202 -23.05 35.30 -20.64
CA TYR E 202 -23.46 33.92 -20.35
C TYR E 202 -24.87 33.67 -20.84
N ILE E 203 -25.04 32.54 -21.53
CA ILE E 203 -26.33 32.08 -22.02
C ILE E 203 -26.47 30.64 -21.56
N ASN E 204 -27.56 30.34 -20.86
CA ASN E 204 -27.81 29.01 -20.31
C ASN E 204 -26.64 28.50 -19.46
N GLY E 205 -25.96 29.42 -18.78
CA GLY E 205 -24.83 29.09 -17.92
C GLY E 205 -23.45 29.05 -18.54
N TYR E 206 -23.30 29.27 -19.85
CA TYR E 206 -21.99 29.20 -20.48
C TYR E 206 -21.58 30.54 -21.06
N ARG E 207 -20.33 30.91 -20.85
CA ARG E 207 -19.82 32.19 -21.36
C ARG E 207 -19.50 32.02 -22.85
N TYR E 208 -20.18 32.78 -23.68
CA TYR E 208 -19.93 32.75 -25.12
C TYR E 208 -19.08 33.90 -25.63
N PHE E 209 -19.24 35.10 -25.09
CA PHE E 209 -18.53 36.29 -25.56
C PHE E 209 -17.93 37.08 -24.41
N SER E 210 -17.14 38.09 -24.79
CA SER E 210 -16.51 39.02 -23.85
C SER E 210 -16.50 40.40 -24.51
N LEU E 211 -17.52 41.20 -24.20
CA LEU E 211 -17.72 42.50 -24.82
C LEU E 211 -16.91 43.64 -24.18
N GLY E 212 -16.20 43.38 -23.09
CA GLY E 212 -15.51 44.46 -22.40
C GLY E 212 -16.40 45.16 -21.39
N ASP E 213 -15.85 46.21 -20.79
CA ASP E 213 -16.59 46.96 -19.79
C ASP E 213 -17.89 47.51 -20.35
N VAL E 214 -18.97 47.32 -19.60
CA VAL E 214 -20.32 47.78 -19.98
C VAL E 214 -20.96 48.45 -18.77
N GLU E 215 -21.54 49.63 -18.99
CA GLU E 215 -22.17 50.39 -17.91
C GLU E 215 -23.65 50.10 -17.73
N ALA E 216 -24.35 49.70 -18.80
CA ALA E 216 -25.76 49.40 -18.70
C ALA E 216 -26.18 48.53 -19.87
N VAL E 217 -27.32 47.86 -19.71
CA VAL E 217 -27.89 47.00 -20.74
C VAL E 217 -29.39 47.26 -20.87
N ASN E 218 -29.94 46.83 -22.00
CA ASN E 218 -31.38 46.95 -22.22
C ASN E 218 -31.84 45.76 -23.04
N PHE E 219 -32.61 44.86 -22.42
CA PHE E 219 -33.15 43.70 -23.14
C PHE E 219 -34.42 44.18 -23.84
N ASN E 220 -34.23 44.87 -24.95
CA ASN E 220 -35.31 45.47 -25.75
C ASN E 220 -35.99 44.45 -26.65
N VAL E 221 -35.65 43.17 -26.49
CA VAL E 221 -36.12 42.13 -27.39
C VAL E 221 -37.64 42.14 -27.48
N THR E 222 -38.15 41.84 -28.68
CA THR E 222 -39.58 41.79 -28.95
C THR E 222 -40.26 40.77 -28.04
N ASN E 223 -41.60 40.79 -28.07
CA ASN E 223 -42.41 40.02 -27.14
C ASN E 223 -42.08 40.41 -25.70
N ALA E 224 -41.67 41.66 -25.52
CA ALA E 224 -41.31 42.24 -24.24
C ALA E 224 -42.48 42.18 -23.27
N ALA E 225 -42.17 42.36 -21.98
CA ALA E 225 -43.12 42.27 -20.88
C ALA E 225 -43.64 40.84 -20.71
N THR E 226 -43.27 39.95 -21.64
CA THR E 226 -43.60 38.55 -21.55
C THR E 226 -42.41 37.65 -21.86
N THR E 227 -41.38 38.17 -22.51
CA THR E 227 -40.14 37.43 -22.77
C THR E 227 -39.25 37.41 -21.53
N VAL E 228 -39.33 38.44 -20.71
CA VAL E 228 -38.51 38.57 -19.50
C VAL E 228 -39.39 38.26 -18.30
N CYS E 229 -38.90 37.38 -17.43
CA CYS E 229 -39.62 36.98 -16.23
C CYS E 229 -39.18 37.83 -15.04
N THR E 230 -37.89 37.78 -14.71
CA THR E 230 -37.34 38.57 -13.60
C THR E 230 -35.98 39.12 -13.98
N VAL E 231 -35.59 40.18 -13.29
CA VAL E 231 -34.27 40.78 -13.42
C VAL E 231 -33.71 40.91 -12.01
N ALA E 232 -32.44 40.52 -11.83
CA ALA E 232 -31.84 40.58 -10.50
C ALA E 232 -30.41 41.09 -10.57
N LEU E 233 -30.14 42.18 -9.86
CA LEU E 233 -28.79 42.67 -9.68
C LEU E 233 -28.10 41.73 -8.69
N ALA E 234 -26.88 41.29 -9.00
CA ALA E 234 -26.21 40.33 -8.13
C ALA E 234 -24.71 40.59 -8.06
N SER E 235 -24.10 40.02 -7.02
CA SER E 235 -22.67 40.10 -6.77
C SER E 235 -22.16 38.70 -6.41
N TYR E 236 -20.86 38.50 -6.63
CA TYR E 236 -20.22 37.23 -6.36
C TYR E 236 -20.22 36.89 -4.87
N ALA E 237 -20.33 35.59 -4.59
CA ALA E 237 -20.30 35.05 -3.23
C ALA E 237 -19.82 33.60 -3.28
N ASP E 238 -19.15 33.17 -2.22
CA ASP E 238 -18.67 31.79 -2.11
C ASP E 238 -19.80 30.88 -1.65
N VAL E 239 -20.15 29.88 -2.47
CA VAL E 239 -21.27 28.99 -2.19
C VAL E 239 -20.95 27.52 -2.44
N LEU E 240 -21.66 26.66 -1.72
CA LEU E 240 -21.64 25.20 -1.88
C LEU E 240 -22.94 24.82 -2.57
N VAL E 241 -22.85 24.14 -3.72
CA VAL E 241 -24.00 23.84 -4.57
C VAL E 241 -24.32 22.35 -4.73
N ASN E 242 -25.57 22.00 -4.51
CA ASN E 242 -26.17 20.69 -4.84
C ASN E 242 -26.58 20.82 -6.29
N VAL E 243 -26.03 19.97 -7.16
CA VAL E 243 -26.36 19.98 -8.58
C VAL E 243 -26.84 18.60 -8.98
N SER E 244 -27.98 18.54 -9.66
CA SER E 244 -28.52 17.28 -10.15
C SER E 244 -28.94 17.47 -11.60
N GLN E 245 -28.47 16.59 -12.48
CA GLN E 245 -28.77 16.68 -13.91
C GLN E 245 -28.46 18.07 -14.48
N THR E 246 -27.28 18.58 -14.12
CA THR E 246 -26.76 19.90 -14.47
C THR E 246 -27.61 21.06 -13.93
N ALA E 247 -28.57 20.81 -13.06
CA ALA E 247 -29.41 21.90 -12.56
C ALA E 247 -29.14 22.13 -11.07
N ILE E 248 -29.28 23.37 -10.65
CA ILE E 248 -29.07 23.73 -9.25
C ILE E 248 -30.26 23.27 -8.41
N ALA E 249 -30.00 22.48 -7.37
CA ALA E 249 -31.06 22.04 -6.48
C ALA E 249 -31.15 22.91 -5.23
N ASN E 250 -30.03 23.12 -4.52
CA ASN E 250 -30.01 23.96 -3.34
C ASN E 250 -28.58 24.43 -3.11
N ILE E 251 -28.44 25.54 -2.38
CA ILE E 251 -27.15 26.15 -2.08
C ILE E 251 -27.10 26.58 -0.63
N ILE E 252 -25.88 26.82 -0.15
CA ILE E 252 -25.61 27.40 1.16
C ILE E 252 -24.46 28.37 1.01
N TYR E 253 -24.53 29.50 1.71
CA TYR E 253 -23.47 30.48 1.70
C TYR E 253 -22.43 30.13 2.77
N CYS E 254 -21.15 30.36 2.44
CA CYS E 254 -20.05 30.02 3.35
C CYS E 254 -19.72 31.15 4.32
N ASN E 255 -20.72 31.95 4.71
CA ASN E 255 -20.50 33.09 5.59
C ASN E 255 -20.30 32.70 7.06
N SER E 256 -21.12 31.80 7.59
CA SER E 256 -21.03 31.47 9.01
C SER E 256 -19.93 30.45 9.30
N VAL E 257 -19.75 30.20 10.60
CA VAL E 257 -18.74 29.27 11.09
C VAL E 257 -19.09 27.83 10.71
N ILE E 258 -20.34 27.44 10.96
CA ILE E 258 -20.76 26.09 10.61
C ILE E 258 -20.80 25.90 9.10
N ASN E 259 -21.17 26.95 8.37
CA ASN E 259 -21.20 26.85 6.91
C ASN E 259 -19.79 26.80 6.34
N ARG E 260 -18.86 27.55 6.92
CA ARG E 260 -17.48 27.51 6.43
C ARG E 260 -16.89 26.12 6.56
N LEU E 261 -17.18 25.43 7.66
CA LEU E 261 -16.73 24.06 7.83
C LEU E 261 -17.33 23.13 6.79
N ARG E 262 -18.62 23.33 6.47
CA ARG E 262 -19.28 22.53 5.46
C ARG E 262 -18.67 22.76 4.07
N CYS E 263 -18.38 24.01 3.73
CA CYS E 263 -17.78 24.33 2.45
C CYS E 263 -16.36 23.76 2.34
N ASP E 264 -15.60 23.80 3.44
CA ASP E 264 -14.26 23.23 3.44
C ASP E 264 -14.29 21.71 3.37
N GLN E 265 -15.28 21.09 4.00
CA GLN E 265 -15.40 19.64 3.93
C GLN E 265 -16.12 19.16 2.68
N LEU E 266 -16.66 20.09 1.88
CA LEU E 266 -17.41 19.77 0.66
C LEU E 266 -18.56 18.81 0.94
N SER E 267 -19.30 19.07 2.01
CA SER E 267 -20.42 18.22 2.38
C SER E 267 -21.50 19.09 2.98
N PHE E 268 -22.76 18.65 2.84
CA PHE E 268 -23.86 19.39 3.44
C PHE E 268 -24.14 18.98 4.87
N ASP E 269 -23.86 17.73 5.23
CA ASP E 269 -24.04 17.25 6.59
C ASP E 269 -22.69 16.76 7.09
N VAL E 270 -22.19 17.40 8.14
CA VAL E 270 -20.91 17.00 8.75
C VAL E 270 -21.20 16.06 9.92
N PRO E 271 -20.48 14.94 10.01
CA PRO E 271 -20.65 14.06 11.17
C PRO E 271 -20.14 14.70 12.44
N ASP E 272 -20.60 14.17 13.57
CA ASP E 272 -20.15 14.66 14.87
C ASP E 272 -18.67 14.36 15.06
N GLY E 273 -17.99 15.22 15.80
CA GLY E 273 -16.58 15.02 16.06
C GLY E 273 -15.87 16.33 16.31
N PHE E 274 -14.55 16.26 16.20
CA PHE E 274 -13.66 17.41 16.39
C PHE E 274 -12.99 17.70 15.06
N TYR E 275 -13.06 18.95 14.61
CA TYR E 275 -12.52 19.35 13.32
C TYR E 275 -11.51 20.48 13.47
N SER E 276 -10.34 20.31 12.88
CA SER E 276 -9.33 21.34 12.90
C SER E 276 -9.73 22.47 11.96
N THR E 277 -9.41 23.70 12.35
CA THR E 277 -9.69 24.86 11.52
C THR E 277 -8.73 25.98 11.92
N SER E 278 -8.62 26.99 11.06
CA SER E 278 -7.75 28.11 11.35
C SER E 278 -8.47 29.41 11.07
N PRO E 279 -8.29 30.42 11.92
CA PRO E 279 -8.87 31.74 11.63
C PRO E 279 -8.33 32.29 10.32
N ILE E 280 -9.16 33.09 9.64
CA ILE E 280 -8.72 33.66 8.37
C ILE E 280 -7.63 34.70 8.61
N GLN E 281 -6.67 34.75 7.69
CA GLN E 281 -5.54 35.67 7.79
C GLN E 281 -5.97 37.09 7.45
N PRO E 282 -5.44 38.09 8.14
CA PRO E 282 -5.72 39.49 7.79
C PRO E 282 -5.15 39.83 6.42
N VAL E 283 -5.50 41.02 5.94
CA VAL E 283 -5.01 41.51 4.66
C VAL E 283 -4.16 42.76 4.78
N GLU E 284 -4.28 43.53 5.86
CA GLU E 284 -3.54 44.77 6.06
C GLU E 284 -2.20 44.51 6.76
N LEU E 285 -1.45 43.57 6.22
CA LEU E 285 -0.18 43.17 6.84
C LEU E 285 0.93 44.20 6.63
N PRO E 286 1.50 44.74 7.70
CA PRO E 286 2.65 45.64 7.56
C PRO E 286 3.90 44.84 7.23
N VAL E 287 4.96 45.55 6.87
CA VAL E 287 6.23 44.94 6.50
C VAL E 287 7.26 45.24 7.58
N SER E 288 7.99 44.22 8.01
CA SER E 288 9.06 44.34 8.99
C SER E 288 10.35 43.86 8.34
N ILE E 289 11.41 44.68 8.46
CA ILE E 289 12.70 44.36 7.85
C ILE E 289 13.78 44.43 8.92
N VAL E 290 14.60 43.38 9.00
CA VAL E 290 15.73 43.31 9.92
C VAL E 290 16.94 42.81 9.14
N SER E 291 18.08 43.47 9.32
CA SER E 291 19.28 43.05 8.62
C SER E 291 20.51 43.42 9.45
N LEU E 292 21.58 42.67 9.25
CA LEU E 292 22.83 42.99 9.91
C LEU E 292 23.28 44.38 9.47
N PRO E 293 23.71 45.23 10.39
CA PRO E 293 24.12 46.58 9.98
C PRO E 293 25.42 46.54 9.19
N VAL E 294 25.29 46.64 7.87
CA VAL E 294 26.42 46.60 6.95
C VAL E 294 26.15 47.56 5.81
N SER E 435 17.42 51.33 8.57
CA SER E 435 16.20 50.52 8.51
C SER E 435 16.45 49.14 9.09
N PHE E 436 17.53 49.02 9.86
CA PHE E 436 17.92 47.73 10.42
C PHE E 436 16.97 47.21 11.48
N MET E 437 16.09 48.05 12.04
CA MET E 437 15.19 47.62 13.10
C MET E 437 13.73 47.93 12.82
N ASN E 438 13.30 47.89 11.57
CA ASN E 438 11.90 48.12 11.25
C ASN E 438 11.03 46.92 11.64
N VAL E 439 10.46 46.93 12.84
CA VAL E 439 9.62 45.82 13.30
C VAL E 439 8.37 46.36 13.99
N THR E 440 7.22 45.78 13.65
CA THR E 440 5.94 46.13 14.26
C THR E 440 5.56 44.95 15.17
N LEU E 441 5.53 45.20 16.48
CA LEU E 441 5.24 44.15 17.44
C LEU E 441 3.75 43.98 17.69
N ASN E 442 3.41 42.80 18.20
CA ASN E 442 2.05 42.43 18.60
C ASN E 442 1.04 42.36 17.45
N LYS E 443 1.48 42.56 16.22
CA LYS E 443 0.60 42.48 15.07
C LYS E 443 1.10 41.41 14.10
N CYS E 444 0.18 40.96 13.24
CA CYS E 444 0.56 40.04 12.18
C CYS E 444 1.26 40.84 11.09
N THR E 445 2.50 40.46 10.77
CA THR E 445 3.29 41.19 9.79
C THR E 445 4.07 40.26 8.89
N LYS E 446 4.32 40.72 7.67
CA LYS E 446 5.20 40.04 6.74
C LYS E 446 6.61 40.52 7.06
N TYR E 447 7.53 39.59 7.26
CA TYR E 447 8.87 39.94 7.68
C TYR E 447 9.96 39.41 6.75
N ASN E 448 11.10 40.10 6.80
CA ASN E 448 12.34 39.71 6.14
C ASN E 448 13.40 39.91 7.22
N ILE E 449 13.66 38.89 8.01
CA ILE E 449 14.56 38.96 9.15
C ILE E 449 15.83 38.20 8.81
N TYR E 450 16.93 38.94 8.63
CA TYR E 450 18.22 38.36 8.26
C TYR E 450 18.13 37.50 7.02
N ASP E 451 17.45 38.04 6.00
CA ASP E 451 17.14 37.47 4.70
C ASP E 451 16.10 36.35 4.72
N VAL E 452 15.58 35.96 5.88
CA VAL E 452 14.60 34.90 5.96
C VAL E 452 13.22 35.56 5.91
N SER E 453 12.41 35.17 4.93
CA SER E 453 11.12 35.80 4.70
C SER E 453 9.98 34.89 5.14
N GLY E 454 8.95 35.49 5.70
CA GLY E 454 7.81 34.73 6.19
C GLY E 454 6.74 35.66 6.72
N VAL E 455 5.75 35.06 7.36
CA VAL E 455 4.63 35.78 7.97
C VAL E 455 4.46 35.31 9.40
N GLY E 456 4.23 36.25 10.31
CA GLY E 456 4.07 35.87 11.71
C GLY E 456 3.86 37.06 12.60
N VAL E 457 3.94 36.80 13.90
CA VAL E 457 3.81 37.81 14.95
C VAL E 457 5.09 37.83 15.76
N ILE E 458 5.63 39.03 15.98
CA ILE E 458 6.88 39.23 16.72
C ILE E 458 6.56 39.76 18.11
N ARG E 459 7.24 39.22 19.11
CA ARG E 459 7.06 39.64 20.50
C ARG E 459 8.40 39.65 21.24
N ILE E 460 8.40 40.27 22.41
CA ILE E 460 9.59 40.37 23.27
C ILE E 460 9.74 39.10 24.08
N SER E 461 10.98 38.71 24.32
CA SER E 461 11.30 37.52 25.11
C SER E 461 12.32 37.86 26.19
N ASN E 462 12.31 37.05 27.26
CA ASN E 462 13.30 37.19 28.33
C ASN E 462 14.43 36.18 28.20
N ASP E 463 14.54 35.52 27.05
CA ASP E 463 15.58 34.54 26.81
C ASP E 463 16.95 35.18 26.71
N THR E 464 17.99 34.41 27.00
CA THR E 464 19.36 34.91 27.02
C THR E 464 20.31 34.00 26.25
N PHE E 465 19.89 33.57 25.06
CA PHE E 465 20.75 32.71 24.24
C PHE E 465 21.96 33.49 23.76
N LEU E 466 23.15 33.07 24.17
CA LEU E 466 24.35 33.78 23.75
C LEU E 466 24.74 33.48 22.32
N ASN E 467 24.50 32.25 21.85
CA ASN E 467 24.89 31.84 20.51
C ASN E 467 23.95 32.35 19.41
N GLY E 468 24.55 32.74 18.30
CA GLY E 468 23.80 33.05 17.09
C GLY E 468 22.98 34.32 17.08
N ILE E 469 22.30 34.50 15.95
CA ILE E 469 21.38 35.61 15.73
C ILE E 469 20.01 35.16 15.28
N THR E 470 19.86 33.94 14.78
CA THR E 470 18.57 33.40 14.37
C THR E 470 18.46 31.98 14.93
N TYR E 471 17.25 31.62 15.34
CA TYR E 471 16.97 30.32 15.92
C TYR E 471 15.85 29.65 15.14
N THR E 472 16.08 28.42 14.70
CA THR E 472 15.12 27.68 13.89
C THR E 472 14.75 26.37 14.56
N SER E 473 13.53 25.92 14.28
CA SER E 473 12.99 24.69 14.85
C SER E 473 13.50 23.47 14.09
N THR E 474 13.17 22.29 14.63
CA THR E 474 13.56 21.05 13.98
C THR E 474 12.94 20.93 12.59
N SER E 475 11.81 21.58 12.36
CA SER E 475 11.17 21.58 11.06
C SER E 475 11.78 22.57 10.08
N GLY E 476 12.59 23.51 10.56
CA GLY E 476 13.22 24.50 9.71
C GLY E 476 12.63 25.88 9.78
N ASN E 477 11.45 26.05 10.38
CA ASN E 477 10.86 27.37 10.49
C ASN E 477 11.62 28.22 11.50
N LEU E 478 11.53 29.54 11.32
CA LEU E 478 12.20 30.50 12.18
C LEU E 478 11.39 30.73 13.45
N LEU E 479 12.00 30.44 14.60
CA LEU E 479 11.34 30.59 15.90
C LEU E 479 11.66 31.90 16.60
N GLY E 480 12.75 32.57 16.25
CA GLY E 480 13.09 33.82 16.90
C GLY E 480 14.42 34.34 16.38
N PHE E 481 14.75 35.55 16.79
CA PHE E 481 15.99 36.18 16.36
C PHE E 481 16.49 37.13 17.43
N LYS E 482 17.78 37.46 17.35
CA LYS E 482 18.44 38.37 18.27
C LYS E 482 18.85 39.62 17.52
N ASP E 483 18.65 40.78 18.14
CA ASP E 483 19.12 42.04 17.58
C ASP E 483 20.54 42.30 18.09
N VAL E 484 21.50 42.41 17.16
CA VAL E 484 22.89 42.65 17.56
C VAL E 484 23.10 44.06 18.12
N THR E 485 22.42 45.06 17.56
CA THR E 485 22.62 46.43 18.02
C THR E 485 22.14 46.64 19.46
N ASN E 486 20.99 46.09 19.82
CA ASN E 486 20.43 46.30 21.14
C ASN E 486 20.66 45.12 22.08
N GLY E 487 20.57 43.88 21.59
CA GLY E 487 20.80 42.69 22.38
C GLY E 487 19.57 41.90 22.74
N THR E 488 18.39 42.50 22.65
CA THR E 488 17.16 41.80 23.01
C THR E 488 16.85 40.67 22.03
N ILE E 489 16.33 39.57 22.57
CA ILE E 489 15.93 38.40 21.78
C ILE E 489 14.42 38.45 21.62
N TYR E 490 13.96 38.24 20.39
CA TYR E 490 12.54 38.21 20.05
C TYR E 490 12.10 36.82 19.62
N SER E 491 10.79 36.58 19.70
CA SER E 491 10.20 35.31 19.32
C SER E 491 9.18 35.54 18.21
N ILE E 492 9.00 34.52 17.37
CA ILE E 492 8.08 34.57 16.24
C ILE E 492 7.06 33.46 16.39
N THR E 493 5.78 33.82 16.29
CA THR E 493 4.63 32.96 16.43
C THR E 493 3.77 33.02 15.16
N PRO E 494 3.20 31.91 14.70
CA PRO E 494 2.35 31.98 13.51
C PRO E 494 1.15 32.89 13.71
N CYS E 495 0.71 33.49 12.61
CA CYS E 495 -0.40 34.45 12.64
C CYS E 495 -1.71 33.80 13.08
N ASN E 496 -2.02 32.61 12.54
CA ASN E 496 -3.30 31.94 12.83
C ASN E 496 -3.09 30.46 13.11
N PRO E 497 -2.66 30.11 14.33
CA PRO E 497 -2.48 28.70 14.65
C PRO E 497 -3.81 27.96 14.61
N PRO E 498 -3.79 26.67 14.30
CA PRO E 498 -5.04 25.92 14.19
C PRO E 498 -5.75 25.68 15.51
N ASP E 499 -7.07 25.70 15.46
CA ASP E 499 -7.97 25.41 16.57
C ASP E 499 -8.75 24.14 16.26
N GLN E 500 -9.54 23.69 17.24
CA GLN E 500 -10.40 22.52 17.07
C GLN E 500 -11.83 22.88 17.42
N LEU E 501 -12.75 22.62 16.49
CA LEU E 501 -14.17 22.86 16.70
C LEU E 501 -14.91 21.57 17.02
N VAL E 502 -15.81 21.65 17.99
CA VAL E 502 -16.62 20.50 18.40
C VAL E 502 -17.98 20.68 17.75
N VAL E 503 -18.38 19.73 16.90
CA VAL E 503 -19.66 19.79 16.20
C VAL E 503 -20.55 18.66 16.70
N TYR E 504 -21.84 18.98 16.86
CA TYR E 504 -22.82 18.02 17.35
C TYR E 504 -24.15 18.34 16.69
N GLN E 505 -24.72 17.35 16.00
CA GLN E 505 -26.01 17.49 15.32
C GLN E 505 -26.03 18.70 14.37
N GLN E 506 -24.99 18.79 13.54
CA GLN E 506 -24.83 19.86 12.56
C GLN E 506 -24.81 21.25 13.20
N ALA E 507 -24.16 21.37 14.35
CA ALA E 507 -24.05 22.66 15.02
C ALA E 507 -22.74 22.70 15.78
N VAL E 508 -22.06 23.84 15.72
CA VAL E 508 -20.82 24.02 16.47
C VAL E 508 -21.18 24.33 17.91
N VAL E 509 -20.82 23.43 18.82
CA VAL E 509 -21.15 23.60 20.23
C VAL E 509 -20.00 24.13 21.07
N GLY E 510 -18.76 23.94 20.64
CA GLY E 510 -17.64 24.46 21.41
C GLY E 510 -16.38 24.56 20.57
N ALA E 511 -15.34 25.10 21.19
CA ALA E 511 -14.06 25.25 20.52
C ALA E 511 -12.92 25.15 21.53
N MET E 512 -11.86 24.44 21.15
CA MET E 512 -10.66 24.34 21.97
C MET E 512 -9.67 25.35 21.41
N LEU E 513 -9.20 26.24 22.28
CA LEU E 513 -8.36 27.35 21.85
C LEU E 513 -7.02 27.37 22.58
N SER E 514 -6.03 27.95 21.90
CA SER E 514 -4.73 28.22 22.47
C SER E 514 -4.66 29.62 23.05
N GLU E 515 -5.78 30.35 22.99
CA GLU E 515 -5.92 31.70 23.50
C GLU E 515 -7.06 31.74 24.52
N ASN E 516 -6.90 32.56 25.55
CA ASN E 516 -7.93 32.73 26.57
C ASN E 516 -8.91 33.81 26.10
N PHE E 517 -9.69 33.44 25.08
CA PHE E 517 -10.61 34.38 24.45
C PHE E 517 -11.95 33.70 24.17
N THR E 518 -12.99 34.54 24.06
CA THR E 518 -14.34 34.10 23.73
C THR E 518 -14.53 34.14 22.21
N SER E 519 -13.80 33.26 21.53
CA SER E 519 -13.84 33.23 20.08
C SER E 519 -15.11 32.55 19.55
N TYR E 520 -15.36 32.76 18.26
CA TYR E 520 -16.49 32.19 17.52
C TYR E 520 -17.85 32.55 18.09
N GLY E 521 -17.93 33.63 18.86
CA GLY E 521 -19.18 34.06 19.45
C GLY E 521 -19.61 33.39 20.73
N PHE E 522 -18.82 32.47 21.27
CA PHE E 522 -19.19 31.83 22.52
C PHE E 522 -19.08 32.82 23.68
N SER E 523 -19.92 32.65 24.70
CA SER E 523 -19.93 33.56 25.82
C SER E 523 -19.15 33.08 27.04
N ASN E 524 -18.90 31.79 27.17
CA ASN E 524 -18.19 31.24 28.33
C ASN E 524 -16.89 30.58 27.89
N VAL E 525 -15.86 30.75 28.70
CA VAL E 525 -14.54 30.17 28.47
C VAL E 525 -13.95 29.67 29.79
N VAL E 526 -13.43 28.45 29.78
CA VAL E 526 -12.83 27.84 30.97
C VAL E 526 -11.45 27.33 30.60
N GLU E 527 -10.69 26.97 31.64
CA GLU E 527 -9.31 26.53 31.47
C GLU E 527 -9.16 25.06 31.85
N MET E 528 -8.71 24.25 30.90
CA MET E 528 -8.43 22.83 31.08
C MET E 528 -6.95 22.64 31.39
N PRO E 529 -6.55 21.45 31.83
CA PRO E 529 -5.13 21.23 32.16
C PRO E 529 -4.16 21.52 31.03
N LYS E 530 -4.57 21.43 29.77
CA LYS E 530 -3.65 21.67 28.66
C LYS E 530 -4.14 22.65 27.61
N PHE E 531 -5.37 23.13 27.69
CA PHE E 531 -5.92 24.02 26.67
C PHE E 531 -7.10 24.78 27.25
N PHE E 532 -7.54 25.80 26.51
CA PHE E 532 -8.74 26.56 26.87
C PHE E 532 -9.92 26.03 26.07
N TYR E 533 -11.13 26.26 26.59
CA TYR E 533 -12.34 25.79 25.95
C TYR E 533 -13.42 26.86 26.07
N ALA E 534 -14.21 27.05 24.99
CA ALA E 534 -15.25 28.06 25.00
C ALA E 534 -16.56 27.57 24.37
N SER E 535 -17.69 27.98 24.96
CA SER E 535 -19.02 27.64 24.48
C SER E 535 -20.07 28.39 25.32
N ASN E 536 -21.33 28.36 24.86
CA ASN E 536 -22.40 28.83 25.73
C ASN E 536 -22.85 27.74 26.70
N GLY E 537 -21.96 26.79 27.01
CA GLY E 537 -22.30 25.76 27.96
C GLY E 537 -22.58 26.33 29.34
N THR E 538 -23.45 25.66 30.10
CA THR E 538 -23.82 26.12 31.43
C THR E 538 -23.14 25.31 32.53
N TYR E 539 -22.54 24.18 32.21
CA TYR E 539 -21.79 23.29 33.10
C TYR E 539 -22.64 22.56 34.13
N ASN E 540 -23.97 22.65 34.05
CA ASN E 540 -24.85 21.88 34.94
C ASN E 540 -25.13 20.57 34.20
N CYS E 541 -24.08 19.74 34.15
CA CYS E 541 -24.03 18.56 33.31
C CYS E 541 -23.55 17.27 33.96
N THR E 542 -24.04 16.17 33.39
CA THR E 542 -23.67 14.81 33.74
C THR E 542 -23.53 13.87 32.54
N ASP E 543 -24.06 14.20 31.36
CA ASP E 543 -24.09 13.32 30.20
C ASP E 543 -23.10 13.78 29.13
N ALA E 544 -22.28 12.85 28.62
CA ALA E 544 -21.28 13.15 27.60
C ALA E 544 -21.70 12.60 26.24
N VAL E 545 -22.22 13.50 25.39
CA VAL E 545 -22.66 13.11 24.05
C VAL E 545 -21.47 12.72 23.17
N LEU E 546 -20.33 13.39 23.35
CA LEU E 546 -19.11 13.07 22.63
C LEU E 546 -18.02 12.87 23.67
N THR E 547 -17.07 11.98 23.36
CA THR E 547 -16.00 11.71 24.32
C THR E 547 -14.64 11.58 23.65
N TYR E 548 -13.63 11.99 24.39
CA TYR E 548 -12.23 11.74 24.05
C TYR E 548 -11.43 11.72 25.33
N SER E 549 -10.65 10.64 25.51
CA SER E 549 -9.81 10.41 26.68
C SER E 549 -10.58 10.61 27.99
N SER E 550 -10.15 11.56 28.81
CA SER E 550 -10.77 11.81 30.10
C SER E 550 -11.87 12.87 30.07
N PHE E 551 -12.12 13.52 28.94
CA PHE E 551 -13.14 14.57 28.90
C PHE E 551 -14.18 14.32 27.82
N GLY E 552 -15.40 14.76 28.12
CA GLY E 552 -16.50 14.68 27.19
C GLY E 552 -17.27 16.00 27.17
N VAL E 553 -18.18 16.11 26.22
CA VAL E 553 -18.99 17.33 26.07
C VAL E 553 -20.47 16.99 26.13
N CYS E 554 -21.27 17.98 26.53
CA CYS E 554 -22.71 17.87 26.59
C CYS E 554 -23.39 18.43 25.34
N ALA E 555 -24.73 18.31 25.34
CA ALA E 555 -25.53 18.84 24.25
C ALA E 555 -25.47 20.36 24.19
N ASP E 556 -25.17 21.01 25.31
CA ASP E 556 -25.02 22.46 25.34
C ASP E 556 -23.57 22.90 25.18
N GLY E 557 -22.66 21.95 25.01
CA GLY E 557 -21.25 22.24 24.82
C GLY E 557 -20.42 22.31 26.08
N SER E 558 -21.01 22.09 27.25
CA SER E 558 -20.23 22.10 28.48
C SER E 558 -19.24 20.95 28.49
N ILE E 559 -18.01 21.22 28.91
CA ILE E 559 -16.97 20.20 28.95
C ILE E 559 -16.88 19.67 30.38
N ILE E 560 -16.88 18.34 30.51
CA ILE E 560 -16.82 17.65 31.79
C ILE E 560 -15.88 16.47 31.66
N ALA E 561 -15.52 15.89 32.79
CA ALA E 561 -14.71 14.69 32.83
C ALA E 561 -15.63 13.48 32.78
N VAL E 562 -15.21 12.43 32.07
CA VAL E 562 -16.01 11.22 31.94
C VAL E 562 -15.66 10.25 33.06
N GLN E 563 -16.61 10.01 33.96
CA GLN E 563 -16.42 9.05 35.02
C GLN E 563 -16.69 7.63 34.54
N PRO E 564 -16.01 6.65 35.11
CA PRO E 564 -16.23 5.26 34.68
C PRO E 564 -17.65 4.79 34.93
N ARG E 565 -18.10 3.88 34.08
CA ARG E 565 -19.45 3.33 34.20
C ARG E 565 -19.56 2.50 35.47
N ASN E 566 -20.56 2.82 36.30
CA ASN E 566 -20.76 2.08 37.54
C ASN E 566 -21.45 0.75 37.24
N VAL E 567 -20.88 -0.34 37.75
CA VAL E 567 -21.43 -1.68 37.61
C VAL E 567 -21.21 -2.41 38.92
N SER E 568 -21.88 -3.54 39.07
CA SER E 568 -21.69 -4.42 40.23
C SER E 568 -21.01 -5.70 39.76
N TYR E 569 -19.80 -5.93 40.23
CA TYR E 569 -19.06 -7.12 39.84
C TYR E 569 -19.66 -8.38 40.45
N ASP E 570 -19.41 -9.50 39.77
CA ASP E 570 -19.83 -10.80 40.24
C ASP E 570 -18.89 -11.28 41.33
N SER E 571 -19.23 -12.41 41.94
CA SER E 571 -18.40 -12.95 43.00
C SER E 571 -18.52 -14.46 43.01
N VAL E 572 -17.51 -15.11 43.57
CA VAL E 572 -17.46 -16.56 43.70
C VAL E 572 -18.05 -16.90 45.06
N SER E 573 -19.23 -17.52 45.06
CA SER E 573 -19.88 -17.85 46.32
C SER E 573 -18.99 -18.77 47.15
N ALA E 574 -18.76 -18.39 48.39
CA ALA E 574 -17.87 -19.13 49.26
C ALA E 574 -18.59 -20.29 49.94
N ILE E 575 -17.82 -21.35 50.21
CA ILE E 575 -18.32 -22.52 50.93
C ILE E 575 -18.03 -22.24 52.39
N VAL E 576 -18.96 -21.57 53.05
CA VAL E 576 -18.81 -21.14 54.43
C VAL E 576 -20.11 -21.33 55.20
N THR E 577 -19.98 -21.36 56.51
CA THR E 577 -21.10 -21.35 57.43
C THR E 577 -21.32 -19.88 57.72
N ALA E 578 -22.16 -19.25 56.90
CA ALA E 578 -22.39 -17.82 57.02
C ALA E 578 -23.76 -17.49 56.45
N ASN E 579 -24.05 -16.21 56.32
CA ASN E 579 -25.36 -15.73 55.93
C ASN E 579 -25.18 -15.35 54.46
N LEU E 580 -25.81 -16.09 53.54
CA LEU E 580 -25.61 -15.92 52.09
C LEU E 580 -26.77 -15.29 51.33
N SER E 581 -26.43 -14.44 50.37
CA SER E 581 -27.39 -13.80 49.46
C SER E 581 -27.30 -14.48 48.09
N ILE E 582 -28.43 -15.00 47.61
CA ILE E 582 -28.51 -15.73 46.35
C ILE E 582 -29.50 -15.03 45.43
N PRO E 583 -29.17 -14.83 44.15
CA PRO E 583 -30.12 -14.21 43.21
C PRO E 583 -31.46 -14.94 43.20
N PHE E 584 -32.55 -14.15 43.23
CA PHE E 584 -33.90 -14.70 43.41
C PHE E 584 -34.89 -14.36 42.31
N ASN E 585 -34.89 -13.12 41.79
CA ASN E 585 -35.81 -12.71 40.74
C ASN E 585 -34.99 -12.23 39.55
N TRP E 586 -35.47 -12.47 38.34
CA TRP E 586 -34.67 -12.21 37.14
C TRP E 586 -35.41 -11.34 36.13
N THR E 587 -34.62 -10.66 35.30
CA THR E 587 -35.10 -9.83 34.21
C THR E 587 -34.29 -10.12 32.96
N THR E 588 -34.90 -9.90 31.80
CA THR E 588 -34.28 -10.15 30.51
C THR E 588 -33.79 -8.86 29.88
N SER E 589 -32.53 -8.87 29.45
CA SER E 589 -31.90 -7.71 28.81
C SER E 589 -31.35 -8.11 27.45
N VAL E 590 -31.49 -7.20 26.48
CA VAL E 590 -31.01 -7.41 25.12
C VAL E 590 -29.90 -6.40 24.85
N GLN E 591 -28.75 -6.88 24.38
CA GLN E 591 -27.60 -6.04 24.09
C GLN E 591 -27.21 -6.24 22.62
N VAL E 592 -26.68 -5.19 22.02
CA VAL E 592 -26.39 -5.16 20.58
C VAL E 592 -24.90 -5.04 20.35
N GLU E 593 -24.41 -5.77 19.34
CA GLU E 593 -23.01 -5.76 18.93
C GLU E 593 -22.94 -5.80 17.41
N TYR E 594 -22.06 -5.01 16.82
CA TYR E 594 -21.88 -4.98 15.38
C TYR E 594 -20.45 -5.38 15.02
N LEU E 595 -20.32 -6.29 14.05
CA LEU E 595 -19.02 -6.73 13.57
C LEU E 595 -19.02 -6.75 12.06
N GLN E 596 -17.93 -6.26 11.46
CA GLN E 596 -17.79 -6.22 10.02
C GLN E 596 -17.29 -7.55 9.48
N ILE E 597 -17.86 -8.01 8.38
CA ILE E 597 -17.48 -9.28 7.77
C ILE E 597 -16.99 -9.15 6.33
N THR E 598 -17.22 -8.02 5.66
CA THR E 598 -16.79 -7.90 4.28
C THR E 598 -16.61 -6.43 3.94
N SER E 599 -15.85 -6.16 2.86
CA SER E 599 -15.71 -4.78 2.40
C SER E 599 -15.49 -4.71 0.89
N THR E 600 -16.60 -4.64 0.13
CA THR E 600 -16.67 -4.26 -1.28
C THR E 600 -15.39 -4.43 -2.10
N PRO E 601 -14.97 -5.65 -2.43
CA PRO E 601 -13.71 -5.83 -3.17
C PRO E 601 -13.67 -5.05 -4.47
N ILE E 602 -12.51 -4.45 -4.74
CA ILE E 602 -12.29 -3.63 -5.93
C ILE E 602 -11.03 -4.12 -6.66
N VAL E 603 -11.11 -4.21 -7.98
CA VAL E 603 -10.00 -4.55 -8.83
C VAL E 603 -9.81 -3.44 -9.86
N VAL E 604 -8.56 -3.18 -10.23
CA VAL E 604 -8.21 -2.11 -11.15
C VAL E 604 -7.33 -2.65 -12.27
N ASP E 605 -7.71 -2.35 -13.52
CA ASP E 605 -6.87 -2.64 -14.67
C ASP E 605 -5.79 -1.59 -14.71
N CYS E 606 -4.56 -2.00 -14.37
CA CYS E 606 -3.45 -1.06 -14.23
C CYS E 606 -3.12 -0.33 -15.53
N SER E 607 -3.10 -1.04 -16.66
CA SER E 607 -2.76 -0.41 -17.92
C SER E 607 -3.75 0.67 -18.33
N THR E 608 -5.04 0.43 -18.14
CA THR E 608 -6.05 1.42 -18.52
C THR E 608 -5.98 2.67 -17.65
N TYR E 609 -5.80 2.51 -16.34
CA TYR E 609 -5.76 3.65 -15.43
C TYR E 609 -4.59 4.59 -15.72
N VAL E 610 -3.42 4.05 -16.00
CA VAL E 610 -2.25 4.92 -16.20
C VAL E 610 -2.12 5.46 -17.63
N CYS E 611 -2.49 4.69 -18.65
CA CYS E 611 -2.29 5.13 -20.02
C CYS E 611 -3.55 5.65 -20.71
N ASN E 612 -4.72 5.51 -20.10
CA ASN E 612 -5.97 6.03 -20.67
C ASN E 612 -6.24 5.50 -22.08
N GLY E 613 -5.82 4.27 -22.36
CA GLY E 613 -5.99 3.69 -23.68
C GLY E 613 -5.10 4.24 -24.77
N ASN E 614 -4.13 5.08 -24.46
CA ASN E 614 -3.23 5.58 -25.50
C ASN E 614 -2.25 4.48 -25.89
N VAL E 615 -2.20 4.18 -27.18
CA VAL E 615 -1.37 3.07 -27.67
C VAL E 615 0.12 3.34 -27.42
N ARG E 616 0.58 4.56 -27.64
CA ARG E 616 2.00 4.84 -27.44
C ARG E 616 2.39 4.79 -25.97
N CYS E 617 1.45 5.12 -25.06
CA CYS E 617 1.74 5.05 -23.63
C CYS E 617 1.95 3.63 -23.14
N VAL E 618 1.13 2.68 -23.59
CA VAL E 618 1.25 1.31 -23.12
C VAL E 618 2.57 0.65 -23.53
N GLU E 619 3.25 1.19 -24.54
CA GLU E 619 4.57 0.67 -24.90
C GLU E 619 5.62 1.10 -23.88
N LEU E 620 5.55 2.34 -23.42
CA LEU E 620 6.48 2.80 -22.40
C LEU E 620 6.25 2.09 -21.08
N LEU E 621 4.98 1.83 -20.75
CA LEU E 621 4.63 1.18 -19.49
C LEU E 621 5.19 -0.24 -19.41
N LYS E 622 5.40 -0.91 -20.55
CA LYS E 622 5.95 -2.26 -20.53
C LYS E 622 7.36 -2.29 -19.98
N GLN E 623 8.10 -1.18 -20.05
CA GLN E 623 9.43 -1.14 -19.47
C GLN E 623 9.37 -1.17 -17.94
N TYR E 624 8.25 -0.72 -17.37
CA TYR E 624 8.00 -0.84 -15.93
C TYR E 624 7.51 -2.27 -15.70
N THR E 625 8.49 -3.18 -15.80
CA THR E 625 8.27 -4.62 -15.85
C THR E 625 7.29 -5.15 -14.81
N SER E 626 7.61 -5.00 -13.53
CA SER E 626 6.77 -5.52 -12.46
C SER E 626 5.85 -4.49 -11.83
N ALA E 627 5.69 -3.32 -12.44
CA ALA E 627 4.84 -2.30 -11.83
C ALA E 627 3.38 -2.75 -11.76
N CYS E 628 2.77 -2.98 -12.92
CA CYS E 628 1.37 -3.37 -12.97
C CYS E 628 1.12 -4.75 -12.39
N LYS E 629 2.04 -5.70 -12.58
CA LYS E 629 1.83 -7.05 -12.05
C LYS E 629 1.73 -7.07 -10.53
N THR E 630 2.58 -6.31 -9.84
CA THR E 630 2.52 -6.26 -8.38
C THR E 630 1.22 -5.65 -7.87
N ILE E 631 0.70 -4.64 -8.58
CA ILE E 631 -0.53 -3.99 -8.15
C ILE E 631 -1.74 -4.90 -8.37
N GLU E 632 -1.84 -5.52 -9.55
CA GLU E 632 -2.99 -6.35 -9.87
C GLU E 632 -3.03 -7.63 -9.04
N ASP E 633 -1.89 -8.33 -8.92
CA ASP E 633 -1.87 -9.54 -8.11
C ASP E 633 -2.18 -9.27 -6.64
N ALA E 634 -1.90 -8.07 -6.15
CA ALA E 634 -2.26 -7.75 -4.78
C ALA E 634 -3.77 -7.59 -4.63
N LEU E 635 -4.40 -6.87 -5.55
CA LEU E 635 -5.84 -6.65 -5.50
C LEU E 635 -6.64 -7.90 -5.85
N ARG E 636 -6.17 -8.67 -6.83
CA ARG E 636 -6.88 -9.88 -7.25
C ARG E 636 -6.83 -10.97 -6.19
N ASN E 637 -5.63 -11.26 -5.66
CA ASN E 637 -5.52 -12.33 -4.68
C ASN E 637 -6.29 -12.00 -3.40
N SER E 638 -6.21 -10.76 -2.93
CA SER E 638 -6.93 -10.37 -1.73
C SER E 638 -8.44 -10.44 -1.90
N ALA E 639 -8.94 -10.10 -3.09
CA ALA E 639 -10.37 -10.22 -3.36
C ALA E 639 -10.82 -11.66 -3.41
N MET E 640 -10.00 -12.55 -3.97
CA MET E 640 -10.32 -13.97 -3.99
C MET E 640 -10.34 -14.56 -2.59
N LEU E 641 -9.43 -14.13 -1.72
CA LEU E 641 -9.37 -14.65 -0.36
C LEU E 641 -10.64 -14.32 0.44
N GLU E 642 -11.16 -13.10 0.31
CA GLU E 642 -12.40 -12.76 0.99
C GLU E 642 -13.58 -13.58 0.51
N SER E 643 -13.70 -13.79 -0.80
CA SER E 643 -14.81 -14.58 -1.32
C SER E 643 -14.75 -16.02 -0.83
N ALA E 644 -13.55 -16.58 -0.69
CA ALA E 644 -13.43 -17.95 -0.21
C ALA E 644 -13.75 -18.05 1.28
N ASP E 645 -13.23 -17.14 2.09
CA ASP E 645 -13.48 -17.18 3.53
C ASP E 645 -14.93 -16.80 3.89
N VAL E 646 -15.57 -15.93 3.12
CA VAL E 646 -16.96 -15.58 3.40
C VAL E 646 -17.93 -16.67 2.96
N SER E 647 -17.67 -17.29 1.81
CA SER E 647 -18.57 -18.34 1.35
C SER E 647 -18.54 -19.59 2.23
N GLU E 648 -17.44 -19.82 2.96
CA GLU E 648 -17.43 -20.94 3.89
C GLU E 648 -18.31 -20.67 5.09
N MET E 649 -18.32 -19.42 5.57
CA MET E 649 -19.11 -19.04 6.74
C MET E 649 -20.62 -19.12 6.48
N LEU E 650 -21.05 -18.75 5.29
CA LEU E 650 -22.48 -18.67 4.94
C LEU E 650 -23.07 -20.05 4.63
N THR E 651 -23.26 -20.83 5.69
CA THR E 651 -23.93 -22.12 5.54
C THR E 651 -25.45 -21.91 5.49
N PHE E 652 -26.18 -22.98 5.24
CA PHE E 652 -27.64 -22.90 5.19
C PHE E 652 -28.29 -24.20 5.63
N ASP E 653 -29.33 -24.09 6.46
CA ASP E 653 -30.11 -25.23 6.93
C ASP E 653 -31.55 -25.07 6.45
N LYS E 654 -31.95 -25.87 5.45
CA LYS E 654 -33.31 -25.79 4.91
C LYS E 654 -34.36 -26.17 5.96
N LYS E 655 -34.06 -27.18 6.78
CA LYS E 655 -35.01 -27.68 7.77
C LYS E 655 -35.33 -26.64 8.83
N ALA E 656 -34.32 -25.93 9.34
CA ALA E 656 -34.56 -24.91 10.36
C ALA E 656 -35.10 -23.59 9.81
N PHE E 657 -34.85 -23.31 8.54
CA PHE E 657 -35.36 -22.08 7.93
C PHE E 657 -36.88 -22.02 7.97
N THR E 658 -37.55 -23.17 7.80
CA THR E 658 -39.00 -23.21 7.85
C THR E 658 -39.55 -22.84 9.22
N LEU E 659 -38.75 -22.94 10.28
CA LEU E 659 -39.21 -22.57 11.61
C LEU E 659 -39.07 -21.07 11.89
N ALA E 660 -38.50 -20.30 10.96
CA ALA E 660 -38.38 -18.85 11.09
C ALA E 660 -39.76 -18.22 10.84
N ASN E 661 -40.63 -18.36 11.82
CA ASN E 661 -42.00 -17.90 11.74
C ASN E 661 -42.42 -17.41 13.11
N VAL E 662 -43.41 -16.50 13.13
CA VAL E 662 -43.92 -16.00 14.40
C VAL E 662 -44.60 -17.08 15.21
N SER E 663 -45.24 -18.04 14.53
CA SER E 663 -45.92 -19.13 15.23
C SER E 663 -44.97 -20.06 15.99
N SER E 664 -43.69 -20.05 15.66
CA SER E 664 -42.73 -20.94 16.33
C SER E 664 -42.15 -20.38 17.62
N PHE E 665 -42.39 -19.12 17.96
CA PHE E 665 -41.76 -18.51 19.12
C PHE E 665 -42.74 -18.16 20.24
N GLY E 666 -44.00 -18.58 20.13
CA GLY E 666 -44.95 -18.31 21.21
C GLY E 666 -45.18 -16.85 21.49
N ASP E 667 -45.06 -16.48 22.76
CA ASP E 667 -45.26 -15.09 23.19
C ASP E 667 -44.00 -14.24 23.04
N TYR E 668 -42.89 -14.82 22.62
CA TYR E 668 -41.71 -14.02 22.31
C TYR E 668 -41.95 -13.49 20.91
N ASN E 669 -42.11 -12.16 20.79
CA ASN E 669 -42.55 -11.56 19.54
C ASN E 669 -41.62 -11.93 18.37
N LEU E 670 -40.38 -11.47 18.40
CA LEU E 670 -39.36 -11.76 17.38
C LEU E 670 -39.77 -11.37 15.96
N SER E 671 -40.88 -10.64 15.77
CA SER E 671 -41.34 -10.32 14.41
C SER E 671 -40.40 -9.38 13.67
N SER E 672 -39.53 -8.66 14.38
CA SER E 672 -38.60 -7.74 13.75
C SER E 672 -37.35 -8.42 13.19
N VAL E 673 -37.15 -9.71 13.43
CA VAL E 673 -35.95 -10.38 12.94
C VAL E 673 -36.25 -11.50 11.95
N ILE E 674 -37.46 -12.00 11.86
CA ILE E 674 -37.78 -13.06 10.90
C ILE E 674 -37.72 -12.49 9.48
N PRO E 675 -37.12 -13.20 8.52
CA PRO E 675 -37.08 -12.72 7.14
C PRO E 675 -38.47 -12.56 6.54
N SER E 676 -38.64 -11.49 5.75
CA SER E 676 -39.91 -11.25 5.08
C SER E 676 -40.09 -12.19 3.90
N LEU E 677 -41.34 -12.62 3.69
CA LEU E 677 -41.66 -13.49 2.57
C LEU E 677 -41.42 -12.77 1.24
N PRO E 678 -41.00 -13.50 0.19
CA PRO E 678 -40.70 -12.86 -1.10
C PRO E 678 -41.86 -12.08 -1.70
N ARG E 679 -41.70 -10.76 -1.81
CA ARG E 679 -42.77 -9.92 -2.35
C ARG E 679 -43.03 -10.18 -3.83
N SER E 680 -41.98 -10.42 -4.61
CA SER E 680 -42.13 -10.64 -6.04
C SER E 680 -41.76 -12.05 -6.48
N GLY E 681 -41.65 -12.97 -5.53
CA GLY E 681 -41.26 -14.31 -5.91
C GLY E 681 -39.83 -14.36 -6.44
N SER E 682 -39.57 -15.39 -7.26
CA SER E 682 -38.27 -15.61 -7.89
C SER E 682 -37.13 -15.65 -6.87
N ARG E 683 -37.45 -15.86 -5.60
CA ARG E 683 -36.46 -15.90 -4.53
C ARG E 683 -37.09 -16.60 -3.34
N VAL E 684 -36.27 -16.90 -2.34
CA VAL E 684 -36.78 -17.61 -1.17
C VAL E 684 -37.08 -16.72 0.03
N ALA E 685 -36.30 -15.67 0.24
CA ALA E 685 -36.51 -14.84 1.42
C ALA E 685 -36.31 -13.36 1.06
N GLY E 686 -36.33 -12.52 2.09
CA GLY E 686 -36.15 -11.08 1.97
C GLY E 686 -35.65 -10.52 3.27
N ARG E 687 -35.47 -9.19 3.28
CA ARG E 687 -34.95 -8.51 4.45
C ARG E 687 -35.97 -8.45 5.58
N SER E 688 -35.48 -8.46 6.81
CA SER E 688 -36.33 -8.34 7.99
C SER E 688 -36.65 -6.88 8.27
N ALA E 689 -37.51 -6.66 9.28
CA ALA E 689 -37.94 -5.31 9.62
C ALA E 689 -36.84 -4.48 10.29
N ILE E 690 -35.70 -5.07 10.61
CA ILE E 690 -34.57 -4.35 11.19
C ILE E 690 -33.48 -4.11 10.16
N GLU E 691 -33.26 -5.08 9.28
CA GLU E 691 -32.20 -5.00 8.28
C GLU E 691 -32.43 -3.83 7.32
N ASP E 692 -33.67 -3.62 6.90
CA ASP E 692 -33.94 -2.48 6.02
C ASP E 692 -33.73 -1.16 6.73
N ILE E 693 -34.02 -1.09 8.03
CA ILE E 693 -33.74 0.12 8.80
C ILE E 693 -32.24 0.38 8.84
N LEU E 694 -31.44 -0.66 9.03
CA LEU E 694 -30.00 -0.50 9.04
C LEU E 694 -29.45 -0.19 7.65
N PHE E 695 -30.19 -0.49 6.59
CA PHE E 695 -29.73 -0.23 5.23
C PHE E 695 -30.32 1.02 4.60
N SER E 696 -31.25 1.69 5.27
CA SER E 696 -31.87 2.89 4.75
C SER E 696 -31.77 4.07 5.71
N LYS E 697 -31.93 3.83 7.01
CA LYS E 697 -31.83 4.90 8.00
C LYS E 697 -30.38 5.33 8.18
N LEU E 698 -29.45 4.60 7.57
CA LEU E 698 -28.04 4.96 7.49
C LEU E 698 -27.82 5.67 6.17
N VAL E 699 -26.71 6.42 6.10
CA VAL E 699 -26.43 7.23 4.93
C VAL E 699 -26.45 6.38 3.67
N THR E 700 -27.26 6.80 2.70
CA THR E 700 -27.38 6.17 1.39
C THR E 700 -26.15 6.56 0.58
N SER E 701 -25.12 5.71 0.65
CA SER E 701 -23.82 5.99 0.05
C SER E 701 -23.82 5.79 -1.46
N GLY E 702 -24.64 6.58 -2.15
CA GLY E 702 -24.67 6.53 -3.61
C GLY E 702 -23.39 7.02 -4.23
N LEU E 703 -22.60 7.77 -3.46
CA LEU E 703 -21.28 8.26 -3.84
C LEU E 703 -20.20 7.24 -3.55
N GLY E 704 -20.58 6.05 -3.09
CA GLY E 704 -19.63 5.02 -2.74
C GLY E 704 -19.52 3.85 -3.70
N THR E 705 -19.43 2.64 -3.16
CA THR E 705 -19.27 1.44 -3.97
C THR E 705 -20.60 0.85 -4.42
N VAL E 706 -20.82 0.88 -5.72
CA VAL E 706 -21.95 0.23 -6.39
C VAL E 706 -21.38 -0.44 -7.63
N ASP E 707 -21.65 -1.73 -7.80
CA ASP E 707 -21.09 -2.42 -8.96
C ASP E 707 -21.76 -1.94 -10.23
N ALA E 708 -20.94 -1.54 -11.20
CA ALA E 708 -21.41 -0.96 -12.44
C ALA E 708 -21.98 -2.02 -13.39
N ASP E 709 -23.00 -1.60 -14.15
CA ASP E 709 -23.60 -2.43 -15.19
C ASP E 709 -22.78 -2.22 -16.45
N TYR E 710 -21.76 -3.07 -16.64
CA TYR E 710 -20.84 -2.91 -17.75
C TYR E 710 -21.55 -3.01 -19.10
N LYS E 711 -22.66 -3.73 -19.14
CA LYS E 711 -23.45 -3.85 -20.36
C LYS E 711 -24.10 -2.53 -20.76
N LYS E 712 -24.52 -1.73 -19.78
CA LYS E 712 -25.07 -0.41 -20.03
C LYS E 712 -24.04 0.64 -20.39
N CYS E 713 -22.84 0.55 -19.83
CA CYS E 713 -21.80 1.56 -20.07
C CYS E 713 -21.36 1.62 -21.53
N THR E 714 -21.27 0.49 -22.22
CA THR E 714 -20.80 0.51 -23.60
C THR E 714 -21.87 0.91 -24.62
N LYS E 715 -23.15 0.85 -24.26
CA LYS E 715 -24.18 1.21 -25.23
C LYS E 715 -24.14 2.69 -25.58
N GLY E 716 -23.77 3.54 -24.62
CA GLY E 716 -23.68 4.96 -24.88
C GLY E 716 -25.01 5.63 -25.14
N LEU E 717 -26.12 5.00 -24.76
CA LEU E 717 -27.43 5.57 -25.03
C LEU E 717 -27.65 6.82 -24.19
N SER E 718 -26.96 6.94 -23.07
CA SER E 718 -27.01 8.11 -22.20
C SER E 718 -25.61 8.39 -21.67
N ILE E 719 -25.38 9.65 -21.29
CA ILE E 719 -24.09 10.03 -20.74
C ILE E 719 -23.80 9.19 -19.50
N ALA E 720 -22.56 8.75 -19.40
CA ALA E 720 -22.14 7.85 -18.33
C ALA E 720 -22.32 8.47 -16.95
N ASP E 721 -22.79 7.63 -16.02
CA ASP E 721 -22.98 8.01 -14.63
C ASP E 721 -21.67 7.88 -13.88
N LEU E 722 -21.72 8.03 -12.56
CA LEU E 722 -20.52 7.91 -11.74
C LEU E 722 -19.91 6.52 -11.81
N ALA E 723 -20.74 5.48 -11.86
CA ALA E 723 -20.22 4.11 -11.91
C ALA E 723 -19.56 3.80 -13.25
N CYS E 724 -20.20 4.15 -14.36
CA CYS E 724 -19.63 3.88 -15.68
C CYS E 724 -18.36 4.68 -15.92
N ALA E 725 -18.33 5.93 -15.46
CA ALA E 725 -17.14 6.77 -15.64
C ALA E 725 -15.93 6.19 -14.93
N GLN E 726 -16.13 5.48 -13.82
CA GLN E 726 -15.02 4.81 -13.16
C GLN E 726 -14.56 3.61 -13.95
N TYR E 727 -15.49 2.91 -14.60
CA TYR E 727 -15.14 1.76 -15.42
C TYR E 727 -14.24 2.17 -16.58
N TYR E 728 -14.49 3.34 -17.18
CA TYR E 728 -13.65 3.80 -18.26
C TYR E 728 -12.22 4.06 -17.81
N ASN E 729 -12.00 4.26 -16.52
CA ASN E 729 -10.67 4.50 -15.97
C ASN E 729 -10.04 3.23 -15.42
N GLY E 730 -10.63 2.06 -15.69
CA GLY E 730 -10.09 0.79 -15.26
C GLY E 730 -10.51 0.32 -13.88
N ILE E 731 -11.31 1.09 -13.15
CA ILE E 731 -11.72 0.70 -11.81
C ILE E 731 -13.02 -0.09 -11.92
N MET E 732 -13.00 -1.32 -11.40
CA MET E 732 -14.17 -2.19 -11.41
C MET E 732 -14.56 -2.53 -9.98
N VAL E 733 -15.76 -2.14 -9.58
CA VAL E 733 -16.30 -2.51 -8.27
C VAL E 733 -16.98 -3.86 -8.44
N LEU E 734 -16.46 -4.86 -7.76
CA LEU E 734 -17.03 -6.19 -7.90
C LEU E 734 -18.33 -6.34 -7.11
N PRO E 735 -19.21 -7.24 -7.55
CA PRO E 735 -20.45 -7.49 -6.80
C PRO E 735 -20.17 -7.96 -5.39
N GLY E 736 -21.03 -7.54 -4.45
CA GLY E 736 -20.86 -7.91 -3.07
C GLY E 736 -20.92 -9.41 -2.87
N VAL E 737 -19.93 -9.96 -2.14
CA VAL E 737 -19.91 -11.39 -1.87
C VAL E 737 -21.10 -11.80 -1.01
N ALA E 738 -21.48 -10.97 -0.05
CA ALA E 738 -22.65 -11.22 0.79
C ALA E 738 -23.90 -10.74 0.07
N ASP E 739 -24.47 -11.62 -0.75
CA ASP E 739 -25.70 -11.31 -1.45
C ASP E 739 -26.81 -11.12 -0.41
N ALA E 740 -27.66 -10.12 -0.60
CA ALA E 740 -28.76 -9.89 0.33
C ALA E 740 -29.69 -11.09 0.45
N GLU E 741 -29.92 -11.79 -0.66
CA GLU E 741 -30.76 -12.98 -0.64
C GLU E 741 -30.11 -14.10 0.15
N ARG E 742 -28.81 -14.31 -0.08
CA ARG E 742 -28.07 -15.36 0.61
C ARG E 742 -27.92 -15.06 2.09
N MET E 743 -27.81 -13.79 2.46
CA MET E 743 -27.74 -13.42 3.87
C MET E 743 -29.06 -13.68 4.58
N ALA E 744 -30.18 -13.45 3.91
CA ALA E 744 -31.48 -13.74 4.52
C ALA E 744 -31.63 -15.24 4.79
N MET E 745 -31.07 -16.07 3.92
CA MET E 745 -31.06 -17.51 4.14
C MET E 745 -30.15 -17.90 5.31
N TYR E 746 -28.99 -17.25 5.41
CA TYR E 746 -28.05 -17.55 6.50
C TYR E 746 -28.62 -17.14 7.86
N THR E 747 -29.14 -15.92 7.95
CA THR E 747 -29.70 -15.45 9.22
C THR E 747 -31.02 -16.13 9.55
N GLY E 748 -31.82 -16.45 8.54
CA GLY E 748 -33.08 -17.13 8.80
C GLY E 748 -32.90 -18.52 9.38
N SER E 749 -31.92 -19.26 8.88
CA SER E 749 -31.65 -20.60 9.40
C SER E 749 -31.20 -20.55 10.86
N LEU E 750 -30.36 -19.58 11.21
CA LEU E 750 -29.86 -19.47 12.58
C LEU E 750 -30.98 -19.10 13.54
N ILE E 751 -31.90 -18.23 13.14
CA ILE E 751 -33.01 -17.87 14.02
C ILE E 751 -33.93 -19.05 14.25
N GLY E 752 -34.20 -19.83 13.20
CA GLY E 752 -35.06 -21.00 13.35
C GLY E 752 -34.44 -22.14 14.12
N GLY E 753 -33.11 -22.18 14.22
CA GLY E 753 -32.45 -23.23 14.97
C GLY E 753 -32.77 -23.22 16.46
N ILE E 754 -33.08 -22.05 17.01
CA ILE E 754 -33.41 -21.93 18.42
C ILE E 754 -34.72 -22.63 18.77
N ALA E 755 -35.58 -22.86 17.78
CA ALA E 755 -36.84 -23.56 17.99
C ALA E 755 -36.72 -25.08 17.87
N LEU E 756 -35.55 -25.62 17.53
CA LEU E 756 -35.38 -27.06 17.43
C LEU E 756 -35.11 -27.66 18.79
N GLY E 757 -35.92 -28.63 19.19
CA GLY E 757 -35.77 -29.29 20.48
C GLY E 757 -35.28 -30.71 20.44
N GLY E 758 -34.90 -31.23 19.27
CA GLY E 758 -34.41 -32.59 19.17
C GLY E 758 -35.47 -33.67 19.25
N LEU E 759 -36.71 -33.37 18.91
CA LEU E 759 -37.77 -34.37 18.94
C LEU E 759 -37.72 -35.28 17.70
N THR E 760 -38.33 -36.44 17.85
CA THR E 760 -38.44 -37.38 16.74
C THR E 760 -39.30 -36.75 15.64
N SER E 761 -38.90 -36.97 14.39
CA SER E 761 -39.52 -36.37 13.21
C SER E 761 -39.40 -34.86 13.20
N ALA E 762 -38.57 -34.30 14.08
CA ALA E 762 -38.35 -32.85 14.21
C ALA E 762 -39.64 -32.07 14.47
N ALA E 763 -40.53 -32.65 15.27
CA ALA E 763 -41.73 -31.89 15.62
C ALA E 763 -41.29 -30.66 16.43
N SER E 764 -41.87 -29.50 16.11
CA SER E 764 -41.50 -28.29 16.82
C SER E 764 -41.97 -28.33 18.27
N ILE E 765 -41.10 -27.86 19.17
CA ILE E 765 -41.40 -27.74 20.58
C ILE E 765 -42.02 -26.37 20.87
N PRO E 766 -42.85 -26.24 21.89
CA PRO E 766 -43.29 -24.90 22.30
C PRO E 766 -42.09 -24.10 22.76
N PHE E 767 -42.06 -22.81 22.42
CA PHE E 767 -40.86 -22.03 22.71
C PHE E 767 -40.64 -21.84 24.20
N SER E 768 -41.68 -21.89 25.02
CA SER E 768 -41.50 -21.80 26.47
C SER E 768 -40.68 -22.98 26.99
N LEU E 769 -40.67 -24.08 26.24
CA LEU E 769 -39.92 -25.28 26.59
C LEU E 769 -38.47 -25.21 26.15
N ALA E 770 -38.16 -24.39 25.14
CA ALA E 770 -36.78 -24.18 24.71
C ALA E 770 -36.04 -23.29 25.69
N ILE E 771 -36.69 -22.23 26.19
CA ILE E 771 -36.09 -21.38 27.18
C ILE E 771 -35.84 -22.15 28.47
N GLN E 772 -36.78 -23.03 28.84
CA GLN E 772 -36.59 -23.86 30.03
C GLN E 772 -35.38 -24.76 29.88
N SER E 773 -35.15 -25.30 28.68
CA SER E 773 -33.98 -26.13 28.46
C SER E 773 -32.69 -25.33 28.58
N ARG E 774 -32.69 -24.09 28.08
CA ARG E 774 -31.53 -23.23 28.20
C ARG E 774 -31.32 -22.70 29.61
N LEU E 775 -32.39 -22.61 30.41
CA LEU E 775 -32.23 -22.22 31.81
C LEU E 775 -31.64 -23.35 32.63
N ASN E 776 -31.95 -24.60 32.27
CA ASN E 776 -31.39 -25.75 32.98
C ASN E 776 -29.88 -25.84 32.81
N TYR E 777 -29.37 -25.37 31.66
CA TYR E 777 -27.94 -25.36 31.44
C TYR E 777 -27.21 -24.43 32.41
N VAL E 778 -27.92 -23.47 32.99
CA VAL E 778 -27.32 -22.58 33.99
C VAL E 778 -27.26 -23.29 35.34
N ALA E 779 -28.42 -23.66 35.86
CA ALA E 779 -28.56 -24.41 37.10
C ALA E 779 -29.73 -25.36 36.91
N LEU E 780 -29.67 -26.51 37.59
CA LEU E 780 -30.76 -27.47 37.48
C LEU E 780 -32.04 -26.86 38.03
N GLN E 781 -33.03 -26.72 37.14
CA GLN E 781 -34.30 -26.12 37.51
C GLN E 781 -35.11 -27.06 38.40
N THR E 782 -35.61 -26.53 39.51
CA THR E 782 -36.43 -27.31 40.43
C THR E 782 -37.88 -26.86 40.46
N ASP E 783 -38.16 -25.61 40.13
CA ASP E 783 -39.55 -25.18 39.97
C ASP E 783 -40.17 -25.97 38.83
N VAL E 784 -41.38 -26.47 39.04
CA VAL E 784 -41.99 -27.38 38.08
C VAL E 784 -43.17 -26.76 37.33
N LEU E 785 -43.82 -25.73 37.86
CA LEU E 785 -44.97 -25.14 37.20
C LEU E 785 -44.61 -23.96 36.31
N GLN E 786 -43.32 -23.65 36.19
CA GLN E 786 -42.79 -22.64 35.27
C GLN E 786 -43.47 -21.28 35.42
N GLU E 787 -43.53 -20.79 36.67
CA GLU E 787 -44.19 -19.52 36.94
C GLU E 787 -43.36 -18.36 36.40
N ASN E 788 -42.03 -18.49 36.42
CA ASN E 788 -41.09 -17.46 36.00
C ASN E 788 -41.14 -17.13 34.51
N GLN E 789 -41.80 -17.94 33.69
CA GLN E 789 -41.76 -17.72 32.25
C GLN E 789 -42.47 -16.42 31.83
N ARG E 790 -43.46 -15.98 32.58
CA ARG E 790 -44.22 -14.79 32.20
C ARG E 790 -43.40 -13.51 32.25
N ILE E 791 -42.62 -13.31 33.32
CA ILE E 791 -41.85 -12.08 33.46
C ILE E 791 -40.75 -12.01 32.41
N LEU E 792 -40.10 -13.13 32.11
CA LEU E 792 -39.04 -13.14 31.12
C LEU E 792 -39.56 -12.74 29.74
N ALA E 793 -40.74 -13.24 29.36
CA ALA E 793 -41.31 -12.87 28.06
C ALA E 793 -41.72 -11.39 28.04
N ALA E 794 -42.34 -10.91 29.11
CA ALA E 794 -42.75 -9.51 29.17
C ALA E 794 -41.56 -8.57 29.17
N SER E 795 -40.44 -8.99 29.77
CA SER E 795 -39.23 -8.18 29.74
C SER E 795 -38.57 -8.20 28.37
N PHE E 796 -38.57 -9.36 27.71
CA PHE E 796 -37.93 -9.46 26.40
C PHE E 796 -38.65 -8.60 25.36
N ASN E 797 -39.98 -8.65 25.33
CA ASN E 797 -40.73 -7.86 24.36
C ASN E 797 -40.52 -6.36 24.57
N LYS E 798 -40.37 -5.93 25.81
CA LYS E 798 -40.12 -4.52 26.10
C LYS E 798 -38.75 -4.10 25.61
N ALA E 799 -37.74 -4.95 25.79
CA ALA E 799 -36.40 -4.64 25.32
C ALA E 799 -36.35 -4.56 23.80
N MET E 800 -36.96 -5.52 23.12
CA MET E 800 -36.94 -5.52 21.66
C MET E 800 -37.61 -4.29 21.08
N THR E 801 -38.71 -3.84 21.70
CA THR E 801 -39.37 -2.63 21.24
C THR E 801 -38.47 -1.41 21.36
N ASN E 802 -37.80 -1.26 22.50
CA ASN E 802 -36.89 -0.13 22.68
C ASN E 802 -35.70 -0.22 21.75
N ILE E 803 -35.26 -1.44 21.42
CA ILE E 803 -34.18 -1.64 20.48
C ILE E 803 -34.56 -1.15 19.09
N VAL E 804 -35.77 -1.49 18.64
CA VAL E 804 -36.23 -1.08 17.32
C VAL E 804 -36.44 0.44 17.27
N ASP E 805 -37.00 1.02 18.33
CA ASP E 805 -37.18 2.47 18.38
C ASP E 805 -35.84 3.19 18.42
N ALA E 806 -34.87 2.64 19.14
CA ALA E 806 -33.54 3.24 19.16
C ALA E 806 -32.86 3.15 17.81
N PHE E 807 -33.06 2.04 17.08
CA PHE E 807 -32.49 1.92 15.74
C PHE E 807 -33.10 2.95 14.79
N THR E 808 -34.42 3.16 14.89
CA THR E 808 -35.07 4.16 14.06
C THR E 808 -34.61 5.56 14.43
N GLY E 809 -34.31 5.78 15.71
CA GLY E 809 -33.79 7.06 16.17
C GLY E 809 -34.82 8.14 16.40
N VAL E 810 -36.02 7.76 16.87
CA VAL E 810 -37.06 8.75 17.14
C VAL E 810 -36.91 9.41 18.50
N ASN E 811 -36.06 8.87 19.36
CA ASN E 811 -35.83 9.38 20.71
C ASN E 811 -34.35 9.26 21.07
N ASP E 812 -33.50 9.70 20.15
CA ASP E 812 -32.05 9.52 20.29
C ASP E 812 -31.48 10.15 21.57
N ALA E 813 -31.96 11.35 21.93
CA ALA E 813 -31.44 12.08 23.08
C ALA E 813 -31.80 11.47 24.43
N ILE E 814 -32.58 10.39 24.48
CA ILE E 814 -32.93 9.76 25.75
C ILE E 814 -32.38 8.34 25.89
N THR E 815 -31.94 7.72 24.79
CA THR E 815 -31.47 6.32 24.83
C THR E 815 -30.29 6.10 25.78
N GLN E 816 -29.53 7.14 26.11
CA GLN E 816 -28.42 6.96 27.05
C GLN E 816 -28.89 6.66 28.47
N THR E 817 -30.19 6.80 28.76
CA THR E 817 -30.70 6.52 30.09
C THR E 817 -30.47 5.07 30.52
N SER E 818 -30.20 4.17 29.58
CA SER E 818 -29.91 2.78 29.89
C SER E 818 -28.67 2.34 29.13
N GLN E 819 -27.71 1.73 29.84
CA GLN E 819 -26.50 1.26 29.18
C GLN E 819 -26.80 0.11 28.22
N ALA E 820 -27.94 -0.56 28.38
CA ALA E 820 -28.34 -1.56 27.41
C ALA E 820 -28.62 -0.89 26.06
N LEU E 821 -29.26 0.27 26.10
CA LEU E 821 -29.50 1.06 24.90
C LEU E 821 -28.25 1.81 24.45
N GLN E 822 -27.28 2.00 25.33
CA GLN E 822 -26.02 2.62 24.93
C GLN E 822 -25.26 1.75 23.95
N THR E 823 -25.49 0.43 23.99
CA THR E 823 -24.90 -0.46 23.01
C THR E 823 -25.45 -0.19 21.62
N VAL E 824 -26.72 0.21 21.54
CA VAL E 824 -27.31 0.58 20.26
C VAL E 824 -26.65 1.83 19.71
N ALA E 825 -26.45 2.83 20.57
CA ALA E 825 -25.78 4.06 20.14
C ALA E 825 -24.38 3.74 19.63
N THR E 826 -23.66 2.88 20.33
CA THR E 826 -22.31 2.48 19.91
C THR E 826 -22.36 1.75 18.58
N ALA E 827 -23.35 0.88 18.40
CA ALA E 827 -23.49 0.15 17.14
C ALA E 827 -23.81 1.09 15.99
N LEU E 828 -24.71 2.06 16.20
CA LEU E 828 -25.04 3.00 15.14
C LEU E 828 -23.82 3.82 14.72
N ASN E 829 -23.02 4.27 15.68
CA ASN E 829 -21.81 5.03 15.35
C ASN E 829 -20.84 4.21 14.52
N LYS E 830 -20.68 2.93 14.85
CA LYS E 830 -19.75 2.08 14.12
C LYS E 830 -20.24 1.80 12.69
N ILE E 831 -21.55 1.71 12.49
CA ILE E 831 -22.10 1.49 11.16
C ILE E 831 -21.93 2.73 10.30
N GLN E 832 -22.14 3.92 10.89
CA GLN E 832 -21.98 5.17 10.14
C GLN E 832 -20.55 5.34 9.62
N ASP E 833 -19.56 5.02 10.45
CA ASP E 833 -18.17 5.18 10.02
C ASP E 833 -17.88 4.29 8.82
N VAL E 834 -18.31 3.03 8.89
CA VAL E 834 -18.09 2.09 7.79
C VAL E 834 -18.72 2.60 6.49
N VAL E 835 -19.94 3.13 6.57
CA VAL E 835 -20.64 3.64 5.40
C VAL E 835 -19.95 4.86 4.80
N ASN E 836 -19.58 5.84 5.64
CA ASN E 836 -19.00 7.07 5.12
C ASN E 836 -17.60 6.87 4.55
N GLN E 837 -16.80 6.01 5.15
CA GLN E 837 -15.40 5.82 4.74
C GLN E 837 -15.21 5.00 3.47
N GLN E 838 -16.26 4.40 2.92
CA GLN E 838 -16.08 3.58 1.71
C GLN E 838 -15.53 4.36 0.53
N GLY E 839 -16.06 5.55 0.27
CA GLY E 839 -15.66 6.31 -0.91
C GLY E 839 -14.39 7.10 -0.83
N ASN E 840 -13.75 7.19 0.34
CA ASN E 840 -12.55 8.01 0.45
C ASN E 840 -11.42 7.49 -0.42
N SER E 841 -11.22 6.16 -0.44
CA SER E 841 -10.14 5.58 -1.24
C SER E 841 -10.43 5.66 -2.73
N LEU E 842 -11.68 5.45 -3.14
CA LEU E 842 -12.02 5.51 -4.56
C LEU E 842 -11.99 6.94 -5.11
N ASN E 843 -12.52 7.90 -4.35
CA ASN E 843 -12.48 9.29 -4.79
C ASN E 843 -11.06 9.82 -4.84
N HIS E 844 -10.21 9.40 -3.90
CA HIS E 844 -8.81 9.81 -3.93
C HIS E 844 -8.08 9.24 -5.14
N LEU E 845 -8.43 8.02 -5.54
CA LEU E 845 -7.79 7.42 -6.71
C LEU E 845 -8.24 8.07 -8.01
N THR E 846 -9.55 8.34 -8.15
CA THR E 846 -10.06 8.95 -9.38
C THR E 846 -9.68 10.42 -9.52
N SER E 847 -9.52 11.14 -8.41
CA SER E 847 -9.15 12.55 -8.48
C SER E 847 -7.69 12.77 -8.82
N GLN E 848 -6.80 11.83 -8.49
CA GLN E 848 -5.39 12.00 -8.79
C GLN E 848 -5.08 11.98 -10.29
N LEU E 849 -6.03 11.62 -11.14
CA LEU E 849 -5.78 11.69 -12.58
C LEU E 849 -5.76 13.11 -13.10
N ARG E 850 -6.28 14.07 -12.33
CA ARG E 850 -6.25 15.47 -12.73
C ARG E 850 -4.88 16.11 -12.57
N GLN E 851 -4.01 15.53 -11.74
CA GLN E 851 -2.69 16.09 -11.51
C GLN E 851 -1.81 16.00 -12.74
N ASN E 852 -0.89 16.96 -12.85
CA ASN E 852 0.06 17.00 -13.95
C ASN E 852 1.37 16.31 -13.63
N PHE E 853 1.73 16.21 -12.35
CA PHE E 853 2.99 15.59 -11.93
C PHE E 853 4.18 16.20 -12.65
N GLN E 854 4.18 17.54 -12.73
CA GLN E 854 5.21 18.34 -13.39
C GLN E 854 5.23 18.15 -14.91
N ALA E 855 4.18 17.59 -15.50
CA ALA E 855 4.11 17.52 -16.95
C ALA E 855 3.37 18.74 -17.48
N ILE E 856 3.49 18.98 -18.79
CA ILE E 856 2.81 20.11 -19.39
C ILE E 856 1.29 19.96 -19.35
N SER E 857 0.78 18.75 -19.22
CA SER E 857 -0.67 18.54 -19.14
C SER E 857 -0.95 17.18 -18.53
N SER E 858 -2.16 17.03 -18.03
CA SER E 858 -2.64 15.76 -17.47
C SER E 858 -3.27 14.86 -18.53
N SER E 859 -3.40 15.34 -19.76
CA SER E 859 -3.96 14.55 -20.86
C SER E 859 -2.82 14.02 -21.71
N ILE E 860 -2.73 12.70 -21.82
CA ILE E 860 -1.65 12.09 -22.60
C ILE E 860 -1.79 12.47 -24.07
N GLN E 861 -3.02 12.51 -24.59
CA GLN E 861 -3.23 12.84 -25.99
C GLN E 861 -2.80 14.28 -26.28
N ALA E 862 -3.09 15.21 -25.36
CA ALA E 862 -2.72 16.60 -25.57
C ALA E 862 -1.20 16.78 -25.61
N ILE E 863 -0.45 15.89 -24.96
CA ILE E 863 1.01 15.95 -25.03
C ILE E 863 1.50 15.55 -26.41
N TYR E 864 1.01 14.43 -26.94
CA TYR E 864 1.46 13.97 -28.24
C TYR E 864 1.01 14.88 -29.37
N ASP E 865 -0.06 15.65 -29.17
CA ASP E 865 -0.47 16.62 -30.17
C ASP E 865 0.37 17.89 -30.12
N ARG E 866 1.01 18.16 -28.98
CA ARG E 866 1.76 19.39 -28.76
C ARG E 866 3.27 19.25 -28.92
N LEU E 867 3.83 18.06 -28.70
CA LEU E 867 5.27 17.87 -28.76
C LEU E 867 5.69 16.78 -29.74
N ASP E 868 6.98 16.79 -30.07
CA ASP E 868 7.56 15.78 -30.92
C ASP E 868 7.69 14.46 -30.15
N PRO E 869 7.69 13.33 -30.85
CA PRO E 869 7.77 12.02 -30.20
C PRO E 869 8.90 11.90 -29.17
N PRO E 870 10.15 12.25 -29.49
CA PRO E 870 11.20 12.11 -28.47
C PRO E 870 11.03 12.99 -27.25
N GLN E 871 10.45 14.18 -27.40
CA GLN E 871 10.27 15.10 -26.27
C GLN E 871 8.98 14.85 -25.52
N ALA E 872 7.97 14.28 -26.18
CA ALA E 872 6.72 13.98 -25.53
C ALA E 872 6.84 12.77 -24.61
N ASP E 873 7.73 11.84 -24.93
CA ASP E 873 7.95 10.68 -24.06
C ASP E 873 8.50 11.09 -22.71
N GLN E 874 9.36 12.11 -22.68
CA GLN E 874 9.87 12.62 -21.40
C GLN E 874 8.76 13.23 -20.56
N GLN E 875 7.72 13.78 -21.19
CA GLN E 875 6.58 14.32 -20.46
C GLN E 875 5.62 13.22 -20.00
N VAL E 876 5.34 12.25 -20.86
CA VAL E 876 4.44 11.17 -20.49
C VAL E 876 5.06 10.30 -19.41
N ASP E 877 6.38 10.13 -19.44
CA ASP E 877 7.04 9.33 -18.40
C ASP E 877 6.79 9.88 -17.01
N ARG E 878 6.56 11.18 -16.90
CA ARG E 878 6.22 11.78 -15.61
C ARG E 878 4.84 11.35 -15.13
N LEU E 879 3.88 11.28 -16.05
CA LEU E 879 2.53 10.85 -15.71
C LEU E 879 2.51 9.37 -15.33
N ILE E 880 3.34 8.55 -15.97
CA ILE E 880 3.38 7.12 -15.62
C ILE E 880 3.86 6.93 -14.19
N THR E 881 4.99 7.53 -13.83
CA THR E 881 5.51 7.41 -12.47
C THR E 881 4.54 7.98 -11.44
N GLY E 882 3.95 9.13 -11.74
CA GLY E 882 3.00 9.73 -10.81
C GLY E 882 1.75 8.90 -10.59
N ARG E 883 1.22 8.32 -11.67
CA ARG E 883 0.01 7.51 -11.56
C ARG E 883 0.29 6.13 -10.95
N LEU E 884 1.45 5.54 -11.23
CA LEU E 884 1.79 4.28 -10.60
C LEU E 884 1.94 4.45 -9.09
N ALA E 885 2.41 5.62 -8.65
CA ALA E 885 2.49 5.88 -7.23
C ALA E 885 1.11 6.03 -6.61
N ALA E 886 0.16 6.57 -7.37
CA ALA E 886 -1.22 6.70 -6.89
C ALA E 886 -1.83 5.33 -6.63
N LEU E 887 -1.54 4.37 -7.50
CA LEU E 887 -2.05 3.02 -7.31
C LEU E 887 -1.41 2.33 -6.11
N ASN E 888 -0.14 2.62 -5.84
CA ASN E 888 0.51 2.05 -4.66
C ASN E 888 -0.17 2.54 -3.38
N VAL E 889 -0.61 3.80 -3.37
CA VAL E 889 -1.34 4.32 -2.21
C VAL E 889 -2.69 3.61 -2.06
N PHE E 890 -3.38 3.38 -3.17
CA PHE E 890 -4.67 2.69 -3.13
C PHE E 890 -4.53 1.25 -2.68
N VAL E 891 -3.46 0.56 -3.11
CA VAL E 891 -3.23 -0.81 -2.65
C VAL E 891 -2.96 -0.84 -1.15
N SER E 892 -2.24 0.16 -0.64
CA SER E 892 -1.98 0.23 0.80
C SER E 892 -3.26 0.40 1.59
N HIS E 893 -4.19 1.22 1.11
CA HIS E 893 -5.47 1.40 1.80
C HIS E 893 -6.28 0.11 1.81
N THR E 894 -6.35 -0.59 0.67
CA THR E 894 -7.14 -1.81 0.59
C THR E 894 -6.55 -2.93 1.44
N LEU E 895 -5.24 -3.12 1.40
CA LEU E 895 -4.63 -4.16 2.23
C LEU E 895 -4.77 -3.87 3.72
N THR E 896 -4.71 -2.59 4.11
CA THR E 896 -4.90 -2.25 5.51
C THR E 896 -6.32 -2.55 5.95
N LYS E 897 -7.31 -2.24 5.11
CA LYS E 897 -8.70 -2.49 5.46
C LYS E 897 -9.02 -3.98 5.46
N TYR E 898 -8.43 -4.75 4.54
CA TYR E 898 -8.66 -6.19 4.52
C TYR E 898 -8.17 -6.85 5.79
N THR E 899 -7.04 -6.41 6.32
CA THR E 899 -6.52 -6.98 7.56
C THR E 899 -7.46 -6.70 8.73
N GLU E 900 -8.02 -5.49 8.78
CA GLU E 900 -8.98 -5.13 9.83
C GLU E 900 -10.26 -5.94 9.72
N VAL E 901 -10.82 -6.05 8.53
CA VAL E 901 -12.07 -6.79 8.35
C VAL E 901 -11.88 -8.28 8.57
N ARG E 902 -10.72 -8.83 8.21
CA ARG E 902 -10.50 -10.26 8.45
C ARG E 902 -10.46 -10.58 9.94
N ALA E 903 -9.86 -9.71 10.74
CA ALA E 903 -9.85 -9.94 12.19
C ALA E 903 -11.26 -9.88 12.75
N SER E 904 -12.06 -8.92 12.31
CA SER E 904 -13.45 -8.82 12.77
C SER E 904 -14.29 -9.99 12.26
N ARG E 905 -14.01 -10.46 11.05
CA ARG E 905 -14.74 -11.59 10.48
C ARG E 905 -14.50 -12.86 11.28
N GLN E 906 -13.27 -13.10 11.73
CA GLN E 906 -12.99 -14.27 12.55
C GLN E 906 -13.72 -14.20 13.89
N LEU E 907 -13.85 -13.02 14.47
CA LEU E 907 -14.59 -12.90 15.73
C LEU E 907 -16.07 -13.17 15.51
N ALA E 908 -16.61 -12.74 14.38
CA ALA E 908 -18.03 -12.98 14.08
C ALA E 908 -18.33 -14.46 13.97
N GLN E 909 -17.44 -15.24 13.35
CA GLN E 909 -17.62 -16.67 13.24
C GLN E 909 -17.60 -17.35 14.61
N GLN E 910 -16.72 -16.88 15.50
CA GLN E 910 -16.69 -17.43 16.85
C GLN E 910 -18.00 -17.17 17.60
N LYS E 911 -18.53 -15.96 17.49
CA LYS E 911 -19.76 -15.62 18.18
C LYS E 911 -20.97 -16.33 17.59
N VAL E 912 -20.96 -16.60 16.28
CA VAL E 912 -22.04 -17.39 15.69
C VAL E 912 -22.01 -18.82 16.20
N ASN E 913 -20.82 -19.40 16.33
CA ASN E 913 -20.70 -20.77 16.81
C ASN E 913 -20.94 -20.89 18.32
N GLU E 914 -20.49 -19.91 19.10
CA GLU E 914 -20.57 -20.00 20.55
C GLU E 914 -21.70 -19.23 21.21
N CYS E 915 -22.28 -18.23 20.54
CA CYS E 915 -23.40 -17.50 21.12
C CYS E 915 -24.73 -17.73 20.43
N VAL E 916 -24.73 -17.97 19.12
CA VAL E 916 -25.97 -18.14 18.38
C VAL E 916 -26.40 -19.60 18.33
N LYS E 917 -25.51 -20.47 17.84
CA LYS E 917 -25.84 -21.89 17.78
C LYS E 917 -25.86 -22.51 19.17
N SER E 918 -24.80 -22.29 19.95
CA SER E 918 -24.68 -22.88 21.27
C SER E 918 -25.05 -21.86 22.34
N GLN E 919 -24.92 -22.28 23.59
CA GLN E 919 -25.09 -21.42 24.75
C GLN E 919 -23.74 -21.35 25.44
N SER E 920 -23.27 -20.14 25.71
CA SER E 920 -21.95 -19.95 26.28
C SER E 920 -21.98 -19.67 27.78
N LYS E 921 -20.91 -20.10 28.44
CA LYS E 921 -20.64 -19.79 29.83
C LYS E 921 -19.40 -18.94 29.98
N ARG E 922 -18.69 -18.65 28.88
CA ARG E 922 -17.54 -17.78 28.91
C ARG E 922 -18.04 -16.38 29.24
N TYR E 923 -17.72 -15.90 30.43
CA TYR E 923 -18.23 -14.62 30.89
C TYR E 923 -17.79 -13.47 29.99
N GLY E 924 -18.75 -12.62 29.65
CA GLY E 924 -18.54 -11.44 28.83
C GLY E 924 -18.44 -11.66 27.34
N PHE E 925 -18.38 -12.91 26.87
CA PHE E 925 -18.22 -13.13 25.44
C PHE E 925 -19.51 -12.84 24.69
N CYS E 926 -20.65 -13.23 25.24
CA CYS E 926 -21.95 -13.00 24.62
C CYS E 926 -22.75 -11.96 25.39
N GLY E 927 -22.10 -10.88 25.79
CA GLY E 927 -22.69 -9.85 26.61
C GLY E 927 -22.43 -10.10 28.08
N ASN E 928 -22.70 -9.10 28.91
CA ASN E 928 -22.50 -9.34 30.33
C ASN E 928 -23.72 -10.08 30.90
N GLY E 929 -23.50 -10.75 32.01
CA GLY E 929 -24.57 -11.52 32.62
C GLY E 929 -24.62 -12.95 32.10
N THR E 930 -25.71 -13.62 32.43
CA THR E 930 -25.87 -15.02 32.04
C THR E 930 -26.51 -15.12 30.66
N HIS E 931 -25.80 -15.76 29.73
CA HIS E 931 -26.26 -15.92 28.36
C HIS E 931 -27.39 -16.93 28.25
N ILE E 932 -28.41 -16.59 27.48
CA ILE E 932 -29.55 -17.47 27.22
C ILE E 932 -29.57 -17.90 25.76
N PHE E 933 -29.68 -16.94 24.84
CA PHE E 933 -29.64 -17.20 23.41
C PHE E 933 -29.29 -15.90 22.72
N SER E 934 -28.90 -16.01 21.45
CA SER E 934 -28.57 -14.84 20.65
C SER E 934 -29.26 -14.90 19.29
N LEU E 935 -29.45 -13.73 18.70
CA LEU E 935 -30.03 -13.59 17.38
C LEU E 935 -29.07 -12.80 16.52
N VAL E 936 -29.13 -13.00 15.21
CA VAL E 936 -28.24 -12.31 14.28
C VAL E 936 -29.04 -11.84 13.07
N ASN E 937 -28.69 -10.67 12.56
CA ASN E 937 -29.32 -10.11 11.37
C ASN E 937 -28.27 -9.45 10.49
N ALA E 938 -28.62 -9.28 9.23
CA ALA E 938 -27.72 -8.64 8.28
C ALA E 938 -27.58 -7.16 8.59
N ALA E 939 -26.48 -6.58 8.13
CA ALA E 939 -26.19 -5.16 8.33
C ALA E 939 -25.22 -4.73 7.24
N PRO E 940 -25.11 -3.41 7.00
CA PRO E 940 -24.16 -2.94 5.99
C PRO E 940 -22.74 -3.45 6.19
N GLU E 941 -22.25 -4.22 5.23
CA GLU E 941 -20.90 -4.80 5.25
C GLU E 941 -20.65 -5.73 6.43
N GLY E 942 -21.67 -6.28 7.07
CA GLY E 942 -21.41 -7.05 8.28
C GLY E 942 -22.65 -7.66 8.88
N LEU E 943 -22.51 -8.04 10.14
CA LEU E 943 -23.57 -8.64 10.94
C LEU E 943 -23.85 -7.80 12.18
N VAL E 944 -25.06 -7.96 12.70
CA VAL E 944 -25.48 -7.36 13.96
C VAL E 944 -26.02 -8.47 14.85
N PHE E 945 -25.59 -8.49 16.10
CA PHE E 945 -25.98 -9.49 17.07
C PHE E 945 -26.88 -8.88 18.15
N LEU E 946 -27.81 -9.69 18.64
CA LEU E 946 -28.75 -9.29 19.69
C LEU E 946 -28.68 -10.34 20.79
N HIS E 947 -27.76 -10.14 21.73
CA HIS E 947 -27.57 -11.06 22.83
C HIS E 947 -28.69 -10.93 23.86
N THR E 948 -29.32 -12.05 24.20
CA THR E 948 -30.36 -12.08 25.22
C THR E 948 -29.73 -12.66 26.48
N VAL E 949 -29.67 -11.86 27.53
CA VAL E 949 -29.02 -12.23 28.78
C VAL E 949 -29.96 -11.98 29.95
N LEU E 950 -29.66 -12.61 31.07
CA LEU E 950 -30.42 -12.45 32.31
C LEU E 950 -29.63 -11.64 33.31
N LEU E 951 -30.29 -10.69 33.96
CA LEU E 951 -29.71 -9.88 35.01
C LEU E 951 -30.51 -10.04 36.29
N PRO E 952 -29.86 -10.17 37.44
CA PRO E 952 -30.60 -10.28 38.69
C PRO E 952 -31.19 -8.96 39.14
N THR E 953 -32.36 -9.04 39.75
CA THR E 953 -33.04 -7.88 40.30
C THR E 953 -33.21 -7.92 41.81
N GLN E 954 -33.43 -9.09 42.39
CA GLN E 954 -33.61 -9.24 43.83
C GLN E 954 -32.76 -10.40 44.32
N TYR E 955 -32.41 -10.35 45.60
CA TYR E 955 -31.61 -11.37 46.23
C TYR E 955 -32.33 -11.89 47.47
N LYS E 956 -32.09 -13.15 47.82
CA LYS E 956 -32.67 -13.75 49.00
C LYS E 956 -31.55 -14.18 49.95
N ASP E 957 -31.71 -13.87 51.23
CA ASP E 957 -30.77 -14.30 52.25
C ASP E 957 -31.12 -15.69 52.76
N VAL E 958 -30.09 -16.51 52.97
CA VAL E 958 -30.24 -17.86 53.48
C VAL E 958 -29.16 -18.14 54.52
N GLU E 959 -29.55 -18.80 55.61
CA GLU E 959 -28.63 -19.20 56.66
C GLU E 959 -27.95 -20.49 56.21
N ALA E 960 -26.81 -20.34 55.54
CA ALA E 960 -26.11 -21.49 54.97
C ALA E 960 -25.16 -22.15 55.95
N TRP E 961 -24.97 -23.45 55.78
CA TRP E 961 -24.08 -24.27 56.60
C TRP E 961 -23.05 -24.95 55.71
N SER E 962 -21.83 -25.09 56.22
CA SER E 962 -20.75 -25.66 55.42
C SER E 962 -20.92 -27.15 55.17
N GLY E 963 -21.44 -27.89 56.13
CA GLY E 963 -21.62 -29.32 55.93
C GLY E 963 -22.29 -29.98 57.12
N LEU E 964 -22.16 -31.29 57.19
CA LEU E 964 -22.77 -32.07 58.26
C LEU E 964 -21.72 -32.89 59.00
N CYS E 965 -22.04 -33.23 60.24
CA CYS E 965 -21.21 -34.09 61.07
C CYS E 965 -22.14 -34.97 61.89
N VAL E 966 -22.14 -36.28 61.62
CA VAL E 966 -23.04 -37.22 62.26
C VAL E 966 -22.25 -38.01 63.28
N ASP E 967 -22.72 -38.01 64.53
CA ASP E 967 -22.09 -38.65 65.67
C ASP E 967 -20.69 -38.12 65.98
N GLY E 968 -20.32 -36.98 65.42
CA GLY E 968 -19.01 -36.41 65.64
C GLY E 968 -17.87 -37.10 64.94
N ILE E 969 -18.14 -38.13 64.14
CA ILE E 969 -17.09 -38.85 63.44
C ILE E 969 -17.33 -38.96 61.94
N ASN E 970 -18.56 -38.86 61.45
CA ASN E 970 -18.86 -38.95 60.03
C ASN E 970 -19.15 -37.56 59.46
N GLY E 971 -18.28 -37.09 58.58
CA GLY E 971 -18.43 -35.78 57.96
C GLY E 971 -18.95 -35.89 56.53
N TYR E 972 -19.82 -34.95 56.16
CA TYR E 972 -20.39 -34.89 54.82
C TYR E 972 -20.32 -33.48 54.26
N VAL E 973 -20.09 -33.39 52.95
CA VAL E 973 -20.06 -32.14 52.20
C VAL E 973 -20.95 -32.36 50.97
N LEU E 974 -21.35 -31.26 50.35
CA LEU E 974 -22.21 -31.40 49.18
C LEU E 974 -21.44 -31.97 47.99
N ARG E 975 -22.18 -32.74 47.17
CA ARG E 975 -21.58 -33.41 46.02
C ARG E 975 -21.10 -32.44 44.95
N GLN E 976 -21.77 -31.30 44.80
CA GLN E 976 -21.38 -30.29 43.84
C GLN E 976 -21.00 -29.01 44.57
N PRO E 977 -19.84 -28.43 44.26
CA PRO E 977 -19.44 -27.20 44.95
C PRO E 977 -20.34 -26.01 44.67
N ASN E 978 -21.14 -26.05 43.61
CA ASN E 978 -22.04 -24.94 43.30
C ASN E 978 -23.36 -25.03 44.04
N LEU E 979 -23.53 -26.02 44.92
CA LEU E 979 -24.73 -26.14 45.74
C LEU E 979 -24.42 -25.65 47.15
N ALA E 980 -25.48 -25.23 47.85
CA ALA E 980 -25.35 -24.74 49.22
C ALA E 980 -26.48 -25.28 50.09
N LEU E 981 -26.13 -25.76 51.27
CA LEU E 981 -27.10 -26.26 52.23
C LEU E 981 -27.50 -25.12 53.16
N TYR E 982 -28.81 -24.93 53.35
CA TYR E 982 -29.27 -23.84 54.20
C TYR E 982 -30.47 -24.27 55.04
N LYS E 983 -30.68 -23.53 56.12
CA LYS E 983 -31.76 -23.77 57.06
C LYS E 983 -32.87 -22.75 56.86
N GLU E 984 -34.10 -23.24 56.73
CA GLU E 984 -35.27 -22.38 56.59
C GLU E 984 -36.31 -22.89 57.58
N GLY E 985 -36.76 -22.02 58.47
CA GLY E 985 -37.69 -22.45 59.50
C GLY E 985 -37.01 -23.51 60.35
N ASN E 986 -37.62 -24.69 60.42
CA ASN E 986 -37.06 -25.80 61.18
C ASN E 986 -36.35 -26.83 60.31
N TYR E 987 -36.69 -26.92 59.04
CA TYR E 987 -36.13 -27.91 58.13
C TYR E 987 -34.93 -27.36 57.37
N TYR E 988 -34.42 -28.14 56.42
CA TYR E 988 -33.26 -27.78 55.62
C TYR E 988 -33.60 -27.93 54.13
N ARG E 989 -32.89 -27.17 53.31
CA ARG E 989 -33.03 -27.21 51.86
C ARG E 989 -31.67 -27.00 51.21
N ILE E 990 -31.55 -27.47 49.97
CA ILE E 990 -30.35 -27.31 49.16
C ILE E 990 -30.72 -26.43 47.98
N THR E 991 -29.87 -25.46 47.67
CA THR E 991 -30.10 -24.57 46.55
C THR E 991 -28.80 -24.34 45.79
N SER E 992 -28.94 -24.01 44.52
CA SER E 992 -27.79 -23.60 43.72
C SER E 992 -27.35 -22.21 44.16
N ARG E 993 -26.05 -21.94 44.01
CA ARG E 993 -25.53 -20.63 44.33
C ARG E 993 -25.73 -19.61 43.23
N ILE E 994 -26.05 -20.05 42.01
CA ILE E 994 -26.23 -19.15 40.88
C ILE E 994 -27.67 -18.68 40.76
N MET E 995 -28.61 -19.62 40.90
CA MET E 995 -30.04 -19.35 40.90
C MET E 995 -30.65 -20.00 42.13
N PHE E 996 -31.63 -19.34 42.72
CA PHE E 996 -32.34 -19.90 43.87
C PHE E 996 -33.32 -20.94 43.37
N GLU E 997 -32.92 -22.21 43.47
CA GLU E 997 -33.71 -23.36 43.05
C GLU E 997 -33.77 -24.30 44.24
N PRO E 998 -34.78 -24.17 45.10
CA PRO E 998 -34.86 -25.02 46.28
C PRO E 998 -35.00 -26.48 45.92
N ARG E 999 -34.38 -27.32 46.74
CA ARG E 999 -34.31 -28.76 46.53
C ARG E 999 -34.40 -29.49 47.86
N ILE E 1000 -35.19 -30.55 47.92
CA ILE E 1000 -35.27 -31.36 49.13
C ILE E 1000 -34.01 -32.19 49.26
N PRO E 1001 -33.31 -32.13 50.40
CA PRO E 1001 -32.08 -32.91 50.57
C PRO E 1001 -32.28 -34.42 50.45
N THR E 1002 -31.57 -35.02 49.50
CA THR E 1002 -31.55 -36.45 49.28
C THR E 1002 -30.18 -36.96 49.71
N ILE E 1003 -30.11 -38.22 50.13
CA ILE E 1003 -28.83 -38.75 50.60
C ILE E 1003 -27.78 -38.70 49.51
N ALA E 1004 -28.19 -38.79 48.24
CA ALA E 1004 -27.25 -38.73 47.12
C ALA E 1004 -26.66 -37.34 46.93
N ASP E 1005 -27.19 -36.32 47.59
CA ASP E 1005 -26.65 -34.97 47.49
C ASP E 1005 -25.36 -34.78 48.29
N PHE E 1006 -24.96 -35.75 49.09
CA PHE E 1006 -23.80 -35.60 49.95
C PHE E 1006 -22.64 -36.51 49.53
N VAL E 1007 -21.45 -36.14 49.99
CA VAL E 1007 -20.22 -36.87 49.79
C VAL E 1007 -19.60 -37.07 51.17
N GLN E 1008 -19.28 -38.33 51.50
CA GLN E 1008 -18.68 -38.65 52.78
C GLN E 1008 -17.19 -38.36 52.78
N ILE E 1009 -16.70 -37.77 53.87
CA ILE E 1009 -15.29 -37.44 54.03
C ILE E 1009 -14.80 -37.98 55.38
N GLU E 1010 -13.48 -38.06 55.49
CA GLU E 1010 -12.83 -38.71 56.63
C GLU E 1010 -12.97 -37.95 57.94
N ASN E 1011 -13.02 -36.61 57.91
CA ASN E 1011 -13.07 -35.83 59.14
C ASN E 1011 -14.23 -34.85 59.14
N CYS E 1012 -14.43 -34.21 60.30
CA CYS E 1012 -15.48 -33.22 60.51
C CYS E 1012 -14.89 -31.87 60.85
N ASN E 1013 -15.37 -30.83 60.15
CA ASN E 1013 -14.98 -29.46 60.47
C ASN E 1013 -15.81 -29.00 61.67
N VAL E 1014 -15.26 -28.04 62.42
CA VAL E 1014 -15.96 -27.54 63.60
C VAL E 1014 -17.19 -26.69 63.26
N THR E 1015 -17.28 -26.18 62.03
CA THR E 1015 -18.41 -25.38 61.62
C THR E 1015 -19.54 -26.20 61.04
N PHE E 1016 -19.38 -27.52 60.98
CA PHE E 1016 -20.44 -28.37 60.46
C PHE E 1016 -21.60 -28.45 61.46
N VAL E 1017 -22.73 -28.90 60.96
CA VAL E 1017 -23.93 -29.10 61.77
C VAL E 1017 -23.77 -30.37 62.60
N ASN E 1018 -23.98 -30.25 63.91
CA ASN E 1018 -23.96 -31.43 64.76
C ASN E 1018 -25.34 -32.09 64.75
N ILE E 1019 -25.36 -33.40 64.52
CA ILE E 1019 -26.59 -34.17 64.56
C ILE E 1019 -26.21 -35.62 64.73
N SER E 1020 -27.16 -36.44 65.16
CA SER E 1020 -26.99 -37.87 65.30
C SER E 1020 -27.76 -38.60 64.20
N ARG E 1021 -27.43 -39.89 64.00
CA ARG E 1021 -28.16 -40.66 63.01
C ARG E 1021 -29.63 -40.78 63.36
N SER E 1022 -29.97 -40.66 64.64
CA SER E 1022 -31.36 -40.72 65.06
C SER E 1022 -32.16 -39.55 64.52
N GLU E 1023 -31.56 -38.36 64.51
CA GLU E 1023 -32.21 -37.15 64.04
C GLU E 1023 -31.82 -36.75 62.63
N LEU E 1024 -31.04 -37.57 61.93
CA LEU E 1024 -30.63 -37.19 60.57
C LEU E 1024 -31.83 -37.08 59.64
N GLN E 1025 -32.95 -37.73 59.95
CA GLN E 1025 -34.16 -37.61 59.15
C GLN E 1025 -34.75 -36.21 59.17
N THR E 1026 -34.32 -35.35 60.11
CA THR E 1026 -34.79 -33.97 60.10
C THR E 1026 -34.14 -33.19 58.96
N ILE E 1027 -32.92 -33.58 58.58
CA ILE E 1027 -32.22 -32.95 57.47
C ILE E 1027 -32.58 -33.65 56.16
N VAL E 1028 -32.50 -34.98 56.13
CA VAL E 1028 -32.83 -35.74 54.93
C VAL E 1028 -34.11 -36.52 55.21
N PRO E 1029 -35.25 -36.03 54.72
CA PRO E 1029 -36.54 -36.67 55.02
C PRO E 1029 -36.65 -38.13 54.60
N GLU E 1030 -35.84 -38.61 53.67
CA GLU E 1030 -35.92 -40.00 53.24
C GLU E 1030 -34.92 -40.92 53.94
N TYR E 1031 -34.13 -40.43 54.88
CA TYR E 1031 -33.16 -41.29 55.55
C TYR E 1031 -33.84 -42.17 56.59
N ILE E 1032 -33.59 -43.48 56.51
CA ILE E 1032 -34.10 -44.46 57.44
C ILE E 1032 -32.91 -45.26 57.93
N ASP E 1033 -32.71 -45.31 59.26
CA ASP E 1033 -31.60 -46.04 59.82
C ASP E 1033 -31.99 -47.51 59.82
N VAL E 1034 -31.40 -48.30 58.93
CA VAL E 1034 -31.79 -49.69 58.85
C VAL E 1034 -31.14 -50.55 59.92
N ASN E 1035 -29.96 -50.18 60.41
CA ASN E 1035 -29.41 -50.79 61.63
C ASN E 1035 -30.33 -50.57 62.83
N LYS E 1036 -30.54 -49.31 63.20
CA LYS E 1036 -31.26 -49.04 64.46
C LYS E 1036 -32.65 -49.66 64.42
N THR E 1037 -33.30 -49.66 63.26
CA THR E 1037 -34.64 -50.23 63.17
C THR E 1037 -34.61 -51.75 63.00
N LEU E 1038 -33.46 -52.38 63.18
CA LEU E 1038 -33.35 -53.85 63.19
C LEU E 1038 -32.76 -54.38 64.48
N GLN E 1039 -31.81 -53.67 65.09
CA GLN E 1039 -31.25 -54.13 66.36
C GLN E 1039 -32.31 -54.10 67.45
N GLU E 1040 -33.14 -53.07 67.47
CA GLU E 1040 -34.22 -53.04 68.45
C GLU E 1040 -35.23 -54.14 68.16
N LEU E 1041 -35.41 -54.47 66.88
CA LEU E 1041 -36.34 -55.51 66.44
C LEU E 1041 -35.80 -56.92 66.66
N SER E 1042 -34.71 -57.05 67.43
CA SER E 1042 -34.18 -58.37 67.75
C SER E 1042 -35.12 -59.19 68.63
N TYR E 1043 -36.02 -58.56 69.37
CA TYR E 1043 -36.95 -59.31 70.20
C TYR E 1043 -38.03 -59.98 69.35
#